data_2CS2
#
_entry.id   2CS2
#
loop_
_entity.id
_entity.type
_entity.pdbx_description
1 polymer 'Poly [ADP-ribose] polymerase-1'
2 non-polymer 'ZINC ION'
#
_entity_poly.entity_id   1
_entity_poly.type   'polypeptide(L)'
_entity_poly.pdbx_seq_one_letter_code
;GSSGSSGGSKAEKTLGDFAAEYAKSNRSTCKGCMEKIEKGQVRLSKKMVDPEKPQLGMIDRWYHPGCFVKNREELGFRPE
YSASQLKGFSLLATEDKEALKKQLPGVKSEGKRKGDEVDGVDEVAKKKSGPSSG
;
_entity_poly.pdbx_strand_id   A
#
# COMPACT_ATOMS: atom_id res chain seq x y z
N GLY A 1 0.73 27.24 6.40
CA GLY A 1 -0.42 26.88 7.21
C GLY A 1 -1.38 25.97 6.48
N SER A 2 -1.37 24.69 6.83
CA SER A 2 -2.25 23.72 6.20
C SER A 2 -2.84 22.75 7.23
N SER A 3 -4.16 22.59 7.19
CA SER A 3 -4.84 21.71 8.12
C SER A 3 -4.11 20.37 8.25
N GLY A 4 -3.66 20.06 9.45
CA GLY A 4 -2.95 18.81 9.68
C GLY A 4 -3.88 17.66 9.97
N SER A 5 -3.34 16.44 9.96
CA SER A 5 -4.14 15.25 10.21
C SER A 5 -4.36 15.05 11.71
N SER A 6 -5.63 15.02 12.12
CA SER A 6 -5.97 14.84 13.52
C SER A 6 -5.45 13.51 14.05
N GLY A 7 -4.90 13.53 15.25
CA GLY A 7 -4.37 12.32 15.85
C GLY A 7 -5.39 11.61 16.73
N GLY A 8 -6.19 10.75 16.12
CA GLY A 8 -7.20 10.02 16.86
C GLY A 8 -7.99 9.07 15.98
N SER A 9 -7.42 7.91 15.69
CA SER A 9 -8.08 6.92 14.85
C SER A 9 -8.63 5.77 15.69
N LYS A 10 -9.66 5.11 15.17
CA LYS A 10 -10.28 3.99 15.88
C LYS A 10 -10.15 2.71 15.08
N ALA A 11 -9.11 1.93 15.38
CA ALA A 11 -8.87 0.67 14.70
C ALA A 11 -8.23 -0.36 15.63
N GLU A 12 -8.58 -1.62 15.44
CA GLU A 12 -8.03 -2.69 16.27
C GLU A 12 -7.38 -3.77 15.41
N LYS A 13 -8.01 -4.06 14.27
CA LYS A 13 -7.49 -5.08 13.36
C LYS A 13 -7.35 -4.51 11.94
N THR A 14 -6.89 -3.26 11.86
CA THR A 14 -6.71 -2.61 10.57
C THR A 14 -5.27 -2.14 10.38
N LEU A 15 -4.80 -2.14 9.14
CA LEU A 15 -3.44 -1.73 8.84
C LEU A 15 -3.37 -0.20 8.64
N GLY A 16 -2.51 0.44 9.41
CA GLY A 16 -2.36 1.88 9.31
C GLY A 16 -1.58 2.30 8.09
N ASP A 17 -0.32 1.86 8.00
CA ASP A 17 0.53 2.18 6.88
C ASP A 17 -0.26 2.19 5.57
N PHE A 18 -1.17 1.23 5.44
CA PHE A 18 -1.99 1.11 4.24
C PHE A 18 -3.39 1.67 4.48
N ALA A 19 -3.76 2.68 3.69
CA ALA A 19 -5.06 3.31 3.83
C ALA A 19 -5.66 3.62 2.45
N ALA A 20 -6.98 3.44 2.33
CA ALA A 20 -7.66 3.70 1.08
C ALA A 20 -8.92 4.55 1.31
N GLU A 21 -9.15 5.51 0.43
CA GLU A 21 -10.32 6.39 0.53
C GLU A 21 -10.49 7.21 -0.74
N TYR A 22 -11.66 7.83 -0.88
CA TYR A 22 -11.95 8.65 -2.05
C TYR A 22 -11.05 9.89 -2.09
N ALA A 23 -10.56 10.20 -3.28
CA ALA A 23 -9.69 11.36 -3.46
C ALA A 23 -10.43 12.67 -3.17
N LYS A 24 -10.37 13.12 -1.92
CA LYS A 24 -11.04 14.36 -1.52
C LYS A 24 -10.83 15.46 -2.56
N SER A 25 -9.57 15.64 -2.96
CA SER A 25 -9.23 16.66 -3.95
C SER A 25 -8.24 16.12 -4.97
N ASN A 26 -8.12 16.81 -6.10
CA ASN A 26 -7.21 16.41 -7.16
C ASN A 26 -5.87 17.13 -7.05
N ARG A 27 -5.34 17.19 -5.83
CA ARG A 27 -4.07 17.86 -5.59
C ARG A 27 -2.91 16.87 -5.67
N SER A 28 -3.01 15.78 -4.91
CA SER A 28 -1.97 14.76 -4.90
C SER A 28 -1.77 14.17 -6.29
N THR A 29 -0.59 13.59 -6.51
CA THR A 29 -0.28 12.98 -7.80
C THR A 29 0.49 11.68 -7.62
N CYS A 30 0.05 10.64 -8.32
CA CYS A 30 0.70 9.34 -8.25
C CYS A 30 2.14 9.41 -8.75
N LYS A 31 2.99 8.53 -8.24
CA LYS A 31 4.39 8.49 -8.65
C LYS A 31 4.65 7.29 -9.57
N GLY A 32 3.78 6.30 -9.52
CA GLY A 32 3.93 5.12 -10.34
C GLY A 32 3.63 5.41 -11.81
N CYS A 33 2.72 6.34 -12.05
CA CYS A 33 2.34 6.70 -13.41
C CYS A 33 2.58 8.18 -13.67
N MET A 34 2.89 8.92 -12.61
CA MET A 34 3.14 10.36 -12.72
C MET A 34 1.94 11.07 -13.32
N GLU A 35 0.75 10.74 -12.83
CA GLU A 35 -0.48 11.36 -13.31
C GLU A 35 -1.35 11.83 -12.16
N LYS A 36 -1.92 13.02 -12.30
CA LYS A 36 -2.78 13.58 -11.26
C LYS A 36 -3.90 12.62 -10.89
N ILE A 37 -4.39 12.73 -9.67
CA ILE A 37 -5.45 11.86 -9.18
C ILE A 37 -6.80 12.59 -9.17
N GLU A 38 -7.63 12.31 -10.17
CA GLU A 38 -8.93 12.93 -10.28
C GLU A 38 -9.72 12.78 -8.98
N LYS A 39 -10.39 13.85 -8.57
CA LYS A 39 -11.18 13.83 -7.34
C LYS A 39 -12.27 12.77 -7.42
N GLY A 40 -12.57 12.16 -6.27
CA GLY A 40 -13.60 11.13 -6.23
C GLY A 40 -13.03 9.74 -6.46
N GLN A 41 -12.17 9.61 -7.46
CA GLN A 41 -11.56 8.32 -7.77
C GLN A 41 -10.85 7.74 -6.56
N VAL A 42 -11.18 6.50 -6.22
CA VAL A 42 -10.59 5.83 -5.07
C VAL A 42 -9.06 5.89 -5.14
N ARG A 43 -8.44 5.99 -3.98
CA ARG A 43 -6.98 6.06 -3.90
C ARG A 43 -6.47 5.44 -2.60
N LEU A 44 -5.20 5.04 -2.60
CA LEU A 44 -4.59 4.43 -1.42
C LEU A 44 -3.27 5.10 -1.08
N SER A 45 -2.80 4.90 0.15
CA SER A 45 -1.55 5.49 0.61
C SER A 45 -0.71 4.46 1.36
N LYS A 46 0.60 4.67 1.36
CA LYS A 46 1.52 3.77 2.04
C LYS A 46 2.58 4.56 2.81
N LYS A 47 2.62 4.36 4.12
CA LYS A 47 3.59 5.05 4.98
C LYS A 47 5.00 4.56 4.69
N MET A 48 5.85 5.46 4.20
CA MET A 48 7.23 5.13 3.88
C MET A 48 8.09 6.38 3.77
N VAL A 49 9.40 6.20 3.79
CA VAL A 49 10.33 7.32 3.68
C VAL A 49 10.85 7.47 2.26
N ASP A 50 10.80 8.70 1.75
CA ASP A 50 11.28 8.98 0.40
C ASP A 50 12.80 8.96 0.34
N PRO A 51 13.35 8.16 -0.59
CA PRO A 51 14.80 8.02 -0.77
C PRO A 51 15.42 9.30 -1.35
N GLU A 52 14.63 10.05 -2.10
CA GLU A 52 15.12 11.29 -2.71
C GLU A 52 15.03 12.45 -1.72
N LYS A 53 14.16 12.32 -0.73
CA LYS A 53 13.98 13.35 0.28
C LYS A 53 13.96 12.75 1.68
N PRO A 54 15.15 12.38 2.18
CA PRO A 54 15.30 11.78 3.51
C PRO A 54 15.03 12.79 4.63
N GLN A 55 15.02 14.07 4.27
CA GLN A 55 14.79 15.14 5.25
C GLN A 55 13.38 15.03 5.82
N LEU A 56 12.41 14.74 4.96
CA LEU A 56 11.02 14.62 5.39
C LEU A 56 10.84 13.43 6.33
N GLY A 57 11.40 12.28 5.94
CA GLY A 57 11.29 11.10 6.77
C GLY A 57 10.00 10.33 6.53
N MET A 58 9.31 9.98 7.61
CA MET A 58 8.06 9.25 7.51
C MET A 58 6.99 10.08 6.80
N ILE A 59 6.74 9.76 5.53
CA ILE A 59 5.74 10.48 4.75
C ILE A 59 4.64 9.54 4.26
N ASP A 60 3.64 10.11 3.61
CA ASP A 60 2.52 9.33 3.10
C ASP A 60 2.28 9.64 1.62
N ARG A 61 2.52 8.65 0.78
CA ARG A 61 2.32 8.82 -0.67
C ARG A 61 0.95 8.32 -1.09
N TRP A 62 0.60 8.53 -2.36
CA TRP A 62 -0.68 8.11 -2.89
C TRP A 62 -0.52 7.47 -4.27
N TYR A 63 -1.29 6.41 -4.52
CA TYR A 63 -1.22 5.71 -5.79
C TYR A 63 -2.59 5.15 -6.17
N HIS A 64 -2.99 5.34 -7.42
CA HIS A 64 -4.27 4.85 -7.90
C HIS A 64 -4.41 3.36 -7.64
N PRO A 65 -5.66 2.91 -7.39
CA PRO A 65 -5.96 1.51 -7.11
C PRO A 65 -5.30 0.57 -8.12
N GLY A 66 -5.22 1.00 -9.37
CA GLY A 66 -4.62 0.19 -10.40
C GLY A 66 -3.11 0.11 -10.27
N CYS A 67 -2.50 1.18 -9.77
CA CYS A 67 -1.06 1.23 -9.59
C CYS A 67 -0.64 0.46 -8.35
N PHE A 68 -1.48 0.48 -7.33
CA PHE A 68 -1.19 -0.21 -6.08
C PHE A 68 -1.02 -1.71 -6.32
N VAL A 69 -1.82 -2.25 -7.22
CA VAL A 69 -1.76 -3.68 -7.55
C VAL A 69 -0.49 -4.00 -8.32
N LYS A 70 -0.29 -3.32 -9.45
CA LYS A 70 0.89 -3.54 -10.28
C LYS A 70 2.16 -3.40 -9.46
N ASN A 71 2.22 -2.35 -8.64
CA ASN A 71 3.39 -2.09 -7.80
C ASN A 71 3.15 -2.60 -6.38
N ARG A 72 2.41 -3.68 -6.25
CA ARG A 72 2.11 -4.27 -4.95
C ARG A 72 3.35 -4.91 -4.34
N GLU A 73 4.25 -5.38 -5.20
CA GLU A 73 5.48 -6.01 -4.74
C GLU A 73 6.57 -4.97 -4.52
N GLU A 74 6.79 -4.12 -5.52
CA GLU A 74 7.81 -3.08 -5.43
C GLU A 74 7.61 -2.22 -4.18
N LEU A 75 6.36 -1.83 -3.94
CA LEU A 75 6.03 -1.00 -2.78
C LEU A 75 6.31 -1.76 -1.48
N GLY A 76 6.13 -3.07 -1.52
CA GLY A 76 6.37 -3.89 -0.34
C GLY A 76 5.08 -4.38 0.29
N PHE A 77 4.14 -4.81 -0.53
CA PHE A 77 2.85 -5.29 -0.04
C PHE A 77 2.82 -6.82 -0.02
N ARG A 78 2.87 -7.39 1.18
CA ARG A 78 2.86 -8.84 1.34
C ARG A 78 1.45 -9.39 1.13
N PRO A 79 1.36 -10.69 0.82
CA PRO A 79 0.09 -11.37 0.59
C PRO A 79 -0.73 -11.52 1.86
N GLU A 80 -0.06 -11.39 3.01
CA GLU A 80 -0.73 -11.52 4.30
C GLU A 80 -1.74 -10.39 4.50
N TYR A 81 -1.60 -9.34 3.70
CA TYR A 81 -2.49 -8.19 3.80
C TYR A 81 -3.42 -8.12 2.58
N SER A 82 -4.71 -7.99 2.82
CA SER A 82 -5.69 -7.91 1.75
C SER A 82 -6.28 -6.51 1.64
N ALA A 83 -7.25 -6.34 0.77
CA ALA A 83 -7.91 -5.05 0.57
C ALA A 83 -8.81 -4.71 1.75
N SER A 84 -9.48 -5.72 2.29
CA SER A 84 -10.39 -5.53 3.41
C SER A 84 -9.63 -5.04 4.64
N GLN A 85 -8.30 -5.05 4.55
CA GLN A 85 -7.46 -4.61 5.65
C GLN A 85 -6.95 -3.18 5.42
N LEU A 86 -7.54 -2.51 4.44
CA LEU A 86 -7.15 -1.14 4.12
C LEU A 86 -8.02 -0.13 4.87
N LYS A 87 -7.39 0.63 5.76
CA LYS A 87 -8.10 1.63 6.54
C LYS A 87 -9.07 2.43 5.66
N GLY A 88 -10.36 2.22 5.87
CA GLY A 88 -11.36 2.92 5.08
C GLY A 88 -12.21 1.98 4.26
N PHE A 89 -11.60 0.94 3.73
CA PHE A 89 -12.32 -0.04 2.91
C PHE A 89 -13.74 -0.25 3.44
N SER A 90 -13.84 -0.69 4.69
CA SER A 90 -15.14 -0.93 5.32
C SER A 90 -16.08 0.24 5.09
N LEU A 91 -15.55 1.45 5.25
CA LEU A 91 -16.34 2.66 5.06
C LEU A 91 -16.81 2.80 3.61
N LEU A 92 -15.90 2.52 2.68
CA LEU A 92 -16.22 2.61 1.26
C LEU A 92 -17.53 1.90 0.95
N ALA A 93 -18.05 2.12 -0.25
CA ALA A 93 -19.30 1.50 -0.67
C ALA A 93 -19.07 0.10 -1.23
N THR A 94 -19.97 -0.81 -0.90
CA THR A 94 -19.86 -2.19 -1.37
C THR A 94 -19.36 -2.25 -2.81
N GLU A 95 -20.07 -1.57 -3.70
CA GLU A 95 -19.70 -1.54 -5.11
C GLU A 95 -18.20 -1.35 -5.28
N ASP A 96 -17.68 -0.28 -4.70
CA ASP A 96 -16.25 0.03 -4.79
C ASP A 96 -15.43 -1.07 -4.11
N LYS A 97 -15.88 -1.49 -2.94
CA LYS A 97 -15.18 -2.52 -2.18
C LYS A 97 -14.82 -3.71 -3.08
N GLU A 98 -15.84 -4.37 -3.61
CA GLU A 98 -15.63 -5.52 -4.49
C GLU A 98 -14.60 -5.19 -5.57
N ALA A 99 -14.63 -3.95 -6.05
CA ALA A 99 -13.71 -3.51 -7.08
C ALA A 99 -12.26 -3.71 -6.65
N LEU A 100 -12.00 -3.52 -5.36
CA LEU A 100 -10.66 -3.68 -4.81
C LEU A 100 -10.34 -5.15 -4.55
N LYS A 101 -11.35 -5.88 -4.07
CA LYS A 101 -11.18 -7.30 -3.78
C LYS A 101 -10.84 -8.08 -5.04
N LYS A 102 -11.51 -7.75 -6.14
CA LYS A 102 -11.28 -8.41 -7.41
C LYS A 102 -9.86 -8.15 -7.91
N GLN A 103 -9.27 -7.05 -7.47
CA GLN A 103 -7.92 -6.68 -7.87
C GLN A 103 -6.89 -7.32 -6.93
N LEU A 104 -7.13 -7.20 -5.62
CA LEU A 104 -6.23 -7.75 -4.63
C LEU A 104 -6.87 -8.93 -3.91
N PRO A 105 -6.75 -10.13 -4.50
CA PRO A 105 -7.30 -11.36 -3.93
C PRO A 105 -6.58 -11.80 -2.66
N GLY A 106 -5.60 -11.00 -2.24
CA GLY A 106 -4.84 -11.32 -1.05
C GLY A 106 -3.76 -12.35 -1.31
N VAL A 107 -3.93 -13.54 -0.73
CA VAL A 107 -2.97 -14.62 -0.90
C VAL A 107 -3.22 -15.39 -2.19
N LYS A 108 -2.19 -15.49 -3.03
CA LYS A 108 -2.31 -16.20 -4.30
C LYS A 108 -0.95 -16.33 -4.97
N SER A 109 -0.63 -17.53 -5.44
CA SER A 109 0.64 -17.78 -6.10
C SER A 109 0.53 -17.52 -7.59
N GLU A 110 0.77 -16.27 -7.98
CA GLU A 110 0.70 -15.88 -9.38
C GLU A 110 2.08 -15.90 -10.03
N GLY A 111 2.21 -16.64 -11.14
CA GLY A 111 3.48 -16.73 -11.82
C GLY A 111 3.42 -16.16 -13.23
N LYS A 112 4.57 -15.70 -13.73
CA LYS A 112 4.64 -15.13 -15.07
C LYS A 112 4.40 -16.20 -16.13
N ARG A 113 3.85 -15.79 -17.26
CA ARG A 113 3.57 -16.71 -18.36
C ARG A 113 4.05 -16.14 -19.69
N LYS A 114 4.42 -17.02 -20.61
CA LYS A 114 4.89 -16.61 -21.93
C LYS A 114 4.06 -17.24 -23.03
N GLY A 115 3.97 -16.55 -24.16
CA GLY A 115 3.19 -17.06 -25.28
C GLY A 115 4.06 -17.53 -26.43
N ASP A 116 3.82 -16.98 -27.61
CA ASP A 116 4.59 -17.35 -28.80
C ASP A 116 4.93 -16.10 -29.63
N GLU A 117 5.74 -16.30 -30.66
CA GLU A 117 6.14 -15.19 -31.53
C GLU A 117 6.61 -15.72 -32.89
N VAL A 118 6.52 -14.86 -33.90
CA VAL A 118 6.94 -15.23 -35.24
C VAL A 118 8.45 -15.34 -35.35
N ASP A 119 8.92 -16.35 -36.09
CA ASP A 119 10.35 -16.57 -36.26
C ASP A 119 10.83 -15.96 -37.58
N GLY A 120 9.98 -16.04 -38.60
CA GLY A 120 10.34 -15.51 -39.91
C GLY A 120 9.38 -15.94 -40.99
N VAL A 121 9.45 -17.21 -41.39
CA VAL A 121 8.58 -17.74 -42.42
C VAL A 121 8.64 -16.89 -43.68
N ASP A 122 9.86 -16.60 -44.14
CA ASP A 122 10.06 -15.80 -45.34
C ASP A 122 9.56 -16.54 -46.58
N GLU A 123 9.01 -15.79 -47.53
CA GLU A 123 8.50 -16.38 -48.76
C GLU A 123 9.27 -15.85 -49.97
N VAL A 124 8.96 -16.41 -51.14
CA VAL A 124 9.62 -16.00 -52.37
C VAL A 124 9.48 -14.49 -52.60
N ALA A 125 10.25 -13.96 -53.54
CA ALA A 125 10.21 -12.53 -53.85
C ALA A 125 8.77 -12.05 -54.02
N LYS A 126 8.51 -10.82 -53.61
CA LYS A 126 7.18 -10.24 -53.71
C LYS A 126 7.26 -8.74 -54.02
N LYS A 127 6.10 -8.11 -54.18
CA LYS A 127 6.04 -6.69 -54.49
C LYS A 127 6.27 -5.86 -53.23
N LYS A 128 7.31 -5.04 -53.24
CA LYS A 128 7.63 -4.19 -52.11
C LYS A 128 8.41 -2.95 -52.56
N SER A 129 8.71 -2.08 -51.60
CA SER A 129 9.45 -0.85 -51.90
C SER A 129 10.86 -0.93 -51.34
N GLY A 130 11.64 0.13 -51.58
CA GLY A 130 13.01 0.17 -51.08
C GLY A 130 13.44 1.56 -50.69
N PRO A 131 14.41 1.64 -49.76
CA PRO A 131 14.94 2.92 -49.27
C PRO A 131 15.75 3.66 -50.32
N SER A 132 16.36 4.78 -49.93
CA SER A 132 17.16 5.58 -50.85
C SER A 132 18.49 5.94 -50.21
N SER A 133 19.48 6.21 -51.05
CA SER A 133 20.82 6.57 -50.57
C SER A 133 21.08 8.07 -50.76
N GLY A 134 22.25 8.51 -50.32
CA GLY A 134 22.60 9.92 -50.45
C GLY A 134 23.78 10.14 -51.37
N GLY A 1 4.72 25.53 5.73
CA GLY A 1 4.77 24.13 6.12
C GLY A 1 3.51 23.39 5.69
N SER A 2 3.48 22.08 5.99
CA SER A 2 2.33 21.25 5.62
C SER A 2 2.35 19.95 6.41
N SER A 3 1.16 19.51 6.85
CA SER A 3 1.05 18.27 7.61
C SER A 3 -0.37 17.71 7.51
N GLY A 4 -0.55 16.49 7.98
CA GLY A 4 -1.86 15.86 7.94
C GLY A 4 -1.97 14.67 8.88
N SER A 5 -1.56 13.51 8.41
CA SER A 5 -1.62 12.29 9.22
C SER A 5 -2.97 12.17 9.93
N SER A 6 -4.04 12.43 9.19
CA SER A 6 -5.39 12.36 9.74
C SER A 6 -5.79 10.92 9.99
N GLY A 7 -6.67 10.71 10.97
CA GLY A 7 -7.12 9.38 11.30
C GLY A 7 -8.07 9.36 12.48
N GLY A 8 -8.58 8.18 12.81
CA GLY A 8 -9.51 8.06 13.93
C GLY A 8 -8.83 7.51 15.17
N SER A 9 -9.61 7.39 16.25
CA SER A 9 -9.08 6.89 17.51
C SER A 9 -9.82 5.62 17.94
N LYS A 10 -9.75 4.59 17.10
CA LYS A 10 -10.41 3.32 17.39
C LYS A 10 -9.40 2.18 17.45
N ALA A 11 -9.89 0.98 17.71
CA ALA A 11 -9.03 -0.20 17.79
C ALA A 11 -9.53 -1.31 16.88
N GLU A 12 -9.30 -1.17 15.58
CA GLU A 12 -9.73 -2.17 14.61
C GLU A 12 -8.54 -2.95 14.05
N LYS A 13 -8.82 -4.11 13.49
CA LYS A 13 -7.77 -4.95 12.92
C LYS A 13 -7.42 -4.50 11.50
N THR A 14 -7.30 -3.19 11.31
CA THR A 14 -6.97 -2.62 10.01
C THR A 14 -5.55 -2.05 10.01
N LEU A 15 -4.85 -2.24 8.89
CA LEU A 15 -3.49 -1.75 8.74
C LEU A 15 -3.46 -0.22 8.71
N GLY A 16 -2.54 0.37 9.47
CA GLY A 16 -2.43 1.82 9.50
C GLY A 16 -1.59 2.37 8.36
N ASP A 17 -0.41 1.79 8.17
CA ASP A 17 0.50 2.22 7.11
C ASP A 17 -0.25 2.37 5.79
N PHE A 18 -1.15 1.43 5.51
CA PHE A 18 -1.94 1.46 4.28
C PHE A 18 -3.36 1.96 4.54
N ALA A 19 -3.81 2.88 3.73
CA ALA A 19 -5.15 3.44 3.87
C ALA A 19 -5.76 3.77 2.51
N ALA A 20 -6.98 3.29 2.28
CA ALA A 20 -7.67 3.53 1.02
C ALA A 20 -8.92 4.40 1.24
N GLU A 21 -8.99 5.50 0.50
CA GLU A 21 -10.13 6.41 0.62
C GLU A 21 -10.28 7.25 -0.65
N TYR A 22 -11.44 7.85 -0.82
CA TYR A 22 -11.72 8.68 -1.99
C TYR A 22 -10.89 9.97 -1.94
N ALA A 23 -10.52 10.45 -3.13
CA ALA A 23 -9.72 11.67 -3.24
C ALA A 23 -10.50 12.88 -2.72
N LYS A 24 -9.80 13.80 -2.07
CA LYS A 24 -10.41 15.01 -1.54
C LYS A 24 -10.22 16.19 -2.48
N SER A 25 -9.02 16.30 -3.04
CA SER A 25 -8.71 17.39 -3.96
C SER A 25 -7.97 16.87 -5.19
N ASN A 26 -8.18 17.54 -6.32
CA ASN A 26 -7.54 17.14 -7.57
C ASN A 26 -6.12 17.69 -7.65
N ARG A 27 -5.40 17.61 -6.55
CA ARG A 27 -4.03 18.11 -6.49
C ARG A 27 -3.04 16.95 -6.40
N SER A 28 -3.16 16.15 -5.35
CA SER A 28 -2.27 15.00 -5.15
C SER A 28 -1.94 14.33 -6.48
N THR A 29 -0.72 13.84 -6.60
CA THR A 29 -0.27 13.17 -7.81
C THR A 29 0.48 11.88 -7.50
N CYS A 30 0.20 10.84 -8.27
CA CYS A 30 0.83 9.54 -8.07
C CYS A 30 2.31 9.59 -8.48
N LYS A 31 3.10 8.71 -7.90
CA LYS A 31 4.53 8.64 -8.20
C LYS A 31 4.84 7.48 -9.14
N GLY A 32 4.02 6.44 -9.07
CA GLY A 32 4.22 5.27 -9.91
C GLY A 32 4.06 5.59 -11.39
N CYS A 33 2.99 6.31 -11.72
CA CYS A 33 2.72 6.68 -13.10
C CYS A 33 3.03 8.16 -13.35
N MET A 34 3.02 8.94 -12.27
CA MET A 34 3.31 10.37 -12.37
C MET A 34 2.17 11.10 -13.07
N GLU A 35 0.93 10.83 -12.64
CA GLU A 35 -0.23 11.45 -13.23
C GLU A 35 -1.17 12.00 -12.15
N LYS A 36 -1.72 13.18 -12.39
CA LYS A 36 -2.63 13.82 -11.44
C LYS A 36 -3.70 12.84 -10.99
N ILE A 37 -4.22 13.05 -9.78
CA ILE A 37 -5.27 12.19 -9.24
C ILE A 37 -6.61 12.91 -9.21
N GLU A 38 -7.55 12.42 -10.03
CA GLU A 38 -8.88 13.02 -10.10
C GLU A 38 -9.53 13.06 -8.72
N LYS A 39 -10.31 14.11 -8.46
CA LYS A 39 -10.99 14.26 -7.18
C LYS A 39 -12.16 13.28 -7.08
N GLY A 40 -12.21 12.56 -5.97
CA GLY A 40 -13.29 11.60 -5.75
C GLY A 40 -12.87 10.17 -6.09
N GLN A 41 -12.01 10.04 -7.10
CA GLN A 41 -11.53 8.73 -7.52
C GLN A 41 -10.83 8.00 -6.37
N VAL A 42 -11.12 6.72 -6.22
CA VAL A 42 -10.52 5.92 -5.17
C VAL A 42 -9.00 5.98 -5.23
N ARG A 43 -8.37 6.08 -4.06
CA ARG A 43 -6.91 6.15 -3.98
C ARG A 43 -6.41 5.52 -2.68
N LEU A 44 -5.12 5.17 -2.67
CA LEU A 44 -4.51 4.56 -1.49
C LEU A 44 -3.24 5.30 -1.09
N SER A 45 -2.84 5.11 0.16
CA SER A 45 -1.63 5.76 0.67
C SER A 45 -0.82 4.80 1.53
N LYS A 46 0.51 4.89 1.43
CA LYS A 46 1.40 4.03 2.19
C LYS A 46 2.36 4.86 3.04
N LYS A 47 2.42 4.56 4.33
CA LYS A 47 3.30 5.28 5.24
C LYS A 47 4.63 4.53 5.41
N MET A 48 5.71 5.15 4.93
CA MET A 48 7.03 4.56 5.03
C MET A 48 8.12 5.61 4.82
N VAL A 49 9.36 5.24 5.08
CA VAL A 49 10.49 6.15 4.91
C VAL A 49 11.14 5.98 3.54
N ASP A 50 11.36 7.10 2.86
CA ASP A 50 11.97 7.08 1.53
C ASP A 50 13.45 6.75 1.63
N PRO A 51 13.88 5.74 0.86
CA PRO A 51 15.28 5.30 0.84
C PRO A 51 16.20 6.32 0.18
N GLU A 52 15.63 7.15 -0.70
CA GLU A 52 16.40 8.17 -1.40
C GLU A 52 16.66 9.37 -0.49
N LYS A 53 15.61 9.83 0.19
CA LYS A 53 15.72 10.97 1.09
C LYS A 53 15.36 10.58 2.51
N PRO A 54 16.31 9.96 3.22
CA PRO A 54 16.11 9.51 4.61
C PRO A 54 16.02 10.68 5.58
N GLN A 55 16.36 11.87 5.10
CA GLN A 55 16.32 13.08 5.93
C GLN A 55 14.88 13.42 6.29
N LEU A 56 13.98 13.31 5.32
CA LEU A 56 12.58 13.63 5.54
C LEU A 56 11.97 12.70 6.58
N GLY A 57 12.30 11.42 6.50
CA GLY A 57 11.79 10.45 7.44
C GLY A 57 10.45 9.88 7.01
N MET A 58 9.51 9.83 7.95
CA MET A 58 8.17 9.29 7.66
C MET A 58 7.43 10.21 6.70
N ILE A 59 6.84 9.62 5.66
CA ILE A 59 6.09 10.39 4.67
C ILE A 59 4.83 9.65 4.24
N ASP A 60 3.90 10.37 3.62
CA ASP A 60 2.65 9.78 3.16
C ASP A 60 2.41 10.10 1.69
N ARG A 61 2.50 9.08 0.84
CA ARG A 61 2.29 9.26 -0.60
C ARG A 61 0.93 8.70 -1.02
N TRP A 62 0.60 8.87 -2.29
CA TRP A 62 -0.66 8.38 -2.83
C TRP A 62 -0.46 7.71 -4.17
N TYR A 63 -1.26 6.68 -4.45
CA TYR A 63 -1.17 5.95 -5.71
C TYR A 63 -2.53 5.41 -6.12
N HIS A 64 -2.83 5.50 -7.41
CA HIS A 64 -4.10 5.02 -7.95
C HIS A 64 -4.26 3.52 -7.69
N PRO A 65 -5.52 3.09 -7.51
CA PRO A 65 -5.84 1.68 -7.26
C PRO A 65 -5.14 0.74 -8.23
N GLY A 66 -4.99 1.18 -9.47
CA GLY A 66 -4.33 0.37 -10.48
C GLY A 66 -2.84 0.28 -10.26
N CYS A 67 -2.26 1.32 -9.68
CA CYS A 67 -0.82 1.36 -9.43
C CYS A 67 -0.48 0.54 -8.18
N PHE A 68 -1.42 0.47 -7.25
CA PHE A 68 -1.21 -0.27 -6.02
C PHE A 68 -1.09 -1.77 -6.28
N VAL A 69 -1.88 -2.25 -7.24
CA VAL A 69 -1.87 -3.66 -7.60
C VAL A 69 -0.63 -4.01 -8.41
N LYS A 70 -0.44 -3.31 -9.53
CA LYS A 70 0.71 -3.55 -10.38
C LYS A 70 2.01 -3.49 -9.59
N ASN A 71 2.12 -2.49 -8.72
CA ASN A 71 3.32 -2.33 -7.90
C ASN A 71 3.07 -2.83 -6.48
N ARG A 72 2.20 -3.83 -6.35
CA ARG A 72 1.88 -4.40 -5.05
C ARG A 72 3.10 -5.08 -4.44
N GLU A 73 3.94 -5.64 -5.29
CA GLU A 73 5.15 -6.33 -4.83
C GLU A 73 6.27 -5.33 -4.55
N GLU A 74 6.62 -4.55 -5.57
CA GLU A 74 7.68 -3.56 -5.43
C GLU A 74 7.43 -2.66 -4.22
N LEU A 75 6.20 -2.18 -4.09
CA LEU A 75 5.84 -1.31 -2.98
C LEU A 75 6.11 -1.99 -1.65
N GLY A 76 6.01 -3.31 -1.62
CA GLY A 76 6.24 -4.05 -0.40
C GLY A 76 4.97 -4.46 0.29
N PHE A 77 3.96 -4.83 -0.50
CA PHE A 77 2.66 -5.24 0.05
C PHE A 77 2.60 -6.76 0.20
N ARG A 78 2.89 -7.24 1.41
CA ARG A 78 2.87 -8.67 1.69
C ARG A 78 1.53 -9.28 1.31
N PRO A 79 1.54 -10.56 0.92
CA PRO A 79 0.33 -11.28 0.53
C PRO A 79 -0.60 -11.55 1.70
N GLU A 80 -0.12 -11.26 2.91
CA GLU A 80 -0.91 -11.47 4.12
C GLU A 80 -1.98 -10.39 4.25
N TYR A 81 -1.75 -9.25 3.61
CA TYR A 81 -2.69 -8.14 3.66
C TYR A 81 -3.66 -8.18 2.48
N SER A 82 -4.89 -7.78 2.73
CA SER A 82 -5.92 -7.77 1.69
C SER A 82 -6.60 -6.42 1.61
N ALA A 83 -7.43 -6.23 0.58
CA ALA A 83 -8.14 -4.98 0.39
C ALA A 83 -9.03 -4.66 1.58
N SER A 84 -9.44 -5.69 2.30
CA SER A 84 -10.30 -5.52 3.47
C SER A 84 -9.47 -5.14 4.69
N GLN A 85 -8.19 -4.87 4.48
CA GLN A 85 -7.30 -4.48 5.56
C GLN A 85 -6.77 -3.07 5.36
N LEU A 86 -7.40 -2.33 4.45
CA LEU A 86 -6.98 -0.96 4.16
C LEU A 86 -7.84 0.03 4.94
N LYS A 87 -7.18 0.96 5.63
CA LYS A 87 -7.87 1.98 6.41
C LYS A 87 -8.85 2.76 5.54
N GLY A 88 -10.14 2.48 5.71
CA GLY A 88 -11.16 3.16 4.93
C GLY A 88 -11.96 2.22 4.06
N PHE A 89 -11.34 1.10 3.69
CA PHE A 89 -12.01 0.11 2.84
C PHE A 89 -13.42 -0.19 3.36
N SER A 90 -13.50 -0.57 4.64
CA SER A 90 -14.78 -0.89 5.26
C SER A 90 -15.79 0.24 5.05
N LEU A 91 -15.29 1.47 5.10
CA LEU A 91 -16.15 2.64 4.92
C LEU A 91 -16.63 2.75 3.47
N LEU A 92 -15.75 2.40 2.54
CA LEU A 92 -16.09 2.46 1.12
C LEU A 92 -17.43 1.78 0.85
N ALA A 93 -17.99 2.02 -0.33
CA ALA A 93 -19.27 1.43 -0.71
C ALA A 93 -19.08 0.00 -1.19
N THR A 94 -19.89 -0.91 -0.65
CA THR A 94 -19.82 -2.32 -1.03
C THR A 94 -19.41 -2.48 -2.49
N GLU A 95 -20.14 -1.79 -3.37
CA GLU A 95 -19.86 -1.85 -4.81
C GLU A 95 -18.36 -1.71 -5.07
N ASP A 96 -17.79 -0.59 -4.66
CA ASP A 96 -16.37 -0.33 -4.85
C ASP A 96 -15.53 -1.38 -4.15
N LYS A 97 -15.77 -1.55 -2.85
CA LYS A 97 -15.03 -2.53 -2.06
C LYS A 97 -14.71 -3.77 -2.89
N GLU A 98 -15.73 -4.43 -3.40
CA GLU A 98 -15.55 -5.63 -4.21
C GLU A 98 -14.62 -5.34 -5.38
N ALA A 99 -14.80 -4.19 -6.02
CA ALA A 99 -13.98 -3.81 -7.15
C ALA A 99 -12.51 -4.08 -6.88
N LEU A 100 -12.01 -3.56 -5.76
CA LEU A 100 -10.62 -3.74 -5.37
C LEU A 100 -10.30 -5.22 -5.14
N LYS A 101 -11.00 -5.82 -4.18
CA LYS A 101 -10.80 -7.23 -3.86
C LYS A 101 -10.48 -8.03 -5.12
N LYS A 102 -11.23 -7.78 -6.18
CA LYS A 102 -11.03 -8.48 -7.44
C LYS A 102 -9.56 -8.46 -7.84
N GLN A 103 -9.00 -7.27 -7.98
CA GLN A 103 -7.60 -7.12 -8.35
C GLN A 103 -6.67 -7.56 -7.22
N LEU A 104 -7.00 -7.14 -6.00
CA LEU A 104 -6.21 -7.49 -4.83
C LEU A 104 -6.94 -8.51 -3.96
N PRO A 105 -6.85 -9.79 -4.35
CA PRO A 105 -7.50 -10.89 -3.62
C PRO A 105 -6.84 -11.15 -2.27
N GLY A 106 -5.62 -10.65 -2.10
CA GLY A 106 -4.90 -10.84 -0.86
C GLY A 106 -3.64 -11.65 -1.03
N VAL A 107 -3.77 -12.97 -0.91
CA VAL A 107 -2.62 -13.86 -1.06
C VAL A 107 -2.31 -14.12 -2.53
N LYS A 108 -1.05 -14.45 -2.81
CA LYS A 108 -0.62 -14.72 -4.17
C LYS A 108 0.54 -15.72 -4.20
N SER A 109 0.65 -16.46 -5.28
CA SER A 109 1.72 -17.46 -5.43
C SER A 109 3.01 -16.97 -4.78
N GLU A 110 3.54 -15.86 -5.29
CA GLU A 110 4.77 -15.28 -4.75
C GLU A 110 5.88 -16.32 -4.72
N GLY A 111 6.12 -16.96 -5.86
CA GLY A 111 7.16 -17.97 -5.94
C GLY A 111 8.47 -17.42 -6.48
N LYS A 112 9.12 -16.57 -5.69
CA LYS A 112 10.39 -15.97 -6.10
C LYS A 112 11.56 -16.69 -5.45
N ARG A 113 12.76 -16.45 -5.97
CA ARG A 113 13.97 -17.07 -5.43
C ARG A 113 14.55 -16.24 -4.29
N LYS A 114 14.87 -16.90 -3.19
CA LYS A 114 15.43 -16.23 -2.02
C LYS A 114 16.41 -15.14 -2.45
N GLY A 115 16.61 -14.16 -1.57
CA GLY A 115 17.52 -13.07 -1.87
C GLY A 115 18.70 -13.02 -0.92
N ASP A 116 19.66 -12.16 -1.23
CA ASP A 116 20.85 -12.01 -0.39
C ASP A 116 21.56 -10.70 -0.68
N GLU A 117 22.08 -10.07 0.37
CA GLU A 117 22.78 -8.79 0.22
C GLU A 117 24.05 -8.78 1.07
N VAL A 118 25.17 -8.45 0.43
CA VAL A 118 26.45 -8.40 1.13
C VAL A 118 27.13 -7.05 0.94
N ASP A 119 27.67 -6.50 2.02
CA ASP A 119 28.35 -5.22 1.97
C ASP A 119 29.61 -5.22 2.84
N GLY A 120 30.40 -4.16 2.74
CA GLY A 120 31.62 -4.06 3.52
C GLY A 120 31.46 -3.16 4.72
N VAL A 121 30.88 -3.69 5.80
CA VAL A 121 30.68 -2.92 7.01
C VAL A 121 31.95 -2.88 7.86
N ASP A 122 32.31 -1.69 8.31
CA ASP A 122 33.51 -1.51 9.12
C ASP A 122 33.14 -1.34 10.59
N GLU A 123 34.12 -1.51 11.47
CA GLU A 123 33.91 -1.38 12.90
C GLU A 123 35.09 -0.69 13.58
N VAL A 124 34.88 0.53 14.05
CA VAL A 124 35.92 1.30 14.71
C VAL A 124 35.61 1.49 16.19
N ALA A 125 36.48 0.95 17.05
CA ALA A 125 36.29 1.06 18.48
C ALA A 125 36.29 2.52 18.93
N LYS A 126 35.66 2.79 20.07
CA LYS A 126 35.58 4.15 20.60
C LYS A 126 34.98 4.14 22.01
N LYS A 127 35.40 5.11 22.82
CA LYS A 127 34.91 5.22 24.18
C LYS A 127 34.77 6.70 24.59
N LYS A 128 33.67 7.01 25.26
CA LYS A 128 33.42 8.37 25.72
C LYS A 128 33.35 8.44 27.24
N SER A 129 33.22 9.65 27.77
CA SER A 129 33.14 9.85 29.22
C SER A 129 31.79 9.37 29.75
N GLY A 130 31.74 9.13 31.06
CA GLY A 130 30.51 8.68 31.67
C GLY A 130 29.96 9.68 32.68
N PRO A 131 28.63 9.65 32.87
CA PRO A 131 27.95 10.56 33.80
C PRO A 131 28.27 10.24 35.26
N SER A 132 27.62 10.95 36.18
CA SER A 132 27.84 10.75 37.60
C SER A 132 26.53 10.77 38.36
N SER A 133 26.60 10.50 39.67
CA SER A 133 25.40 10.49 40.51
C SER A 133 25.77 10.81 41.96
N GLY A 134 24.74 10.95 42.80
CA GLY A 134 24.97 11.25 44.20
C GLY A 134 23.81 11.98 44.83
N GLY A 1 1.73 24.57 2.93
CA GLY A 1 1.47 24.40 4.34
C GLY A 1 0.35 23.41 4.61
N SER A 2 0.46 22.68 5.71
CA SER A 2 -0.54 21.68 6.07
C SER A 2 -1.15 22.00 7.43
N SER A 3 -2.48 21.96 7.51
CA SER A 3 -3.18 22.25 8.75
C SER A 3 -3.26 21.00 9.63
N GLY A 4 -3.67 21.20 10.88
CA GLY A 4 -3.78 20.08 11.81
C GLY A 4 -2.44 19.45 12.11
N SER A 5 -2.07 19.44 13.39
CA SER A 5 -0.81 18.85 13.81
C SER A 5 -1.03 17.58 14.61
N SER A 6 -1.85 17.68 15.65
CA SER A 6 -2.15 16.53 16.50
C SER A 6 -2.95 15.48 15.74
N GLY A 7 -2.82 14.23 16.16
CA GLY A 7 -3.53 13.15 15.51
C GLY A 7 -3.46 11.85 16.28
N GLY A 8 -4.62 11.29 16.61
CA GLY A 8 -4.67 10.05 17.35
C GLY A 8 -5.82 9.16 16.94
N SER A 9 -5.50 7.97 16.42
CA SER A 9 -6.52 7.03 15.97
C SER A 9 -6.32 5.67 16.62
N LYS A 10 -7.40 4.89 16.69
CA LYS A 10 -7.34 3.55 17.28
C LYS A 10 -7.69 2.48 16.25
N ALA A 11 -6.72 1.63 15.95
CA ALA A 11 -6.93 0.56 14.98
C ALA A 11 -6.45 -0.78 15.53
N GLU A 12 -7.39 -1.69 15.77
CA GLU A 12 -7.07 -3.00 16.30
C GLU A 12 -7.00 -4.04 15.19
N LYS A 13 -7.94 -3.95 14.24
CA LYS A 13 -8.00 -4.87 13.12
C LYS A 13 -7.90 -4.13 11.80
N THR A 14 -6.96 -3.19 11.72
CA THR A 14 -6.77 -2.40 10.50
C THR A 14 -5.34 -1.89 10.40
N LEU A 15 -4.71 -2.11 9.26
CA LEU A 15 -3.34 -1.66 9.04
C LEU A 15 -3.26 -0.14 8.99
N GLY A 16 -2.27 0.42 9.68
CA GLY A 16 -2.11 1.85 9.71
C GLY A 16 -1.31 2.37 8.53
N ASP A 17 -0.15 1.76 8.29
CA ASP A 17 0.70 2.16 7.18
C ASP A 17 -0.10 2.33 5.90
N PHE A 18 -1.01 1.39 5.65
CA PHE A 18 -1.85 1.44 4.46
C PHE A 18 -3.26 1.90 4.80
N ALA A 19 -3.90 2.60 3.87
CA ALA A 19 -5.25 3.10 4.06
C ALA A 19 -5.92 3.43 2.73
N ALA A 20 -7.18 3.05 2.61
CA ALA A 20 -7.93 3.32 1.38
C ALA A 20 -9.07 4.29 1.63
N GLU A 21 -9.19 5.30 0.77
CA GLU A 21 -10.25 6.30 0.92
C GLU A 21 -10.24 7.25 -0.28
N TYR A 22 -11.34 7.98 -0.45
CA TYR A 22 -11.48 8.93 -1.55
C TYR A 22 -10.41 10.02 -1.46
N ALA A 23 -10.07 10.60 -2.60
CA ALA A 23 -9.07 11.66 -2.65
C ALA A 23 -9.57 12.92 -1.93
N LYS A 24 -8.73 13.45 -1.04
CA LYS A 24 -9.09 14.65 -0.28
C LYS A 24 -9.12 15.87 -1.19
N SER A 25 -8.04 16.07 -1.95
CA SER A 25 -7.95 17.21 -2.85
C SER A 25 -7.32 16.80 -4.18
N ASN A 26 -7.58 17.58 -5.22
CA ASN A 26 -7.03 17.30 -6.55
C ASN A 26 -5.61 17.83 -6.68
N ARG A 27 -4.78 17.53 -5.69
CA ARG A 27 -3.39 17.97 -5.69
C ARG A 27 -2.44 16.79 -5.79
N SER A 28 -2.62 15.81 -4.90
CA SER A 28 -1.77 14.63 -4.89
C SER A 28 -1.44 14.18 -6.31
N THR A 29 -0.35 13.44 -6.45
CA THR A 29 0.08 12.94 -7.76
C THR A 29 0.60 11.51 -7.66
N CYS A 30 0.09 10.64 -8.53
CA CYS A 30 0.50 9.25 -8.54
C CYS A 30 1.93 9.10 -9.04
N LYS A 31 2.81 8.61 -8.18
CA LYS A 31 4.21 8.41 -8.54
C LYS A 31 4.39 7.18 -9.41
N GLY A 32 3.40 6.29 -9.38
CA GLY A 32 3.47 5.07 -10.17
C GLY A 32 3.46 5.35 -11.66
N CYS A 33 2.46 6.12 -12.11
CA CYS A 33 2.34 6.45 -13.52
C CYS A 33 2.50 7.95 -13.74
N MET A 34 3.11 8.63 -12.77
CA MET A 34 3.33 10.06 -12.86
C MET A 34 2.05 10.79 -13.25
N GLU A 35 0.93 10.31 -12.70
CA GLU A 35 -0.37 10.92 -12.99
C GLU A 35 -0.83 11.79 -11.84
N LYS A 36 -1.94 12.51 -12.05
CA LYS A 36 -2.48 13.38 -11.01
C LYS A 36 -3.74 12.79 -10.40
N ILE A 37 -3.77 12.72 -9.07
CA ILE A 37 -4.92 12.16 -8.36
C ILE A 37 -6.00 13.22 -8.16
N GLU A 38 -7.18 12.96 -8.70
CA GLU A 38 -8.31 13.88 -8.58
C GLU A 38 -9.11 13.60 -7.30
N LYS A 39 -9.75 14.64 -6.78
CA LYS A 39 -10.55 14.51 -5.58
C LYS A 39 -11.79 13.65 -5.83
N GLY A 40 -12.06 12.72 -4.92
CA GLY A 40 -13.20 11.84 -5.07
C GLY A 40 -12.82 10.45 -5.52
N GLN A 41 -11.87 10.37 -6.45
CA GLN A 41 -11.41 9.09 -6.97
C GLN A 41 -10.68 8.30 -5.89
N VAL A 42 -11.15 7.09 -5.63
CA VAL A 42 -10.55 6.23 -4.62
C VAL A 42 -9.02 6.22 -4.75
N ARG A 43 -8.33 6.26 -3.62
CA ARG A 43 -6.88 6.26 -3.61
C ARG A 43 -6.34 5.60 -2.34
N LEU A 44 -5.14 5.05 -2.42
CA LEU A 44 -4.52 4.39 -1.28
C LEU A 44 -3.23 5.11 -0.88
N SER A 45 -2.84 4.96 0.38
CA SER A 45 -1.63 5.59 0.89
C SER A 45 -0.64 4.54 1.41
N LYS A 46 0.63 4.72 1.07
CA LYS A 46 1.66 3.79 1.51
C LYS A 46 2.75 4.52 2.27
N LYS A 47 2.84 4.26 3.57
CA LYS A 47 3.85 4.89 4.42
C LYS A 47 5.21 4.22 4.23
N MET A 48 6.17 4.98 3.72
CA MET A 48 7.51 4.46 3.50
C MET A 48 8.51 5.60 3.33
N VAL A 49 9.80 5.29 3.50
CA VAL A 49 10.85 6.28 3.36
C VAL A 49 11.48 6.23 1.97
N ASP A 50 11.62 7.40 1.34
CA ASP A 50 12.20 7.48 0.01
C ASP A 50 13.72 7.40 0.09
N PRO A 51 14.32 6.56 -0.78
CA PRO A 51 15.77 6.37 -0.83
C PRO A 51 16.49 7.60 -1.39
N GLU A 52 15.77 8.39 -2.18
CA GLU A 52 16.35 9.59 -2.78
C GLU A 52 16.47 10.71 -1.74
N LYS A 53 15.37 10.97 -1.03
CA LYS A 53 15.35 12.02 -0.01
C LYS A 53 15.13 11.41 1.37
N PRO A 54 16.18 10.78 1.92
CA PRO A 54 16.13 10.16 3.25
C PRO A 54 16.04 11.18 4.37
N GLN A 55 16.34 12.44 4.04
CA GLN A 55 16.29 13.51 5.03
C GLN A 55 14.87 13.66 5.59
N LEU A 56 13.89 13.56 4.71
CA LEU A 56 12.48 13.69 5.11
C LEU A 56 12.08 12.54 6.03
N GLY A 57 12.51 11.33 5.70
CA GLY A 57 12.18 10.18 6.51
C GLY A 57 10.80 9.62 6.19
N MET A 58 10.03 9.32 7.24
CA MET A 58 8.70 8.78 7.06
C MET A 58 7.79 9.78 6.35
N ILE A 59 7.18 9.35 5.24
CA ILE A 59 6.29 10.21 4.48
C ILE A 59 5.00 9.48 4.11
N ASP A 60 4.02 10.23 3.60
CA ASP A 60 2.75 9.66 3.21
C ASP A 60 2.40 10.02 1.77
N ARG A 61 2.43 9.04 0.89
CA ARG A 61 2.13 9.26 -0.52
C ARG A 61 0.81 8.60 -0.90
N TRP A 62 0.30 8.94 -2.08
CA TRP A 62 -0.96 8.39 -2.56
C TRP A 62 -0.80 7.83 -3.97
N TYR A 63 -1.64 6.85 -4.30
CA TYR A 63 -1.59 6.23 -5.62
C TYR A 63 -2.98 5.74 -6.04
N HIS A 64 -3.09 5.30 -7.30
CA HIS A 64 -4.36 4.81 -7.83
C HIS A 64 -4.55 3.33 -7.49
N PRO A 65 -5.80 2.95 -7.23
CA PRO A 65 -6.16 1.57 -6.89
C PRO A 65 -5.53 0.56 -7.85
N GLY A 66 -5.54 0.88 -9.14
CA GLY A 66 -4.97 0.00 -10.13
C GLY A 66 -3.45 -0.05 -10.07
N CYS A 67 -2.84 1.09 -9.77
CA CYS A 67 -1.39 1.18 -9.68
C CYS A 67 -0.89 0.53 -8.40
N PHE A 68 -1.68 0.62 -7.35
CA PHE A 68 -1.31 0.04 -6.06
C PHE A 68 -1.06 -1.46 -6.19
N VAL A 69 -1.87 -2.12 -7.02
CA VAL A 69 -1.73 -3.55 -7.23
C VAL A 69 -0.55 -3.87 -8.13
N LYS A 70 -0.55 -3.26 -9.33
CA LYS A 70 0.53 -3.48 -10.28
C LYS A 70 1.88 -3.23 -9.64
N ASN A 71 1.98 -2.17 -8.84
CA ASN A 71 3.23 -1.82 -8.17
C ASN A 71 3.19 -2.27 -6.71
N ARG A 72 2.54 -3.40 -6.45
CA ARG A 72 2.43 -3.93 -5.10
C ARG A 72 3.77 -4.47 -4.62
N GLU A 73 4.35 -5.37 -5.40
CA GLU A 73 5.64 -5.96 -5.05
C GLU A 73 6.72 -4.88 -4.91
N GLU A 74 7.00 -4.19 -6.00
CA GLU A 74 8.01 -3.14 -6.00
C GLU A 74 7.94 -2.33 -4.71
N LEU A 75 6.72 -1.95 -4.31
CA LEU A 75 6.51 -1.17 -3.10
C LEU A 75 6.74 -2.03 -1.86
N GLY A 76 6.36 -3.29 -1.94
CA GLY A 76 6.53 -4.20 -0.82
C GLY A 76 5.22 -4.49 -0.10
N PHE A 77 4.15 -4.68 -0.88
CA PHE A 77 2.84 -4.97 -0.31
C PHE A 77 2.62 -6.48 -0.18
N ARG A 78 2.96 -7.01 0.99
CA ARG A 78 2.80 -8.44 1.25
C ARG A 78 1.40 -8.91 0.88
N PRO A 79 1.28 -10.19 0.51
CA PRO A 79 0.00 -10.79 0.13
C PRO A 79 -0.95 -10.94 1.31
N GLU A 80 -0.40 -10.91 2.52
CA GLU A 80 -1.21 -11.03 3.73
C GLU A 80 -2.15 -9.84 3.88
N TYR A 81 -1.81 -8.73 3.23
CA TYR A 81 -2.63 -7.53 3.29
C TYR A 81 -3.75 -7.57 2.26
N SER A 82 -4.96 -7.24 2.69
CA SER A 82 -6.12 -7.25 1.80
C SER A 82 -6.88 -5.93 1.89
N ALA A 83 -7.78 -5.71 0.94
CA ALA A 83 -8.58 -4.49 0.91
C ALA A 83 -9.30 -4.27 2.23
N SER A 84 -9.80 -5.35 2.82
CA SER A 84 -10.52 -5.28 4.09
C SER A 84 -9.64 -4.68 5.17
N GLN A 85 -8.35 -5.02 5.15
CA GLN A 85 -7.41 -4.52 6.14
C GLN A 85 -7.21 -3.02 5.98
N LEU A 86 -7.26 -2.54 4.74
CA LEU A 86 -7.08 -1.12 4.46
C LEU A 86 -8.01 -0.27 5.33
N LYS A 87 -7.45 0.74 5.97
CA LYS A 87 -8.23 1.63 6.83
C LYS A 87 -9.21 2.46 6.01
N GLY A 88 -10.49 2.32 6.32
CA GLY A 88 -11.52 3.07 5.60
C GLY A 88 -12.02 2.32 4.38
N PHE A 89 -12.06 1.00 4.47
CA PHE A 89 -12.51 0.17 3.36
C PHE A 89 -14.04 0.06 3.36
N SER A 90 -14.61 -0.30 4.51
CA SER A 90 -16.04 -0.44 4.64
C SER A 90 -16.76 0.83 4.19
N LEU A 91 -16.16 1.97 4.46
CA LEU A 91 -16.72 3.26 4.09
C LEU A 91 -16.93 3.34 2.57
N LEU A 92 -15.95 2.83 1.83
CA LEU A 92 -16.02 2.85 0.37
C LEU A 92 -17.33 2.23 -0.13
N ALA A 93 -17.80 2.70 -1.26
CA ALA A 93 -19.05 2.19 -1.85
C ALA A 93 -18.87 0.76 -2.32
N THR A 94 -19.89 -0.06 -2.11
CA THR A 94 -19.84 -1.47 -2.51
C THR A 94 -19.29 -1.61 -3.93
N GLU A 95 -19.72 -0.72 -4.82
CA GLU A 95 -19.26 -0.74 -6.20
C GLU A 95 -17.76 -0.99 -6.28
N ASP A 96 -16.99 -0.10 -5.64
CA ASP A 96 -15.54 -0.22 -5.64
C ASP A 96 -15.10 -1.47 -4.86
N LYS A 97 -15.67 -1.63 -3.67
CA LYS A 97 -15.34 -2.78 -2.82
C LYS A 97 -15.12 -4.03 -3.66
N GLU A 98 -16.20 -4.53 -4.27
CA GLU A 98 -16.13 -5.73 -5.09
C GLU A 98 -14.95 -5.65 -6.05
N ALA A 99 -14.70 -4.46 -6.59
CA ALA A 99 -13.60 -4.25 -7.52
C ALA A 99 -12.25 -4.51 -6.85
N LEU A 100 -12.10 -3.97 -5.63
CA LEU A 100 -10.86 -4.15 -4.89
C LEU A 100 -10.69 -5.59 -4.41
N LYS A 101 -11.69 -6.08 -3.69
CA LYS A 101 -11.67 -7.45 -3.19
C LYS A 101 -11.05 -8.40 -4.21
N LYS A 102 -11.49 -8.29 -5.46
CA LYS A 102 -10.98 -9.13 -6.53
C LYS A 102 -9.54 -8.76 -6.87
N GLN A 103 -9.25 -7.46 -6.85
CA GLN A 103 -7.92 -6.97 -7.17
C GLN A 103 -6.89 -7.51 -6.18
N LEU A 104 -7.19 -7.35 -4.88
CA LEU A 104 -6.29 -7.82 -3.83
C LEU A 104 -6.92 -8.98 -3.07
N PRO A 105 -6.90 -10.17 -3.67
CA PRO A 105 -7.46 -11.38 -3.06
C PRO A 105 -6.64 -11.86 -1.87
N GLY A 106 -5.38 -11.41 -1.80
CA GLY A 106 -4.51 -11.80 -0.71
C GLY A 106 -3.30 -12.57 -1.20
N VAL A 107 -3.36 -13.89 -1.08
CA VAL A 107 -2.26 -14.75 -1.51
C VAL A 107 -2.35 -15.06 -3.01
N LYS A 108 -1.21 -14.97 -3.68
CA LYS A 108 -1.15 -15.24 -5.12
C LYS A 108 0.20 -15.83 -5.51
N SER A 109 0.18 -17.01 -6.11
CA SER A 109 1.40 -17.69 -6.52
C SER A 109 1.56 -17.63 -8.04
N GLU A 110 2.79 -17.50 -8.50
CA GLU A 110 3.07 -17.44 -9.93
C GLU A 110 4.58 -17.51 -10.20
N GLY A 111 4.94 -17.70 -11.47
CA GLY A 111 6.34 -17.78 -11.83
C GLY A 111 6.81 -16.58 -12.62
N LYS A 112 7.83 -16.77 -13.44
CA LYS A 112 8.37 -15.70 -14.27
C LYS A 112 8.71 -16.19 -15.67
N ARG A 113 9.22 -15.29 -16.49
CA ARG A 113 9.58 -15.64 -17.87
C ARG A 113 10.83 -14.88 -18.31
N LYS A 114 11.50 -15.41 -19.32
CA LYS A 114 12.72 -14.79 -19.84
C LYS A 114 12.43 -13.37 -20.33
N GLY A 115 13.44 -12.51 -20.25
CA GLY A 115 13.28 -11.13 -20.69
C GLY A 115 14.40 -10.69 -21.61
N ASP A 116 14.21 -9.54 -22.26
CA ASP A 116 15.20 -9.01 -23.19
C ASP A 116 15.59 -7.58 -22.80
N GLU A 117 16.59 -7.04 -23.48
CA GLU A 117 17.05 -5.69 -23.21
C GLU A 117 17.76 -5.10 -24.43
N VAL A 118 17.92 -3.78 -24.43
CA VAL A 118 18.57 -3.08 -25.54
C VAL A 118 19.88 -2.46 -25.09
N ASP A 119 20.87 -2.48 -25.98
CA ASP A 119 22.18 -1.91 -25.68
C ASP A 119 22.35 -0.56 -26.38
N GLY A 120 23.49 0.08 -26.14
CA GLY A 120 23.77 1.37 -26.75
C GLY A 120 24.61 1.25 -28.01
N VAL A 121 25.51 2.20 -28.20
CA VAL A 121 26.38 2.20 -29.37
C VAL A 121 27.64 3.03 -29.12
N ASP A 122 28.78 2.51 -29.56
CA ASP A 122 30.05 3.21 -29.39
C ASP A 122 30.27 4.23 -30.49
N GLU A 123 31.23 5.13 -30.29
CA GLU A 123 31.53 6.17 -31.26
C GLU A 123 32.88 5.92 -31.91
N VAL A 124 33.25 6.79 -32.85
CA VAL A 124 34.53 6.68 -33.55
C VAL A 124 35.57 7.58 -32.93
N ALA A 125 36.82 7.12 -32.94
CA ALA A 125 37.93 7.89 -32.38
C ALA A 125 37.86 9.35 -32.81
N LYS A 126 38.02 9.59 -34.11
CA LYS A 126 37.97 10.94 -34.66
C LYS A 126 37.68 10.91 -36.15
N LYS A 127 36.71 11.72 -36.58
CA LYS A 127 36.34 11.79 -37.98
C LYS A 127 35.52 13.05 -38.27
N LYS A 128 35.68 13.60 -39.46
CA LYS A 128 34.95 14.80 -39.86
C LYS A 128 33.53 14.79 -39.28
N SER A 129 33.27 15.68 -38.34
CA SER A 129 31.97 15.77 -37.71
C SER A 129 30.86 15.78 -38.75
N GLY A 130 29.61 15.71 -38.29
CA GLY A 130 28.48 15.71 -39.20
C GLY A 130 27.19 16.18 -38.53
N PRO A 131 26.30 16.79 -39.32
CA PRO A 131 25.02 17.28 -38.82
C PRO A 131 24.06 16.15 -38.44
N SER A 132 22.83 16.52 -38.12
CA SER A 132 21.82 15.53 -37.74
C SER A 132 22.17 14.88 -36.41
N SER A 133 22.64 15.69 -35.46
CA SER A 133 23.02 15.19 -34.14
C SER A 133 21.82 15.15 -33.21
N GLY A 134 21.72 14.09 -32.41
CA GLY A 134 20.61 13.95 -31.48
C GLY A 134 20.99 13.13 -30.26
N GLY A 1 -1.66 18.41 1.64
CA GLY A 1 -2.76 19.35 1.76
C GLY A 1 -2.47 20.45 2.75
N SER A 2 -2.89 21.67 2.41
CA SER A 2 -2.67 22.83 3.27
C SER A 2 -3.56 22.75 4.52
N SER A 3 -2.99 23.09 5.66
CA SER A 3 -3.72 23.06 6.93
C SER A 3 -4.35 21.68 7.15
N GLY A 4 -3.59 20.64 6.86
CA GLY A 4 -4.08 19.28 7.04
C GLY A 4 -4.07 18.85 8.49
N SER A 5 -4.83 17.81 8.81
CA SER A 5 -4.91 17.30 10.17
C SER A 5 -5.37 15.84 10.17
N SER A 6 -4.79 15.06 11.08
CA SER A 6 -5.14 13.64 11.20
C SER A 6 -5.59 13.31 12.61
N GLY A 7 -6.77 12.71 12.73
CA GLY A 7 -7.29 12.34 14.04
C GLY A 7 -7.93 10.97 14.03
N GLY A 8 -8.40 10.54 15.21
CA GLY A 8 -9.03 9.23 15.31
C GLY A 8 -8.02 8.10 15.33
N SER A 9 -8.14 7.22 16.31
CA SER A 9 -7.23 6.08 16.43
C SER A 9 -8.00 4.79 16.71
N LYS A 10 -7.99 3.88 15.75
CA LYS A 10 -8.67 2.60 15.89
C LYS A 10 -7.68 1.47 16.06
N ALA A 11 -7.85 0.70 17.13
CA ALA A 11 -6.96 -0.43 17.41
C ALA A 11 -7.57 -1.73 16.89
N GLU A 12 -8.14 -1.68 15.71
CA GLU A 12 -8.76 -2.86 15.10
C GLU A 12 -7.79 -3.56 14.16
N LYS A 13 -8.22 -4.68 13.59
CA LYS A 13 -7.39 -5.45 12.68
C LYS A 13 -7.32 -4.77 11.31
N THR A 14 -6.46 -3.77 11.20
CA THR A 14 -6.30 -3.03 9.95
C THR A 14 -4.88 -2.49 9.81
N LEU A 15 -4.33 -2.60 8.60
CA LEU A 15 -2.98 -2.13 8.34
C LEU A 15 -2.94 -0.60 8.25
N GLY A 16 -2.56 0.03 9.35
CA GLY A 16 -2.49 1.48 9.39
C GLY A 16 -1.69 2.05 8.22
N ASP A 17 -0.51 1.49 7.99
CA ASP A 17 0.35 1.95 6.90
C ASP A 17 -0.43 2.06 5.60
N PHE A 18 -1.39 1.16 5.42
CA PHE A 18 -2.21 1.14 4.21
C PHE A 18 -3.61 1.65 4.50
N ALA A 19 -4.05 2.66 3.75
CA ALA A 19 -5.36 3.24 3.94
C ALA A 19 -6.07 3.43 2.59
N ALA A 20 -7.39 3.32 2.60
CA ALA A 20 -8.18 3.48 1.39
C ALA A 20 -9.39 4.37 1.64
N GLU A 21 -9.54 5.40 0.81
CA GLU A 21 -10.65 6.33 0.94
C GLU A 21 -10.75 7.25 -0.27
N TYR A 22 -11.76 8.10 -0.29
CA TYR A 22 -11.97 9.04 -1.39
C TYR A 22 -11.04 10.24 -1.26
N ALA A 23 -10.43 10.63 -2.38
CA ALA A 23 -9.52 11.76 -2.39
C ALA A 23 -10.24 13.06 -2.02
N LYS A 24 -9.51 13.99 -1.43
CA LYS A 24 -10.08 15.27 -1.02
C LYS A 24 -9.92 16.31 -2.11
N SER A 25 -8.70 16.44 -2.64
CA SER A 25 -8.42 17.41 -3.69
C SER A 25 -7.61 16.77 -4.81
N ASN A 26 -7.69 17.34 -6.00
CA ASN A 26 -6.97 16.83 -7.15
C ASN A 26 -5.53 17.32 -7.15
N ARG A 27 -4.89 17.25 -5.98
CA ARG A 27 -3.50 17.68 -5.84
C ARG A 27 -2.55 16.49 -5.86
N SER A 28 -2.80 15.52 -4.98
CA SER A 28 -1.96 14.33 -4.89
C SER A 28 -1.78 13.69 -6.26
N THR A 29 -0.54 13.37 -6.60
CA THR A 29 -0.23 12.75 -7.89
C THR A 29 0.49 11.42 -7.69
N CYS A 30 0.18 10.46 -8.56
CA CYS A 30 0.78 9.13 -8.50
C CYS A 30 2.21 9.17 -9.03
N LYS A 31 3.05 8.27 -8.53
CA LYS A 31 4.45 8.19 -8.97
C LYS A 31 4.62 7.09 -10.01
N GLY A 32 3.76 6.08 -9.96
CA GLY A 32 3.84 4.99 -10.90
C GLY A 32 3.52 5.42 -12.32
N CYS A 33 2.39 6.08 -12.49
CA CYS A 33 1.97 6.55 -13.81
C CYS A 33 2.32 8.03 -14.00
N MET A 34 2.63 8.70 -12.90
CA MET A 34 2.99 10.11 -12.95
C MET A 34 1.83 10.95 -13.50
N GLU A 35 0.63 10.70 -12.99
CA GLU A 35 -0.56 11.43 -13.43
C GLU A 35 -1.37 11.93 -12.24
N LYS A 36 -1.87 13.16 -12.34
CA LYS A 36 -2.66 13.75 -11.28
C LYS A 36 -3.82 12.83 -10.88
N ILE A 37 -4.15 12.81 -9.60
CA ILE A 37 -5.24 11.98 -9.10
C ILE A 37 -6.55 12.76 -9.07
N GLU A 38 -7.57 12.22 -9.72
CA GLU A 38 -8.89 12.85 -9.77
C GLU A 38 -9.51 12.91 -8.38
N LYS A 39 -10.18 14.02 -8.07
CA LYS A 39 -10.83 14.20 -6.78
C LYS A 39 -11.98 13.22 -6.61
N GLY A 40 -12.12 12.68 -5.40
CA GLY A 40 -13.20 11.74 -5.13
C GLY A 40 -12.80 10.31 -5.48
N GLN A 41 -12.12 10.14 -6.61
CA GLN A 41 -11.70 8.81 -7.04
C GLN A 41 -10.95 8.09 -5.93
N VAL A 42 -11.26 6.80 -5.77
CA VAL A 42 -10.62 5.99 -4.74
C VAL A 42 -9.10 6.10 -4.82
N ARG A 43 -8.45 6.21 -3.66
CA ARG A 43 -7.01 6.33 -3.61
C ARG A 43 -6.44 5.47 -2.47
N LEU A 44 -5.12 5.35 -2.44
CA LEU A 44 -4.45 4.57 -1.40
C LEU A 44 -3.13 5.21 -0.99
N SER A 45 -2.94 5.40 0.31
CA SER A 45 -1.73 6.00 0.83
C SER A 45 -0.85 4.96 1.52
N LYS A 46 0.40 4.88 1.09
CA LYS A 46 1.34 3.92 1.66
C LYS A 46 2.48 4.64 2.38
N LYS A 47 2.59 4.41 3.68
CA LYS A 47 3.63 5.03 4.49
C LYS A 47 5.02 4.53 4.06
N MET A 48 5.74 5.38 3.34
CA MET A 48 7.08 5.03 2.88
C MET A 48 7.84 6.27 2.42
N VAL A 49 9.16 6.17 2.38
CA VAL A 49 10.00 7.29 1.95
C VAL A 49 10.22 7.27 0.44
N ASP A 50 10.36 8.45 -0.14
CA ASP A 50 10.58 8.58 -1.58
C ASP A 50 11.77 7.72 -2.02
N PRO A 51 11.53 6.86 -3.02
CA PRO A 51 12.56 5.98 -3.56
C PRO A 51 13.63 6.73 -4.34
N GLU A 52 13.35 7.99 -4.66
CA GLU A 52 14.29 8.83 -5.39
C GLU A 52 15.00 9.81 -4.46
N LYS A 53 14.23 10.40 -3.55
CA LYS A 53 14.77 11.36 -2.60
C LYS A 53 14.52 10.92 -1.16
N PRO A 54 15.41 10.06 -0.65
CA PRO A 54 15.30 9.54 0.72
C PRO A 54 15.58 10.61 1.77
N GLN A 55 15.89 11.82 1.32
CA GLN A 55 16.18 12.92 2.22
C GLN A 55 14.96 13.24 3.09
N LEU A 56 13.82 13.46 2.45
CA LEU A 56 12.59 13.76 3.17
C LEU A 56 12.27 12.68 4.21
N GLY A 57 12.56 11.43 3.86
CA GLY A 57 12.31 10.34 4.76
C GLY A 57 10.87 9.87 4.71
N MET A 58 10.27 9.67 5.89
CA MET A 58 8.89 9.22 5.97
C MET A 58 7.94 10.26 5.37
N ILE A 59 7.20 9.85 4.34
CA ILE A 59 6.25 10.74 3.68
C ILE A 59 5.02 9.98 3.21
N ASP A 60 3.89 10.67 3.16
CA ASP A 60 2.64 10.07 2.73
C ASP A 60 2.51 10.12 1.21
N ARG A 61 2.59 8.97 0.56
CA ARG A 61 2.48 8.89 -0.88
C ARG A 61 1.10 8.40 -1.30
N TRP A 62 0.84 8.41 -2.60
CA TRP A 62 -0.45 7.97 -3.13
C TRP A 62 -0.27 7.14 -4.40
N TYR A 63 -1.19 6.22 -4.64
CA TYR A 63 -1.12 5.37 -5.82
C TYR A 63 -2.50 4.82 -6.17
N HIS A 64 -2.92 5.05 -7.42
CA HIS A 64 -4.21 4.58 -7.88
C HIS A 64 -4.36 3.07 -7.68
N PRO A 65 -5.60 2.61 -7.48
CA PRO A 65 -5.91 1.19 -7.27
C PRO A 65 -5.21 0.29 -8.29
N GLY A 66 -5.21 0.73 -9.55
CA GLY A 66 -4.58 -0.05 -10.61
C GLY A 66 -3.07 -0.08 -10.47
N CYS A 67 -2.49 1.04 -10.03
CA CYS A 67 -1.04 1.14 -9.87
C CYS A 67 -0.58 0.37 -8.63
N PHE A 68 -1.44 0.31 -7.63
CA PHE A 68 -1.12 -0.39 -6.39
C PHE A 68 -0.91 -1.88 -6.65
N VAL A 69 -1.80 -2.47 -7.45
CA VAL A 69 -1.71 -3.89 -7.79
C VAL A 69 -0.44 -4.19 -8.57
N LYS A 70 -0.14 -3.36 -9.55
CA LYS A 70 1.05 -3.54 -10.38
C LYS A 70 2.31 -3.39 -9.54
N ASN A 71 2.47 -2.22 -8.94
CA ASN A 71 3.65 -1.94 -8.11
C ASN A 71 3.41 -2.38 -6.66
N ARG A 72 2.62 -3.45 -6.51
CA ARG A 72 2.31 -3.97 -5.17
C ARG A 72 3.55 -4.57 -4.53
N GLU A 73 4.35 -5.28 -5.32
CA GLU A 73 5.57 -5.89 -4.82
C GLU A 73 6.58 -4.84 -4.39
N GLU A 74 7.10 -4.09 -5.36
CA GLU A 74 8.08 -3.06 -5.08
C GLU A 74 7.69 -2.26 -3.83
N LEU A 75 6.43 -1.82 -3.78
CA LEU A 75 5.94 -1.05 -2.65
C LEU A 75 6.11 -1.82 -1.35
N GLY A 76 5.97 -3.15 -1.43
CA GLY A 76 6.11 -3.98 -0.26
C GLY A 76 4.79 -4.51 0.26
N PHE A 77 3.94 -4.94 -0.67
CA PHE A 77 2.62 -5.46 -0.31
C PHE A 77 2.69 -6.96 -0.02
N ARG A 78 2.75 -7.31 1.25
CA ARG A 78 2.82 -8.71 1.66
C ARG A 78 1.75 -9.53 0.95
N PRO A 79 2.00 -10.85 0.84
CA PRO A 79 1.06 -11.78 0.19
C PRO A 79 -0.21 -11.99 1.00
N GLU A 80 -0.11 -11.81 2.32
CA GLU A 80 -1.24 -11.97 3.20
C GLU A 80 -1.99 -10.66 3.39
N TYR A 81 -1.93 -9.81 2.38
CA TYR A 81 -2.60 -8.51 2.43
C TYR A 81 -3.80 -8.48 1.48
N SER A 82 -4.91 -7.91 1.96
CA SER A 82 -6.12 -7.82 1.17
C SER A 82 -6.71 -6.42 1.23
N ALA A 83 -7.73 -6.17 0.41
CA ALA A 83 -8.38 -4.87 0.38
C ALA A 83 -9.08 -4.57 1.70
N SER A 84 -9.74 -5.58 2.26
CA SER A 84 -10.45 -5.42 3.52
C SER A 84 -9.50 -5.00 4.64
N GLN A 85 -8.21 -5.13 4.37
CA GLN A 85 -7.19 -4.77 5.36
C GLN A 85 -6.78 -3.31 5.20
N LEU A 86 -7.59 -2.55 4.47
CA LEU A 86 -7.31 -1.13 4.26
C LEU A 86 -8.12 -0.26 5.20
N LYS A 87 -7.48 0.76 5.76
CA LYS A 87 -8.15 1.67 6.68
C LYS A 87 -9.27 2.44 5.98
N GLY A 88 -10.51 2.16 6.38
CA GLY A 88 -11.65 2.84 5.79
C GLY A 88 -12.23 2.06 4.62
N PHE A 89 -12.13 0.74 4.68
CA PHE A 89 -12.65 -0.12 3.62
C PHE A 89 -14.16 -0.29 3.74
N SER A 90 -14.63 -0.39 4.98
CA SER A 90 -16.06 -0.57 5.23
C SER A 90 -16.84 0.67 4.80
N LEU A 91 -16.22 1.83 4.95
CA LEU A 91 -16.85 3.10 4.58
C LEU A 91 -17.14 3.14 3.08
N LEU A 92 -16.16 2.74 2.28
CA LEU A 92 -16.32 2.73 0.82
C LEU A 92 -17.67 2.14 0.42
N ALA A 93 -18.04 2.35 -0.83
CA ALA A 93 -19.31 1.83 -1.34
C ALA A 93 -19.19 0.36 -1.73
N THR A 94 -20.21 -0.42 -1.38
CA THR A 94 -20.22 -1.85 -1.68
C THR A 94 -19.58 -2.12 -3.04
N GLU A 95 -20.00 -1.36 -4.04
CA GLU A 95 -19.48 -1.51 -5.39
C GLU A 95 -17.96 -1.37 -5.40
N ASP A 96 -17.47 -0.24 -4.89
CA ASP A 96 -16.04 0.03 -4.84
C ASP A 96 -15.31 -1.07 -4.08
N LYS A 97 -15.81 -1.39 -2.89
CA LYS A 97 -15.21 -2.42 -2.05
C LYS A 97 -14.81 -3.63 -2.88
N GLU A 98 -15.80 -4.25 -3.54
CA GLU A 98 -15.54 -5.42 -4.36
C GLU A 98 -14.43 -5.14 -5.37
N ALA A 99 -14.56 -4.05 -6.11
CA ALA A 99 -13.57 -3.67 -7.11
C ALA A 99 -12.16 -3.93 -6.59
N LEU A 100 -11.88 -3.48 -5.37
CA LEU A 100 -10.57 -3.66 -4.77
C LEU A 100 -10.31 -5.13 -4.47
N LYS A 101 -11.27 -5.78 -3.83
CA LYS A 101 -11.15 -7.20 -3.49
C LYS A 101 -10.72 -8.01 -4.71
N LYS A 102 -11.43 -7.84 -5.81
CA LYS A 102 -11.12 -8.56 -7.04
C LYS A 102 -9.67 -8.34 -7.46
N GLN A 103 -9.26 -7.08 -7.49
CA GLN A 103 -7.89 -6.73 -7.86
C GLN A 103 -6.88 -7.38 -6.92
N LEU A 104 -7.15 -7.28 -5.62
CA LEU A 104 -6.26 -7.86 -4.61
C LEU A 104 -6.92 -9.06 -3.94
N PRO A 105 -6.95 -10.19 -4.65
CA PRO A 105 -7.55 -11.43 -4.14
C PRO A 105 -6.73 -12.05 -3.00
N GLY A 106 -5.66 -11.35 -2.62
CA GLY A 106 -4.81 -11.85 -1.55
C GLY A 106 -3.36 -11.97 -1.97
N VAL A 107 -3.03 -13.09 -2.61
CA VAL A 107 -1.66 -13.33 -3.06
C VAL A 107 -1.53 -13.08 -4.56
N LYS A 108 -0.59 -12.22 -4.93
CA LYS A 108 -0.36 -11.89 -6.34
C LYS A 108 1.02 -11.27 -6.54
N SER A 109 1.75 -11.77 -7.51
CA SER A 109 3.09 -11.26 -7.81
C SER A 109 3.27 -11.03 -9.31
N GLU A 110 3.22 -9.77 -9.71
CA GLU A 110 3.38 -9.41 -11.11
C GLU A 110 4.85 -9.19 -11.46
N GLY A 111 5.43 -8.14 -10.87
CA GLY A 111 6.83 -7.83 -11.12
C GLY A 111 7.00 -6.51 -11.85
N LYS A 112 8.25 -6.04 -11.92
CA LYS A 112 8.54 -4.78 -12.59
C LYS A 112 10.04 -4.67 -12.90
N ARG A 113 10.40 -3.69 -13.72
CA ARG A 113 11.78 -3.48 -14.10
C ARG A 113 12.17 -2.01 -13.95
N LYS A 114 13.44 -1.71 -14.18
CA LYS A 114 13.94 -0.34 -14.08
C LYS A 114 14.38 0.18 -15.44
N GLY A 115 14.75 1.46 -15.50
CA GLY A 115 15.19 2.06 -16.74
C GLY A 115 16.16 3.20 -16.52
N ASP A 116 16.22 4.11 -17.49
CA ASP A 116 17.11 5.27 -17.40
C ASP A 116 16.36 6.49 -16.89
N GLU A 117 17.09 7.58 -16.70
CA GLU A 117 16.49 8.82 -16.21
C GLU A 117 17.31 10.03 -16.66
N VAL A 118 16.63 11.05 -17.18
CA VAL A 118 17.29 12.26 -17.64
C VAL A 118 17.06 13.42 -16.69
N ASP A 119 18.06 14.28 -16.54
CA ASP A 119 17.96 15.43 -15.66
C ASP A 119 18.86 16.56 -16.13
N GLY A 120 18.36 17.79 -16.05
CA GLY A 120 19.14 18.93 -16.47
C GLY A 120 18.50 20.25 -16.08
N VAL A 121 19.27 21.10 -15.39
CA VAL A 121 18.76 22.40 -14.94
C VAL A 121 19.81 23.48 -15.17
N ASP A 122 19.35 24.62 -15.69
CA ASP A 122 20.24 25.75 -15.95
C ASP A 122 19.46 27.06 -16.02
N GLU A 123 20.16 28.17 -15.84
CA GLU A 123 19.52 29.49 -15.88
C GLU A 123 20.58 30.60 -15.87
N VAL A 124 20.15 31.81 -16.20
CA VAL A 124 21.05 32.96 -16.22
C VAL A 124 21.10 33.65 -14.86
N ALA A 125 22.31 33.82 -14.34
CA ALA A 125 22.50 34.46 -13.04
C ALA A 125 21.60 35.69 -12.91
N LYS A 126 20.53 35.55 -12.14
CA LYS A 126 19.59 36.65 -11.93
C LYS A 126 18.99 36.60 -10.53
N LYS A 127 19.06 37.72 -9.82
CA LYS A 127 18.53 37.81 -8.47
C LYS A 127 17.13 38.41 -8.47
N LYS A 128 16.13 37.58 -8.74
CA LYS A 128 14.74 38.02 -8.77
C LYS A 128 14.07 37.81 -7.41
N SER A 129 13.51 38.88 -6.86
CA SER A 129 12.84 38.82 -5.57
C SER A 129 11.68 39.82 -5.51
N GLY A 130 10.56 39.36 -4.97
CA GLY A 130 9.39 40.22 -4.86
C GLY A 130 8.31 39.62 -3.99
N PRO A 131 7.09 40.17 -4.11
CA PRO A 131 5.92 39.70 -3.33
C PRO A 131 5.47 38.31 -3.76
N SER A 132 4.43 37.80 -3.09
CA SER A 132 3.90 36.48 -3.41
C SER A 132 2.46 36.36 -2.92
N SER A 133 1.55 36.09 -3.86
CA SER A 133 0.14 35.95 -3.52
C SER A 133 -0.67 35.49 -4.74
N GLY A 134 -1.26 34.30 -4.63
CA GLY A 134 -2.04 33.76 -5.72
C GLY A 134 -2.70 32.44 -5.37
N GLY A 1 6.53 31.11 7.17
CA GLY A 1 5.63 29.98 7.15
C GLY A 1 5.52 29.30 8.50
N SER A 2 4.84 28.15 8.54
CA SER A 2 4.66 27.41 9.78
C SER A 2 4.05 26.04 9.50
N SER A 3 4.28 25.10 10.42
CA SER A 3 3.75 23.74 10.28
C SER A 3 2.80 23.41 11.42
N GLY A 4 1.97 22.39 11.20
CA GLY A 4 1.02 21.99 12.22
C GLY A 4 1.10 20.49 12.53
N SER A 5 0.05 19.97 13.14
CA SER A 5 0.01 18.55 13.49
C SER A 5 -1.44 18.08 13.68
N SER A 6 -1.62 16.77 13.77
CA SER A 6 -2.94 16.19 13.95
C SER A 6 -2.97 15.25 15.14
N GLY A 7 -4.14 14.69 15.43
CA GLY A 7 -4.28 13.77 16.54
C GLY A 7 -5.23 12.63 16.24
N GLY A 8 -5.03 11.51 16.93
CA GLY A 8 -5.88 10.35 16.71
C GLY A 8 -5.15 9.04 16.98
N SER A 9 -5.81 8.14 17.70
CA SER A 9 -5.22 6.85 18.03
C SER A 9 -6.27 5.92 18.66
N LYS A 10 -6.46 4.77 18.04
CA LYS A 10 -7.42 3.79 18.54
C LYS A 10 -6.78 2.41 18.66
N ALA A 11 -7.56 1.44 19.15
CA ALA A 11 -7.07 0.09 19.32
C ALA A 11 -7.90 -0.91 18.51
N GLU A 12 -7.40 -1.27 17.33
CA GLU A 12 -8.09 -2.21 16.47
C GLU A 12 -7.12 -2.95 15.56
N LYS A 13 -7.57 -4.06 14.98
CA LYS A 13 -6.73 -4.85 14.09
C LYS A 13 -6.74 -4.28 12.67
N THR A 14 -6.66 -2.96 12.57
CA THR A 14 -6.65 -2.29 11.28
C THR A 14 -5.24 -1.85 10.90
N LEU A 15 -5.01 -1.71 9.59
CA LEU A 15 -3.71 -1.29 9.09
C LEU A 15 -3.65 0.22 8.90
N GLY A 16 -2.73 0.87 9.62
CA GLY A 16 -2.58 2.31 9.50
C GLY A 16 -1.75 2.72 8.31
N ASP A 17 -0.61 2.07 8.13
CA ASP A 17 0.29 2.37 7.03
C ASP A 17 -0.46 2.33 5.69
N PHE A 18 -1.32 1.32 5.54
CA PHE A 18 -2.10 1.16 4.32
C PHE A 18 -3.54 1.60 4.53
N ALA A 19 -4.03 2.44 3.62
CA ALA A 19 -5.40 2.94 3.70
C ALA A 19 -5.98 3.20 2.31
N ALA A 20 -7.25 2.87 2.14
CA ALA A 20 -7.92 3.06 0.86
C ALA A 20 -9.19 3.88 1.03
N GLU A 21 -9.31 4.95 0.24
CA GLU A 21 -10.49 5.82 0.31
C GLU A 21 -10.50 6.80 -0.86
N TYR A 22 -11.63 7.49 -1.03
CA TYR A 22 -11.77 8.46 -2.10
C TYR A 22 -10.82 9.63 -1.92
N ALA A 23 -10.47 10.29 -3.02
CA ALA A 23 -9.57 11.43 -2.97
C ALA A 23 -10.30 12.68 -2.50
N LYS A 24 -9.60 13.50 -1.73
CA LYS A 24 -10.18 14.74 -1.20
C LYS A 24 -9.98 15.89 -2.18
N SER A 25 -8.76 16.05 -2.65
CA SER A 25 -8.44 17.12 -3.60
C SER A 25 -7.49 16.61 -4.69
N ASN A 26 -7.57 17.23 -5.86
CA ASN A 26 -6.73 16.84 -6.99
C ASN A 26 -5.35 17.49 -6.89
N ARG A 27 -4.82 17.55 -5.67
CA ARG A 27 -3.51 18.16 -5.44
C ARG A 27 -2.41 17.10 -5.51
N SER A 28 -2.51 16.08 -4.66
CA SER A 28 -1.51 15.01 -4.62
C SER A 28 -1.27 14.45 -6.02
N THR A 29 -0.12 13.82 -6.21
CA THR A 29 0.24 13.24 -7.49
C THR A 29 0.93 11.90 -7.32
N CYS A 30 0.48 10.90 -8.07
CA CYS A 30 1.07 9.56 -8.00
C CYS A 30 2.51 9.58 -8.47
N LYS A 31 3.30 8.63 -7.96
CA LYS A 31 4.71 8.54 -8.32
C LYS A 31 4.93 7.43 -9.34
N GLY A 32 4.04 6.43 -9.33
CA GLY A 32 4.16 5.33 -10.26
C GLY A 32 3.96 5.76 -11.70
N CYS A 33 2.93 6.54 -11.94
CA CYS A 33 2.63 7.03 -13.29
C CYS A 33 2.94 8.52 -13.41
N MET A 34 3.32 9.14 -12.30
CA MET A 34 3.64 10.56 -12.28
C MET A 34 2.50 11.38 -12.89
N GLU A 35 1.28 11.04 -12.52
CA GLU A 35 0.11 11.76 -13.02
C GLU A 35 -0.78 12.24 -11.88
N LYS A 36 -1.34 13.43 -12.03
CA LYS A 36 -2.20 14.01 -11.02
C LYS A 36 -3.35 13.06 -10.67
N ILE A 37 -3.84 13.16 -9.44
CA ILE A 37 -4.92 12.31 -8.98
C ILE A 37 -6.26 13.04 -9.04
N GLU A 38 -7.21 12.47 -9.75
CA GLU A 38 -8.54 13.07 -9.89
C GLU A 38 -9.29 13.03 -8.57
N LYS A 39 -9.80 14.18 -8.14
CA LYS A 39 -10.55 14.28 -6.90
C LYS A 39 -11.78 13.37 -6.92
N GLY A 40 -12.06 12.74 -5.79
CA GLY A 40 -13.21 11.85 -5.71
C GLY A 40 -12.87 10.42 -6.05
N GLN A 41 -11.92 10.25 -6.96
CA GLN A 41 -11.50 8.92 -7.39
C GLN A 41 -10.80 8.18 -6.24
N VAL A 42 -11.08 6.88 -6.13
CA VAL A 42 -10.48 6.06 -5.08
C VAL A 42 -8.95 6.15 -5.13
N ARG A 43 -8.32 6.10 -3.95
CA ARG A 43 -6.88 6.16 -3.86
C ARG A 43 -6.38 5.44 -2.62
N LEU A 44 -5.08 5.16 -2.58
CA LEU A 44 -4.48 4.48 -1.44
C LEU A 44 -3.23 5.21 -0.96
N SER A 45 -2.87 4.98 0.30
CA SER A 45 -1.69 5.62 0.89
C SER A 45 -0.74 4.59 1.48
N LYS A 46 0.56 4.87 1.40
CA LYS A 46 1.57 3.97 1.92
C LYS A 46 2.65 4.74 2.66
N LYS A 47 2.75 4.51 3.98
CA LYS A 47 3.75 5.19 4.80
C LYS A 47 5.12 4.52 4.64
N MET A 48 6.11 5.32 4.24
CA MET A 48 7.47 4.81 4.06
C MET A 48 8.48 5.96 4.00
N VAL A 49 9.73 5.65 4.31
CA VAL A 49 10.78 6.65 4.28
C VAL A 49 11.35 6.82 2.88
N ASP A 50 11.54 8.08 2.47
CA ASP A 50 12.08 8.38 1.14
C ASP A 50 13.57 8.07 1.09
N PRO A 51 13.96 7.19 0.15
CA PRO A 51 15.35 6.80 -0.04
C PRO A 51 16.21 7.93 -0.60
N GLU A 52 15.58 8.84 -1.32
CA GLU A 52 16.28 9.98 -1.91
C GLU A 52 16.48 11.09 -0.89
N LYS A 53 15.43 11.35 -0.10
CA LYS A 53 15.49 12.38 0.92
C LYS A 53 15.28 11.79 2.31
N PRO A 54 16.37 11.25 2.90
CA PRO A 54 16.33 10.64 4.23
C PRO A 54 16.15 11.68 5.33
N GLN A 55 16.32 12.94 4.98
CA GLN A 55 16.18 14.03 5.95
C GLN A 55 14.73 14.14 6.42
N LEU A 56 13.79 14.04 5.48
CA LEU A 56 12.37 14.12 5.80
C LEU A 56 11.98 13.04 6.80
N GLY A 57 12.29 11.79 6.46
CA GLY A 57 11.95 10.68 7.34
C GLY A 57 10.65 10.01 6.96
N MET A 58 9.78 9.79 7.95
CA MET A 58 8.49 9.15 7.71
C MET A 58 7.58 10.06 6.91
N ILE A 59 7.13 9.58 5.76
CA ILE A 59 6.24 10.36 4.90
C ILE A 59 5.09 9.51 4.39
N ASP A 60 4.07 10.17 3.83
CA ASP A 60 2.90 9.47 3.30
C ASP A 60 2.77 9.70 1.80
N ARG A 61 2.76 8.61 1.04
CA ARG A 61 2.63 8.70 -0.41
C ARG A 61 1.26 8.21 -0.87
N TRP A 62 0.94 8.45 -2.13
CA TRP A 62 -0.33 8.03 -2.69
C TRP A 62 -0.14 7.36 -4.05
N TYR A 63 -1.06 6.46 -4.40
CA TYR A 63 -0.98 5.75 -5.67
C TYR A 63 -2.35 5.23 -6.08
N HIS A 64 -2.74 5.51 -7.32
CA HIS A 64 -4.03 5.08 -7.84
C HIS A 64 -4.22 3.57 -7.63
N PRO A 65 -5.49 3.17 -7.43
CA PRO A 65 -5.83 1.76 -7.21
C PRO A 65 -5.17 0.84 -8.24
N GLY A 66 -4.99 1.34 -9.45
CA GLY A 66 -4.37 0.54 -10.50
C GLY A 66 -2.87 0.42 -10.33
N CYS A 67 -2.26 1.45 -9.75
CA CYS A 67 -0.81 1.46 -9.53
C CYS A 67 -0.45 0.66 -8.30
N PHE A 68 -1.33 0.67 -7.30
CA PHE A 68 -1.09 -0.06 -6.06
C PHE A 68 -0.92 -1.55 -6.33
N VAL A 69 -1.63 -2.05 -7.34
CA VAL A 69 -1.55 -3.46 -7.71
C VAL A 69 -0.30 -3.74 -8.53
N LYS A 70 -0.10 -2.96 -9.58
CA LYS A 70 1.07 -3.12 -10.45
C LYS A 70 2.36 -3.05 -9.65
N ASN A 71 2.45 -2.06 -8.76
CA ASN A 71 3.63 -1.88 -7.93
C ASN A 71 3.42 -2.48 -6.55
N ARG A 72 2.54 -3.47 -6.47
CA ARG A 72 2.24 -4.13 -5.20
C ARG A 72 3.50 -4.80 -4.64
N GLU A 73 4.22 -5.52 -5.50
CA GLU A 73 5.43 -6.20 -5.08
C GLU A 73 6.58 -5.22 -4.89
N GLU A 74 6.77 -4.34 -5.87
CA GLU A 74 7.83 -3.35 -5.81
C GLU A 74 7.75 -2.54 -4.51
N LEU A 75 6.54 -2.12 -4.16
CA LEU A 75 6.33 -1.34 -2.94
C LEU A 75 6.57 -2.20 -1.70
N GLY A 76 6.19 -3.46 -1.79
CA GLY A 76 6.39 -4.37 -0.66
C GLY A 76 5.08 -4.69 0.04
N PHE A 77 4.04 -4.96 -0.73
CA PHE A 77 2.73 -5.28 -0.17
C PHE A 77 2.60 -6.78 0.05
N ARG A 78 2.73 -7.19 1.31
CA ARG A 78 2.63 -8.61 1.67
C ARG A 78 1.24 -9.15 1.33
N PRO A 79 1.16 -10.46 1.07
CA PRO A 79 -0.10 -11.13 0.73
C PRO A 79 -1.06 -11.21 1.92
N GLU A 80 -0.54 -10.90 3.10
CA GLU A 80 -1.35 -10.93 4.32
C GLU A 80 -2.23 -9.69 4.42
N TYR A 81 -1.91 -8.67 3.64
CA TYR A 81 -2.67 -7.44 3.64
C TYR A 81 -3.76 -7.46 2.57
N SER A 82 -4.98 -7.12 2.98
CA SER A 82 -6.11 -7.10 2.06
C SER A 82 -6.80 -5.74 2.06
N ALA A 83 -7.78 -5.57 1.17
CA ALA A 83 -8.51 -4.32 1.09
C ALA A 83 -9.35 -4.07 2.34
N SER A 84 -9.88 -5.15 2.91
CA SER A 84 -10.69 -5.04 4.12
C SER A 84 -9.94 -4.29 5.21
N GLN A 85 -8.63 -4.51 5.29
CA GLN A 85 -7.81 -3.85 6.29
C GLN A 85 -7.58 -2.39 5.93
N LEU A 86 -7.48 -2.11 4.64
CA LEU A 86 -7.25 -0.74 4.17
C LEU A 86 -8.29 0.21 4.76
N LYS A 87 -7.84 1.06 5.68
CA LYS A 87 -8.72 2.03 6.32
C LYS A 87 -9.62 2.72 5.29
N GLY A 88 -10.93 2.49 5.41
CA GLY A 88 -11.87 3.10 4.49
C GLY A 88 -12.68 2.06 3.73
N PHE A 89 -12.04 0.94 3.41
CA PHE A 89 -12.72 -0.12 2.67
C PHE A 89 -14.15 -0.33 3.18
N SER A 90 -14.26 -0.68 4.45
CA SER A 90 -15.57 -0.90 5.07
C SER A 90 -16.50 0.28 4.80
N LEU A 91 -15.92 1.46 4.62
CA LEU A 91 -16.70 2.67 4.36
C LEU A 91 -17.08 2.76 2.88
N LEU A 92 -16.15 2.38 2.02
CA LEU A 92 -16.38 2.43 0.58
C LEU A 92 -17.70 1.76 0.23
N ALA A 93 -18.35 2.25 -0.83
CA ALA A 93 -19.62 1.70 -1.28
C ALA A 93 -19.46 0.25 -1.74
N THR A 94 -20.34 -0.62 -1.28
CA THR A 94 -20.30 -2.03 -1.65
C THR A 94 -19.79 -2.21 -3.06
N GLU A 95 -20.56 -1.73 -4.04
CA GLU A 95 -20.19 -1.85 -5.44
C GLU A 95 -18.69 -1.64 -5.62
N ASP A 96 -18.15 -0.62 -4.98
CA ASP A 96 -16.73 -0.31 -5.06
C ASP A 96 -15.91 -1.34 -4.29
N LYS A 97 -16.29 -1.57 -3.04
CA LYS A 97 -15.59 -2.52 -2.19
C LYS A 97 -15.17 -3.75 -2.99
N GLU A 98 -16.15 -4.41 -3.59
CA GLU A 98 -15.88 -5.61 -4.39
C GLU A 98 -14.77 -5.35 -5.41
N ALA A 99 -14.90 -4.25 -6.15
CA ALA A 99 -13.92 -3.89 -7.15
C ALA A 99 -12.50 -4.05 -6.62
N LEU A 100 -12.26 -3.56 -5.42
CA LEU A 100 -10.95 -3.66 -4.78
C LEU A 100 -10.62 -5.11 -4.44
N LYS A 101 -11.57 -5.78 -3.79
CA LYS A 101 -11.38 -7.18 -3.41
C LYS A 101 -10.75 -7.98 -4.53
N LYS A 102 -11.31 -7.86 -5.73
CA LYS A 102 -10.81 -8.57 -6.89
C LYS A 102 -9.33 -8.26 -7.12
N GLN A 103 -9.01 -6.98 -7.20
CA GLN A 103 -7.63 -6.55 -7.41
C GLN A 103 -6.72 -7.10 -6.32
N LEU A 104 -7.11 -6.91 -5.07
CA LEU A 104 -6.32 -7.40 -3.95
C LEU A 104 -7.04 -8.53 -3.22
N PRO A 105 -6.91 -9.75 -3.76
CA PRO A 105 -7.54 -10.94 -3.19
C PRO A 105 -6.90 -11.36 -1.87
N GLY A 106 -5.84 -10.65 -1.48
CA GLY A 106 -5.16 -10.96 -0.24
C GLY A 106 -3.98 -11.89 -0.45
N VAL A 107 -4.18 -13.17 -0.10
CA VAL A 107 -3.12 -14.17 -0.25
C VAL A 107 -3.34 -15.01 -1.50
N LYS A 108 -2.26 -15.27 -2.22
CA LYS A 108 -2.33 -16.07 -3.44
C LYS A 108 -0.93 -16.42 -3.94
N SER A 109 -0.75 -17.67 -4.35
CA SER A 109 0.54 -18.13 -4.85
C SER A 109 0.38 -18.90 -6.15
N GLU A 110 0.84 -18.31 -7.26
CA GLU A 110 0.73 -18.94 -8.57
C GLU A 110 2.06 -19.58 -8.95
N GLY A 111 2.71 -20.21 -7.99
CA GLY A 111 3.99 -20.85 -8.25
C GLY A 111 5.17 -19.92 -8.07
N LYS A 112 5.14 -18.79 -8.75
CA LYS A 112 6.20 -17.81 -8.66
C LYS A 112 7.57 -18.48 -8.71
N ARG A 113 7.71 -19.49 -9.58
CA ARG A 113 8.95 -20.22 -9.71
C ARG A 113 9.78 -19.66 -10.87
N LYS A 114 10.80 -18.87 -10.54
CA LYS A 114 11.67 -18.28 -11.55
C LYS A 114 13.11 -18.68 -11.32
N GLY A 115 13.94 -18.50 -12.35
CA GLY A 115 15.35 -18.86 -12.25
C GLY A 115 16.05 -18.80 -13.59
N ASP A 116 16.63 -17.63 -13.90
CA ASP A 116 17.34 -17.46 -15.16
C ASP A 116 18.20 -16.19 -15.12
N GLU A 117 19.43 -16.31 -15.60
CA GLU A 117 20.36 -15.19 -15.61
C GLU A 117 21.44 -15.38 -16.68
N VAL A 118 22.31 -14.39 -16.80
CA VAL A 118 23.40 -14.45 -17.79
C VAL A 118 24.57 -13.58 -17.34
N ASP A 119 25.79 -14.09 -17.58
CA ASP A 119 27.00 -13.35 -17.22
C ASP A 119 28.15 -13.74 -18.12
N GLY A 120 29.12 -12.84 -18.25
CA GLY A 120 30.28 -13.10 -19.09
C GLY A 120 30.51 -12.02 -20.13
N VAL A 121 31.56 -11.23 -19.93
CA VAL A 121 31.89 -10.14 -20.85
C VAL A 121 33.38 -10.12 -21.17
N ASP A 122 33.70 -9.99 -22.46
CA ASP A 122 35.09 -9.95 -22.90
C ASP A 122 35.70 -8.59 -22.63
N GLU A 123 36.97 -8.58 -22.22
CA GLU A 123 37.67 -7.34 -21.92
C GLU A 123 39.06 -7.33 -22.57
N VAL A 124 39.49 -6.16 -23.02
CA VAL A 124 40.80 -6.02 -23.65
C VAL A 124 41.90 -5.86 -22.61
N ALA A 125 43.01 -6.56 -22.82
CA ALA A 125 44.14 -6.48 -21.91
C ALA A 125 45.39 -5.97 -22.60
N LYS A 126 45.60 -4.66 -22.55
CA LYS A 126 46.76 -4.04 -23.18
C LYS A 126 47.50 -3.14 -22.19
N LYS A 127 48.76 -2.86 -22.49
CA LYS A 127 49.58 -2.01 -21.63
C LYS A 127 50.19 -0.86 -22.43
N LYS A 128 50.39 0.28 -21.77
CA LYS A 128 50.98 1.44 -22.41
C LYS A 128 52.48 1.50 -22.17
N SER A 129 53.19 2.19 -23.06
CA SER A 129 54.64 2.32 -22.95
C SER A 129 55.05 3.78 -22.86
N GLY A 130 56.33 4.02 -22.64
CA GLY A 130 56.83 5.38 -22.53
C GLY A 130 57.97 5.67 -23.49
N PRO A 131 57.65 6.36 -24.59
CA PRO A 131 58.64 6.70 -25.62
C PRO A 131 59.64 7.76 -25.14
N SER A 132 60.49 8.22 -26.04
CA SER A 132 61.50 9.21 -25.71
C SER A 132 61.16 10.55 -26.34
N SER A 133 62.01 11.55 -26.08
CA SER A 133 61.81 12.89 -26.63
C SER A 133 63.14 13.55 -26.98
N GLY A 134 63.13 14.38 -28.01
CA GLY A 134 64.34 15.07 -28.41
C GLY A 134 64.49 16.43 -27.77
N GLY A 1 -0.45 29.91 10.15
CA GLY A 1 -1.00 28.56 10.04
C GLY A 1 -0.80 27.74 11.29
N SER A 2 -1.76 26.87 11.58
CA SER A 2 -1.68 26.02 12.76
C SER A 2 -2.48 24.74 12.56
N SER A 3 -2.06 23.68 13.24
CA SER A 3 -2.74 22.38 13.13
C SER A 3 -2.33 21.47 14.29
N GLY A 4 -3.06 20.35 14.43
CA GLY A 4 -2.77 19.41 15.49
C GLY A 4 -3.70 18.22 15.47
N SER A 5 -3.19 17.06 15.85
CA SER A 5 -3.97 15.84 15.88
C SER A 5 -3.29 14.76 16.72
N SER A 6 -4.10 13.93 17.38
CA SER A 6 -3.57 12.86 18.21
C SER A 6 -4.55 11.70 18.29
N GLY A 7 -4.10 10.58 18.85
CA GLY A 7 -4.95 9.41 18.98
C GLY A 7 -4.29 8.30 19.76
N GLY A 8 -5.10 7.45 20.39
CA GLY A 8 -4.57 6.35 21.17
C GLY A 8 -5.50 5.16 21.18
N SER A 9 -5.31 4.26 20.22
CA SER A 9 -6.14 3.06 20.12
C SER A 9 -5.34 1.81 20.48
N LYS A 10 -5.86 1.02 21.40
CA LYS A 10 -5.20 -0.20 21.83
C LYS A 10 -5.46 -1.34 20.85
N ALA A 11 -6.71 -1.48 20.43
CA ALA A 11 -7.08 -2.52 19.48
C ALA A 11 -7.91 -1.95 18.33
N GLU A 12 -7.37 -2.08 17.12
CA GLU A 12 -8.06 -1.58 15.94
C GLU A 12 -8.11 -2.64 14.85
N LYS A 13 -7.08 -3.46 14.77
CA LYS A 13 -7.02 -4.53 13.77
C LYS A 13 -7.09 -3.96 12.36
N THR A 14 -6.24 -2.97 12.08
CA THR A 14 -6.21 -2.34 10.77
C THR A 14 -4.80 -1.87 10.41
N LEU A 15 -4.45 -1.96 9.14
CA LEU A 15 -3.14 -1.55 8.67
C LEU A 15 -3.02 -0.03 8.63
N GLY A 16 -2.16 0.52 9.48
CA GLY A 16 -1.98 1.96 9.52
C GLY A 16 -1.18 2.48 8.34
N ASP A 17 -0.19 1.70 7.91
CA ASP A 17 0.65 2.09 6.78
C ASP A 17 -0.19 2.23 5.50
N PHE A 18 -1.11 1.29 5.30
CA PHE A 18 -1.97 1.31 4.12
C PHE A 18 -3.36 1.83 4.47
N ALA A 19 -3.80 2.84 3.73
CA ALA A 19 -5.12 3.43 3.97
C ALA A 19 -5.88 3.62 2.66
N ALA A 20 -7.17 3.33 2.68
CA ALA A 20 -8.01 3.47 1.49
C ALA A 20 -9.23 4.32 1.78
N GLU A 21 -9.40 5.39 1.01
CA GLU A 21 -10.54 6.29 1.18
C GLU A 21 -10.71 7.18 -0.04
N TYR A 22 -11.85 7.88 -0.10
CA TYR A 22 -12.13 8.77 -1.22
C TYR A 22 -11.17 9.95 -1.24
N ALA A 23 -10.51 10.15 -2.38
CA ALA A 23 -9.56 11.25 -2.53
C ALA A 23 -10.17 12.57 -2.06
N LYS A 24 -9.67 13.09 -0.96
CA LYS A 24 -10.16 14.35 -0.41
C LYS A 24 -10.00 15.48 -1.42
N SER A 25 -8.80 15.62 -1.97
CA SER A 25 -8.51 16.65 -2.95
C SER A 25 -7.79 16.08 -4.17
N ASN A 26 -8.01 16.70 -5.32
CA ASN A 26 -7.39 16.24 -6.56
C ASN A 26 -5.98 16.82 -6.69
N ARG A 27 -5.25 16.88 -5.58
CA ARG A 27 -3.90 17.42 -5.57
C ARG A 27 -2.87 16.29 -5.68
N SER A 28 -2.95 15.34 -4.75
CA SER A 28 -2.03 14.22 -4.72
C SER A 28 -1.81 13.66 -6.13
N THR A 29 -0.55 13.45 -6.49
CA THR A 29 -0.20 12.93 -7.80
C THR A 29 0.55 11.61 -7.69
N CYS A 30 0.06 10.59 -8.39
CA CYS A 30 0.68 9.27 -8.37
C CYS A 30 2.10 9.34 -8.89
N LYS A 31 2.93 8.38 -8.48
CA LYS A 31 4.32 8.33 -8.90
C LYS A 31 4.52 7.27 -9.98
N GLY A 32 3.66 6.26 -9.98
CA GLY A 32 3.75 5.20 -10.97
C GLY A 32 3.45 5.69 -12.37
N CYS A 33 2.32 6.38 -12.53
CA CYS A 33 1.91 6.89 -13.83
C CYS A 33 2.23 8.38 -13.95
N MET A 34 2.41 9.03 -12.81
CA MET A 34 2.72 10.46 -12.78
C MET A 34 1.57 11.28 -13.34
N GLU A 35 0.36 11.03 -12.83
CA GLU A 35 -0.82 11.75 -13.28
C GLU A 35 -1.64 12.25 -12.09
N LYS A 36 -2.13 13.47 -12.19
CA LYS A 36 -2.93 14.07 -11.12
C LYS A 36 -4.09 13.16 -10.74
N ILE A 37 -4.37 13.08 -9.44
CA ILE A 37 -5.46 12.24 -8.94
C ILE A 37 -6.76 13.04 -8.86
N GLU A 38 -7.86 12.38 -9.26
CA GLU A 38 -9.17 13.02 -9.23
C GLU A 38 -9.71 13.09 -7.79
N LYS A 39 -10.56 14.08 -7.54
CA LYS A 39 -11.15 14.26 -6.22
C LYS A 39 -12.37 13.34 -6.04
N GLY A 40 -12.25 12.38 -5.13
CA GLY A 40 -13.33 11.46 -4.88
C GLY A 40 -13.00 10.04 -5.28
N GLN A 41 -12.31 9.89 -6.41
CA GLN A 41 -11.93 8.56 -6.90
C GLN A 41 -11.11 7.82 -5.86
N VAL A 42 -11.49 6.57 -5.59
CA VAL A 42 -10.77 5.76 -4.62
C VAL A 42 -9.26 5.90 -4.77
N ARG A 43 -8.56 5.98 -3.64
CA ARG A 43 -7.11 6.11 -3.66
C ARG A 43 -6.47 5.26 -2.57
N LEU A 44 -5.14 5.18 -2.59
CA LEU A 44 -4.41 4.39 -1.61
C LEU A 44 -3.07 5.04 -1.29
N SER A 45 -2.72 5.08 -0.01
CA SER A 45 -1.46 5.66 0.43
C SER A 45 -0.57 4.61 1.09
N LYS A 46 0.73 4.69 0.80
CA LYS A 46 1.69 3.75 1.38
C LYS A 46 2.71 4.48 2.25
N LYS A 47 3.12 3.81 3.33
CA LYS A 47 4.09 4.40 4.25
C LYS A 47 5.35 3.53 4.34
N MET A 48 6.40 3.96 3.65
CA MET A 48 7.66 3.23 3.66
C MET A 48 8.83 4.16 3.36
N VAL A 49 10.04 3.62 3.44
CA VAL A 49 11.25 4.40 3.19
C VAL A 49 11.75 4.18 1.77
N ASP A 50 11.98 5.28 1.06
CA ASP A 50 12.47 5.21 -0.32
C ASP A 50 13.99 5.03 -0.35
N PRO A 51 14.45 4.02 -1.11
CA PRO A 51 15.88 3.72 -1.24
C PRO A 51 16.62 4.79 -2.04
N GLU A 52 15.87 5.68 -2.67
CA GLU A 52 16.46 6.75 -3.46
C GLU A 52 16.77 7.97 -2.58
N LYS A 53 15.85 8.30 -1.70
CA LYS A 53 16.01 9.44 -0.81
C LYS A 53 15.78 9.03 0.65
N PRO A 54 16.84 8.50 1.29
CA PRO A 54 16.77 8.06 2.69
C PRO A 54 16.65 9.22 3.66
N GLN A 55 17.28 10.34 3.30
CA GLN A 55 17.24 11.53 4.15
C GLN A 55 15.82 11.83 4.62
N LEU A 56 14.85 11.46 3.80
CA LEU A 56 13.44 11.69 4.14
C LEU A 56 12.94 10.63 5.13
N GLY A 57 13.30 9.38 4.88
CA GLY A 57 12.88 8.31 5.76
C GLY A 57 11.44 7.90 5.53
N MET A 58 10.63 7.96 6.59
CA MET A 58 9.23 7.60 6.50
C MET A 58 8.45 8.62 5.67
N ILE A 59 7.95 8.18 4.53
CA ILE A 59 7.19 9.04 3.64
C ILE A 59 5.82 8.46 3.33
N ASP A 60 4.93 9.30 2.82
CA ASP A 60 3.58 8.86 2.48
C ASP A 60 3.20 9.29 1.07
N ARG A 61 3.08 8.32 0.16
CA ARG A 61 2.73 8.60 -1.22
C ARG A 61 1.32 8.11 -1.54
N TRP A 62 0.89 8.28 -2.78
CA TRP A 62 -0.43 7.86 -3.21
C TRP A 62 -0.37 7.21 -4.60
N TYR A 63 -1.08 6.11 -4.76
CA TYR A 63 -1.12 5.40 -6.03
C TYR A 63 -2.51 4.85 -6.33
N HIS A 64 -3.04 5.19 -7.49
CA HIS A 64 -4.37 4.73 -7.89
C HIS A 64 -4.50 3.23 -7.71
N PRO A 65 -5.75 2.76 -7.53
CA PRO A 65 -6.04 1.34 -7.34
C PRO A 65 -5.34 0.46 -8.37
N GLY A 66 -5.27 0.93 -9.60
CA GLY A 66 -4.62 0.18 -10.66
C GLY A 66 -3.12 0.12 -10.49
N CYS A 67 -2.53 1.23 -10.08
CA CYS A 67 -1.08 1.30 -9.88
C CYS A 67 -0.67 0.51 -8.64
N PHE A 68 -1.47 0.63 -7.59
CA PHE A 68 -1.19 -0.07 -6.34
C PHE A 68 -0.88 -1.55 -6.60
N VAL A 69 -1.66 -2.17 -7.47
CA VAL A 69 -1.48 -3.58 -7.80
C VAL A 69 -0.16 -3.79 -8.54
N LYS A 70 0.08 -2.97 -9.57
CA LYS A 70 1.29 -3.07 -10.37
C LYS A 70 2.53 -2.97 -9.48
N ASN A 71 2.54 -1.99 -8.59
CA ASN A 71 3.66 -1.78 -7.68
C ASN A 71 3.35 -2.36 -6.30
N ARG A 72 2.57 -3.44 -6.26
CA ARG A 72 2.19 -4.07 -5.01
C ARG A 72 3.42 -4.73 -4.35
N GLU A 73 4.36 -5.16 -5.18
CA GLU A 73 5.57 -5.81 -4.68
C GLU A 73 6.65 -4.78 -4.38
N GLU A 74 6.91 -3.90 -5.34
CA GLU A 74 7.92 -2.86 -5.17
C GLU A 74 7.67 -2.05 -3.91
N LEU A 75 6.40 -1.71 -3.67
CA LEU A 75 6.03 -0.93 -2.49
C LEU A 75 6.24 -1.74 -1.21
N GLY A 76 6.06 -3.06 -1.32
CA GLY A 76 6.23 -3.92 -0.17
C GLY A 76 4.91 -4.40 0.40
N PHE A 77 3.99 -4.77 -0.48
CA PHE A 77 2.68 -5.25 -0.05
C PHE A 77 2.67 -6.76 0.10
N ARG A 78 2.62 -7.22 1.35
CA ARG A 78 2.62 -8.65 1.63
C ARG A 78 1.26 -9.27 1.30
N PRO A 79 1.25 -10.58 1.06
CA PRO A 79 0.01 -11.32 0.73
C PRO A 79 -0.92 -11.44 1.92
N GLU A 80 -0.40 -11.20 3.12
CA GLU A 80 -1.18 -11.27 4.34
C GLU A 80 -2.15 -10.09 4.43
N TYR A 81 -1.82 -9.00 3.74
CA TYR A 81 -2.65 -7.81 3.75
C TYR A 81 -3.74 -7.90 2.69
N SER A 82 -4.95 -7.45 3.05
CA SER A 82 -6.08 -7.49 2.12
C SER A 82 -6.78 -6.13 2.09
N ALA A 83 -7.72 -5.99 1.16
CA ALA A 83 -8.46 -4.75 1.02
C ALA A 83 -9.28 -4.45 2.27
N SER A 84 -9.76 -5.51 2.93
CA SER A 84 -10.54 -5.35 4.15
C SER A 84 -9.70 -4.76 5.28
N GLN A 85 -8.42 -5.09 5.27
CA GLN A 85 -7.51 -4.60 6.30
C GLN A 85 -7.22 -3.12 6.11
N LEU A 86 -7.24 -2.68 4.86
CA LEU A 86 -6.98 -1.27 4.54
C LEU A 86 -7.86 -0.35 5.37
N LYS A 87 -7.24 0.64 6.00
CA LYS A 87 -7.96 1.59 6.84
C LYS A 87 -8.96 2.40 6.01
N GLY A 88 -10.24 2.11 6.20
CA GLY A 88 -11.27 2.82 5.46
C GLY A 88 -11.86 1.98 4.34
N PHE A 89 -11.93 0.68 4.55
CA PHE A 89 -12.46 -0.23 3.54
C PHE A 89 -13.99 -0.26 3.59
N SER A 90 -14.53 -0.42 4.80
CA SER A 90 -15.98 -0.47 4.99
C SER A 90 -16.63 0.82 4.50
N LEU A 91 -15.92 1.94 4.64
CA LEU A 91 -16.43 3.22 4.22
C LEU A 91 -16.72 3.23 2.73
N LEU A 92 -15.89 2.54 1.96
CA LEU A 92 -16.06 2.46 0.52
C LEU A 92 -17.49 2.08 0.15
N ALA A 93 -17.80 2.13 -1.13
CA ALA A 93 -19.14 1.80 -1.61
C ALA A 93 -19.23 0.32 -1.97
N THR A 94 -20.27 -0.35 -1.49
CA THR A 94 -20.48 -1.76 -1.76
C THR A 94 -19.99 -2.14 -3.15
N GLU A 95 -20.12 -1.20 -4.09
CA GLU A 95 -19.69 -1.43 -5.47
C GLU A 95 -18.18 -1.32 -5.58
N ASP A 96 -17.61 -0.26 -5.02
CA ASP A 96 -16.17 -0.05 -5.05
C ASP A 96 -15.43 -1.15 -4.31
N LYS A 97 -15.97 -1.54 -3.15
CA LYS A 97 -15.36 -2.59 -2.35
C LYS A 97 -14.95 -3.78 -3.20
N GLU A 98 -15.93 -4.36 -3.90
CA GLU A 98 -15.67 -5.51 -4.77
C GLU A 98 -14.52 -5.22 -5.72
N ALA A 99 -14.57 -4.04 -6.34
CA ALA A 99 -13.53 -3.64 -7.29
C ALA A 99 -12.14 -3.87 -6.71
N LEU A 100 -11.97 -3.56 -5.43
CA LEU A 100 -10.70 -3.72 -4.76
C LEU A 100 -10.46 -5.19 -4.39
N LYS A 101 -11.54 -5.89 -4.07
CA LYS A 101 -11.47 -7.30 -3.71
C LYS A 101 -11.02 -8.15 -4.89
N LYS A 102 -11.53 -7.83 -6.08
CA LYS A 102 -11.18 -8.56 -7.29
C LYS A 102 -9.72 -8.33 -7.66
N GLN A 103 -9.17 -7.20 -7.22
CA GLN A 103 -7.79 -6.87 -7.50
C GLN A 103 -6.85 -7.46 -6.44
N LEU A 104 -7.24 -7.33 -5.18
CA LEU A 104 -6.45 -7.85 -4.07
C LEU A 104 -7.14 -9.03 -3.41
N PRO A 105 -6.88 -10.24 -3.93
CA PRO A 105 -7.47 -11.48 -3.40
C PRO A 105 -6.93 -11.84 -2.03
N GLY A 106 -5.86 -11.16 -1.63
CA GLY A 106 -5.26 -11.42 -0.33
C GLY A 106 -4.07 -12.37 -0.42
N VAL A 107 -4.03 -13.36 0.46
CA VAL A 107 -2.95 -14.33 0.48
C VAL A 107 -2.51 -14.69 -0.93
N LYS A 108 -1.28 -15.17 -1.07
CA LYS A 108 -0.74 -15.55 -2.37
C LYS A 108 -0.44 -17.05 -2.42
N SER A 109 -1.31 -17.79 -3.08
CA SER A 109 -1.14 -19.24 -3.21
C SER A 109 -0.83 -19.64 -4.64
N GLU A 110 -0.27 -20.83 -4.81
CA GLU A 110 0.07 -21.32 -6.14
C GLU A 110 1.20 -20.49 -6.76
N GLY A 111 2.22 -20.20 -5.96
CA GLY A 111 3.34 -19.41 -6.44
C GLY A 111 4.64 -19.81 -5.77
N LYS A 112 5.71 -19.06 -6.07
CA LYS A 112 7.02 -19.33 -5.51
C LYS A 112 7.14 -18.71 -4.11
N ARG A 113 8.06 -19.25 -3.32
CA ARG A 113 8.28 -18.75 -1.96
C ARG A 113 9.72 -18.27 -1.79
N LYS A 114 9.90 -17.29 -0.92
CA LYS A 114 11.23 -16.73 -0.65
C LYS A 114 11.23 -15.89 0.62
N GLY A 115 12.28 -16.02 1.41
CA GLY A 115 12.38 -15.27 2.65
C GLY A 115 13.59 -15.66 3.47
N ASP A 116 13.39 -15.85 4.77
CA ASP A 116 14.48 -16.23 5.67
C ASP A 116 13.94 -16.72 7.00
N GLU A 117 14.11 -18.00 7.27
CA GLU A 117 13.64 -18.60 8.51
C GLU A 117 14.72 -18.54 9.59
N VAL A 118 14.70 -17.47 10.37
CA VAL A 118 15.68 -17.29 11.44
C VAL A 118 15.17 -17.88 12.76
N ASP A 119 16.07 -18.55 13.47
CA ASP A 119 15.72 -19.17 14.75
C ASP A 119 16.91 -19.20 15.69
N GLY A 120 16.67 -18.89 16.96
CA GLY A 120 17.73 -18.88 17.94
C GLY A 120 17.55 -17.81 19.00
N VAL A 121 18.62 -17.50 19.72
CA VAL A 121 18.57 -16.49 20.77
C VAL A 121 17.54 -16.84 21.84
N ASP A 122 17.60 -18.08 22.33
CA ASP A 122 16.67 -18.54 23.34
C ASP A 122 17.20 -18.23 24.74
N GLU A 123 16.48 -17.38 25.47
CA GLU A 123 16.88 -17.00 26.82
C GLU A 123 15.98 -17.66 27.85
N VAL A 124 15.72 -18.95 27.67
CA VAL A 124 14.88 -19.70 28.59
C VAL A 124 13.78 -18.82 29.17
N ALA A 125 13.01 -18.18 28.30
CA ALA A 125 11.92 -17.31 28.73
C ALA A 125 10.78 -18.12 29.32
N LYS A 126 10.28 -17.67 30.47
CA LYS A 126 9.17 -18.35 31.13
C LYS A 126 7.91 -18.32 30.28
N LYS A 127 6.99 -19.24 30.56
CA LYS A 127 5.73 -19.31 29.81
C LYS A 127 4.64 -19.96 30.65
N LYS A 128 3.39 -19.77 30.24
CA LYS A 128 2.25 -20.34 30.96
C LYS A 128 1.16 -20.75 29.98
N SER A 129 0.33 -21.70 30.40
CA SER A 129 -0.77 -22.19 29.57
C SER A 129 -1.77 -22.98 30.40
N GLY A 130 -2.90 -23.32 29.78
CA GLY A 130 -3.92 -24.09 30.48
C GLY A 130 -4.72 -24.98 29.55
N PRO A 131 -5.29 -26.06 30.10
CA PRO A 131 -6.08 -27.01 29.33
C PRO A 131 -7.41 -26.43 28.85
N SER A 132 -8.16 -25.83 29.80
CA SER A 132 -9.44 -25.24 29.47
C SER A 132 -10.30 -26.19 28.64
N SER A 133 -10.27 -27.46 29.01
CA SER A 133 -11.04 -28.47 28.29
C SER A 133 -12.41 -28.70 28.95
N GLY A 134 -13.35 -29.23 28.19
CA GLY A 134 -14.67 -29.48 28.71
C GLY A 134 -14.92 -30.95 29.00
N GLY A 1 14.15 20.78 3.76
CA GLY A 1 13.98 20.52 5.18
C GLY A 1 12.56 20.78 5.64
N SER A 2 11.81 19.72 5.93
CA SER A 2 10.44 19.84 6.39
C SER A 2 10.22 19.09 7.70
N SER A 3 9.15 19.43 8.39
CA SER A 3 8.83 18.78 9.67
C SER A 3 7.33 18.61 9.83
N GLY A 4 6.93 17.62 10.62
CA GLY A 4 5.52 17.36 10.85
C GLY A 4 5.20 15.88 10.94
N SER A 5 5.12 15.37 12.16
CA SER A 5 4.83 13.97 12.39
C SER A 5 3.70 13.80 13.41
N SER A 6 2.81 12.86 13.13
CA SER A 6 1.68 12.60 14.02
C SER A 6 1.25 11.14 13.96
N GLY A 7 1.10 10.52 15.12
CA GLY A 7 0.69 9.12 15.17
C GLY A 7 -0.69 8.94 15.77
N GLY A 8 -0.81 7.98 16.69
CA GLY A 8 -2.08 7.71 17.32
C GLY A 8 -2.22 6.27 17.79
N SER A 9 -2.97 6.07 18.86
CA SER A 9 -3.17 4.73 19.40
C SER A 9 -4.58 4.23 19.10
N LYS A 10 -4.67 3.03 18.54
CA LYS A 10 -5.96 2.43 18.20
C LYS A 10 -5.90 0.91 18.33
N ALA A 11 -6.80 0.36 19.14
CA ALA A 11 -6.86 -1.08 19.34
C ALA A 11 -7.80 -1.74 18.34
N GLU A 12 -7.34 -1.88 17.10
CA GLU A 12 -8.15 -2.49 16.06
C GLU A 12 -7.26 -3.26 15.06
N LYS A 13 -7.88 -4.16 14.32
CA LYS A 13 -7.16 -4.96 13.34
C LYS A 13 -7.16 -4.29 11.97
N THR A 14 -6.23 -3.35 11.77
CA THR A 14 -6.13 -2.64 10.52
C THR A 14 -4.70 -2.19 10.25
N LEU A 15 -4.30 -2.22 8.97
CA LEU A 15 -2.96 -1.82 8.59
C LEU A 15 -2.86 -0.30 8.44
N GLY A 16 -2.40 0.37 9.50
CA GLY A 16 -2.28 1.81 9.45
C GLY A 16 -1.46 2.29 8.27
N ASP A 17 -0.23 1.79 8.16
CA ASP A 17 0.65 2.17 7.06
C ASP A 17 -0.15 2.42 5.79
N PHE A 18 -1.09 1.53 5.49
CA PHE A 18 -1.91 1.66 4.30
C PHE A 18 -3.30 2.20 4.66
N ALA A 19 -3.88 2.95 3.73
CA ALA A 19 -5.20 3.52 3.94
C ALA A 19 -5.92 3.77 2.61
N ALA A 20 -7.22 3.49 2.59
CA ALA A 20 -8.02 3.68 1.38
C ALA A 20 -9.22 4.59 1.65
N GLU A 21 -9.45 5.53 0.74
CA GLU A 21 -10.55 6.46 0.88
C GLU A 21 -10.71 7.33 -0.37
N TYR A 22 -11.84 8.03 -0.47
CA TYR A 22 -12.10 8.89 -1.62
C TYR A 22 -11.20 10.12 -1.59
N ALA A 23 -10.48 10.34 -2.69
CA ALA A 23 -9.58 11.49 -2.79
C ALA A 23 -10.29 12.78 -2.38
N LYS A 24 -9.59 13.61 -1.60
CA LYS A 24 -10.15 14.87 -1.13
C LYS A 24 -10.02 15.95 -2.19
N SER A 25 -8.80 16.14 -2.70
CA SER A 25 -8.55 17.15 -3.71
C SER A 25 -7.74 16.56 -4.87
N ASN A 26 -7.91 17.12 -6.06
CA ASN A 26 -7.20 16.65 -7.24
C ASN A 26 -5.79 17.23 -7.29
N ARG A 27 -5.07 17.13 -6.18
CA ARG A 27 -3.72 17.63 -6.09
C ARG A 27 -2.69 16.50 -6.16
N SER A 28 -2.71 15.63 -5.15
CA SER A 28 -1.80 14.51 -5.10
C SER A 28 -1.54 13.95 -6.50
N THR A 29 -0.31 13.48 -6.73
CA THR A 29 0.06 12.93 -8.02
C THR A 29 0.80 11.61 -7.86
N CYS A 30 0.33 10.57 -8.55
CA CYS A 30 0.95 9.26 -8.49
C CYS A 30 2.38 9.31 -9.00
N LYS A 31 3.20 8.38 -8.50
CA LYS A 31 4.61 8.31 -8.91
C LYS A 31 4.81 7.22 -9.96
N GLY A 32 4.04 6.15 -9.86
CA GLY A 32 4.16 5.06 -10.80
C GLY A 32 3.90 5.50 -12.23
N CYS A 33 2.73 6.09 -12.46
CA CYS A 33 2.36 6.55 -13.79
C CYS A 33 2.64 8.05 -13.94
N MET A 34 3.05 8.68 -12.85
CA MET A 34 3.36 10.10 -12.86
C MET A 34 2.21 10.91 -13.45
N GLU A 35 1.00 10.68 -12.93
CA GLU A 35 -0.18 11.38 -13.40
C GLU A 35 -1.01 11.89 -12.23
N LYS A 36 -1.65 13.04 -12.42
CA LYS A 36 -2.48 13.64 -11.38
C LYS A 36 -3.59 12.69 -10.94
N ILE A 37 -4.13 12.91 -9.75
CA ILE A 37 -5.18 12.07 -9.22
C ILE A 37 -6.52 12.81 -9.21
N GLU A 38 -7.54 12.19 -9.80
CA GLU A 38 -8.87 12.79 -9.85
C GLU A 38 -9.47 12.91 -8.46
N LYS A 39 -10.15 14.03 -8.22
CA LYS A 39 -10.78 14.27 -6.92
C LYS A 39 -11.97 13.35 -6.71
N GLY A 40 -11.85 12.45 -5.73
CA GLY A 40 -12.93 11.53 -5.44
C GLY A 40 -12.56 10.09 -5.78
N GLN A 41 -11.94 9.89 -6.93
CA GLN A 41 -11.54 8.55 -7.37
C GLN A 41 -10.78 7.83 -6.26
N VAL A 42 -11.20 6.60 -5.96
CA VAL A 42 -10.57 5.80 -4.93
C VAL A 42 -9.04 5.91 -5.01
N ARG A 43 -8.41 6.14 -3.86
CA ARG A 43 -6.96 6.27 -3.80
C ARG A 43 -6.39 5.41 -2.67
N LEU A 44 -5.06 5.38 -2.57
CA LEU A 44 -4.39 4.59 -1.54
C LEU A 44 -3.11 5.29 -1.09
N SER A 45 -2.85 5.27 0.22
CA SER A 45 -1.66 5.89 0.78
C SER A 45 -0.82 4.86 1.54
N LYS A 46 0.48 5.12 1.60
CA LYS A 46 1.39 4.22 2.30
C LYS A 46 2.42 5.01 3.10
N LYS A 47 2.32 4.95 4.42
CA LYS A 47 3.24 5.66 5.29
C LYS A 47 4.54 4.87 5.47
N MET A 48 5.65 5.45 5.02
CA MET A 48 6.95 4.81 5.14
C MET A 48 8.07 5.82 4.93
N VAL A 49 9.26 5.48 5.41
CA VAL A 49 10.42 6.35 5.29
C VAL A 49 11.18 6.08 3.99
N ASP A 50 11.62 7.14 3.34
CA ASP A 50 12.36 7.02 2.08
C ASP A 50 13.83 6.74 2.35
N PRO A 51 14.33 5.63 1.80
CA PRO A 51 15.73 5.21 1.97
C PRO A 51 16.70 6.14 1.21
N GLU A 52 16.17 6.88 0.24
CA GLU A 52 16.98 7.79 -0.55
C GLU A 52 17.09 9.14 0.14
N LYS A 53 16.00 9.60 0.73
CA LYS A 53 15.97 10.88 1.42
C LYS A 53 15.56 10.71 2.89
N PRO A 54 16.51 10.24 3.71
CA PRO A 54 16.26 10.01 5.14
C PRO A 54 16.10 11.32 5.91
N GLN A 55 16.29 12.44 5.22
CA GLN A 55 16.17 13.75 5.84
C GLN A 55 14.72 14.03 6.22
N LEU A 56 13.80 13.70 5.34
CA LEU A 56 12.37 13.92 5.58
C LEU A 56 11.87 13.00 6.69
N GLY A 57 12.08 11.70 6.52
CA GLY A 57 11.64 10.74 7.51
C GLY A 57 10.32 10.09 7.15
N MET A 58 9.31 10.33 7.98
CA MET A 58 7.98 9.77 7.74
C MET A 58 7.22 10.58 6.69
N ILE A 59 6.97 9.97 5.55
CA ILE A 59 6.25 10.63 4.46
C ILE A 59 5.07 9.79 3.99
N ASP A 60 4.12 10.44 3.34
CA ASP A 60 2.93 9.76 2.83
C ASP A 60 2.84 9.89 1.32
N ARG A 61 2.68 8.77 0.63
CA ARG A 61 2.58 8.76 -0.83
C ARG A 61 1.19 8.31 -1.27
N TRP A 62 0.93 8.39 -2.57
CA TRP A 62 -0.35 7.99 -3.12
C TRP A 62 -0.17 7.23 -4.43
N TYR A 63 -1.05 6.26 -4.68
CA TYR A 63 -0.98 5.46 -5.90
C TYR A 63 -2.36 4.91 -6.25
N HIS A 64 -2.78 5.17 -7.48
CA HIS A 64 -4.08 4.70 -7.96
C HIS A 64 -4.22 3.20 -7.75
N PRO A 65 -5.46 2.73 -7.58
CA PRO A 65 -5.77 1.32 -7.36
C PRO A 65 -5.06 0.42 -8.37
N GLY A 66 -5.05 0.84 -9.63
CA GLY A 66 -4.41 0.06 -10.67
C GLY A 66 -2.90 -0.01 -10.49
N CYS A 67 -2.30 1.11 -10.09
CA CYS A 67 -0.86 1.17 -9.88
C CYS A 67 -0.45 0.36 -8.65
N PHE A 68 -1.27 0.43 -7.61
CA PHE A 68 -0.99 -0.29 -6.37
C PHE A 68 -0.77 -1.77 -6.64
N VAL A 69 -1.62 -2.36 -7.48
CA VAL A 69 -1.51 -3.77 -7.82
C VAL A 69 -0.24 -4.05 -8.61
N LYS A 70 -0.05 -3.31 -9.70
CA LYS A 70 1.13 -3.47 -10.54
C LYS A 70 2.40 -3.52 -9.69
N ASN A 71 2.57 -2.51 -8.85
CA ASN A 71 3.74 -2.43 -7.98
C ASN A 71 3.41 -2.92 -6.57
N ARG A 72 2.51 -3.88 -6.48
CA ARG A 72 2.10 -4.44 -5.20
C ARG A 72 3.30 -5.05 -4.46
N GLU A 73 4.11 -5.81 -5.19
CA GLU A 73 5.28 -6.45 -4.62
C GLU A 73 6.41 -5.44 -4.40
N GLU A 74 6.65 -4.62 -5.42
CA GLU A 74 7.70 -3.61 -5.35
C GLU A 74 7.46 -2.66 -4.17
N LEU A 75 6.23 -2.19 -4.05
CA LEU A 75 5.87 -1.27 -2.98
C LEU A 75 6.10 -1.91 -1.61
N GLY A 76 5.88 -3.22 -1.54
CA GLY A 76 6.06 -3.94 -0.30
C GLY A 76 4.75 -4.36 0.33
N PHE A 77 3.84 -4.87 -0.50
CA PHE A 77 2.54 -5.31 -0.01
C PHE A 77 2.49 -6.84 0.14
N ARG A 78 2.76 -7.31 1.36
CA ARG A 78 2.76 -8.73 1.65
C ARG A 78 1.60 -9.43 0.93
N PRO A 79 1.76 -10.74 0.66
CA PRO A 79 0.74 -11.53 -0.02
C PRO A 79 -0.49 -11.77 0.86
N GLU A 80 -0.28 -11.78 2.17
CA GLU A 80 -1.37 -12.00 3.11
C GLU A 80 -2.13 -10.70 3.38
N TYR A 81 -2.00 -9.75 2.45
CA TYR A 81 -2.67 -8.45 2.59
C TYR A 81 -3.84 -8.35 1.63
N SER A 82 -4.97 -7.82 2.12
CA SER A 82 -6.17 -7.66 1.31
C SER A 82 -6.73 -6.25 1.45
N ALA A 83 -7.71 -5.94 0.61
CA ALA A 83 -8.35 -4.63 0.63
C ALA A 83 -9.12 -4.41 1.93
N SER A 84 -9.67 -5.49 2.47
CA SER A 84 -10.43 -5.42 3.72
C SER A 84 -9.64 -4.73 4.81
N GLN A 85 -8.35 -5.06 4.89
CA GLN A 85 -7.48 -4.46 5.90
C GLN A 85 -7.31 -2.96 5.67
N LEU A 86 -7.26 -2.58 4.40
CA LEU A 86 -7.11 -1.17 4.03
C LEU A 86 -8.16 -0.31 4.74
N LYS A 87 -7.70 0.73 5.43
CA LYS A 87 -8.60 1.64 6.14
C LYS A 87 -9.60 2.26 5.19
N GLY A 88 -10.79 2.58 5.71
CA GLY A 88 -11.82 3.17 4.89
C GLY A 88 -12.61 2.15 4.10
N PHE A 89 -11.92 1.12 3.60
CA PHE A 89 -12.55 0.07 2.82
C PHE A 89 -13.95 -0.23 3.36
N SER A 90 -14.04 -0.53 4.66
CA SER A 90 -15.31 -0.83 5.29
C SER A 90 -16.31 0.31 5.09
N LEU A 91 -15.81 1.53 5.20
CA LEU A 91 -16.66 2.72 5.03
C LEU A 91 -17.15 2.84 3.59
N LEU A 92 -16.26 2.59 2.65
CA LEU A 92 -16.60 2.67 1.24
C LEU A 92 -17.89 1.92 0.94
N ALA A 93 -18.44 2.13 -0.25
CA ALA A 93 -19.68 1.47 -0.65
C ALA A 93 -19.40 0.04 -1.12
N THR A 94 -20.31 -0.87 -0.79
CA THR A 94 -20.17 -2.26 -1.18
C THR A 94 -19.65 -2.39 -2.60
N GLU A 95 -20.34 -1.73 -3.53
CA GLU A 95 -19.94 -1.76 -4.94
C GLU A 95 -18.44 -1.59 -5.09
N ASP A 96 -17.91 -0.51 -4.53
CA ASP A 96 -16.48 -0.24 -4.59
C ASP A 96 -15.68 -1.34 -3.92
N LYS A 97 -16.04 -1.65 -2.67
CA LYS A 97 -15.36 -2.69 -1.91
C LYS A 97 -15.05 -3.90 -2.79
N GLU A 98 -16.03 -4.32 -3.57
CA GLU A 98 -15.87 -5.47 -4.45
C GLU A 98 -14.77 -5.21 -5.49
N ALA A 99 -14.85 -4.06 -6.16
CA ALA A 99 -13.85 -3.69 -7.15
C ALA A 99 -12.45 -3.94 -6.65
N LEU A 100 -12.12 -3.35 -5.50
CA LEU A 100 -10.80 -3.51 -4.90
C LEU A 100 -10.44 -4.98 -4.76
N LYS A 101 -11.22 -5.69 -3.96
CA LYS A 101 -10.99 -7.11 -3.73
C LYS A 101 -10.56 -7.81 -5.02
N LYS A 102 -11.38 -7.69 -6.05
CA LYS A 102 -11.10 -8.30 -7.34
C LYS A 102 -9.67 -7.97 -7.80
N GLN A 103 -9.24 -6.75 -7.52
CA GLN A 103 -7.90 -6.30 -7.90
C GLN A 103 -6.85 -6.92 -6.99
N LEU A 104 -7.17 -7.02 -5.70
CA LEU A 104 -6.25 -7.60 -4.73
C LEU A 104 -6.73 -8.98 -4.28
N PRO A 105 -6.23 -10.03 -4.94
CA PRO A 105 -6.58 -11.41 -4.62
C PRO A 105 -6.03 -11.87 -3.28
N GLY A 106 -5.09 -11.09 -2.74
CA GLY A 106 -4.49 -11.42 -1.47
C GLY A 106 -3.19 -12.19 -1.62
N VAL A 107 -3.19 -13.45 -1.21
CA VAL A 107 -2.01 -14.30 -1.30
C VAL A 107 -1.50 -14.36 -2.74
N LYS A 108 -0.21 -14.67 -2.89
CA LYS A 108 0.40 -14.77 -4.21
C LYS A 108 0.87 -16.19 -4.48
N SER A 109 0.77 -16.59 -5.75
CA SER A 109 1.18 -17.93 -6.15
C SER A 109 2.41 -18.39 -5.37
N GLU A 110 2.33 -19.59 -4.79
CA GLU A 110 3.44 -20.14 -4.02
C GLU A 110 4.53 -20.69 -4.94
N GLY A 111 5.69 -20.97 -4.36
CA GLY A 111 6.79 -21.50 -5.14
C GLY A 111 7.08 -22.95 -4.83
N LYS A 112 8.13 -23.49 -5.44
CA LYS A 112 8.52 -24.88 -5.23
C LYS A 112 10.04 -25.01 -5.10
N ARG A 113 10.47 -25.78 -4.09
CA ARG A 113 11.89 -25.99 -3.87
C ARG A 113 12.63 -24.66 -3.78
N LYS A 114 12.03 -23.68 -3.10
CA LYS A 114 12.62 -22.37 -2.94
C LYS A 114 13.56 -22.33 -1.73
N GLY A 115 14.47 -21.37 -1.74
CA GLY A 115 15.41 -21.25 -0.63
C GLY A 115 16.13 -19.91 -0.64
N ASP A 116 17.43 -19.94 -0.37
CA ASP A 116 18.23 -18.72 -0.34
C ASP A 116 19.70 -19.03 -0.60
N GLU A 117 20.31 -18.30 -1.54
CA GLU A 117 21.71 -18.51 -1.87
C GLU A 117 22.61 -18.23 -0.67
N VAL A 118 23.75 -18.91 -0.62
CA VAL A 118 24.69 -18.74 0.47
C VAL A 118 24.94 -17.26 0.77
N ASP A 119 24.96 -16.92 2.04
CA ASP A 119 25.19 -15.54 2.46
C ASP A 119 25.93 -15.48 3.79
N GLY A 120 27.14 -14.93 3.77
CA GLY A 120 27.93 -14.82 4.98
C GLY A 120 28.84 -13.61 4.97
N VAL A 121 29.49 -13.36 6.11
CA VAL A 121 30.39 -12.22 6.23
C VAL A 121 31.68 -12.62 6.95
N ASP A 122 32.79 -12.52 6.22
CA ASP A 122 34.09 -12.87 6.79
C ASP A 122 35.00 -11.65 6.85
N GLU A 123 36.19 -11.82 7.42
CA GLU A 123 37.15 -10.74 7.54
C GLU A 123 38.53 -11.26 7.93
N VAL A 124 39.57 -10.50 7.61
CA VAL A 124 40.93 -10.89 7.91
C VAL A 124 41.79 -9.67 8.26
N ALA A 125 42.78 -9.88 9.11
CA ALA A 125 43.67 -8.80 9.53
C ALA A 125 44.63 -8.42 8.40
N LYS A 126 44.13 -7.62 7.46
CA LYS A 126 44.93 -7.17 6.33
C LYS A 126 45.53 -5.81 6.59
N LYS A 127 46.71 -5.56 6.03
CA LYS A 127 47.39 -4.28 6.20
C LYS A 127 46.51 -3.13 5.74
N LYS A 128 45.70 -2.61 6.66
CA LYS A 128 44.80 -1.50 6.35
C LYS A 128 44.36 -0.79 7.62
N SER A 129 44.02 0.49 7.49
CA SER A 129 43.59 1.28 8.63
C SER A 129 43.15 2.68 8.18
N GLY A 130 42.53 3.42 9.10
CA GLY A 130 42.08 4.76 8.79
C GLY A 130 41.04 5.27 9.78
N PRO A 131 41.28 6.46 10.34
CA PRO A 131 40.37 7.09 11.30
C PRO A 131 39.06 7.53 10.67
N SER A 132 37.96 7.21 11.33
CA SER A 132 36.64 7.58 10.82
C SER A 132 35.97 8.59 11.74
N SER A 133 34.94 9.26 11.24
CA SER A 133 34.20 10.26 12.02
C SER A 133 32.78 9.79 12.30
N GLY A 134 32.03 9.52 11.23
CA GLY A 134 30.66 9.07 11.39
C GLY A 134 29.66 10.21 11.24
N GLY A 1 6.64 28.73 27.52
CA GLY A 1 5.47 28.39 26.73
C GLY A 1 4.43 27.64 27.53
N SER A 2 3.32 27.32 26.88
CA SER A 2 2.22 26.60 27.54
C SER A 2 2.11 25.17 27.01
N SER A 3 1.82 24.24 27.90
CA SER A 3 1.68 22.84 27.53
C SER A 3 0.22 22.41 27.56
N GLY A 4 -0.10 21.35 26.82
CA GLY A 4 -1.47 20.86 26.77
C GLY A 4 -1.56 19.38 27.09
N SER A 5 -2.64 18.75 26.64
CA SER A 5 -2.85 17.33 26.88
C SER A 5 -3.78 16.73 25.83
N SER A 6 -3.46 15.52 25.39
CA SER A 6 -4.27 14.83 24.38
C SER A 6 -3.81 13.39 24.21
N GLY A 7 -4.74 12.53 23.79
CA GLY A 7 -4.41 11.13 23.59
C GLY A 7 -5.48 10.38 22.82
N GLY A 8 -5.33 9.07 22.72
CA GLY A 8 -6.31 8.27 22.00
C GLY A 8 -5.81 6.86 21.74
N SER A 9 -6.35 5.89 22.47
CA SER A 9 -5.95 4.50 22.31
C SER A 9 -7.14 3.65 21.89
N LYS A 10 -6.85 2.53 21.22
CA LYS A 10 -7.89 1.62 20.75
C LYS A 10 -7.28 0.36 20.14
N ALA A 11 -7.46 -0.77 20.81
CA ALA A 11 -6.93 -2.04 20.33
C ALA A 11 -7.68 -2.50 19.07
N GLU A 12 -7.09 -2.23 17.92
CA GLU A 12 -7.69 -2.61 16.64
C GLU A 12 -6.67 -3.31 15.75
N LYS A 13 -7.13 -4.29 14.98
CA LYS A 13 -6.26 -5.03 14.08
C LYS A 13 -6.43 -4.54 12.64
N THR A 14 -5.66 -3.51 12.27
CA THR A 14 -5.73 -2.95 10.92
C THR A 14 -4.38 -2.40 10.50
N LEU A 15 -4.08 -2.52 9.21
CA LEU A 15 -2.82 -2.03 8.67
C LEU A 15 -2.62 -0.56 9.03
N GLY A 16 -1.40 -0.23 9.47
CA GLY A 16 -1.10 1.14 9.84
C GLY A 16 -0.49 1.93 8.69
N ASP A 17 0.44 1.30 7.97
CA ASP A 17 1.10 1.95 6.85
C ASP A 17 0.31 1.74 5.56
N PHE A 18 -1.01 1.69 5.68
CA PHE A 18 -1.89 1.49 4.53
C PHE A 18 -3.29 2.03 4.81
N ALA A 19 -3.84 2.74 3.83
CA ALA A 19 -5.18 3.31 3.97
C ALA A 19 -5.83 3.50 2.61
N ALA A 20 -7.16 3.53 2.59
CA ALA A 20 -7.91 3.72 1.35
C ALA A 20 -9.20 4.48 1.60
N GLU A 21 -9.44 5.51 0.80
CA GLU A 21 -10.64 6.33 0.93
C GLU A 21 -10.75 7.33 -0.21
N TYR A 22 -11.97 7.74 -0.53
CA TYR A 22 -12.22 8.69 -1.59
C TYR A 22 -11.34 9.93 -1.44
N ALA A 23 -10.68 10.33 -2.52
CA ALA A 23 -9.81 11.50 -2.50
C ALA A 23 -10.58 12.75 -2.11
N LYS A 24 -9.97 13.58 -1.26
CA LYS A 24 -10.60 14.81 -0.81
C LYS A 24 -10.46 15.91 -1.85
N SER A 25 -9.23 16.09 -2.35
CA SER A 25 -8.96 17.11 -3.36
C SER A 25 -8.24 16.51 -4.56
N ASN A 26 -8.28 17.23 -5.68
CA ASN A 26 -7.62 16.76 -6.90
C ASN A 26 -6.23 17.34 -7.03
N ARG A 27 -5.51 17.40 -5.92
CA ARG A 27 -4.15 17.92 -5.91
C ARG A 27 -3.12 16.80 -5.94
N SER A 28 -3.17 15.92 -4.93
CA SER A 28 -2.24 14.80 -4.85
C SER A 28 -1.94 14.24 -6.24
N THR A 29 -0.75 13.65 -6.39
CA THR A 29 -0.34 13.08 -7.66
C THR A 29 0.41 11.77 -7.45
N CYS A 30 0.04 10.75 -8.21
CA CYS A 30 0.68 9.44 -8.11
C CYS A 30 2.15 9.53 -8.51
N LYS A 31 2.96 8.61 -8.01
CA LYS A 31 4.38 8.57 -8.31
C LYS A 31 4.69 7.49 -9.34
N GLY A 32 3.85 6.46 -9.38
CA GLY A 32 4.06 5.37 -10.33
C GLY A 32 3.84 5.81 -11.76
N CYS A 33 2.70 6.42 -12.03
CA CYS A 33 2.37 6.88 -13.36
C CYS A 33 2.65 8.37 -13.52
N MET A 34 2.68 9.08 -12.40
CA MET A 34 2.94 10.52 -12.40
C MET A 34 1.79 11.28 -13.06
N GLU A 35 0.57 11.04 -12.59
CA GLU A 35 -0.60 11.71 -13.15
C GLU A 35 -1.51 12.22 -12.03
N LYS A 36 -1.98 13.45 -12.18
CA LYS A 36 -2.86 14.06 -11.19
C LYS A 36 -3.98 13.10 -10.78
N ILE A 37 -4.34 13.15 -9.51
CA ILE A 37 -5.40 12.28 -8.99
C ILE A 37 -6.73 13.01 -8.92
N GLU A 38 -7.73 12.46 -9.61
CA GLU A 38 -9.06 13.07 -9.63
C GLU A 38 -9.68 13.08 -8.23
N LYS A 39 -10.45 14.12 -7.94
CA LYS A 39 -11.09 14.24 -6.64
C LYS A 39 -12.24 13.26 -6.50
N GLY A 40 -12.10 12.33 -5.56
CA GLY A 40 -13.13 11.33 -5.35
C GLY A 40 -12.67 9.92 -5.69
N GLN A 41 -12.06 9.77 -6.86
CA GLN A 41 -11.58 8.47 -7.31
C GLN A 41 -10.81 7.77 -6.19
N VAL A 42 -11.13 6.50 -5.96
CA VAL A 42 -10.47 5.72 -4.92
C VAL A 42 -8.97 5.85 -5.00
N ARG A 43 -8.33 6.00 -3.84
CA ARG A 43 -6.88 6.15 -3.78
C ARG A 43 -6.29 5.27 -2.68
N LEU A 44 -4.97 5.14 -2.69
CA LEU A 44 -4.28 4.32 -1.70
C LEU A 44 -2.98 4.98 -1.24
N SER A 45 -2.71 4.94 0.06
CA SER A 45 -1.51 5.53 0.61
C SER A 45 -0.75 4.52 1.47
N LYS A 46 0.57 4.68 1.52
CA LYS A 46 1.41 3.78 2.31
C LYS A 46 2.53 4.56 3.00
N LYS A 47 2.46 4.62 4.33
CA LYS A 47 3.46 5.33 5.11
C LYS A 47 4.77 4.54 5.18
N MET A 48 5.84 5.11 4.65
CA MET A 48 7.14 4.45 4.65
C MET A 48 8.26 5.45 4.39
N VAL A 49 9.50 5.00 4.51
CA VAL A 49 10.66 5.86 4.29
C VAL A 49 11.33 5.53 2.96
N ASP A 50 11.64 6.56 2.20
CA ASP A 50 12.29 6.39 0.90
C ASP A 50 13.78 6.10 1.08
N PRO A 51 14.24 4.97 0.51
CA PRO A 51 15.64 4.55 0.59
C PRO A 51 16.56 5.46 -0.21
N GLU A 52 15.97 6.31 -1.04
CA GLU A 52 16.74 7.24 -1.87
C GLU A 52 16.91 8.58 -1.19
N LYS A 53 15.88 8.99 -0.43
CA LYS A 53 15.90 10.26 0.28
C LYS A 53 15.62 10.05 1.77
N PRO A 54 16.65 9.61 2.51
CA PRO A 54 16.54 9.36 3.95
C PRO A 54 16.40 10.65 4.75
N GLN A 55 16.71 11.78 4.11
CA GLN A 55 16.61 13.08 4.75
C GLN A 55 15.19 13.36 5.22
N LEU A 56 14.22 12.99 4.39
CA LEU A 56 12.81 13.19 4.71
C LEU A 56 12.37 12.25 5.84
N GLY A 57 12.62 10.95 5.64
CA GLY A 57 12.25 9.97 6.63
C GLY A 57 10.84 9.44 6.42
N MET A 58 10.01 9.53 7.45
CA MET A 58 8.64 9.06 7.37
C MET A 58 7.81 9.94 6.44
N ILE A 59 7.18 9.32 5.44
CA ILE A 59 6.37 10.05 4.48
C ILE A 59 5.14 9.25 4.08
N ASP A 60 4.20 9.89 3.39
CA ASP A 60 2.99 9.24 2.95
C ASP A 60 2.69 9.57 1.49
N ARG A 61 2.85 8.58 0.62
CA ARG A 61 2.60 8.78 -0.81
C ARG A 61 1.23 8.23 -1.21
N TRP A 62 0.88 8.38 -2.48
CA TRP A 62 -0.41 7.90 -2.98
C TRP A 62 -0.25 7.24 -4.33
N TYR A 63 -1.12 6.28 -4.63
CA TYR A 63 -1.07 5.56 -5.90
C TYR A 63 -2.44 5.01 -6.26
N HIS A 64 -2.85 5.22 -7.51
CA HIS A 64 -4.15 4.74 -7.98
C HIS A 64 -4.25 3.23 -7.82
N PRO A 65 -5.49 2.74 -7.66
CA PRO A 65 -5.76 1.30 -7.49
C PRO A 65 -5.03 0.45 -8.53
N GLY A 66 -5.00 0.94 -9.77
CA GLY A 66 -4.34 0.21 -10.84
C GLY A 66 -2.83 0.18 -10.68
N CYS A 67 -2.27 1.26 -10.12
CA CYS A 67 -0.83 1.36 -9.91
C CYS A 67 -0.41 0.50 -8.71
N PHE A 68 -1.23 0.50 -7.67
CA PHE A 68 -0.93 -0.27 -6.47
C PHE A 68 -0.65 -1.73 -6.82
N VAL A 69 -1.47 -2.31 -7.68
CA VAL A 69 -1.30 -3.69 -8.10
C VAL A 69 0.00 -3.88 -8.88
N LYS A 70 0.22 -3.02 -9.86
CA LYS A 70 1.42 -3.09 -10.67
C LYS A 70 2.67 -3.03 -9.81
N ASN A 71 2.76 -2.01 -8.96
CA ASN A 71 3.90 -1.84 -8.07
C ASN A 71 3.61 -2.43 -6.70
N ARG A 72 2.78 -3.47 -6.66
CA ARG A 72 2.42 -4.12 -5.41
C ARG A 72 3.65 -4.75 -4.76
N GLU A 73 4.46 -5.44 -5.57
CA GLU A 73 5.66 -6.09 -5.07
C GLU A 73 6.72 -5.07 -4.69
N GLU A 74 6.91 -4.07 -5.54
CA GLU A 74 7.90 -3.02 -5.28
C GLU A 74 7.61 -2.33 -3.95
N LEU A 75 6.41 -1.81 -3.80
CA LEU A 75 6.01 -1.12 -2.57
C LEU A 75 6.18 -2.03 -1.37
N GLY A 76 5.95 -3.32 -1.56
CA GLY A 76 6.09 -4.28 -0.48
C GLY A 76 4.74 -4.70 0.08
N PHE A 77 3.77 -4.90 -0.80
CA PHE A 77 2.43 -5.32 -0.39
C PHE A 77 2.31 -6.85 -0.39
N ARG A 78 2.53 -7.45 0.77
CA ARG A 78 2.44 -8.89 0.91
C ARG A 78 1.04 -9.40 0.58
N PRO A 79 0.95 -10.66 0.13
CA PRO A 79 -0.32 -11.28 -0.23
C PRO A 79 -1.21 -11.54 0.98
N GLU A 80 -0.72 -11.16 2.16
CA GLU A 80 -1.46 -11.35 3.40
C GLU A 80 -2.42 -10.18 3.65
N TYR A 81 -2.09 -9.03 3.06
CA TYR A 81 -2.90 -7.84 3.23
C TYR A 81 -4.08 -7.84 2.27
N SER A 82 -5.25 -7.48 2.77
CA SER A 82 -6.46 -7.45 1.96
C SER A 82 -7.13 -6.08 2.04
N ALA A 83 -8.00 -5.79 1.07
CA ALA A 83 -8.71 -4.53 1.04
C ALA A 83 -9.54 -4.32 2.30
N SER A 84 -10.02 -5.42 2.87
CA SER A 84 -10.83 -5.36 4.09
C SER A 84 -10.06 -4.67 5.21
N GLN A 85 -8.76 -4.89 5.26
CA GLN A 85 -7.91 -4.30 6.28
C GLN A 85 -7.67 -2.81 6.00
N LEU A 86 -7.54 -2.48 4.73
CA LEU A 86 -7.31 -1.09 4.32
C LEU A 86 -8.35 -0.16 4.93
N LYS A 87 -7.90 0.70 5.85
CA LYS A 87 -8.81 1.64 6.50
C LYS A 87 -9.71 2.33 5.49
N GLY A 88 -10.99 2.43 5.83
CA GLY A 88 -11.94 3.07 4.94
C GLY A 88 -12.71 2.07 4.09
N PHE A 89 -12.03 1.00 3.69
CA PHE A 89 -12.64 -0.02 2.87
C PHE A 89 -14.09 -0.25 3.27
N SER A 90 -14.29 -0.64 4.53
CA SER A 90 -15.63 -0.89 5.04
C SER A 90 -16.56 0.28 4.73
N LEU A 91 -16.03 1.49 4.83
CA LEU A 91 -16.81 2.69 4.56
C LEU A 91 -17.19 2.79 3.08
N LEU A 92 -16.24 2.46 2.22
CA LEU A 92 -16.47 2.51 0.78
C LEU A 92 -17.76 1.79 0.41
N ALA A 93 -18.48 2.32 -0.57
CA ALA A 93 -19.74 1.72 -1.01
C ALA A 93 -19.52 0.32 -1.53
N THR A 94 -20.39 -0.60 -1.12
CA THR A 94 -20.29 -2.00 -1.54
C THR A 94 -19.75 -2.10 -2.97
N GLU A 95 -20.43 -1.46 -3.90
CA GLU A 95 -20.02 -1.48 -5.30
C GLU A 95 -18.49 -1.47 -5.41
N ASP A 96 -17.87 -0.48 -4.80
CA ASP A 96 -16.42 -0.36 -4.84
C ASP A 96 -15.76 -1.47 -4.03
N LYS A 97 -16.23 -1.65 -2.80
CA LYS A 97 -15.69 -2.68 -1.92
C LYS A 97 -15.27 -3.91 -2.71
N GLU A 98 -16.19 -4.41 -3.54
CA GLU A 98 -15.92 -5.59 -4.36
C GLU A 98 -14.84 -5.30 -5.39
N ALA A 99 -15.00 -4.19 -6.11
CA ALA A 99 -14.04 -3.80 -7.12
C ALA A 99 -12.61 -4.08 -6.68
N LEU A 100 -12.23 -3.51 -5.54
CA LEU A 100 -10.89 -3.69 -4.99
C LEU A 100 -10.60 -5.17 -4.75
N LYS A 101 -11.45 -5.81 -3.96
CA LYS A 101 -11.29 -7.23 -3.64
C LYS A 101 -10.75 -7.99 -4.84
N LYS A 102 -11.42 -7.85 -5.98
CA LYS A 102 -11.00 -8.52 -7.20
C LYS A 102 -9.52 -8.29 -7.48
N GLN A 103 -9.09 -7.04 -7.37
CA GLN A 103 -7.70 -6.68 -7.60
C GLN A 103 -6.80 -7.28 -6.54
N LEU A 104 -7.17 -7.10 -5.28
CA LEU A 104 -6.39 -7.63 -4.16
C LEU A 104 -7.20 -8.69 -3.40
N PRO A 105 -7.31 -9.89 -3.99
CA PRO A 105 -8.04 -11.00 -3.38
C PRO A 105 -7.32 -11.57 -2.16
N GLY A 106 -6.09 -11.11 -1.93
CA GLY A 106 -5.32 -11.59 -0.81
C GLY A 106 -4.15 -12.45 -1.22
N VAL A 107 -4.39 -13.75 -1.34
CA VAL A 107 -3.35 -14.69 -1.74
C VAL A 107 -3.47 -15.06 -3.20
N LYS A 108 -2.34 -15.37 -3.83
CA LYS A 108 -2.31 -15.75 -5.24
C LYS A 108 -2.64 -17.24 -5.41
N SER A 109 -1.79 -18.09 -4.85
CA SER A 109 -1.99 -19.53 -4.95
C SER A 109 -2.16 -20.15 -3.57
N GLU A 110 -3.20 -20.95 -3.41
CA GLU A 110 -3.48 -21.61 -2.13
C GLU A 110 -3.31 -23.12 -2.25
N GLY A 111 -3.85 -23.70 -3.32
CA GLY A 111 -3.74 -25.13 -3.53
C GLY A 111 -2.31 -25.62 -3.46
N LYS A 112 -1.49 -25.16 -4.40
CA LYS A 112 -0.09 -25.56 -4.46
C LYS A 112 0.81 -24.48 -3.84
N ARG A 113 1.90 -24.91 -3.20
CA ARG A 113 2.83 -23.98 -2.58
C ARG A 113 4.17 -23.98 -3.31
N LYS A 114 4.99 -22.97 -3.04
CA LYS A 114 6.29 -22.86 -3.67
C LYS A 114 6.99 -24.21 -3.72
N GLY A 115 7.87 -24.38 -4.71
CA GLY A 115 8.59 -25.64 -4.85
C GLY A 115 9.48 -25.94 -3.66
N ASP A 116 8.94 -26.70 -2.72
CA ASP A 116 9.68 -27.07 -1.52
C ASP A 116 9.02 -28.24 -0.80
N GLU A 117 9.69 -29.38 -0.82
CA GLU A 117 9.17 -30.59 -0.18
C GLU A 117 9.45 -30.56 1.32
N VAL A 118 8.61 -31.26 2.09
CA VAL A 118 8.78 -31.32 3.53
C VAL A 118 9.57 -32.55 3.94
N ASP A 119 10.40 -32.39 4.97
CA ASP A 119 11.23 -33.49 5.46
C ASP A 119 10.45 -34.81 5.42
N GLY A 120 9.19 -34.76 5.80
CA GLY A 120 8.36 -35.96 5.79
C GLY A 120 7.44 -36.03 6.99
N VAL A 121 6.58 -35.03 7.14
CA VAL A 121 5.64 -34.98 8.25
C VAL A 121 4.24 -35.40 7.81
N ASP A 122 3.97 -36.70 7.87
CA ASP A 122 2.66 -37.22 7.48
C ASP A 122 1.59 -36.85 8.49
N GLU A 123 0.33 -36.95 8.08
CA GLU A 123 -0.78 -36.62 8.97
C GLU A 123 -0.83 -37.56 10.17
N VAL A 124 -1.04 -37.00 11.35
CA VAL A 124 -1.09 -37.78 12.58
C VAL A 124 -2.18 -38.85 12.49
N ALA A 125 -1.86 -40.05 12.94
CA ALA A 125 -2.81 -41.16 12.92
C ALA A 125 -4.07 -40.81 13.70
N LYS A 126 -5.22 -40.95 13.04
CA LYS A 126 -6.50 -40.65 13.67
C LYS A 126 -7.65 -41.32 12.93
N LYS A 127 -8.68 -41.71 13.66
CA LYS A 127 -9.85 -42.36 13.06
C LYS A 127 -10.63 -41.38 12.19
N LYS A 128 -10.94 -41.81 10.98
CA LYS A 128 -11.69 -40.97 10.05
C LYS A 128 -13.15 -41.40 9.98
N SER A 129 -14.05 -40.44 9.84
CA SER A 129 -15.48 -40.72 9.77
C SER A 129 -15.86 -41.29 8.39
N GLY A 130 -16.81 -42.21 8.38
CA GLY A 130 -17.24 -42.81 7.14
C GLY A 130 -18.49 -42.15 6.58
N PRO A 131 -18.85 -42.53 5.35
CA PRO A 131 -20.04 -41.99 4.67
C PRO A 131 -21.35 -42.46 5.32
N SER A 132 -22.46 -41.88 4.88
CA SER A 132 -23.76 -42.24 5.41
C SER A 132 -24.63 -42.88 4.33
N SER A 133 -25.35 -43.93 4.72
CA SER A 133 -26.21 -44.64 3.78
C SER A 133 -27.65 -44.12 3.87
N GLY A 134 -28.51 -44.64 3.00
CA GLY A 134 -29.90 -44.21 2.99
C GLY A 134 -30.82 -45.24 3.61
N GLY A 1 -15.44 11.81 42.08
CA GLY A 1 -15.15 12.96 41.23
C GLY A 1 -14.25 12.60 40.07
N SER A 2 -13.03 13.12 40.09
CA SER A 2 -12.08 12.85 39.02
C SER A 2 -11.22 11.63 39.35
N SER A 3 -11.44 10.54 38.62
CA SER A 3 -10.69 9.31 38.84
C SER A 3 -10.55 8.52 37.54
N GLY A 4 -9.31 8.36 37.08
CA GLY A 4 -9.06 7.64 35.86
C GLY A 4 -8.95 6.14 36.08
N SER A 5 -10.08 5.45 35.99
CA SER A 5 -10.12 4.01 36.20
C SER A 5 -10.77 3.31 35.02
N SER A 6 -10.09 2.31 34.46
CA SER A 6 -10.61 1.57 33.32
C SER A 6 -10.69 0.08 33.64
N GLY A 7 -11.77 -0.55 33.21
CA GLY A 7 -11.95 -1.97 33.45
C GLY A 7 -12.45 -2.72 32.23
N GLY A 8 -11.69 -2.63 31.15
CA GLY A 8 -12.07 -3.31 29.91
C GLY A 8 -10.88 -3.77 29.11
N SER A 9 -10.96 -3.62 27.80
CA SER A 9 -9.88 -4.03 26.91
C SER A 9 -10.07 -3.46 25.51
N LYS A 10 -8.98 -2.96 24.92
CA LYS A 10 -9.03 -2.40 23.58
C LYS A 10 -7.96 -3.01 22.69
N ALA A 11 -8.36 -3.41 21.48
CA ALA A 11 -7.44 -4.02 20.53
C ALA A 11 -8.09 -4.20 19.16
N GLU A 12 -7.34 -3.92 18.11
CA GLU A 12 -7.85 -4.06 16.75
C GLU A 12 -6.78 -4.58 15.81
N LYS A 13 -7.18 -4.92 14.60
CA LYS A 13 -6.25 -5.44 13.60
C LYS A 13 -6.43 -4.74 12.25
N THR A 14 -5.64 -3.71 12.02
CA THR A 14 -5.72 -2.96 10.77
C THR A 14 -4.33 -2.50 10.31
N LEU A 15 -4.17 -2.34 9.01
CA LEU A 15 -2.90 -1.91 8.43
C LEU A 15 -2.78 -0.39 8.45
N GLY A 16 -1.73 0.11 9.10
CA GLY A 16 -1.52 1.55 9.17
C GLY A 16 -0.86 2.10 7.92
N ASP A 17 0.25 1.49 7.51
CA ASP A 17 0.97 1.92 6.34
C ASP A 17 0.02 2.14 5.16
N PHE A 18 -0.94 1.24 5.01
CA PHE A 18 -1.91 1.33 3.93
C PHE A 18 -3.25 1.87 4.44
N ALA A 19 -3.87 2.73 3.65
CA ALA A 19 -5.15 3.32 4.02
C ALA A 19 -5.95 3.74 2.79
N ALA A 20 -7.24 3.42 2.77
CA ALA A 20 -8.10 3.77 1.66
C ALA A 20 -9.12 4.83 2.06
N GLU A 21 -9.23 5.88 1.24
CA GLU A 21 -10.17 6.95 1.51
C GLU A 21 -10.58 7.65 0.21
N TYR A 22 -11.38 8.71 0.35
CA TYR A 22 -11.86 9.45 -0.81
C TYR A 22 -10.98 10.68 -1.07
N ALA A 23 -10.63 10.90 -2.33
CA ALA A 23 -9.80 12.04 -2.71
C ALA A 23 -10.52 13.35 -2.45
N LYS A 24 -10.49 13.79 -1.20
CA LYS A 24 -11.13 15.04 -0.81
C LYS A 24 -11.03 16.08 -1.93
N SER A 25 -9.84 16.20 -2.51
CA SER A 25 -9.62 17.15 -3.59
C SER A 25 -8.80 16.52 -4.71
N ASN A 26 -8.95 17.06 -5.92
CA ASN A 26 -8.22 16.55 -7.07
C ASN A 26 -6.83 17.16 -7.16
N ARG A 27 -6.19 17.32 -6.01
CA ARG A 27 -4.86 17.90 -5.95
C ARG A 27 -3.79 16.81 -6.02
N SER A 28 -3.82 15.88 -5.06
CA SER A 28 -2.86 14.79 -5.01
C SER A 28 -2.70 14.15 -6.39
N THR A 29 -1.49 13.68 -6.67
CA THR A 29 -1.20 13.05 -7.95
C THR A 29 -0.41 11.76 -7.76
N CYS A 30 -0.84 10.70 -8.43
CA CYS A 30 -0.18 9.40 -8.34
C CYS A 30 1.22 9.47 -8.92
N LYS A 31 2.12 8.66 -8.38
CA LYS A 31 3.50 8.62 -8.85
C LYS A 31 3.73 7.44 -9.79
N GLY A 32 2.88 6.42 -9.66
CA GLY A 32 3.01 5.25 -10.50
C GLY A 32 2.67 5.53 -11.95
N CYS A 33 1.61 6.31 -12.16
CA CYS A 33 1.19 6.66 -13.52
C CYS A 33 1.45 8.14 -13.80
N MET A 34 1.64 8.92 -12.74
CA MET A 34 1.90 10.35 -12.88
C MET A 34 0.69 11.07 -13.45
N GLU A 35 -0.49 10.78 -12.89
CA GLU A 35 -1.72 11.40 -13.35
C GLU A 35 -2.54 11.91 -12.16
N LYS A 36 -3.15 13.08 -12.33
CA LYS A 36 -3.96 13.68 -11.29
C LYS A 36 -4.95 12.66 -10.71
N ILE A 37 -5.33 12.85 -9.45
CA ILE A 37 -6.27 11.95 -8.80
C ILE A 37 -7.63 12.60 -8.66
N GLU A 38 -8.54 12.26 -9.56
CA GLU A 38 -9.89 12.81 -9.53
C GLU A 38 -10.40 12.95 -8.11
N LYS A 39 -11.33 13.87 -7.90
CA LYS A 39 -11.90 14.11 -6.57
C LYS A 39 -12.97 13.06 -6.24
N GLY A 40 -12.94 12.57 -5.01
CA GLY A 40 -13.91 11.57 -4.59
C GLY A 40 -13.46 10.16 -4.91
N GLN A 41 -12.74 10.00 -6.02
CA GLN A 41 -12.26 8.69 -6.43
C GLN A 41 -11.43 8.04 -5.33
N VAL A 42 -11.67 6.76 -5.09
CA VAL A 42 -10.95 6.02 -4.05
C VAL A 42 -9.44 6.15 -4.25
N ARG A 43 -8.72 6.32 -3.14
CA ARG A 43 -7.27 6.44 -3.19
C ARG A 43 -6.60 5.60 -2.10
N LEU A 44 -5.32 5.33 -2.27
CA LEU A 44 -4.57 4.53 -1.32
C LEU A 44 -3.26 5.21 -0.95
N SER A 45 -2.98 5.27 0.36
CA SER A 45 -1.76 5.90 0.85
C SER A 45 -0.78 4.85 1.37
N LYS A 46 0.51 5.16 1.31
CA LYS A 46 1.54 4.25 1.78
C LYS A 46 2.63 5.00 2.54
N LYS A 47 2.70 4.75 3.84
CA LYS A 47 3.69 5.41 4.69
C LYS A 47 5.08 4.80 4.48
N MET A 48 5.99 5.61 3.95
CA MET A 48 7.35 5.15 3.70
C MET A 48 8.29 6.33 3.45
N VAL A 49 9.58 6.09 3.59
CA VAL A 49 10.59 7.13 3.38
C VAL A 49 11.05 7.18 1.92
N ASP A 50 11.07 8.37 1.35
CA ASP A 50 11.49 8.55 -0.03
C ASP A 50 13.01 8.43 -0.16
N PRO A 51 13.46 7.55 -1.07
CA PRO A 51 14.90 7.33 -1.30
C PRO A 51 15.57 8.52 -1.98
N GLU A 52 14.75 9.39 -2.56
CA GLU A 52 15.27 10.58 -3.24
C GLU A 52 15.55 11.70 -2.25
N LYS A 53 14.69 11.81 -1.24
CA LYS A 53 14.84 12.84 -0.23
C LYS A 53 14.82 12.24 1.18
N PRO A 54 15.97 11.68 1.60
CA PRO A 54 16.11 11.06 2.91
C PRO A 54 16.07 12.08 4.05
N GLN A 55 15.92 13.35 3.69
CA GLN A 55 15.87 14.42 4.68
C GLN A 55 14.46 14.59 5.23
N LEU A 56 13.48 14.63 4.32
CA LEU A 56 12.09 14.78 4.71
C LEU A 56 11.69 13.76 5.77
N GLY A 57 11.94 12.49 5.48
CA GLY A 57 11.61 11.44 6.43
C GLY A 57 10.32 10.71 6.07
N MET A 58 9.50 10.45 7.07
CA MET A 58 8.24 9.75 6.86
C MET A 58 7.27 10.63 6.06
N ILE A 59 6.88 10.15 4.87
CA ILE A 59 5.96 10.89 4.03
C ILE A 59 4.73 10.04 3.67
N ASP A 60 3.74 10.68 3.09
CA ASP A 60 2.51 9.99 2.70
C ASP A 60 2.25 10.13 1.20
N ARG A 61 2.39 9.02 0.48
CA ARG A 61 2.17 9.02 -0.96
C ARG A 61 0.75 8.58 -1.30
N TRP A 62 0.40 8.67 -2.58
CA TRP A 62 -0.93 8.28 -3.04
C TRP A 62 -0.85 7.52 -4.36
N TYR A 63 -1.76 6.57 -4.54
CA TYR A 63 -1.79 5.76 -5.75
C TYR A 63 -3.18 5.18 -5.98
N HIS A 64 -3.61 5.16 -7.24
CA HIS A 64 -4.92 4.63 -7.59
C HIS A 64 -4.96 3.11 -7.39
N PRO A 65 -6.16 2.59 -7.10
CA PRO A 65 -6.36 1.15 -6.88
C PRO A 65 -5.71 0.30 -7.97
N GLY A 66 -5.81 0.75 -9.21
CA GLY A 66 -5.22 0.02 -10.31
C GLY A 66 -3.71 -0.01 -10.26
N CYS A 67 -3.11 1.12 -9.91
CA CYS A 67 -1.66 1.21 -9.81
C CYS A 67 -1.13 0.40 -8.64
N PHE A 68 -1.81 0.52 -7.49
CA PHE A 68 -1.42 -0.20 -6.29
C PHE A 68 -1.12 -1.66 -6.60
N VAL A 69 -1.88 -2.22 -7.55
CA VAL A 69 -1.70 -3.61 -7.94
C VAL A 69 -0.48 -3.77 -8.84
N LYS A 70 -0.27 -2.81 -9.72
CA LYS A 70 0.87 -2.85 -10.64
C LYS A 70 2.18 -2.99 -9.87
N ASN A 71 2.37 -2.16 -8.85
CA ASN A 71 3.58 -2.20 -8.05
C ASN A 71 3.29 -2.79 -6.67
N ARG A 72 2.38 -3.75 -6.62
CA ARG A 72 2.01 -4.40 -5.36
C ARG A 72 3.23 -5.06 -4.72
N GLU A 73 4.08 -5.65 -5.55
CA GLU A 73 5.27 -6.32 -5.05
C GLU A 73 6.40 -5.32 -4.80
N GLU A 74 6.62 -4.44 -5.77
CA GLU A 74 7.67 -3.43 -5.65
C GLU A 74 7.44 -2.56 -4.42
N LEU A 75 6.20 -2.14 -4.21
CA LEU A 75 5.85 -1.30 -3.08
C LEU A 75 6.14 -2.02 -1.76
N GLY A 76 5.93 -3.33 -1.74
CA GLY A 76 6.18 -4.10 -0.55
C GLY A 76 4.92 -4.67 0.06
N PHE A 77 3.99 -5.07 -0.79
CA PHE A 77 2.71 -5.63 -0.33
C PHE A 77 2.83 -7.14 -0.11
N ARG A 78 2.49 -7.58 1.09
CA ARG A 78 2.55 -9.00 1.43
C ARG A 78 1.25 -9.71 1.05
N PRO A 79 1.34 -11.03 0.83
CA PRO A 79 0.19 -11.85 0.45
C PRO A 79 -0.81 -12.00 1.61
N GLU A 80 -0.51 -11.37 2.73
CA GLU A 80 -1.39 -11.43 3.90
C GLU A 80 -2.28 -10.19 3.98
N TYR A 81 -1.81 -9.09 3.40
CA TYR A 81 -2.57 -7.85 3.41
C TYR A 81 -3.64 -7.86 2.33
N SER A 82 -4.90 -7.73 2.76
CA SER A 82 -6.02 -7.72 1.83
C SER A 82 -6.82 -6.43 1.93
N ALA A 83 -7.83 -6.29 1.09
CA ALA A 83 -8.68 -5.10 1.10
C ALA A 83 -9.39 -4.94 2.43
N SER A 84 -9.89 -6.05 2.96
CA SER A 84 -10.62 -6.03 4.23
C SER A 84 -9.75 -5.45 5.34
N GLN A 85 -8.43 -5.48 5.13
CA GLN A 85 -7.49 -4.94 6.11
C GLN A 85 -7.33 -3.43 5.94
N LEU A 86 -7.42 -2.97 4.70
CA LEU A 86 -7.28 -1.55 4.41
C LEU A 86 -8.23 -0.71 5.27
N LYS A 87 -7.73 0.41 5.77
CA LYS A 87 -8.53 1.29 6.62
C LYS A 87 -9.72 1.85 5.83
N GLY A 88 -10.77 2.23 6.56
CA GLY A 88 -11.95 2.77 5.92
C GLY A 88 -12.25 2.11 4.58
N PHE A 89 -12.06 0.80 4.52
CA PHE A 89 -12.30 0.04 3.30
C PHE A 89 -13.78 -0.30 3.16
N SER A 90 -14.39 -0.73 4.26
CA SER A 90 -15.80 -1.09 4.27
C SER A 90 -16.68 0.11 3.95
N LEU A 91 -16.22 1.30 4.35
CA LEU A 91 -16.95 2.53 4.10
C LEU A 91 -17.00 2.86 2.60
N LEU A 92 -15.94 2.48 1.89
CA LEU A 92 -15.86 2.73 0.46
C LEU A 92 -17.08 2.18 -0.26
N ALA A 93 -17.39 2.75 -1.42
CA ALA A 93 -18.54 2.31 -2.21
C ALA A 93 -18.36 0.86 -2.67
N THR A 94 -19.42 0.06 -2.48
CA THR A 94 -19.37 -1.34 -2.87
C THR A 94 -18.65 -1.52 -4.20
N GLU A 95 -19.09 -0.78 -5.21
CA GLU A 95 -18.48 -0.86 -6.53
C GLU A 95 -16.96 -0.90 -6.42
N ASP A 96 -16.39 0.07 -5.72
CA ASP A 96 -14.95 0.15 -5.54
C ASP A 96 -14.43 -1.05 -4.78
N LYS A 97 -15.14 -1.43 -3.72
CA LYS A 97 -14.76 -2.57 -2.90
C LYS A 97 -14.51 -3.80 -3.76
N GLU A 98 -15.55 -4.24 -4.47
CA GLU A 98 -15.44 -5.41 -5.33
C GLU A 98 -14.11 -5.41 -6.09
N ALA A 99 -13.71 -4.24 -6.55
CA ALA A 99 -12.46 -4.10 -7.29
C ALA A 99 -11.26 -4.45 -6.41
N LEU A 100 -11.26 -3.92 -5.20
CA LEU A 100 -10.16 -4.17 -4.26
C LEU A 100 -10.16 -5.62 -3.80
N LYS A 101 -11.36 -6.19 -3.64
CA LYS A 101 -11.50 -7.58 -3.22
C LYS A 101 -11.05 -8.53 -4.32
N LYS A 102 -11.50 -8.28 -5.54
CA LYS A 102 -11.14 -9.12 -6.67
C LYS A 102 -9.67 -8.96 -7.04
N GLN A 103 -9.21 -7.71 -7.05
CA GLN A 103 -7.82 -7.41 -7.38
C GLN A 103 -6.87 -8.01 -6.34
N LEU A 104 -7.23 -7.83 -5.07
CA LEU A 104 -6.41 -8.34 -3.97
C LEU A 104 -7.11 -9.50 -3.28
N PRO A 105 -7.01 -10.70 -3.87
CA PRO A 105 -7.62 -11.91 -3.31
C PRO A 105 -6.94 -12.37 -2.04
N GLY A 106 -5.74 -11.86 -1.78
CA GLY A 106 -5.01 -12.23 -0.59
C GLY A 106 -3.89 -13.21 -0.88
N VAL A 107 -3.73 -14.19 -0.01
CA VAL A 107 -2.69 -15.20 -0.17
C VAL A 107 -2.42 -15.48 -1.65
N LYS A 108 -1.16 -15.34 -2.05
CA LYS A 108 -0.77 -15.58 -3.43
C LYS A 108 -0.70 -17.07 -3.73
N SER A 109 -0.26 -17.84 -2.75
CA SER A 109 -0.14 -19.29 -2.91
C SER A 109 1.03 -19.65 -3.83
N GLU A 110 2.12 -18.89 -3.71
CA GLU A 110 3.29 -19.12 -4.53
C GLU A 110 4.10 -20.31 -4.01
N GLY A 111 4.84 -20.96 -4.91
CA GLY A 111 5.64 -22.11 -4.52
C GLY A 111 7.08 -21.99 -4.96
N LYS A 112 7.94 -21.51 -4.06
CA LYS A 112 9.35 -21.35 -4.37
C LYS A 112 10.17 -21.24 -3.09
N ARG A 113 11.26 -22.00 -3.01
CA ARG A 113 12.12 -21.99 -1.85
C ARG A 113 13.22 -20.93 -1.99
N LYS A 114 13.01 -19.77 -1.38
CA LYS A 114 13.98 -18.68 -1.44
C LYS A 114 15.19 -18.99 -0.59
N GLY A 115 14.95 -19.49 0.62
CA GLY A 115 16.03 -19.80 1.53
C GLY A 115 15.63 -19.71 2.99
N ASP A 116 16.42 -20.32 3.87
CA ASP A 116 16.14 -20.30 5.29
C ASP A 116 16.99 -19.24 6.00
N GLU A 117 16.58 -18.87 7.20
CA GLU A 117 17.30 -17.87 7.97
C GLU A 117 17.73 -18.44 9.33
N VAL A 118 18.87 -17.96 9.83
CA VAL A 118 19.39 -18.42 11.11
C VAL A 118 18.96 -17.50 12.24
N ASP A 119 18.13 -18.04 13.14
CA ASP A 119 17.65 -17.26 14.27
C ASP A 119 18.71 -17.16 15.36
N GLY A 120 18.85 -15.97 15.94
CA GLY A 120 19.83 -15.76 16.99
C GLY A 120 19.32 -16.14 18.36
N VAL A 121 20.22 -16.28 19.31
CA VAL A 121 19.85 -16.65 20.67
C VAL A 121 20.43 -15.66 21.69
N ASP A 122 19.69 -15.43 22.76
CA ASP A 122 20.12 -14.52 23.81
C ASP A 122 21.59 -14.75 24.15
N GLU A 123 22.45 -13.83 23.68
CA GLU A 123 23.89 -13.94 23.93
C GLU A 123 24.37 -12.78 24.80
N VAL A 124 25.31 -13.06 25.70
CA VAL A 124 25.86 -12.03 26.57
C VAL A 124 24.80 -11.02 26.97
N ALA A 125 23.64 -11.52 27.40
CA ALA A 125 22.54 -10.66 27.82
C ALA A 125 22.30 -10.77 29.32
N LYS A 126 22.22 -9.62 29.99
CA LYS A 126 21.98 -9.59 31.43
C LYS A 126 20.93 -10.61 31.84
N LYS A 127 20.91 -10.95 33.12
CA LYS A 127 19.95 -11.92 33.64
C LYS A 127 18.52 -11.45 33.39
N LYS A 128 17.90 -11.98 32.34
CA LYS A 128 16.54 -11.62 31.99
C LYS A 128 15.54 -12.22 32.99
N SER A 129 14.28 -11.85 32.85
CA SER A 129 13.24 -12.35 33.74
C SER A 129 13.30 -13.87 33.85
N GLY A 130 13.75 -14.36 35.00
CA GLY A 130 13.85 -15.79 35.20
C GLY A 130 14.03 -16.16 36.66
N PRO A 131 15.28 -16.09 37.14
CA PRO A 131 15.62 -16.41 38.53
C PRO A 131 15.09 -15.37 39.51
N SER A 132 14.32 -15.84 40.49
CA SER A 132 13.74 -14.94 41.48
C SER A 132 13.39 -15.70 42.76
N SER A 133 13.65 -15.09 43.91
CA SER A 133 13.37 -15.71 45.20
C SER A 133 12.07 -16.53 45.13
N GLY A 134 12.21 -17.84 45.33
CA GLY A 134 11.05 -18.72 45.29
C GLY A 134 10.10 -18.46 46.44
N GLY A 1 7.58 28.91 5.60
CA GLY A 1 7.52 28.26 6.89
C GLY A 1 6.20 27.54 7.12
N SER A 2 6.28 26.26 7.45
CA SER A 2 5.10 25.45 7.69
C SER A 2 5.30 24.50 8.86
N SER A 3 4.21 23.92 9.35
CA SER A 3 4.28 22.99 10.47
C SER A 3 2.92 22.32 10.70
N GLY A 4 2.96 21.06 11.11
CA GLY A 4 1.73 20.32 11.35
C GLY A 4 1.96 18.83 11.44
N SER A 5 1.34 18.19 12.42
CA SER A 5 1.49 16.75 12.62
C SER A 5 0.31 16.19 13.40
N SER A 6 -0.15 14.99 13.02
CA SER A 6 -1.27 14.34 13.67
C SER A 6 -1.10 12.83 13.68
N GLY A 7 -1.92 12.14 14.47
CA GLY A 7 -1.84 10.70 14.55
C GLY A 7 -3.17 10.07 14.96
N GLY A 8 -3.19 8.74 15.01
CA GLY A 8 -4.40 8.04 15.39
C GLY A 8 -4.12 6.73 16.10
N SER A 9 -5.12 6.20 16.79
CA SER A 9 -4.97 4.95 17.51
C SER A 9 -6.20 4.08 17.36
N LYS A 10 -5.99 2.80 17.04
CA LYS A 10 -7.10 1.87 16.87
C LYS A 10 -6.64 0.43 17.13
N ALA A 11 -7.44 -0.30 17.89
CA ALA A 11 -7.12 -1.68 18.22
C ALA A 11 -7.88 -2.65 17.32
N GLU A 12 -7.95 -2.32 16.04
CA GLU A 12 -8.65 -3.16 15.07
C GLU A 12 -7.66 -3.96 14.22
N LYS A 13 -8.18 -4.82 13.36
CA LYS A 13 -7.34 -5.64 12.50
C LYS A 13 -7.11 -4.96 11.15
N THR A 14 -6.84 -3.65 11.21
CA THR A 14 -6.60 -2.87 10.00
C THR A 14 -5.13 -2.50 9.87
N LEU A 15 -4.57 -2.71 8.70
CA LEU A 15 -3.17 -2.40 8.45
C LEU A 15 -2.81 -1.01 8.99
N GLY A 16 -1.52 -0.77 9.18
CA GLY A 16 -1.08 0.51 9.69
C GLY A 16 -0.53 1.42 8.60
N ASP A 17 0.37 0.87 7.78
CA ASP A 17 0.97 1.63 6.69
C ASP A 17 0.17 1.47 5.41
N PHE A 18 -1.15 1.46 5.54
CA PHE A 18 -2.02 1.31 4.37
C PHE A 18 -3.40 1.92 4.65
N ALA A 19 -3.84 2.79 3.74
CA ALA A 19 -5.14 3.44 3.89
C ALA A 19 -5.87 3.52 2.55
N ALA A 20 -7.19 3.62 2.61
CA ALA A 20 -8.00 3.70 1.40
C ALA A 20 -9.25 4.53 1.64
N GLU A 21 -9.42 5.57 0.83
CA GLU A 21 -10.59 6.45 0.96
C GLU A 21 -10.66 7.43 -0.21
N TYR A 22 -11.80 8.09 -0.36
CA TYR A 22 -11.99 9.06 -1.44
C TYR A 22 -11.01 10.20 -1.32
N ALA A 23 -10.32 10.49 -2.42
CA ALA A 23 -9.34 11.58 -2.45
C ALA A 23 -9.85 12.79 -1.69
N LYS A 24 -9.39 12.95 -0.45
CA LYS A 24 -9.79 14.08 0.38
C LYS A 24 -9.60 15.40 -0.35
N SER A 25 -8.50 15.51 -1.09
CA SER A 25 -8.19 16.72 -1.84
C SER A 25 -7.71 16.39 -3.23
N ASN A 26 -7.76 17.38 -4.12
CA ASN A 26 -7.33 17.19 -5.51
C ASN A 26 -5.97 17.84 -5.75
N ARG A 27 -5.03 17.57 -4.86
CA ARG A 27 -3.69 18.14 -4.96
C ARG A 27 -2.63 17.04 -5.02
N SER A 28 -3.05 15.81 -4.73
CA SER A 28 -2.14 14.67 -4.74
C SER A 28 -1.82 14.25 -6.17
N THR A 29 -0.65 13.64 -6.35
CA THR A 29 -0.22 13.19 -7.67
C THR A 29 0.38 11.78 -7.59
N CYS A 30 -0.10 10.90 -8.47
CA CYS A 30 0.38 9.52 -8.50
C CYS A 30 1.82 9.47 -8.98
N LYS A 31 2.69 8.88 -8.17
CA LYS A 31 4.10 8.76 -8.51
C LYS A 31 4.34 7.57 -9.43
N GLY A 32 3.41 6.61 -9.40
CA GLY A 32 3.54 5.43 -10.23
C GLY A 32 3.51 5.77 -11.71
N CYS A 33 2.59 6.63 -12.11
CA CYS A 33 2.46 7.04 -13.50
C CYS A 33 2.49 8.56 -13.64
N MET A 34 3.16 9.22 -12.69
CA MET A 34 3.27 10.67 -12.70
C MET A 34 1.95 11.31 -13.12
N GLU A 35 0.85 10.77 -12.60
CA GLU A 35 -0.48 11.29 -12.92
C GLU A 35 -1.03 12.10 -11.75
N LYS A 36 -2.10 12.84 -12.01
CA LYS A 36 -2.74 13.66 -10.98
C LYS A 36 -3.99 12.99 -10.44
N ILE A 37 -4.11 12.96 -9.12
CA ILE A 37 -5.27 12.35 -8.47
C ILE A 37 -6.37 13.38 -8.22
N GLU A 38 -7.60 13.04 -8.62
CA GLU A 38 -8.73 13.93 -8.44
C GLU A 38 -9.36 13.73 -7.06
N LYS A 39 -10.22 14.68 -6.67
CA LYS A 39 -10.89 14.60 -5.38
C LYS A 39 -12.20 13.84 -5.48
N GLY A 40 -12.37 12.84 -4.62
CA GLY A 40 -13.59 12.04 -4.63
C GLY A 40 -13.34 10.62 -5.11
N GLN A 41 -12.34 10.46 -5.97
CA GLN A 41 -12.01 9.13 -6.50
C GLN A 41 -11.21 8.32 -5.49
N VAL A 42 -11.53 7.03 -5.40
CA VAL A 42 -10.84 6.14 -4.47
C VAL A 42 -9.33 6.17 -4.68
N ARG A 43 -8.58 6.27 -3.59
CA ARG A 43 -7.13 6.31 -3.65
C ARG A 43 -6.51 5.44 -2.56
N LEU A 44 -5.20 5.24 -2.65
CA LEU A 44 -4.49 4.42 -1.67
C LEU A 44 -3.13 5.04 -1.34
N SER A 45 -2.71 4.91 -0.09
CA SER A 45 -1.43 5.44 0.35
C SER A 45 -0.63 4.39 1.09
N LYS A 46 0.69 4.62 1.21
CA LYS A 46 1.57 3.69 1.89
C LYS A 46 2.64 4.43 2.67
N LYS A 47 2.65 4.26 3.99
CA LYS A 47 3.62 4.93 4.84
C LYS A 47 5.01 4.29 4.67
N MET A 48 5.93 5.07 4.11
CA MET A 48 7.30 4.60 3.89
C MET A 48 8.24 5.76 3.62
N VAL A 49 9.54 5.51 3.74
CA VAL A 49 10.55 6.53 3.50
C VAL A 49 10.87 6.66 2.02
N ASP A 50 11.25 7.86 1.60
CA ASP A 50 11.59 8.11 0.21
C ASP A 50 13.07 7.85 -0.06
N PRO A 51 13.36 6.96 -1.02
CA PRO A 51 14.73 6.60 -1.38
C PRO A 51 15.46 7.74 -2.09
N GLU A 52 14.70 8.72 -2.56
CA GLU A 52 15.26 9.87 -3.25
C GLU A 52 15.55 11.01 -2.28
N LYS A 53 14.56 11.35 -1.46
CA LYS A 53 14.71 12.42 -0.48
C LYS A 53 14.62 11.87 0.94
N PRO A 54 15.75 11.33 1.44
CA PRO A 54 15.82 10.77 2.79
C PRO A 54 15.73 11.84 3.87
N GLN A 55 16.13 13.06 3.53
CA GLN A 55 16.10 14.17 4.47
C GLN A 55 14.71 14.30 5.11
N LEU A 56 13.68 13.98 4.33
CA LEU A 56 12.31 14.06 4.82
C LEU A 56 12.01 12.93 5.80
N GLY A 57 12.30 11.71 5.38
CA GLY A 57 12.05 10.55 6.24
C GLY A 57 10.71 9.90 5.96
N MET A 58 9.90 9.78 7.00
CA MET A 58 8.57 9.17 6.86
C MET A 58 7.62 10.10 6.13
N ILE A 59 7.01 9.60 5.06
CA ILE A 59 6.08 10.39 4.28
C ILE A 59 4.87 9.55 3.86
N ASP A 60 3.83 10.22 3.38
CA ASP A 60 2.61 9.54 2.93
C ASP A 60 2.33 9.85 1.46
N ARG A 61 2.49 8.83 0.62
CA ARG A 61 2.25 8.99 -0.81
C ARG A 61 0.88 8.43 -1.20
N TRP A 62 0.47 8.69 -2.44
CA TRP A 62 -0.81 8.21 -2.94
C TRP A 62 -0.67 7.63 -4.34
N TYR A 63 -1.53 6.68 -4.67
CA TYR A 63 -1.50 6.04 -5.98
C TYR A 63 -2.88 5.51 -6.36
N HIS A 64 -3.09 5.30 -7.66
CA HIS A 64 -4.36 4.79 -8.15
C HIS A 64 -4.51 3.30 -7.88
N PRO A 65 -5.76 2.85 -7.67
CA PRO A 65 -6.05 1.44 -7.39
C PRO A 65 -5.36 0.49 -8.36
N GLY A 66 -5.24 0.91 -9.61
CA GLY A 66 -4.59 0.08 -10.61
C GLY A 66 -3.08 0.10 -10.47
N CYS A 67 -2.53 1.22 -10.04
CA CYS A 67 -1.09 1.36 -9.87
C CYS A 67 -0.64 0.70 -8.57
N PHE A 68 -1.54 0.62 -7.61
CA PHE A 68 -1.22 0.01 -6.32
C PHE A 68 -0.96 -1.48 -6.47
N VAL A 69 -1.68 -2.12 -7.38
CA VAL A 69 -1.52 -3.54 -7.63
C VAL A 69 -0.27 -3.82 -8.46
N LYS A 70 -0.15 -3.14 -9.59
CA LYS A 70 0.99 -3.31 -10.48
C LYS A 70 2.30 -3.21 -9.70
N ASN A 71 2.33 -2.31 -8.73
CA ASN A 71 3.52 -2.12 -7.90
C ASN A 71 3.27 -2.58 -6.47
N ARG A 72 2.47 -3.63 -6.32
CA ARG A 72 2.14 -4.17 -5.00
C ARG A 72 3.36 -4.83 -4.38
N GLU A 73 4.12 -5.56 -5.20
CA GLU A 73 5.31 -6.25 -4.72
C GLU A 73 6.45 -5.26 -4.47
N GLU A 74 6.68 -4.38 -5.43
CA GLU A 74 7.74 -3.38 -5.31
C GLU A 74 7.54 -2.53 -4.06
N LEU A 75 6.34 -1.98 -3.91
CA LEU A 75 6.02 -1.14 -2.76
C LEU A 75 6.30 -1.87 -1.46
N GLY A 76 6.07 -3.18 -1.44
CA GLY A 76 6.31 -3.97 -0.26
C GLY A 76 5.04 -4.55 0.32
N PHE A 77 4.11 -4.93 -0.56
CA PHE A 77 2.84 -5.51 -0.13
C PHE A 77 2.92 -7.03 -0.12
N ARG A 78 3.03 -7.61 1.07
CA ARG A 78 3.10 -9.05 1.22
C ARG A 78 1.85 -9.72 0.66
N PRO A 79 2.02 -10.97 0.17
CA PRO A 79 0.92 -11.75 -0.40
C PRO A 79 -0.10 -12.18 0.65
N GLU A 80 0.19 -11.87 1.91
CA GLU A 80 -0.70 -12.23 3.01
C GLU A 80 -1.57 -11.05 3.42
N TYR A 81 -1.69 -10.08 2.52
CA TYR A 81 -2.49 -8.89 2.78
C TYR A 81 -3.67 -8.80 1.83
N SER A 82 -4.74 -8.14 2.27
CA SER A 82 -5.94 -8.00 1.45
C SER A 82 -6.42 -6.54 1.46
N ALA A 83 -7.51 -6.28 0.75
CA ALA A 83 -8.08 -4.94 0.68
C ALA A 83 -9.03 -4.68 1.83
N SER A 84 -9.54 -5.76 2.42
CA SER A 84 -10.48 -5.66 3.53
C SER A 84 -9.76 -5.24 4.81
N GLN A 85 -8.44 -5.15 4.73
CA GLN A 85 -7.63 -4.75 5.89
C GLN A 85 -7.07 -3.35 5.71
N LEU A 86 -7.73 -2.57 4.86
CA LEU A 86 -7.30 -1.19 4.60
C LEU A 86 -8.10 -0.21 5.45
N LYS A 87 -7.40 0.74 6.06
CA LYS A 87 -8.04 1.75 6.89
C LYS A 87 -9.10 2.52 6.11
N GLY A 88 -10.37 2.30 6.46
CA GLY A 88 -11.45 2.98 5.78
C GLY A 88 -11.99 2.18 4.61
N PHE A 89 -11.88 0.86 4.69
CA PHE A 89 -12.36 -0.01 3.62
C PHE A 89 -13.87 -0.22 3.73
N SER A 90 -14.35 -0.48 4.94
CA SER A 90 -15.76 -0.70 5.17
C SER A 90 -16.58 0.54 4.84
N LEU A 91 -15.89 1.68 4.74
CA LEU A 91 -16.54 2.95 4.42
C LEU A 91 -16.82 3.06 2.93
N LEU A 92 -15.88 2.58 2.12
CA LEU A 92 -16.02 2.62 0.67
C LEU A 92 -17.36 2.04 0.24
N ALA A 93 -17.81 2.44 -0.94
CA ALA A 93 -19.08 1.97 -1.48
C ALA A 93 -18.96 0.52 -1.96
N THR A 94 -19.90 -0.32 -1.54
CA THR A 94 -19.91 -1.72 -1.93
C THR A 94 -19.38 -1.90 -3.35
N GLU A 95 -19.91 -1.09 -4.27
CA GLU A 95 -19.49 -1.17 -5.67
C GLU A 95 -17.96 -1.21 -5.78
N ASP A 96 -17.31 -0.29 -5.08
CA ASP A 96 -15.85 -0.23 -5.10
C ASP A 96 -15.23 -1.34 -4.27
N LYS A 97 -15.74 -1.50 -3.04
CA LYS A 97 -15.25 -2.54 -2.14
C LYS A 97 -14.92 -3.82 -2.91
N GLU A 98 -15.85 -4.25 -3.75
CA GLU A 98 -15.66 -5.45 -4.56
C GLU A 98 -14.48 -5.30 -5.50
N ALA A 99 -14.42 -4.16 -6.18
CA ALA A 99 -13.34 -3.89 -7.12
C ALA A 99 -11.98 -4.24 -6.52
N LEU A 100 -11.64 -3.58 -5.42
CA LEU A 100 -10.37 -3.82 -4.74
C LEU A 100 -10.23 -5.29 -4.35
N LYS A 101 -11.23 -5.81 -3.65
CA LYS A 101 -11.22 -7.20 -3.22
C LYS A 101 -10.82 -8.12 -4.36
N LYS A 102 -11.42 -7.90 -5.52
CA LYS A 102 -11.12 -8.71 -6.70
C LYS A 102 -9.68 -8.51 -7.16
N GLN A 103 -9.28 -7.25 -7.26
CA GLN A 103 -7.91 -6.93 -7.68
C GLN A 103 -6.89 -7.55 -6.73
N LEU A 104 -7.21 -7.59 -5.45
CA LEU A 104 -6.32 -8.16 -4.45
C LEU A 104 -6.89 -9.46 -3.89
N PRO A 105 -6.74 -10.56 -4.64
CA PRO A 105 -7.23 -11.87 -4.23
C PRO A 105 -6.45 -12.45 -3.06
N GLY A 106 -5.49 -11.68 -2.56
CA GLY A 106 -4.68 -12.12 -1.44
C GLY A 106 -3.36 -12.73 -1.89
N VAL A 107 -3.37 -14.04 -2.12
CA VAL A 107 -2.16 -14.74 -2.56
C VAL A 107 -2.18 -14.99 -4.06
N LYS A 108 -1.00 -15.00 -4.67
CA LYS A 108 -0.88 -15.23 -6.10
C LYS A 108 0.59 -15.33 -6.51
N SER A 109 0.88 -16.20 -7.47
CA SER A 109 2.24 -16.38 -7.96
C SER A 109 2.57 -15.35 -9.04
N GLU A 110 3.74 -14.73 -8.90
CA GLU A 110 4.19 -13.73 -9.86
C GLU A 110 5.44 -14.19 -10.59
N GLY A 111 6.55 -14.29 -9.86
CA GLY A 111 7.80 -14.73 -10.47
C GLY A 111 8.99 -14.51 -9.55
N LYS A 112 10.08 -14.03 -10.12
CA LYS A 112 11.30 -13.78 -9.35
C LYS A 112 11.81 -12.37 -9.57
N ARG A 113 12.44 -11.80 -8.55
CA ARG A 113 12.97 -10.44 -8.64
C ARG A 113 14.38 -10.37 -8.04
N LYS A 114 15.06 -9.26 -8.28
CA LYS A 114 16.41 -9.06 -7.76
C LYS A 114 16.87 -7.62 -7.96
N GLY A 115 17.02 -6.90 -6.85
CA GLY A 115 17.44 -5.52 -6.92
C GLY A 115 18.93 -5.36 -6.72
N ASP A 116 19.37 -4.14 -6.47
CA ASP A 116 20.79 -3.86 -6.26
C ASP A 116 21.00 -2.43 -5.75
N GLU A 117 22.24 -2.10 -5.44
CA GLU A 117 22.58 -0.77 -4.93
C GLU A 117 24.06 -0.49 -5.07
N VAL A 118 24.40 0.52 -5.86
CA VAL A 118 25.80 0.89 -6.07
C VAL A 118 26.10 2.25 -5.44
N ASP A 119 27.18 2.30 -4.66
CA ASP A 119 27.58 3.54 -4.00
C ASP A 119 29.06 3.49 -3.62
N GLY A 120 29.64 4.66 -3.36
CA GLY A 120 31.04 4.73 -2.98
C GLY A 120 31.31 5.82 -1.97
N VAL A 121 32.47 5.74 -1.31
CA VAL A 121 32.85 6.74 -0.32
C VAL A 121 33.79 7.78 -0.91
N ASP A 122 33.71 8.99 -0.38
CA ASP A 122 34.56 10.08 -0.86
C ASP A 122 35.94 10.01 -0.23
N GLU A 123 36.78 11.01 -0.51
CA GLU A 123 38.13 11.06 0.02
C GLU A 123 38.61 12.49 0.15
N VAL A 124 38.71 12.97 1.39
CA VAL A 124 39.17 14.33 1.65
C VAL A 124 39.99 14.40 2.93
N ALA A 125 41.13 15.08 2.86
CA ALA A 125 42.00 15.23 4.02
C ALA A 125 41.34 16.04 5.12
N LYS A 126 41.56 15.64 6.37
CA LYS A 126 40.97 16.33 7.51
C LYS A 126 39.45 16.43 7.37
N LYS A 127 38.83 15.33 6.97
CA LYS A 127 37.39 15.28 6.80
C LYS A 127 36.67 15.80 8.05
N LYS A 128 35.83 16.81 7.87
CA LYS A 128 35.09 17.39 8.98
C LYS A 128 34.64 16.32 9.96
N SER A 129 34.58 16.67 11.24
CA SER A 129 34.16 15.73 12.27
C SER A 129 32.69 15.38 12.13
N GLY A 130 32.28 14.28 12.76
CA GLY A 130 30.90 13.86 12.70
C GLY A 130 30.72 12.57 11.92
N PRO A 131 31.14 11.45 12.52
CA PRO A 131 31.03 10.13 11.90
C PRO A 131 29.58 9.64 11.78
N SER A 132 29.40 8.42 11.31
CA SER A 132 28.07 7.85 11.13
C SER A 132 27.68 7.05 12.37
N SER A 133 26.93 7.69 13.26
CA SER A 133 26.47 7.04 14.49
C SER A 133 25.04 6.52 14.34
N GLY A 134 24.61 5.70 15.29
CA GLY A 134 23.27 5.14 15.24
C GLY A 134 22.39 5.70 16.33
N GLY A 1 -1.77 31.62 15.04
CA GLY A 1 -1.99 30.44 15.86
C GLY A 1 -1.93 29.15 15.06
N SER A 2 -2.01 28.02 15.75
CA SER A 2 -1.96 26.72 15.10
C SER A 2 -2.63 25.65 15.96
N SER A 3 -2.95 24.52 15.35
CA SER A 3 -3.60 23.43 16.05
C SER A 3 -3.33 22.09 15.36
N GLY A 4 -3.71 21.01 16.02
CA GLY A 4 -3.50 19.68 15.44
C GLY A 4 -3.88 18.57 16.40
N SER A 5 -5.15 18.54 16.78
CA SER A 5 -5.65 17.52 17.69
C SER A 5 -6.61 16.57 16.99
N SER A 6 -6.73 15.36 17.52
CA SER A 6 -7.62 14.35 16.94
C SER A 6 -7.83 13.19 17.90
N GLY A 7 -8.93 12.46 17.71
CA GLY A 7 -9.23 11.33 18.57
C GLY A 7 -9.83 10.17 17.80
N GLY A 8 -10.26 9.15 18.55
CA GLY A 8 -10.85 7.98 17.91
C GLY A 8 -10.57 6.71 18.68
N SER A 9 -9.97 5.73 18.00
CA SER A 9 -9.65 4.45 18.62
C SER A 9 -8.31 3.92 18.12
N LYS A 10 -7.60 3.19 18.98
CA LYS A 10 -6.31 2.62 18.63
C LYS A 10 -6.49 1.32 17.83
N ALA A 11 -6.37 1.42 16.51
CA ALA A 11 -6.51 0.26 15.64
C ALA A 11 -5.80 -0.96 16.23
N GLU A 12 -6.40 -2.13 16.06
CA GLU A 12 -5.82 -3.36 16.57
C GLU A 12 -5.67 -4.40 15.46
N LYS A 13 -6.68 -4.46 14.59
CA LYS A 13 -6.66 -5.41 13.48
C LYS A 13 -6.75 -4.69 12.14
N THR A 14 -5.94 -3.64 11.98
CA THR A 14 -5.93 -2.86 10.75
C THR A 14 -4.53 -2.34 10.44
N LEU A 15 -4.19 -2.32 9.15
CA LEU A 15 -2.89 -1.85 8.72
C LEU A 15 -2.90 -0.34 8.47
N GLY A 16 -2.13 0.39 9.27
CA GLY A 16 -2.08 1.84 9.12
C GLY A 16 -1.31 2.25 7.87
N ASP A 17 -0.10 1.74 7.72
CA ASP A 17 0.73 2.06 6.57
C ASP A 17 -0.11 2.16 5.29
N PHE A 18 -1.06 1.24 5.15
CA PHE A 18 -1.93 1.23 3.98
C PHE A 18 -3.30 1.79 4.32
N ALA A 19 -3.80 2.68 3.46
CA ALA A 19 -5.11 3.29 3.66
C ALA A 19 -5.82 3.54 2.33
N ALA A 20 -7.07 3.12 2.23
CA ALA A 20 -7.84 3.31 1.01
C ALA A 20 -9.17 4.00 1.32
N GLU A 21 -9.34 5.21 0.78
CA GLU A 21 -10.56 5.97 0.99
C GLU A 21 -10.76 6.99 -0.14
N TYR A 22 -11.89 7.68 -0.10
CA TYR A 22 -12.21 8.68 -1.12
C TYR A 22 -11.38 9.94 -0.92
N ALA A 23 -10.51 10.23 -1.89
CA ALA A 23 -9.66 11.41 -1.82
C ALA A 23 -10.44 12.63 -1.34
N LYS A 24 -10.10 13.13 -0.16
CA LYS A 24 -10.77 14.30 0.40
C LYS A 24 -10.64 15.50 -0.53
N SER A 25 -9.44 15.70 -1.07
CA SER A 25 -9.18 16.81 -1.97
C SER A 25 -8.36 16.36 -3.17
N ASN A 26 -8.41 17.15 -4.24
CA ASN A 26 -7.66 16.84 -5.46
C ASN A 26 -6.22 17.32 -5.36
N ARG A 27 -5.61 17.09 -4.20
CA ARG A 27 -4.23 17.51 -3.97
C ARG A 27 -3.30 16.30 -3.89
N SER A 28 -3.52 15.34 -4.78
CA SER A 28 -2.71 14.12 -4.80
C SER A 28 -2.29 13.78 -6.23
N THR A 29 -1.09 13.20 -6.37
CA THR A 29 -0.58 12.83 -7.68
C THR A 29 0.10 11.46 -7.62
N CYS A 30 -0.27 10.58 -8.54
CA CYS A 30 0.30 9.25 -8.61
C CYS A 30 1.75 9.30 -9.07
N LYS A 31 2.64 8.71 -8.27
CA LYS A 31 4.07 8.69 -8.60
C LYS A 31 4.37 7.58 -9.61
N GLY A 32 3.54 6.55 -9.63
CA GLY A 32 3.73 5.46 -10.56
C GLY A 32 3.64 5.90 -12.01
N CYS A 33 2.57 6.61 -12.34
CA CYS A 33 2.37 7.09 -13.70
C CYS A 33 2.32 8.62 -13.74
N MET A 34 3.00 9.24 -12.78
CA MET A 34 3.03 10.70 -12.70
C MET A 34 1.69 11.30 -13.09
N GLU A 35 0.61 10.66 -12.66
CA GLU A 35 -0.73 11.12 -12.97
C GLU A 35 -1.32 11.90 -11.80
N LYS A 36 -2.46 12.56 -12.04
CA LYS A 36 -3.12 13.33 -11.00
C LYS A 36 -4.32 12.57 -10.44
N ILE A 37 -4.40 12.51 -9.11
CA ILE A 37 -5.49 11.80 -8.45
C ILE A 37 -6.68 12.74 -8.23
N GLU A 38 -7.81 12.38 -8.84
CA GLU A 38 -9.02 13.19 -8.71
C GLU A 38 -9.60 13.07 -7.30
N LYS A 39 -10.54 13.96 -6.98
CA LYS A 39 -11.18 13.96 -5.67
C LYS A 39 -12.31 12.94 -5.61
N GLY A 40 -12.28 12.09 -4.58
CA GLY A 40 -13.31 11.09 -4.43
C GLY A 40 -12.86 9.72 -4.92
N GLN A 41 -12.20 9.70 -6.08
CA GLN A 41 -11.71 8.46 -6.66
C GLN A 41 -10.87 7.68 -5.65
N VAL A 42 -11.27 6.43 -5.41
CA VAL A 42 -10.55 5.57 -4.48
C VAL A 42 -9.04 5.70 -4.65
N ARG A 43 -8.35 6.01 -3.56
CA ARG A 43 -6.89 6.16 -3.59
C ARG A 43 -6.23 5.37 -2.46
N LEU A 44 -5.05 4.84 -2.73
CA LEU A 44 -4.31 4.06 -1.74
C LEU A 44 -2.99 4.73 -1.40
N SER A 45 -2.79 5.02 -0.12
CA SER A 45 -1.57 5.67 0.35
C SER A 45 -0.62 4.64 0.97
N LYS A 46 0.66 4.76 0.65
CA LYS A 46 1.67 3.85 1.17
C LYS A 46 2.74 4.62 1.96
N LYS A 47 3.12 4.08 3.11
CA LYS A 47 4.14 4.70 3.94
C LYS A 47 5.54 4.36 3.46
N MET A 48 6.20 5.31 2.80
CA MET A 48 7.55 5.10 2.29
C MET A 48 8.21 6.43 1.95
N VAL A 49 9.53 6.47 2.08
CA VAL A 49 10.29 7.68 1.80
C VAL A 49 10.44 7.88 0.29
N ASP A 50 10.43 9.14 -0.14
CA ASP A 50 10.56 9.47 -1.55
C ASP A 50 11.94 9.07 -2.07
N PRO A 51 11.96 8.25 -3.12
CA PRO A 51 13.21 7.77 -3.74
C PRO A 51 13.95 8.88 -4.47
N GLU A 52 13.27 10.01 -4.67
CA GLU A 52 13.87 11.14 -5.35
C GLU A 52 14.48 12.13 -4.36
N LYS A 53 13.85 12.25 -3.21
CA LYS A 53 14.34 13.15 -2.16
C LYS A 53 14.32 12.47 -0.80
N PRO A 54 15.36 11.66 -0.54
CA PRO A 54 15.49 10.93 0.73
C PRO A 54 15.80 11.85 1.91
N GLN A 55 16.18 13.08 1.58
CA GLN A 55 16.50 14.07 2.62
C GLN A 55 15.30 14.31 3.53
N LEU A 56 14.12 14.00 3.03
CA LEU A 56 12.89 14.19 3.81
C LEU A 56 12.63 12.98 4.70
N GLY A 57 12.76 11.78 4.13
CA GLY A 57 12.53 10.57 4.90
C GLY A 57 11.13 10.03 4.73
N MET A 58 10.50 9.64 5.82
CA MET A 58 9.14 9.10 5.78
C MET A 58 8.16 10.13 5.27
N ILE A 59 7.35 9.74 4.29
CA ILE A 59 6.36 10.64 3.71
C ILE A 59 5.14 9.86 3.21
N ASP A 60 3.96 10.43 3.40
CA ASP A 60 2.72 9.80 2.97
C ASP A 60 2.38 10.21 1.54
N ARG A 61 2.13 9.22 0.69
CA ARG A 61 1.79 9.46 -0.70
C ARG A 61 0.48 8.76 -1.08
N TRP A 62 0.05 8.96 -2.32
CA TRP A 62 -1.18 8.34 -2.81
C TRP A 62 -1.01 7.83 -4.23
N TYR A 63 -1.61 6.68 -4.51
CA TYR A 63 -1.52 6.08 -5.84
C TYR A 63 -2.88 5.54 -6.28
N HIS A 64 -2.95 5.08 -7.53
CA HIS A 64 -4.18 4.53 -8.08
C HIS A 64 -4.29 3.04 -7.78
N PRO A 65 -5.52 2.56 -7.54
CA PRO A 65 -5.79 1.16 -7.24
C PRO A 65 -5.11 0.21 -8.23
N GLY A 66 -5.09 0.61 -9.50
CA GLY A 66 -4.47 -0.20 -10.52
C GLY A 66 -2.95 -0.16 -10.45
N CYS A 67 -2.40 1.01 -10.15
CA CYS A 67 -0.96 1.20 -10.05
C CYS A 67 -0.42 0.58 -8.77
N PHE A 68 -1.27 0.47 -7.76
CA PHE A 68 -0.88 -0.10 -6.48
C PHE A 68 -0.56 -1.59 -6.62
N VAL A 69 -1.39 -2.30 -7.39
CA VAL A 69 -1.21 -3.72 -7.61
C VAL A 69 0.07 -3.99 -8.40
N LYS A 70 0.25 -3.25 -9.49
CA LYS A 70 1.43 -3.41 -10.34
C LYS A 70 2.71 -3.30 -9.51
N ASN A 71 2.75 -2.33 -8.61
CA ASN A 71 3.90 -2.13 -7.75
C ASN A 71 3.64 -2.60 -6.33
N ARG A 72 2.81 -3.65 -6.21
CA ARG A 72 2.47 -4.20 -4.91
C ARG A 72 3.71 -4.75 -4.21
N GLU A 73 4.46 -5.58 -4.93
CA GLU A 73 5.68 -6.17 -4.37
C GLU A 73 6.71 -5.10 -4.03
N GLU A 74 6.91 -4.18 -4.97
CA GLU A 74 7.87 -3.09 -4.78
C GLU A 74 7.48 -2.23 -3.58
N LEU A 75 6.24 -1.76 -3.58
CA LEU A 75 5.74 -0.92 -2.49
C LEU A 75 5.92 -1.61 -1.14
N GLY A 76 5.92 -2.94 -1.16
CA GLY A 76 6.09 -3.69 0.07
C GLY A 76 4.77 -4.19 0.62
N PHE A 77 3.91 -4.69 -0.26
CA PHE A 77 2.60 -5.21 0.15
C PHE A 77 2.59 -6.73 0.12
N ARG A 78 2.61 -7.34 1.30
CA ARG A 78 2.59 -8.80 1.41
C ARG A 78 1.26 -9.36 0.92
N PRO A 79 1.28 -10.62 0.46
CA PRO A 79 0.08 -11.31 -0.03
C PRO A 79 -0.91 -11.63 1.08
N GLU A 80 -0.40 -11.73 2.30
CA GLU A 80 -1.24 -12.03 3.46
C GLU A 80 -2.23 -10.90 3.72
N TYR A 81 -1.98 -9.74 3.11
CA TYR A 81 -2.84 -8.59 3.27
C TYR A 81 -3.90 -8.54 2.18
N SER A 82 -5.13 -8.19 2.57
CA SER A 82 -6.23 -8.11 1.61
C SER A 82 -6.89 -6.73 1.68
N ALA A 83 -7.73 -6.43 0.68
CA ALA A 83 -8.42 -5.16 0.62
C ALA A 83 -9.10 -4.84 1.95
N SER A 84 -9.52 -5.88 2.66
CA SER A 84 -10.18 -5.71 3.95
C SER A 84 -9.24 -5.08 4.96
N GLN A 85 -7.96 -5.44 4.88
CA GLN A 85 -6.95 -4.90 5.79
C GLN A 85 -6.73 -3.41 5.55
N LEU A 86 -6.94 -2.98 4.31
CA LEU A 86 -6.75 -1.59 3.94
C LEU A 86 -7.68 -0.68 4.77
N LYS A 87 -7.08 0.21 5.54
CA LYS A 87 -7.83 1.14 6.38
C LYS A 87 -8.87 1.90 5.54
N GLY A 88 -10.13 1.79 5.93
CA GLY A 88 -11.19 2.48 5.21
C GLY A 88 -12.05 1.53 4.40
N PHE A 89 -11.43 0.49 3.86
CA PHE A 89 -12.15 -0.50 3.06
C PHE A 89 -13.56 -0.71 3.59
N SER A 90 -13.66 -1.25 4.80
CA SER A 90 -14.96 -1.50 5.42
C SER A 90 -15.87 -0.31 5.29
N LEU A 91 -15.29 0.89 5.35
CA LEU A 91 -16.06 2.13 5.24
C LEU A 91 -16.50 2.36 3.80
N LEU A 92 -15.64 1.99 2.85
CA LEU A 92 -15.94 2.16 1.43
C LEU A 92 -17.25 1.47 1.07
N ALA A 93 -17.99 2.06 0.14
CA ALA A 93 -19.26 1.50 -0.29
C ALA A 93 -19.08 0.12 -0.90
N THR A 94 -20.11 -0.72 -0.78
CA THR A 94 -20.06 -2.07 -1.33
C THR A 94 -19.55 -2.08 -2.77
N GLU A 95 -20.28 -1.38 -3.64
CA GLU A 95 -19.90 -1.30 -5.05
C GLU A 95 -18.39 -1.15 -5.20
N ASP A 96 -17.80 -0.28 -4.38
CA ASP A 96 -16.36 -0.05 -4.43
C ASP A 96 -15.59 -1.28 -3.94
N LYS A 97 -15.97 -1.78 -2.78
CA LYS A 97 -15.33 -2.96 -2.20
C LYS A 97 -15.07 -4.02 -3.28
N GLU A 98 -16.13 -4.39 -3.99
CA GLU A 98 -16.01 -5.40 -5.05
C GLU A 98 -14.88 -5.05 -6.01
N ALA A 99 -14.82 -3.78 -6.40
CA ALA A 99 -13.80 -3.30 -7.32
C ALA A 99 -12.40 -3.61 -6.80
N LEU A 100 -12.20 -3.43 -5.50
CA LEU A 100 -10.91 -3.68 -4.87
C LEU A 100 -10.67 -5.18 -4.73
N LYS A 101 -11.62 -5.87 -4.12
CA LYS A 101 -11.52 -7.32 -3.92
C LYS A 101 -10.90 -7.99 -5.15
N LYS A 102 -11.34 -7.56 -6.33
CA LYS A 102 -10.85 -8.12 -7.58
C LYS A 102 -9.34 -7.92 -7.70
N GLN A 103 -8.89 -6.68 -7.55
CA GLN A 103 -7.47 -6.36 -7.64
C GLN A 103 -6.69 -7.07 -6.55
N LEU A 104 -7.15 -6.95 -5.31
CA LEU A 104 -6.49 -7.59 -4.17
C LEU A 104 -7.37 -8.68 -3.58
N PRO A 105 -7.41 -9.84 -4.25
CA PRO A 105 -8.20 -10.99 -3.80
C PRO A 105 -7.63 -11.63 -2.53
N GLY A 106 -6.34 -11.42 -2.29
CA GLY A 106 -5.70 -11.97 -1.11
C GLY A 106 -4.54 -12.87 -1.46
N VAL A 107 -4.09 -13.66 -0.49
CA VAL A 107 -2.97 -14.57 -0.70
C VAL A 107 -2.93 -15.08 -2.13
N LYS A 108 -1.86 -14.75 -2.85
CA LYS A 108 -1.70 -15.18 -4.23
C LYS A 108 -0.83 -16.43 -4.32
N SER A 109 -1.01 -17.33 -3.36
CA SER A 109 -0.25 -18.57 -3.33
C SER A 109 -0.18 -19.20 -4.73
N GLU A 110 -1.35 -19.40 -5.34
CA GLU A 110 -1.41 -19.99 -6.67
C GLU A 110 -0.75 -19.09 -7.70
N GLY A 111 0.35 -19.56 -8.27
CA GLY A 111 1.07 -18.78 -9.27
C GLY A 111 2.01 -19.63 -10.10
N LYS A 112 3.25 -19.18 -10.23
CA LYS A 112 4.26 -19.90 -11.01
C LYS A 112 5.54 -20.08 -10.19
N ARG A 113 6.29 -21.13 -10.52
CA ARG A 113 7.54 -21.42 -9.83
C ARG A 113 8.62 -21.84 -10.82
N LYS A 114 9.82 -22.13 -10.29
CA LYS A 114 10.94 -22.54 -11.12
C LYS A 114 11.41 -23.94 -10.74
N GLY A 115 11.50 -24.20 -9.44
CA GLY A 115 11.94 -25.51 -8.97
C GLY A 115 11.18 -25.96 -7.74
N ASP A 116 10.76 -27.22 -7.74
CA ASP A 116 10.02 -27.77 -6.60
C ASP A 116 10.97 -28.27 -5.53
N GLU A 117 10.89 -27.68 -4.34
CA GLU A 117 11.74 -28.06 -3.23
C GLU A 117 10.91 -28.53 -2.04
N VAL A 118 10.54 -29.81 -2.06
CA VAL A 118 9.74 -30.38 -0.98
C VAL A 118 10.54 -30.47 0.32
N ASP A 119 9.88 -30.16 1.43
CA ASP A 119 10.54 -30.21 2.73
C ASP A 119 10.59 -31.64 3.27
N GLY A 120 11.57 -32.40 2.78
CA GLY A 120 11.71 -33.78 3.23
C GLY A 120 12.59 -33.91 4.46
N VAL A 121 12.01 -33.64 5.62
CA VAL A 121 12.75 -33.72 6.88
C VAL A 121 12.28 -34.90 7.72
N ASP A 122 12.97 -36.03 7.59
CA ASP A 122 12.62 -37.24 8.33
C ASP A 122 12.44 -36.92 9.81
N GLU A 123 11.42 -37.52 10.42
CA GLU A 123 11.14 -37.30 11.83
C GLU A 123 10.70 -38.60 12.51
N VAL A 124 10.90 -38.67 13.83
CA VAL A 124 10.52 -39.86 14.58
C VAL A 124 9.10 -40.30 14.25
N ALA A 125 8.81 -41.58 14.47
CA ALA A 125 7.49 -42.12 14.20
C ALA A 125 6.41 -41.38 14.98
N LYS A 126 5.30 -41.09 14.32
CA LYS A 126 4.19 -40.38 14.95
C LYS A 126 2.86 -41.06 14.62
N LYS A 127 1.92 -40.99 15.57
CA LYS A 127 0.61 -41.58 15.38
C LYS A 127 0.08 -41.31 13.98
N LYS A 128 -0.58 -42.31 13.39
CA LYS A 128 -1.14 -42.18 12.06
C LYS A 128 -2.64 -41.94 12.11
N SER A 129 -3.14 -41.09 11.23
CA SER A 129 -4.57 -40.77 11.18
C SER A 129 -5.37 -41.96 10.65
N GLY A 130 -6.58 -42.13 11.17
CA GLY A 130 -7.43 -43.22 10.72
C GLY A 130 -7.75 -43.16 9.25
N PRO A 131 -8.14 -44.30 8.67
CA PRO A 131 -8.49 -44.39 7.25
C PRO A 131 -9.79 -43.68 6.92
N SER A 132 -10.18 -43.71 5.65
CA SER A 132 -11.41 -43.06 5.21
C SER A 132 -12.52 -44.08 4.99
N SER A 133 -13.71 -43.59 4.66
CA SER A 133 -14.85 -44.46 4.43
C SER A 133 -14.88 -44.95 2.99
N GLY A 134 -15.77 -45.90 2.71
CA GLY A 134 -15.89 -46.44 1.37
C GLY A 134 -17.06 -45.86 0.60
N GLY A 1 5.05 26.65 17.71
CA GLY A 1 4.15 25.56 18.06
C GLY A 1 3.51 24.92 16.84
N SER A 2 2.89 23.76 17.04
CA SER A 2 2.25 23.04 15.94
C SER A 2 0.79 22.73 16.29
N SER A 3 0.05 22.25 15.29
CA SER A 3 -1.36 21.91 15.49
C SER A 3 -1.53 20.41 15.70
N GLY A 4 -2.72 20.02 16.16
CA GLY A 4 -2.99 18.62 16.39
C GLY A 4 -3.50 18.35 17.80
N SER A 5 -4.81 18.23 17.93
CA SER A 5 -5.42 17.97 19.24
C SER A 5 -6.67 17.10 19.09
N SER A 6 -6.80 16.13 19.99
CA SER A 6 -7.95 15.22 19.96
C SER A 6 -8.31 14.84 18.52
N GLY A 7 -7.30 14.41 17.76
CA GLY A 7 -7.53 14.03 16.38
C GLY A 7 -6.77 12.77 15.99
N GLY A 8 -7.45 11.64 16.00
CA GLY A 8 -6.80 10.38 15.65
C GLY A 8 -7.17 9.26 16.61
N SER A 9 -6.85 8.03 16.21
CA SER A 9 -7.14 6.86 17.03
C SER A 9 -6.35 5.65 16.56
N LYS A 10 -6.22 4.66 17.45
CA LYS A 10 -5.49 3.44 17.12
C LYS A 10 -6.44 2.34 16.68
N ALA A 11 -5.93 1.38 15.92
CA ALA A 11 -6.73 0.27 15.44
C ALA A 11 -6.29 -1.05 16.07
N GLU A 12 -6.99 -2.12 15.76
CA GLU A 12 -6.67 -3.43 16.31
C GLU A 12 -6.46 -4.45 15.19
N LYS A 13 -7.27 -4.35 14.15
CA LYS A 13 -7.17 -5.26 13.01
C LYS A 13 -6.93 -4.48 11.71
N THR A 14 -6.77 -3.18 11.84
CA THR A 14 -6.53 -2.32 10.67
C THR A 14 -5.05 -1.96 10.55
N LEU A 15 -4.62 -1.71 9.33
CA LEU A 15 -3.22 -1.35 9.06
C LEU A 15 -3.08 0.15 8.85
N GLY A 16 -2.13 0.76 9.56
CA GLY A 16 -1.91 2.19 9.42
C GLY A 16 -1.17 2.54 8.15
N ASP A 17 -0.06 1.84 7.90
CA ASP A 17 0.74 2.09 6.70
C ASP A 17 -0.15 2.23 5.47
N PHE A 18 -1.13 1.34 5.36
CA PHE A 18 -2.05 1.36 4.22
C PHE A 18 -3.41 1.92 4.63
N ALA A 19 -3.94 2.83 3.82
CA ALA A 19 -5.24 3.44 4.10
C ALA A 19 -5.96 3.80 2.80
N ALA A 20 -7.23 3.41 2.71
CA ALA A 20 -8.03 3.70 1.53
C ALA A 20 -9.18 4.65 1.86
N GLU A 21 -9.34 5.68 1.03
CA GLU A 21 -10.41 6.66 1.25
C GLU A 21 -10.47 7.64 0.07
N TYR A 22 -11.62 8.31 -0.06
CA TYR A 22 -11.81 9.27 -1.14
C TYR A 22 -10.84 10.45 -1.00
N ALA A 23 -10.15 10.76 -2.10
CA ALA A 23 -9.19 11.85 -2.10
C ALA A 23 -9.78 13.10 -1.45
N LYS A 24 -9.07 13.66 -0.49
CA LYS A 24 -9.52 14.86 0.21
C LYS A 24 -9.38 16.09 -0.68
N SER A 25 -8.37 16.08 -1.55
CA SER A 25 -8.12 17.19 -2.46
C SER A 25 -7.76 16.69 -3.85
N ASN A 26 -7.84 17.58 -4.83
CA ASN A 26 -7.52 17.23 -6.22
C ASN A 26 -6.11 17.70 -6.58
N ARG A 27 -5.21 17.65 -5.60
CA ARG A 27 -3.83 18.08 -5.83
C ARG A 27 -2.88 16.89 -5.76
N SER A 28 -2.84 16.23 -4.61
CA SER A 28 -1.97 15.07 -4.41
C SER A 28 -1.83 14.28 -5.71
N THR A 29 -0.62 14.33 -6.29
CA THR A 29 -0.35 13.62 -7.53
C THR A 29 0.29 12.26 -7.26
N CYS A 30 -0.14 11.25 -8.00
CA CYS A 30 0.38 9.89 -7.84
C CYS A 30 1.87 9.86 -8.15
N LYS A 31 2.57 8.88 -7.56
CA LYS A 31 4.00 8.72 -7.77
C LYS A 31 4.29 7.61 -8.77
N GLY A 32 3.43 6.60 -8.79
CA GLY A 32 3.61 5.49 -9.70
C GLY A 32 3.56 5.93 -11.16
N CYS A 33 2.37 6.32 -11.62
CA CYS A 33 2.19 6.76 -13.00
C CYS A 33 2.56 8.23 -13.14
N MET A 34 2.57 8.96 -12.03
CA MET A 34 2.91 10.37 -12.04
C MET A 34 1.83 11.18 -12.76
N GLU A 35 0.57 10.95 -12.38
CA GLU A 35 -0.55 11.66 -12.99
C GLU A 35 -1.45 12.26 -11.92
N LYS A 36 -1.84 13.51 -12.13
CA LYS A 36 -2.71 14.21 -11.19
C LYS A 36 -3.79 13.27 -10.64
N ILE A 37 -4.37 13.64 -9.52
CA ILE A 37 -5.43 12.84 -8.90
C ILE A 37 -6.66 13.68 -8.58
N GLU A 38 -7.80 13.28 -9.12
CA GLU A 38 -9.04 14.01 -8.89
C GLU A 38 -9.47 13.91 -7.43
N LYS A 39 -10.22 14.90 -6.97
CA LYS A 39 -10.70 14.93 -5.60
C LYS A 39 -12.01 14.16 -5.45
N GLY A 40 -11.93 12.97 -4.85
CA GLY A 40 -13.12 12.16 -4.66
C GLY A 40 -12.91 10.72 -5.09
N GLN A 41 -12.06 10.52 -6.09
CA GLN A 41 -11.78 9.17 -6.60
C GLN A 41 -11.05 8.34 -5.54
N VAL A 42 -11.34 7.05 -5.52
CA VAL A 42 -10.72 6.15 -4.57
C VAL A 42 -9.21 6.09 -4.76
N ARG A 43 -8.47 6.34 -3.69
CA ARG A 43 -7.01 6.32 -3.74
C ARG A 43 -6.44 5.40 -2.67
N LEU A 44 -5.11 5.27 -2.65
CA LEU A 44 -4.45 4.42 -1.68
C LEU A 44 -3.08 5.00 -1.31
N SER A 45 -2.86 5.18 0.00
CA SER A 45 -1.61 5.72 0.49
C SER A 45 -0.77 4.64 1.17
N LYS A 46 0.53 4.89 1.29
CA LYS A 46 1.44 3.94 1.92
C LYS A 46 2.54 4.66 2.70
N LYS A 47 2.50 4.52 4.03
CA LYS A 47 3.49 5.16 4.89
C LYS A 47 4.81 4.40 4.85
N MET A 48 5.80 4.98 4.19
CA MET A 48 7.12 4.36 4.09
C MET A 48 8.20 5.42 3.85
N VAL A 49 9.43 5.05 4.16
CA VAL A 49 10.57 5.96 3.98
C VAL A 49 11.13 5.88 2.57
N ASP A 50 11.17 7.02 1.88
CA ASP A 50 11.69 7.07 0.52
C ASP A 50 13.21 6.91 0.51
N PRO A 51 13.69 5.89 -0.20
CA PRO A 51 15.12 5.60 -0.31
C PRO A 51 15.86 6.65 -1.13
N GLU A 52 15.10 7.52 -1.79
CA GLU A 52 15.70 8.58 -2.61
C GLU A 52 15.89 9.85 -1.80
N LYS A 53 14.87 10.22 -1.02
CA LYS A 53 14.93 11.42 -0.20
C LYS A 53 14.65 11.09 1.26
N PRO A 54 15.70 10.65 1.98
CA PRO A 54 15.60 10.29 3.39
C PRO A 54 15.38 11.50 4.28
N GLN A 55 15.86 12.66 3.83
CA GLN A 55 15.71 13.90 4.59
C GLN A 55 14.33 13.98 5.24
N LEU A 56 13.30 13.69 4.46
CA LEU A 56 11.93 13.74 4.95
C LEU A 56 11.62 12.51 5.79
N GLY A 57 12.18 11.36 5.40
CA GLY A 57 11.96 10.14 6.13
C GLY A 57 10.55 9.60 5.94
N MET A 58 9.83 9.43 7.05
CA MET A 58 8.47 8.92 6.99
C MET A 58 7.55 9.89 6.26
N ILE A 59 7.09 9.48 5.07
CA ILE A 59 6.21 10.31 4.26
C ILE A 59 4.92 9.58 3.92
N ASP A 60 3.99 10.28 3.30
CA ASP A 60 2.71 9.71 2.92
C ASP A 60 2.39 10.02 1.45
N ARG A 61 2.48 9.02 0.60
CA ARG A 61 2.20 9.18 -0.82
C ARG A 61 0.83 8.62 -1.18
N TRP A 62 0.39 8.89 -2.40
CA TRP A 62 -0.91 8.40 -2.87
C TRP A 62 -0.79 7.77 -4.25
N TYR A 63 -1.57 6.71 -4.48
CA TYR A 63 -1.55 6.01 -5.75
C TYR A 63 -2.93 5.45 -6.08
N HIS A 64 -3.26 5.43 -7.37
CA HIS A 64 -4.54 4.93 -7.83
C HIS A 64 -4.63 3.41 -7.64
N PRO A 65 -5.85 2.89 -7.47
CA PRO A 65 -6.09 1.46 -7.28
C PRO A 65 -5.36 0.61 -8.31
N GLY A 66 -5.15 1.18 -9.50
CA GLY A 66 -4.45 0.46 -10.55
C GLY A 66 -2.96 0.40 -10.33
N CYS A 67 -2.40 1.47 -9.77
CA CYS A 67 -0.96 1.54 -9.50
C CYS A 67 -0.61 0.69 -8.29
N PHE A 68 -1.58 0.45 -7.42
CA PHE A 68 -1.35 -0.35 -6.22
C PHE A 68 -1.16 -1.82 -6.57
N VAL A 69 -1.96 -2.31 -7.50
CA VAL A 69 -1.87 -3.71 -7.93
C VAL A 69 -0.58 -3.97 -8.69
N LYS A 70 -0.36 -3.20 -9.75
CA LYS A 70 0.84 -3.35 -10.56
C LYS A 70 2.09 -3.24 -9.70
N ASN A 71 2.11 -2.26 -8.81
CA ASN A 71 3.25 -2.04 -7.92
C ASN A 71 2.97 -2.59 -6.52
N ARG A 72 2.18 -3.66 -6.47
CA ARG A 72 1.83 -4.28 -5.19
C ARG A 72 3.05 -4.97 -4.57
N GLU A 73 3.83 -5.64 -5.41
CA GLU A 73 5.02 -6.35 -4.93
C GLU A 73 6.18 -5.38 -4.74
N GLU A 74 6.41 -4.52 -5.74
CA GLU A 74 7.49 -3.55 -5.68
C GLU A 74 7.38 -2.69 -4.42
N LEU A 75 6.21 -2.09 -4.22
CA LEU A 75 5.98 -1.24 -3.06
C LEU A 75 6.33 -1.98 -1.77
N GLY A 76 6.13 -3.29 -1.77
CA GLY A 76 6.43 -4.10 -0.60
C GLY A 76 5.19 -4.59 0.11
N PHE A 77 4.18 -4.95 -0.68
CA PHE A 77 2.92 -5.43 -0.12
C PHE A 77 2.95 -6.95 0.07
N ARG A 78 2.62 -7.40 1.27
CA ARG A 78 2.62 -8.82 1.57
C ARG A 78 1.23 -9.42 1.37
N PRO A 79 1.18 -10.73 1.08
CA PRO A 79 -0.07 -11.45 0.85
C PRO A 79 -0.89 -11.62 2.13
N GLU A 80 -0.35 -11.09 3.24
CA GLU A 80 -1.04 -11.18 4.53
C GLU A 80 -2.04 -10.03 4.68
N TYR A 81 -1.92 -9.02 3.84
CA TYR A 81 -2.80 -7.87 3.89
C TYR A 81 -3.77 -7.88 2.72
N SER A 82 -5.04 -7.58 3.00
CA SER A 82 -6.07 -7.56 1.97
C SER A 82 -6.85 -6.25 2.00
N ALA A 83 -7.63 -6.01 0.96
CA ALA A 83 -8.43 -4.79 0.87
C ALA A 83 -9.21 -4.55 2.16
N SER A 84 -9.58 -5.62 2.83
CA SER A 84 -10.33 -5.53 4.08
C SER A 84 -9.49 -4.89 5.17
N GLN A 85 -8.18 -5.15 5.14
CA GLN A 85 -7.26 -4.61 6.14
C GLN A 85 -7.09 -3.10 5.93
N LEU A 86 -7.29 -2.64 4.70
CA LEU A 86 -7.17 -1.22 4.38
C LEU A 86 -8.07 -0.38 5.28
N LYS A 87 -7.52 0.71 5.80
CA LYS A 87 -8.28 1.62 6.66
C LYS A 87 -9.41 2.29 5.89
N GLY A 88 -10.57 2.40 6.52
CA GLY A 88 -11.71 3.03 5.88
C GLY A 88 -12.13 2.31 4.61
N PHE A 89 -12.06 0.99 4.64
CA PHE A 89 -12.43 0.18 3.48
C PHE A 89 -13.94 -0.08 3.47
N SER A 90 -14.50 -0.38 4.63
CA SER A 90 -15.92 -0.66 4.75
C SER A 90 -16.74 0.60 4.50
N LEU A 91 -16.11 1.76 4.70
CA LEU A 91 -16.78 3.04 4.49
C LEU A 91 -16.93 3.34 2.99
N LEU A 92 -16.03 2.79 2.20
CA LEU A 92 -16.06 3.00 0.76
C LEU A 92 -17.35 2.44 0.15
N ALA A 93 -17.60 2.77 -1.11
CA ALA A 93 -18.78 2.29 -1.81
C ALA A 93 -18.60 0.85 -2.27
N THR A 94 -19.57 0.00 -1.95
CA THR A 94 -19.52 -1.41 -2.34
C THR A 94 -19.01 -1.56 -3.76
N GLU A 95 -19.38 -0.62 -4.63
CA GLU A 95 -18.96 -0.66 -6.03
C GLU A 95 -17.47 -0.92 -6.14
N ASP A 96 -16.69 -0.23 -5.30
CA ASP A 96 -15.24 -0.38 -5.30
C ASP A 96 -14.82 -1.56 -4.42
N LYS A 97 -15.50 -1.72 -3.29
CA LYS A 97 -15.20 -2.81 -2.36
C LYS A 97 -14.97 -4.11 -3.12
N GLU A 98 -15.93 -4.48 -3.96
CA GLU A 98 -15.83 -5.71 -4.73
C GLU A 98 -14.61 -5.68 -5.64
N ALA A 99 -14.39 -4.54 -6.29
CA ALA A 99 -13.26 -4.39 -7.20
C ALA A 99 -11.94 -4.68 -6.49
N LEU A 100 -11.74 -4.04 -5.34
CA LEU A 100 -10.52 -4.24 -4.56
C LEU A 100 -10.37 -5.70 -4.14
N LYS A 101 -11.48 -6.31 -3.73
CA LYS A 101 -11.47 -7.70 -3.30
C LYS A 101 -10.95 -8.61 -4.42
N LYS A 102 -11.29 -8.27 -5.65
CA LYS A 102 -10.85 -9.06 -6.81
C LYS A 102 -9.41 -8.73 -7.16
N GLN A 103 -9.10 -7.44 -7.26
CA GLN A 103 -7.75 -7.00 -7.59
C GLN A 103 -6.73 -7.55 -6.59
N LEU A 104 -7.04 -7.39 -5.31
CA LEU A 104 -6.15 -7.87 -4.25
C LEU A 104 -6.78 -9.04 -3.49
N PRO A 105 -6.60 -10.26 -4.04
CA PRO A 105 -7.15 -11.47 -3.44
C PRO A 105 -6.44 -11.85 -2.14
N GLY A 106 -5.40 -11.08 -1.80
CA GLY A 106 -4.65 -11.35 -0.59
C GLY A 106 -3.56 -12.39 -0.80
N VAL A 107 -3.83 -13.61 -0.37
CA VAL A 107 -2.87 -14.71 -0.51
C VAL A 107 -2.80 -15.19 -1.95
N LYS A 108 -1.65 -15.74 -2.32
CA LYS A 108 -1.43 -16.24 -3.67
C LYS A 108 -0.57 -17.50 -3.67
N SER A 109 -1.11 -18.59 -4.19
CA SER A 109 -0.38 -19.86 -4.24
C SER A 109 -0.29 -20.37 -5.67
N GLU A 110 0.43 -21.48 -5.84
CA GLU A 110 0.60 -22.08 -7.16
C GLU A 110 0.13 -23.53 -7.17
N GLY A 111 -0.93 -23.80 -7.91
CA GLY A 111 -1.47 -25.15 -7.99
C GLY A 111 -2.00 -25.49 -9.37
N LYS A 112 -1.11 -26.00 -10.22
CA LYS A 112 -1.50 -26.36 -11.58
C LYS A 112 -0.97 -27.74 -11.94
N ARG A 113 -1.29 -28.21 -13.15
CA ARG A 113 -0.84 -29.51 -13.62
C ARG A 113 -0.78 -30.51 -12.46
N LYS A 114 -1.89 -30.66 -11.74
CA LYS A 114 -1.96 -31.57 -10.62
C LYS A 114 -2.08 -33.02 -11.09
N GLY A 115 -1.39 -33.93 -10.40
CA GLY A 115 -1.43 -35.33 -10.78
C GLY A 115 -0.13 -36.05 -10.47
N ASP A 116 0.97 -35.51 -10.99
CA ASP A 116 2.28 -36.10 -10.78
C ASP A 116 2.40 -36.68 -9.37
N GLU A 117 2.93 -37.90 -9.27
CA GLU A 117 3.09 -38.56 -7.99
C GLU A 117 3.79 -37.64 -6.98
N VAL A 118 3.30 -37.64 -5.75
CA VAL A 118 3.88 -36.81 -4.69
C VAL A 118 5.34 -37.14 -4.48
N ASP A 119 6.21 -36.14 -4.60
CA ASP A 119 7.63 -36.32 -4.41
C ASP A 119 7.94 -36.83 -3.01
N GLY A 120 9.04 -37.56 -2.87
CA GLY A 120 9.42 -38.08 -1.57
C GLY A 120 9.33 -37.04 -0.46
N VAL A 121 8.99 -37.50 0.73
CA VAL A 121 8.86 -36.59 1.87
C VAL A 121 9.97 -36.83 2.89
N ASP A 122 10.40 -35.77 3.56
CA ASP A 122 11.46 -35.86 4.55
C ASP A 122 11.02 -36.74 5.72
N GLU A 123 11.99 -37.15 6.54
CA GLU A 123 11.71 -38.00 7.68
C GLU A 123 11.50 -37.16 8.95
N VAL A 124 11.03 -37.81 10.01
CA VAL A 124 10.79 -37.12 11.28
C VAL A 124 10.30 -35.69 11.04
N ALA A 125 9.36 -35.54 10.11
CA ALA A 125 8.81 -34.24 9.79
C ALA A 125 7.81 -33.78 10.87
N LYS A 126 7.79 -32.48 11.13
CA LYS A 126 6.89 -31.92 12.13
C LYS A 126 5.55 -31.54 11.51
N LYS A 127 4.48 -32.18 11.98
CA LYS A 127 3.15 -31.90 11.49
C LYS A 127 2.37 -31.01 12.45
N LYS A 128 1.52 -30.15 11.91
CA LYS A 128 0.73 -29.24 12.72
C LYS A 128 -0.73 -29.23 12.25
N SER A 129 -1.62 -28.76 13.11
CA SER A 129 -3.04 -28.70 12.79
C SER A 129 -3.28 -27.81 11.58
N GLY A 130 -2.78 -26.58 11.64
CA GLY A 130 -2.95 -25.65 10.54
C GLY A 130 -4.12 -24.71 10.75
N PRO A 131 -3.97 -23.79 11.73
CA PRO A 131 -5.01 -22.81 12.05
C PRO A 131 -5.19 -21.77 10.96
N SER A 132 -6.15 -20.87 11.16
CA SER A 132 -6.42 -19.82 10.18
C SER A 132 -6.17 -18.44 10.78
N SER A 133 -5.27 -17.68 10.16
CA SER A 133 -4.93 -16.35 10.64
C SER A 133 -4.74 -15.39 9.47
N GLY A 134 -4.60 -14.10 9.77
CA GLY A 134 -4.40 -13.11 8.75
C GLY A 134 -3.00 -13.13 8.18
N GLY A 1 -0.18 23.89 6.26
CA GLY A 1 -0.33 22.51 6.68
C GLY A 1 0.08 22.30 8.12
N SER A 2 -0.61 22.98 9.04
CA SER A 2 -0.31 22.86 10.46
C SER A 2 -1.52 22.33 11.23
N SER A 3 -1.31 21.24 11.96
CA SER A 3 -2.38 20.63 12.73
C SER A 3 -1.95 20.41 14.18
N GLY A 4 -2.71 20.98 15.11
CA GLY A 4 -2.39 20.85 16.52
C GLY A 4 -3.53 20.27 17.32
N SER A 5 -3.59 18.94 17.39
CA SER A 5 -4.65 18.25 18.12
C SER A 5 -4.12 16.98 18.77
N SER A 6 -4.72 16.60 19.89
CA SER A 6 -4.32 15.40 20.61
C SER A 6 -4.18 14.21 19.66
N GLY A 7 -5.25 13.95 18.90
CA GLY A 7 -5.24 12.85 17.97
C GLY A 7 -5.98 11.63 18.51
N GLY A 8 -5.56 10.45 18.07
CA GLY A 8 -6.21 9.22 18.51
C GLY A 8 -6.64 8.34 17.36
N SER A 9 -6.37 7.05 17.47
CA SER A 9 -6.73 6.09 16.42
C SER A 9 -7.48 4.89 17.01
N LYS A 10 -8.77 4.82 16.74
CA LYS A 10 -9.59 3.72 17.23
C LYS A 10 -9.66 2.58 16.22
N ALA A 11 -8.85 1.55 16.44
CA ALA A 11 -8.82 0.41 15.55
C ALA A 11 -8.08 -0.76 16.19
N GLU A 12 -8.59 -1.97 15.98
CA GLU A 12 -7.97 -3.17 16.53
C GLU A 12 -7.41 -4.06 15.43
N LYS A 13 -8.12 -4.12 14.31
CA LYS A 13 -7.70 -4.94 13.18
C LYS A 13 -7.70 -4.13 11.89
N THR A 14 -6.92 -3.05 11.88
CA THR A 14 -6.84 -2.17 10.71
C THR A 14 -5.40 -1.78 10.42
N LEU A 15 -5.08 -1.58 9.14
CA LEU A 15 -3.73 -1.20 8.74
C LEU A 15 -3.57 0.32 8.73
N GLY A 16 -2.60 0.81 9.48
CA GLY A 16 -2.37 2.25 9.55
C GLY A 16 -1.56 2.75 8.36
N ASP A 17 -0.49 2.04 8.03
CA ASP A 17 0.36 2.42 6.91
C ASP A 17 -0.44 2.51 5.62
N PHE A 18 -1.35 1.56 5.42
CA PHE A 18 -2.18 1.54 4.22
C PHE A 18 -3.58 2.06 4.52
N ALA A 19 -4.15 2.82 3.59
CA ALA A 19 -5.48 3.36 3.76
C ALA A 19 -6.12 3.67 2.41
N ALA A 20 -7.41 3.35 2.28
CA ALA A 20 -8.14 3.60 1.04
C ALA A 20 -9.42 4.38 1.30
N GLU A 21 -9.58 5.48 0.57
CA GLU A 21 -10.77 6.32 0.72
C GLU A 21 -10.93 7.26 -0.47
N TYR A 22 -11.98 8.06 -0.45
CA TYR A 22 -12.25 9.01 -1.52
C TYR A 22 -11.28 10.18 -1.47
N ALA A 23 -10.62 10.45 -2.60
CA ALA A 23 -9.67 11.55 -2.68
C ALA A 23 -10.33 12.88 -2.31
N LYS A 24 -10.24 13.23 -1.03
CA LYS A 24 -10.82 14.48 -0.54
C LYS A 24 -10.60 15.62 -1.54
N SER A 25 -9.35 15.77 -1.98
CA SER A 25 -9.00 16.82 -2.93
C SER A 25 -8.20 16.25 -4.10
N ASN A 26 -8.12 17.01 -5.18
CA ASN A 26 -7.39 16.58 -6.37
C ASN A 26 -5.98 17.17 -6.38
N ARG A 27 -5.30 17.09 -5.24
CA ARG A 27 -3.95 17.62 -5.12
C ARG A 27 -2.91 16.50 -5.21
N SER A 28 -3.11 15.44 -4.44
CA SER A 28 -2.20 14.31 -4.44
C SER A 28 -1.88 13.87 -5.87
N THR A 29 -0.66 13.42 -6.08
CA THR A 29 -0.22 12.96 -7.40
C THR A 29 0.56 11.66 -7.30
N CYS A 30 0.15 10.67 -8.09
CA CYS A 30 0.81 9.37 -8.09
C CYS A 30 2.24 9.49 -8.59
N LYS A 31 3.11 8.61 -8.10
CA LYS A 31 4.51 8.61 -8.50
C LYS A 31 4.78 7.58 -9.59
N GLY A 32 3.99 6.51 -9.59
CA GLY A 32 4.15 5.46 -10.58
C GLY A 32 3.89 5.96 -11.98
N CYS A 33 2.72 6.57 -12.19
CA CYS A 33 2.34 7.08 -13.50
C CYS A 33 2.62 8.58 -13.59
N MET A 34 2.95 9.19 -12.45
CA MET A 34 3.24 10.62 -12.41
C MET A 34 2.07 11.43 -12.94
N GLU A 35 0.86 11.11 -12.48
CA GLU A 35 -0.33 11.80 -12.92
C GLU A 35 -1.19 12.22 -11.74
N LYS A 36 -1.80 13.39 -11.84
CA LYS A 36 -2.66 13.91 -10.77
C LYS A 36 -3.76 12.91 -10.43
N ILE A 37 -4.21 12.95 -9.18
CA ILE A 37 -5.27 12.06 -8.72
C ILE A 37 -6.62 12.78 -8.64
N GLU A 38 -7.54 12.39 -9.50
CA GLU A 38 -8.87 13.00 -9.52
C GLU A 38 -9.48 13.03 -8.12
N LYS A 39 -10.33 14.01 -7.88
CA LYS A 39 -10.99 14.14 -6.57
C LYS A 39 -12.14 13.14 -6.44
N GLY A 40 -12.19 12.44 -5.32
CA GLY A 40 -13.24 11.47 -5.09
C GLY A 40 -12.82 10.07 -5.47
N GLN A 41 -12.12 9.94 -6.59
CA GLN A 41 -11.65 8.64 -7.06
C GLN A 41 -10.88 7.91 -5.98
N VAL A 42 -11.20 6.63 -5.78
CA VAL A 42 -10.53 5.81 -4.77
C VAL A 42 -9.02 5.97 -4.86
N ARG A 43 -8.37 5.99 -3.69
CA ARG A 43 -6.92 6.15 -3.63
C ARG A 43 -6.33 5.24 -2.56
N LEU A 44 -5.00 5.18 -2.51
CA LEU A 44 -4.31 4.34 -1.54
C LEU A 44 -2.99 4.98 -1.11
N SER A 45 -2.81 5.14 0.19
CA SER A 45 -1.59 5.73 0.73
C SER A 45 -0.74 4.69 1.43
N LYS A 46 0.57 4.95 1.51
CA LYS A 46 1.49 4.02 2.16
C LYS A 46 2.60 4.79 2.87
N LYS A 47 2.77 4.50 4.16
CA LYS A 47 3.80 5.15 4.97
C LYS A 47 5.16 4.47 4.78
N MET A 48 6.12 5.21 4.25
CA MET A 48 7.46 4.68 4.02
C MET A 48 8.46 5.81 3.78
N VAL A 49 9.74 5.45 3.74
CA VAL A 49 10.79 6.44 3.51
C VAL A 49 11.26 6.42 2.07
N ASP A 50 11.39 7.60 1.47
CA ASP A 50 11.84 7.72 0.09
C ASP A 50 13.34 7.47 -0.02
N PRO A 51 13.71 6.55 -0.93
CA PRO A 51 15.11 6.19 -1.16
C PRO A 51 15.89 7.32 -1.83
N GLU A 52 15.18 8.28 -2.40
CA GLU A 52 15.81 9.41 -3.06
C GLU A 52 16.17 10.50 -2.06
N LYS A 53 15.20 10.84 -1.20
CA LYS A 53 15.41 11.87 -0.18
C LYS A 53 15.15 11.32 1.21
N PRO A 54 16.17 10.66 1.79
CA PRO A 54 16.07 10.07 3.13
C PRO A 54 16.02 11.14 4.22
N GLN A 55 16.18 12.40 3.82
CA GLN A 55 16.15 13.50 4.77
C GLN A 55 14.76 13.65 5.40
N LEU A 56 13.74 13.57 4.56
CA LEU A 56 12.36 13.70 5.03
C LEU A 56 12.03 12.61 6.05
N GLY A 57 12.37 11.36 5.70
CA GLY A 57 12.11 10.25 6.60
C GLY A 57 10.77 9.60 6.33
N MET A 58 9.90 9.59 7.33
CA MET A 58 8.58 8.99 7.20
C MET A 58 7.64 9.89 6.40
N ILE A 59 7.41 9.54 5.15
CA ILE A 59 6.54 10.34 4.29
C ILE A 59 5.33 9.52 3.85
N ASP A 60 4.29 10.22 3.41
CA ASP A 60 3.05 9.56 2.97
C ASP A 60 2.84 9.79 1.47
N ARG A 61 2.88 8.71 0.70
CA ARG A 61 2.69 8.78 -0.74
C ARG A 61 1.32 8.22 -1.14
N TRP A 62 0.99 8.37 -2.41
CA TRP A 62 -0.29 7.88 -2.92
C TRP A 62 -0.10 7.14 -4.25
N TYR A 63 -1.01 6.22 -4.55
CA TYR A 63 -0.94 5.45 -5.78
C TYR A 63 -2.31 4.90 -6.16
N HIS A 64 -2.75 5.18 -7.38
CA HIS A 64 -4.04 4.71 -7.86
C HIS A 64 -4.16 3.20 -7.71
N PRO A 65 -5.40 2.71 -7.57
CA PRO A 65 -5.69 1.28 -7.41
C PRO A 65 -4.95 0.44 -8.44
N GLY A 66 -4.88 0.92 -9.66
CA GLY A 66 -4.20 0.19 -10.72
C GLY A 66 -2.69 0.18 -10.54
N CYS A 67 -2.16 1.28 -10.02
CA CYS A 67 -0.72 1.40 -9.80
C CYS A 67 -0.30 0.62 -8.55
N PHE A 68 -1.20 0.51 -7.59
CA PHE A 68 -0.94 -0.20 -6.36
C PHE A 68 -0.75 -1.69 -6.62
N VAL A 69 -1.57 -2.24 -7.52
CA VAL A 69 -1.49 -3.65 -7.85
C VAL A 69 -0.23 -3.97 -8.64
N LYS A 70 -0.01 -3.22 -9.72
CA LYS A 70 1.17 -3.42 -10.56
C LYS A 70 2.45 -3.26 -9.74
N ASN A 71 2.51 -2.18 -8.96
CA ASN A 71 3.68 -1.91 -8.13
C ASN A 71 3.51 -2.50 -6.73
N ARG A 72 2.63 -3.48 -6.62
CA ARG A 72 2.37 -4.13 -5.33
C ARG A 72 3.62 -4.81 -4.81
N GLU A 73 4.57 -5.07 -5.70
CA GLU A 73 5.81 -5.74 -5.32
C GLU A 73 6.80 -4.73 -4.75
N GLU A 74 7.28 -3.83 -5.59
CA GLU A 74 8.25 -2.81 -5.17
C GLU A 74 7.87 -2.25 -3.80
N LEU A 75 6.63 -1.78 -3.68
CA LEU A 75 6.15 -1.22 -2.43
C LEU A 75 6.29 -2.23 -1.29
N GLY A 76 6.08 -3.49 -1.59
CA GLY A 76 6.19 -4.53 -0.59
C GLY A 76 4.86 -4.85 0.07
N PHE A 77 3.82 -4.96 -0.75
CA PHE A 77 2.48 -5.26 -0.24
C PHE A 77 2.33 -6.76 0.03
N ARG A 78 2.57 -7.15 1.28
CA ARG A 78 2.45 -8.55 1.68
C ARG A 78 1.09 -9.13 1.27
N PRO A 79 1.08 -10.43 0.96
CA PRO A 79 -0.15 -11.12 0.55
C PRO A 79 -1.13 -11.29 1.70
N GLU A 80 -0.74 -10.82 2.87
CA GLU A 80 -1.58 -10.92 4.06
C GLU A 80 -2.51 -9.71 4.16
N TYR A 81 -2.11 -8.61 3.54
CA TYR A 81 -2.91 -7.38 3.56
C TYR A 81 -3.93 -7.38 2.43
N SER A 82 -5.20 -7.34 2.79
CA SER A 82 -6.28 -7.33 1.81
C SER A 82 -7.05 -6.01 1.86
N ALA A 83 -7.97 -5.83 0.92
CA ALA A 83 -8.77 -4.62 0.85
C ALA A 83 -9.63 -4.47 2.11
N SER A 84 -10.14 -5.59 2.61
CA SER A 84 -10.98 -5.58 3.80
C SER A 84 -10.27 -4.89 4.97
N GLN A 85 -8.97 -5.14 5.08
CA GLN A 85 -8.17 -4.55 6.16
C GLN A 85 -7.87 -3.08 5.86
N LEU A 86 -7.67 -2.78 4.59
CA LEU A 86 -7.37 -1.41 4.17
C LEU A 86 -8.38 -0.43 4.75
N LYS A 87 -7.93 0.43 5.65
CA LYS A 87 -8.79 1.42 6.29
C LYS A 87 -9.73 2.04 5.26
N GLY A 88 -10.90 2.47 5.72
CA GLY A 88 -11.86 3.09 4.83
C GLY A 88 -12.68 2.07 4.06
N PHE A 89 -12.04 0.97 3.69
CA PHE A 89 -12.72 -0.09 2.94
C PHE A 89 -14.17 -0.22 3.37
N SER A 90 -14.38 -0.38 4.67
CA SER A 90 -15.73 -0.53 5.21
C SER A 90 -16.56 0.72 4.92
N LEU A 91 -15.96 1.88 5.10
CA LEU A 91 -16.65 3.15 4.85
C LEU A 91 -17.09 3.25 3.40
N LEU A 92 -16.21 2.87 2.48
CA LEU A 92 -16.50 2.93 1.05
C LEU A 92 -17.85 2.28 0.76
N ALA A 93 -18.25 2.32 -0.51
CA ALA A 93 -19.52 1.73 -0.93
C ALA A 93 -19.34 0.29 -1.37
N THR A 94 -20.27 -0.57 -0.98
CA THR A 94 -20.22 -1.98 -1.34
C THR A 94 -19.73 -2.16 -2.77
N GLU A 95 -20.35 -1.43 -3.70
CA GLU A 95 -19.97 -1.51 -5.10
C GLU A 95 -18.46 -1.44 -5.28
N ASP A 96 -17.87 -0.37 -4.75
CA ASP A 96 -16.43 -0.18 -4.83
C ASP A 96 -15.68 -1.30 -4.12
N LYS A 97 -16.12 -1.62 -2.91
CA LYS A 97 -15.50 -2.68 -2.12
C LYS A 97 -15.15 -3.87 -2.99
N GLU A 98 -16.18 -4.49 -3.58
CA GLU A 98 -15.98 -5.65 -4.44
C GLU A 98 -14.93 -5.37 -5.50
N ALA A 99 -14.97 -4.17 -6.06
CA ALA A 99 -14.01 -3.77 -7.09
C ALA A 99 -12.58 -4.10 -6.66
N LEU A 100 -12.19 -3.59 -5.50
CA LEU A 100 -10.85 -3.83 -4.98
C LEU A 100 -10.63 -5.32 -4.69
N LYS A 101 -11.58 -5.92 -3.99
CA LYS A 101 -11.50 -7.33 -3.63
C LYS A 101 -10.94 -8.15 -4.81
N LYS A 102 -11.48 -7.92 -5.99
CA LYS A 102 -11.04 -8.63 -7.19
C LYS A 102 -9.58 -8.32 -7.49
N GLN A 103 -9.23 -7.04 -7.44
CA GLN A 103 -7.86 -6.61 -7.71
C GLN A 103 -6.88 -7.26 -6.74
N LEU A 104 -7.22 -7.20 -5.45
CA LEU A 104 -6.37 -7.79 -4.42
C LEU A 104 -7.14 -8.82 -3.61
N PRO A 105 -7.14 -10.08 -4.09
CA PRO A 105 -7.84 -11.18 -3.42
C PRO A 105 -7.15 -11.59 -2.12
N GLY A 106 -5.87 -11.28 -2.01
CA GLY A 106 -5.13 -11.62 -0.81
C GLY A 106 -4.21 -12.81 -1.02
N VAL A 107 -4.54 -13.93 -0.36
CA VAL A 107 -3.74 -15.14 -0.48
C VAL A 107 -4.37 -16.13 -1.46
N LYS A 108 -3.53 -16.75 -2.28
CA LYS A 108 -4.00 -17.72 -3.27
C LYS A 108 -3.91 -19.14 -2.71
N SER A 109 -4.92 -19.95 -3.01
CA SER A 109 -4.94 -21.34 -2.55
C SER A 109 -4.79 -22.30 -3.72
N GLU A 110 -5.61 -22.11 -4.75
CA GLU A 110 -5.57 -22.96 -5.93
C GLU A 110 -4.35 -22.65 -6.79
N GLY A 111 -3.85 -23.64 -7.51
CA GLY A 111 -2.69 -23.46 -8.36
C GLY A 111 -1.46 -24.15 -7.82
N LYS A 112 -1.10 -23.83 -6.58
CA LYS A 112 0.07 -24.43 -5.95
C LYS A 112 -0.07 -24.40 -4.43
N ARG A 113 0.43 -25.44 -3.77
CA ARG A 113 0.37 -25.54 -2.32
C ARG A 113 1.30 -24.52 -1.67
N LYS A 114 1.01 -24.18 -0.41
CA LYS A 114 1.82 -23.21 0.32
C LYS A 114 2.33 -23.82 1.62
N GLY A 115 2.72 -25.09 1.58
CA GLY A 115 3.23 -25.75 2.76
C GLY A 115 2.46 -27.03 3.08
N ASP A 116 3.05 -27.89 3.90
CA ASP A 116 2.42 -29.14 4.29
C ASP A 116 0.94 -28.93 4.60
N GLU A 117 0.08 -29.39 3.69
CA GLU A 117 -1.36 -29.26 3.87
C GLU A 117 -1.85 -30.11 5.04
N VAL A 118 -2.63 -29.50 5.93
CA VAL A 118 -3.17 -30.21 7.09
C VAL A 118 -3.70 -31.58 6.70
N ASP A 119 -3.52 -32.56 7.58
CA ASP A 119 -3.99 -33.91 7.33
C ASP A 119 -4.37 -34.61 8.64
N GLY A 120 -5.11 -35.70 8.51
CA GLY A 120 -5.53 -36.44 9.70
C GLY A 120 -7.02 -36.78 9.67
N VAL A 121 -7.37 -37.95 10.19
CA VAL A 121 -8.76 -38.39 10.23
C VAL A 121 -9.28 -38.45 11.66
N ASP A 122 -10.04 -37.43 12.04
CA ASP A 122 -10.61 -37.38 13.38
C ASP A 122 -11.29 -38.68 13.75
N GLU A 123 -11.51 -38.89 15.05
CA GLU A 123 -12.16 -40.11 15.52
C GLU A 123 -13.39 -39.78 16.36
N VAL A 124 -14.12 -40.83 16.76
CA VAL A 124 -15.32 -40.64 17.57
C VAL A 124 -15.08 -41.06 19.02
N ALA A 125 -15.71 -40.36 19.95
CA ALA A 125 -15.57 -40.65 21.37
C ALA A 125 -16.64 -39.95 22.19
N LYS A 126 -17.01 -40.57 23.31
CA LYS A 126 -18.02 -40.00 24.19
C LYS A 126 -17.93 -38.48 24.22
N LYS A 127 -18.91 -37.82 23.60
CA LYS A 127 -18.94 -36.36 23.56
C LYS A 127 -20.26 -35.86 22.98
N LYS A 128 -20.70 -34.70 23.43
CA LYS A 128 -21.94 -34.11 22.95
C LYS A 128 -21.98 -32.61 23.21
N SER A 129 -22.46 -31.84 22.23
CA SER A 129 -22.54 -30.40 22.37
C SER A 129 -23.51 -29.82 21.34
N GLY A 130 -23.83 -28.54 21.50
CA GLY A 130 -24.74 -27.87 20.58
C GLY A 130 -26.13 -27.70 21.18
N PRO A 131 -26.23 -26.79 22.16
CA PRO A 131 -27.50 -26.50 22.83
C PRO A 131 -28.48 -25.77 21.93
N SER A 132 -29.71 -26.29 21.87
CA SER A 132 -30.74 -25.68 21.03
C SER A 132 -31.78 -24.94 21.89
N SER A 133 -31.49 -23.68 22.20
CA SER A 133 -32.38 -22.88 23.02
C SER A 133 -32.78 -21.59 22.29
N GLY A 134 -33.99 -21.12 22.54
CA GLY A 134 -34.46 -19.91 21.90
C GLY A 134 -34.34 -19.96 20.40
N GLY A 1 -0.98 30.14 -0.81
CA GLY A 1 -0.20 29.14 -0.10
C GLY A 1 -0.89 28.67 1.16
N SER A 2 -0.47 27.50 1.66
CA SER A 2 -1.06 26.94 2.88
C SER A 2 -0.33 25.68 3.30
N SER A 3 -0.60 25.22 4.53
CA SER A 3 0.05 24.03 5.05
C SER A 3 -0.64 23.57 6.34
N GLY A 4 -0.20 22.42 6.85
CA GLY A 4 -0.78 21.89 8.08
C GLY A 4 -1.15 20.43 7.97
N SER A 5 -1.12 19.72 9.08
CA SER A 5 -1.45 18.30 9.10
C SER A 5 -1.73 17.83 10.52
N SER A 6 -2.28 16.62 10.64
CA SER A 6 -2.62 16.06 11.94
C SER A 6 -3.04 14.60 11.81
N GLY A 7 -3.05 13.88 12.93
CA GLY A 7 -3.44 12.49 12.92
C GLY A 7 -3.92 12.00 14.27
N GLY A 8 -4.20 10.70 14.37
CA GLY A 8 -4.67 10.15 15.63
C GLY A 8 -3.80 9.00 16.10
N SER A 9 -4.34 8.21 17.04
CA SER A 9 -3.60 7.07 17.59
C SER A 9 -4.55 6.10 18.29
N LYS A 10 -4.64 4.88 17.75
CA LYS A 10 -5.51 3.86 18.31
C LYS A 10 -5.14 2.48 17.78
N ALA A 11 -5.00 1.52 18.70
CA ALA A 11 -4.66 0.16 18.32
C ALA A 11 -5.90 -0.66 18.00
N GLU A 12 -6.12 -0.92 16.71
CA GLU A 12 -7.27 -1.69 16.26
C GLU A 12 -6.87 -2.72 15.22
N LYS A 13 -7.81 -3.57 14.85
CA LYS A 13 -7.56 -4.61 13.86
C LYS A 13 -7.56 -4.03 12.44
N THR A 14 -6.87 -2.91 12.27
CA THR A 14 -6.79 -2.25 10.97
C THR A 14 -5.38 -1.79 10.67
N LEU A 15 -5.00 -1.82 9.38
CA LEU A 15 -3.68 -1.40 8.97
C LEU A 15 -3.57 0.13 8.96
N GLY A 16 -2.65 0.66 9.76
CA GLY A 16 -2.46 2.10 9.83
C GLY A 16 -1.61 2.62 8.70
N ASP A 17 -0.57 1.86 8.33
CA ASP A 17 0.31 2.26 7.24
C ASP A 17 -0.44 2.37 5.93
N PHE A 18 -1.30 1.39 5.67
CA PHE A 18 -2.10 1.37 4.44
C PHE A 18 -3.51 1.84 4.70
N ALA A 19 -4.03 2.66 3.79
CA ALA A 19 -5.40 3.19 3.91
C ALA A 19 -6.00 3.47 2.55
N ALA A 20 -7.25 3.05 2.36
CA ALA A 20 -7.94 3.26 1.09
C ALA A 20 -9.19 4.11 1.30
N GLU A 21 -9.25 5.24 0.61
CA GLU A 21 -10.39 6.15 0.71
C GLU A 21 -10.47 7.07 -0.50
N TYR A 22 -11.60 7.76 -0.64
CA TYR A 22 -11.80 8.67 -1.76
C TYR A 22 -10.87 9.88 -1.65
N ALA A 23 -10.22 10.23 -2.76
CA ALA A 23 -9.31 11.37 -2.78
C ALA A 23 -9.92 12.57 -2.07
N LYS A 24 -9.09 13.31 -1.35
CA LYS A 24 -9.55 14.49 -0.62
C LYS A 24 -9.46 15.73 -1.49
N SER A 25 -8.33 15.90 -2.17
CA SER A 25 -8.12 17.05 -3.03
C SER A 25 -7.54 16.62 -4.38
N ASN A 26 -7.67 17.48 -5.38
CA ASN A 26 -7.16 17.19 -6.71
C ASN A 26 -5.76 17.75 -6.89
N ARG A 27 -4.95 17.65 -5.85
CA ARG A 27 -3.58 18.15 -5.88
C ARG A 27 -2.59 17.00 -6.02
N SER A 28 -2.67 16.04 -5.11
CA SER A 28 -1.78 14.89 -5.12
C SER A 28 -1.60 14.36 -6.53
N THR A 29 -0.46 13.71 -6.78
CA THR A 29 -0.16 13.16 -8.10
C THR A 29 0.62 11.85 -7.98
N CYS A 30 0.09 10.80 -8.59
CA CYS A 30 0.73 9.49 -8.56
C CYS A 30 2.12 9.56 -9.19
N LYS A 31 2.99 8.63 -8.80
CA LYS A 31 4.34 8.57 -9.33
C LYS A 31 4.48 7.46 -10.38
N GLY A 32 3.68 6.42 -10.23
CA GLY A 32 3.72 5.31 -11.17
C GLY A 32 3.33 5.73 -12.57
N CYS A 33 2.24 6.50 -12.67
CA CYS A 33 1.75 6.96 -13.97
C CYS A 33 2.06 8.45 -14.16
N MET A 34 2.33 9.14 -13.06
CA MET A 34 2.64 10.56 -13.11
C MET A 34 1.45 11.36 -13.63
N GLU A 35 0.30 11.17 -13.00
CA GLU A 35 -0.92 11.87 -13.40
C GLU A 35 -1.67 12.38 -12.17
N LYS A 36 -2.16 13.62 -12.26
CA LYS A 36 -2.91 14.22 -11.17
C LYS A 36 -4.05 13.31 -10.71
N ILE A 37 -4.24 13.21 -9.40
CA ILE A 37 -5.29 12.38 -8.83
C ILE A 37 -6.60 13.14 -8.76
N GLU A 38 -7.60 12.65 -9.48
CA GLU A 38 -8.92 13.28 -9.50
C GLU A 38 -9.55 13.26 -8.11
N LYS A 39 -10.11 14.39 -7.69
CA LYS A 39 -10.75 14.49 -6.39
C LYS A 39 -11.97 13.60 -6.31
N GLY A 40 -11.96 12.66 -5.37
CA GLY A 40 -13.09 11.76 -5.20
C GLY A 40 -12.74 10.33 -5.57
N GLN A 41 -12.00 10.17 -6.67
CA GLN A 41 -11.60 8.83 -7.13
C GLN A 41 -10.85 8.08 -6.04
N VAL A 42 -11.20 6.82 -5.85
CA VAL A 42 -10.56 5.98 -4.83
C VAL A 42 -9.04 6.12 -4.90
N ARG A 43 -8.39 6.00 -3.74
CA ARG A 43 -6.95 6.10 -3.67
C ARG A 43 -6.41 5.38 -2.43
N LEU A 44 -5.12 5.10 -2.45
CA LEU A 44 -4.47 4.42 -1.32
C LEU A 44 -3.19 5.12 -0.90
N SER A 45 -2.82 4.97 0.36
CA SER A 45 -1.62 5.60 0.89
C SER A 45 -0.76 4.59 1.66
N LYS A 46 0.55 4.73 1.55
CA LYS A 46 1.48 3.84 2.24
C LYS A 46 2.54 4.63 3.00
N LYS A 47 2.61 4.41 4.31
CA LYS A 47 3.58 5.10 5.15
C LYS A 47 4.99 4.53 4.93
N MET A 48 5.88 5.36 4.42
CA MET A 48 7.26 4.94 4.17
C MET A 48 8.18 6.15 4.03
N VAL A 49 9.48 5.92 4.19
CA VAL A 49 10.47 6.99 4.08
C VAL A 49 11.11 7.01 2.70
N ASP A 50 11.31 8.20 2.17
CA ASP A 50 11.92 8.36 0.85
C ASP A 50 13.44 8.27 0.93
N PRO A 51 14.02 7.35 0.15
CA PRO A 51 15.47 7.13 0.12
C PRO A 51 16.21 8.30 -0.53
N GLU A 52 15.54 9.00 -1.42
CA GLU A 52 16.13 10.14 -2.12
C GLU A 52 16.22 11.35 -1.19
N LYS A 53 15.13 11.64 -0.49
CA LYS A 53 15.09 12.78 0.42
C LYS A 53 14.83 12.31 1.85
N PRO A 54 15.90 11.86 2.53
CA PRO A 54 15.81 11.38 3.91
C PRO A 54 15.52 12.51 4.90
N GLN A 55 15.74 13.75 4.46
CA GLN A 55 15.51 14.91 5.31
C GLN A 55 14.11 14.88 5.90
N LEU A 56 13.12 14.57 5.06
CA LEU A 56 11.73 14.50 5.50
C LEU A 56 11.49 13.27 6.37
N GLY A 57 11.91 12.11 5.88
CA GLY A 57 11.73 10.88 6.62
C GLY A 57 10.38 10.24 6.37
N MET A 58 9.60 10.09 7.44
CA MET A 58 8.28 9.49 7.33
C MET A 58 7.33 10.37 6.53
N ILE A 59 6.88 9.88 5.39
CA ILE A 59 5.97 10.63 4.53
C ILE A 59 4.78 9.78 4.09
N ASP A 60 3.81 10.42 3.46
CA ASP A 60 2.62 9.71 2.98
C ASP A 60 2.50 9.82 1.47
N ARG A 61 2.58 8.68 0.78
CA ARG A 61 2.46 8.66 -0.68
C ARG A 61 1.07 8.24 -1.11
N TRP A 62 0.77 8.44 -2.39
CA TRP A 62 -0.54 8.09 -2.93
C TRP A 62 -0.40 7.40 -4.28
N TYR A 63 -1.17 6.33 -4.47
CA TYR A 63 -1.13 5.58 -5.72
C TYR A 63 -2.52 5.05 -6.09
N HIS A 64 -2.98 5.41 -7.28
CA HIS A 64 -4.29 4.96 -7.75
C HIS A 64 -4.46 3.47 -7.54
N PRO A 65 -5.72 3.04 -7.30
CA PRO A 65 -6.05 1.63 -7.08
C PRO A 65 -5.43 0.71 -8.13
N GLY A 66 -5.41 1.18 -9.38
CA GLY A 66 -4.84 0.40 -10.45
C GLY A 66 -3.33 0.32 -10.38
N CYS A 67 -2.71 1.41 -9.94
CA CYS A 67 -1.26 1.47 -9.82
C CYS A 67 -0.78 0.68 -8.60
N PHE A 68 -1.53 0.76 -7.51
CA PHE A 68 -1.18 0.05 -6.29
C PHE A 68 -0.95 -1.43 -6.55
N VAL A 69 -1.81 -2.01 -7.39
CA VAL A 69 -1.69 -3.42 -7.74
C VAL A 69 -0.43 -3.69 -8.55
N LYS A 70 -0.22 -2.89 -9.59
CA LYS A 70 0.94 -3.03 -10.46
C LYS A 70 2.23 -2.90 -9.66
N ASN A 71 2.31 -1.86 -8.84
CA ASN A 71 3.50 -1.63 -8.02
C ASN A 71 3.33 -2.25 -6.64
N ARG A 72 2.62 -3.36 -6.58
CA ARG A 72 2.38 -4.06 -5.32
C ARG A 72 3.64 -4.79 -4.85
N GLU A 73 4.28 -5.50 -5.77
CA GLU A 73 5.49 -6.24 -5.46
C GLU A 73 6.64 -5.28 -5.14
N GLU A 74 6.82 -4.26 -5.98
CA GLU A 74 7.88 -3.29 -5.78
C GLU A 74 7.70 -2.54 -4.46
N LEU A 75 6.49 -2.03 -4.25
CA LEU A 75 6.18 -1.28 -3.02
C LEU A 75 6.42 -2.15 -1.78
N GLY A 76 6.18 -3.45 -1.93
CA GLY A 76 6.37 -4.37 -0.82
C GLY A 76 5.07 -4.73 -0.14
N PHE A 77 4.03 -5.00 -0.94
CA PHE A 77 2.72 -5.36 -0.41
C PHE A 77 2.65 -6.86 -0.13
N ARG A 78 2.80 -7.22 1.15
CA ARG A 78 2.76 -8.62 1.55
C ARG A 78 1.49 -9.30 1.02
N PRO A 79 1.56 -10.63 0.85
CA PRO A 79 0.43 -11.42 0.34
C PRO A 79 -0.70 -11.51 1.36
N GLU A 80 -0.36 -11.37 2.63
CA GLU A 80 -1.36 -11.45 3.70
C GLU A 80 -2.06 -10.10 3.89
N TYR A 81 -2.15 -9.34 2.80
CA TYR A 81 -2.79 -8.04 2.84
C TYR A 81 -4.01 -7.99 1.92
N SER A 82 -5.12 -7.47 2.43
CA SER A 82 -6.35 -7.37 1.65
C SER A 82 -6.94 -5.97 1.75
N ALA A 83 -7.93 -5.68 0.90
CA ALA A 83 -8.59 -4.39 0.90
C ALA A 83 -9.36 -4.16 2.20
N SER A 84 -10.14 -5.16 2.60
CA SER A 84 -10.94 -5.06 3.81
C SER A 84 -10.11 -4.48 4.96
N GLN A 85 -8.84 -4.87 5.03
CA GLN A 85 -7.95 -4.39 6.07
C GLN A 85 -7.57 -2.93 5.83
N LEU A 86 -7.39 -2.58 4.56
CA LEU A 86 -7.03 -1.20 4.20
C LEU A 86 -8.00 -0.20 4.82
N LYS A 87 -7.58 0.42 5.91
CA LYS A 87 -8.40 1.41 6.61
C LYS A 87 -9.17 2.27 5.61
N GLY A 88 -10.49 2.26 5.71
CA GLY A 88 -11.31 3.06 4.81
C GLY A 88 -12.15 2.18 3.89
N PHE A 89 -11.55 1.09 3.41
CA PHE A 89 -12.24 0.18 2.51
C PHE A 89 -13.73 0.09 2.86
N SER A 90 -14.02 -0.25 4.11
CA SER A 90 -15.39 -0.38 4.57
C SER A 90 -16.18 0.90 4.28
N LEU A 91 -15.56 2.04 4.51
CA LEU A 91 -16.19 3.33 4.28
C LEU A 91 -16.58 3.48 2.81
N LEU A 92 -15.68 3.08 1.92
CA LEU A 92 -15.93 3.16 0.48
C LEU A 92 -17.26 2.52 0.12
N ALA A 93 -17.67 2.70 -1.13
CA ALA A 93 -18.93 2.14 -1.61
C ALA A 93 -18.80 0.63 -1.87
N THR A 94 -19.89 -0.09 -1.68
CA THR A 94 -19.89 -1.54 -1.89
C THR A 94 -19.39 -1.89 -3.28
N GLU A 95 -19.98 -1.25 -4.30
CA GLU A 95 -19.59 -1.50 -5.67
C GLU A 95 -18.08 -1.39 -5.85
N ASP A 96 -17.54 -0.20 -5.56
CA ASP A 96 -16.12 0.03 -5.69
C ASP A 96 -15.32 -0.98 -4.87
N LYS A 97 -15.74 -1.18 -3.63
CA LYS A 97 -15.08 -2.12 -2.73
C LYS A 97 -14.90 -3.48 -3.41
N GLU A 98 -16.02 -4.10 -3.79
CA GLU A 98 -15.99 -5.40 -4.44
C GLU A 98 -14.87 -5.45 -5.49
N ALA A 99 -14.74 -4.38 -6.25
CA ALA A 99 -13.71 -4.30 -7.29
C ALA A 99 -12.33 -4.58 -6.72
N LEU A 100 -12.00 -3.90 -5.62
CA LEU A 100 -10.70 -4.08 -4.97
C LEU A 100 -10.51 -5.53 -4.54
N LYS A 101 -11.44 -6.04 -3.75
CA LYS A 101 -11.37 -7.42 -3.26
C LYS A 101 -10.80 -8.33 -4.34
N LYS A 102 -11.33 -8.23 -5.55
CA LYS A 102 -10.87 -9.05 -6.66
C LYS A 102 -9.42 -8.74 -7.01
N GLN A 103 -9.06 -7.46 -6.95
CA GLN A 103 -7.70 -7.03 -7.25
C GLN A 103 -6.72 -7.56 -6.21
N LEU A 104 -7.04 -7.34 -4.94
CA LEU A 104 -6.19 -7.79 -3.85
C LEU A 104 -6.90 -8.83 -2.99
N PRO A 105 -6.99 -10.06 -3.52
CA PRO A 105 -7.64 -11.17 -2.82
C PRO A 105 -6.85 -11.64 -1.61
N GLY A 106 -5.64 -11.11 -1.45
CA GLY A 106 -4.80 -11.48 -0.34
C GLY A 106 -3.61 -12.33 -0.76
N VAL A 107 -3.61 -13.59 -0.35
CA VAL A 107 -2.52 -14.50 -0.69
C VAL A 107 -2.84 -15.29 -1.96
N LYS A 108 -2.04 -15.07 -2.99
CA LYS A 108 -2.24 -15.76 -4.26
C LYS A 108 -1.50 -17.10 -4.27
N SER A 109 -1.60 -17.84 -3.17
CA SER A 109 -0.95 -19.13 -3.06
C SER A 109 -1.35 -20.05 -4.21
N GLU A 110 -2.65 -20.20 -4.41
CA GLU A 110 -3.16 -21.05 -5.48
C GLU A 110 -2.64 -20.59 -6.84
N GLY A 111 -2.66 -19.27 -7.06
CA GLY A 111 -2.19 -18.73 -8.32
C GLY A 111 -0.74 -19.04 -8.58
N LYS A 112 0.04 -18.02 -8.92
CA LYS A 112 1.45 -18.18 -9.19
C LYS A 112 2.20 -18.63 -7.94
N ARG A 113 2.74 -19.84 -7.97
CA ARG A 113 3.48 -20.39 -6.84
C ARG A 113 4.89 -20.78 -7.26
N LYS A 114 5.83 -20.67 -6.31
CA LYS A 114 7.22 -21.02 -6.57
C LYS A 114 7.33 -22.40 -7.21
N GLY A 115 8.09 -22.50 -8.29
CA GLY A 115 8.27 -23.77 -8.97
C GLY A 115 9.71 -24.23 -8.97
N ASP A 116 10.07 -25.03 -9.96
CA ASP A 116 11.43 -25.54 -10.06
C ASP A 116 11.97 -25.37 -11.48
N GLU A 117 13.26 -25.66 -11.67
CA GLU A 117 13.89 -25.54 -12.97
C GLU A 117 13.64 -26.78 -13.81
N VAL A 118 13.89 -26.66 -15.12
CA VAL A 118 13.70 -27.77 -16.03
C VAL A 118 15.02 -28.19 -16.68
N ASP A 119 15.15 -29.47 -17.00
CA ASP A 119 16.36 -29.99 -17.62
C ASP A 119 16.07 -31.31 -18.34
N GLY A 120 17.02 -31.75 -19.16
CA GLY A 120 16.86 -32.99 -19.89
C GLY A 120 17.49 -32.94 -21.27
N VAL A 121 17.35 -34.03 -22.02
CA VAL A 121 17.91 -34.11 -23.37
C VAL A 121 16.87 -33.72 -24.40
N ASP A 122 17.34 -33.17 -25.53
CA ASP A 122 16.45 -32.76 -26.61
C ASP A 122 16.59 -33.68 -27.80
N GLU A 123 15.74 -33.47 -28.81
CA GLU A 123 15.77 -34.29 -30.01
C GLU A 123 16.58 -33.61 -31.12
N VAL A 124 17.02 -34.40 -32.10
CA VAL A 124 17.79 -33.87 -33.21
C VAL A 124 17.22 -32.55 -33.71
N ALA A 125 18.05 -31.78 -34.41
CA ALA A 125 17.63 -30.49 -34.95
C ALA A 125 16.93 -30.66 -36.29
N LYS A 126 16.42 -29.56 -36.82
CA LYS A 126 15.72 -29.58 -38.11
C LYS A 126 15.70 -28.19 -38.74
N LYS A 127 16.46 -28.02 -39.81
CA LYS A 127 16.53 -26.75 -40.51
C LYS A 127 16.48 -26.95 -42.02
N LYS A 128 16.57 -25.84 -42.76
CA LYS A 128 16.54 -25.90 -44.22
C LYS A 128 17.89 -25.50 -44.81
N SER A 129 17.98 -25.53 -46.14
CA SER A 129 19.21 -25.17 -46.82
C SER A 129 19.54 -23.69 -46.62
N GLY A 130 20.68 -23.27 -47.14
CA GLY A 130 21.09 -21.87 -47.01
C GLY A 130 21.65 -21.31 -48.30
N PRO A 131 21.55 -19.99 -48.46
CA PRO A 131 22.04 -19.30 -49.66
C PRO A 131 23.57 -19.27 -49.72
N SER A 132 24.10 -18.55 -50.70
CA SER A 132 25.55 -18.45 -50.86
C SER A 132 26.11 -17.24 -50.12
N SER A 133 27.42 -17.06 -50.17
CA SER A 133 28.08 -15.95 -49.51
C SER A 133 28.65 -14.96 -50.52
N GLY A 134 29.60 -15.43 -51.33
CA GLY A 134 30.20 -14.58 -52.33
C GLY A 134 31.72 -14.64 -52.31
N GLY A 1 5.36 21.01 0.98
CA GLY A 1 5.88 21.01 2.34
C GLY A 1 4.77 20.96 3.38
N SER A 2 4.67 19.83 4.08
CA SER A 2 3.66 19.67 5.10
C SER A 2 4.21 18.93 6.31
N SER A 3 3.40 18.83 7.36
CA SER A 3 3.82 18.14 8.58
C SER A 3 2.98 16.89 8.82
N GLY A 4 3.35 16.12 9.84
CA GLY A 4 2.62 14.91 10.15
C GLY A 4 3.16 14.21 11.38
N SER A 5 2.33 14.13 12.43
CA SER A 5 2.73 13.49 13.67
C SER A 5 1.51 13.03 14.47
N SER A 6 1.64 11.89 15.13
CA SER A 6 0.55 11.34 15.93
C SER A 6 1.00 10.10 16.68
N GLY A 7 0.28 9.75 17.74
CA GLY A 7 0.61 8.59 18.53
C GLY A 7 -0.42 8.29 19.61
N GLY A 8 -0.72 7.01 19.80
CA GLY A 8 -1.70 6.62 20.79
C GLY A 8 -1.70 5.12 21.04
N SER A 9 -2.70 4.65 21.78
CA SER A 9 -2.81 3.23 22.10
C SER A 9 -4.16 2.67 21.62
N LYS A 10 -4.22 2.33 20.34
CA LYS A 10 -5.44 1.79 19.76
C LYS A 10 -5.24 0.35 19.30
N ALA A 11 -6.14 -0.53 19.73
CA ALA A 11 -6.05 -1.95 19.37
C ALA A 11 -6.98 -2.27 18.21
N GLU A 12 -6.40 -2.49 17.03
CA GLU A 12 -7.19 -2.80 15.84
C GLU A 12 -6.34 -3.53 14.80
N LYS A 13 -6.87 -4.62 14.26
CA LYS A 13 -6.16 -5.40 13.26
C LYS A 13 -6.26 -4.74 11.89
N THR A 14 -6.03 -3.44 11.84
CA THR A 14 -6.10 -2.69 10.60
C THR A 14 -4.72 -2.14 10.21
N LEU A 15 -4.45 -2.13 8.91
CA LEU A 15 -3.18 -1.62 8.41
C LEU A 15 -3.09 -0.11 8.54
N GLY A 16 -2.24 0.36 9.44
CA GLY A 16 -2.07 1.79 9.64
C GLY A 16 -1.26 2.44 8.54
N ASP A 17 -0.18 1.78 8.14
CA ASP A 17 0.69 2.30 7.09
C ASP A 17 -0.05 2.37 5.76
N PHE A 18 -0.85 1.34 5.47
CA PHE A 18 -1.61 1.29 4.23
C PHE A 18 -3.07 1.66 4.47
N ALA A 19 -3.65 2.41 3.54
CA ALA A 19 -5.04 2.84 3.65
C ALA A 19 -5.65 3.07 2.26
N ALA A 20 -6.96 2.87 2.16
CA ALA A 20 -7.65 3.06 0.90
C ALA A 20 -8.92 3.90 1.10
N GLU A 21 -9.05 4.96 0.30
CA GLU A 21 -10.20 5.84 0.39
C GLU A 21 -10.31 6.72 -0.85
N TYR A 22 -11.42 7.45 -0.96
CA TYR A 22 -11.65 8.33 -2.10
C TYR A 22 -10.78 9.58 -2.01
N ALA A 23 -10.32 10.06 -3.15
CA ALA A 23 -9.48 11.26 -3.20
C ALA A 23 -10.25 12.48 -2.69
N LYS A 24 -9.60 13.25 -1.82
CA LYS A 24 -10.21 14.45 -1.26
C LYS A 24 -10.15 15.61 -2.26
N SER A 25 -8.97 15.84 -2.82
CA SER A 25 -8.78 16.91 -3.79
C SER A 25 -8.02 16.42 -5.01
N ASN A 26 -8.16 17.15 -6.12
CA ASN A 26 -7.48 16.78 -7.36
C ASN A 26 -6.10 17.39 -7.43
N ARG A 27 -5.41 17.43 -6.28
CA ARG A 27 -4.06 17.99 -6.21
C ARG A 27 -3.02 16.89 -6.22
N SER A 28 -3.19 15.91 -5.35
CA SER A 28 -2.25 14.79 -5.26
C SER A 28 -1.92 14.24 -6.64
N THR A 29 -0.74 13.64 -6.77
CA THR A 29 -0.30 13.07 -8.04
C THR A 29 0.49 11.79 -7.83
N CYS A 30 0.07 10.72 -8.49
CA CYS A 30 0.75 9.43 -8.37
C CYS A 30 2.19 9.53 -8.86
N LYS A 31 3.04 8.63 -8.35
CA LYS A 31 4.44 8.61 -8.73
C LYS A 31 4.73 7.48 -9.71
N GLY A 32 3.93 6.42 -9.63
CA GLY A 32 4.11 5.27 -10.50
C GLY A 32 3.86 5.62 -11.96
N CYS A 33 2.77 6.34 -12.21
CA CYS A 33 2.41 6.73 -13.56
C CYS A 33 2.65 8.23 -13.79
N MET A 34 2.79 8.97 -12.69
CA MET A 34 3.03 10.41 -12.76
C MET A 34 1.86 11.11 -13.43
N GLU A 35 0.66 10.90 -12.89
CA GLU A 35 -0.54 11.52 -13.44
C GLU A 35 -1.42 12.05 -12.32
N LYS A 36 -1.99 13.24 -12.53
CA LYS A 36 -2.86 13.87 -11.55
C LYS A 36 -3.91 12.88 -11.04
N ILE A 37 -4.28 13.02 -9.77
CA ILE A 37 -5.27 12.13 -9.17
C ILE A 37 -6.64 12.81 -9.11
N GLU A 38 -7.52 12.42 -10.02
CA GLU A 38 -8.87 12.98 -10.07
C GLU A 38 -9.52 12.96 -8.69
N LYS A 39 -10.33 13.98 -8.41
CA LYS A 39 -11.02 14.07 -7.12
C LYS A 39 -12.15 13.05 -7.04
N GLY A 40 -12.15 12.26 -5.98
CA GLY A 40 -13.20 11.26 -5.80
C GLY A 40 -12.71 9.86 -6.15
N GLN A 41 -11.93 9.75 -7.21
CA GLN A 41 -11.41 8.46 -7.64
C GLN A 41 -10.66 7.76 -6.51
N VAL A 42 -11.05 6.53 -6.22
CA VAL A 42 -10.42 5.76 -5.15
C VAL A 42 -8.90 5.94 -5.17
N ARG A 43 -8.29 5.88 -3.99
CA ARG A 43 -6.85 6.04 -3.88
C ARG A 43 -6.33 5.32 -2.63
N LEU A 44 -5.03 5.07 -2.60
CA LEU A 44 -4.40 4.40 -1.47
C LEU A 44 -3.17 5.16 -1.00
N SER A 45 -2.83 5.01 0.28
CA SER A 45 -1.67 5.67 0.86
C SER A 45 -0.73 4.67 1.50
N LYS A 46 0.57 4.95 1.42
CA LYS A 46 1.57 4.07 2.01
C LYS A 46 2.58 4.87 2.83
N LYS A 47 2.60 4.62 4.14
CA LYS A 47 3.53 5.31 5.03
C LYS A 47 4.93 4.71 4.94
N MET A 48 5.86 5.50 4.43
CA MET A 48 7.25 5.05 4.30
C MET A 48 8.20 6.23 4.16
N VAL A 49 9.49 5.96 4.28
CA VAL A 49 10.51 7.01 4.16
C VAL A 49 11.01 7.13 2.72
N ASP A 50 11.19 8.36 2.27
CA ASP A 50 11.67 8.61 0.91
C ASP A 50 13.18 8.58 0.86
N PRO A 51 13.72 7.80 -0.09
CA PRO A 51 15.17 7.66 -0.28
C PRO A 51 15.82 8.94 -0.82
N GLU A 52 14.99 9.83 -1.35
CA GLU A 52 15.48 11.09 -1.90
C GLU A 52 15.56 12.16 -0.81
N LYS A 53 14.49 12.31 -0.04
CA LYS A 53 14.45 13.29 1.03
C LYS A 53 14.32 12.60 2.39
N PRO A 54 15.46 12.15 2.93
CA PRO A 54 15.50 11.47 4.23
C PRO A 54 15.23 12.42 5.39
N GLN A 55 15.64 13.67 5.23
CA GLN A 55 15.44 14.67 6.26
C GLN A 55 13.99 14.66 6.77
N LEU A 56 13.05 14.64 5.83
CA LEU A 56 11.63 14.62 6.18
C LEU A 56 11.28 13.37 6.99
N GLY A 57 11.77 12.23 6.52
CA GLY A 57 11.50 10.98 7.21
C GLY A 57 10.21 10.33 6.75
N MET A 58 9.34 10.02 7.70
CA MET A 58 8.06 9.39 7.39
C MET A 58 7.18 10.33 6.57
N ILE A 59 6.65 9.82 5.46
CA ILE A 59 5.79 10.62 4.60
C ILE A 59 4.61 9.80 4.09
N ASP A 60 3.64 10.47 3.49
CA ASP A 60 2.45 9.81 2.95
C ASP A 60 2.39 9.94 1.44
N ARG A 61 2.38 8.80 0.75
CA ARG A 61 2.33 8.79 -0.71
C ARG A 61 0.94 8.38 -1.19
N TRP A 62 0.70 8.52 -2.50
CA TRP A 62 -0.57 8.16 -3.09
C TRP A 62 -0.37 7.40 -4.40
N TYR A 63 -1.18 6.37 -4.60
CA TYR A 63 -1.10 5.56 -5.82
C TYR A 63 -2.46 4.99 -6.19
N HIS A 64 -2.91 5.30 -7.40
CA HIS A 64 -4.20 4.81 -7.87
C HIS A 64 -4.34 3.31 -7.63
N PRO A 65 -5.58 2.85 -7.42
CA PRO A 65 -5.88 1.44 -7.19
C PRO A 65 -5.20 0.53 -8.19
N GLY A 66 -5.08 1.00 -9.43
CA GLY A 66 -4.44 0.22 -10.47
C GLY A 66 -2.93 0.17 -10.33
N CYS A 67 -2.36 1.26 -9.84
CA CYS A 67 -0.91 1.35 -9.66
C CYS A 67 -0.47 0.59 -8.42
N PHE A 68 -1.34 0.56 -7.41
CA PHE A 68 -1.04 -0.13 -6.17
C PHE A 68 -0.83 -1.62 -6.41
N VAL A 69 -1.60 -2.19 -7.33
CA VAL A 69 -1.49 -3.60 -7.66
C VAL A 69 -0.23 -3.88 -8.47
N LYS A 70 0.06 -3.00 -9.41
CA LYS A 70 1.24 -3.15 -10.27
C LYS A 70 2.52 -3.00 -9.45
N ASN A 71 2.54 -2.00 -8.58
CA ASN A 71 3.70 -1.74 -7.74
C ASN A 71 3.50 -2.30 -6.34
N ARG A 72 2.77 -3.41 -6.25
CA ARG A 72 2.49 -4.05 -4.97
C ARG A 72 3.74 -4.70 -4.41
N GLU A 73 4.51 -5.35 -5.27
CA GLU A 73 5.74 -6.02 -4.86
C GLU A 73 6.87 -5.01 -4.63
N GLU A 74 7.01 -4.08 -5.57
CA GLU A 74 8.04 -3.06 -5.47
C GLU A 74 7.89 -2.24 -4.19
N LEU A 75 6.67 -1.77 -3.93
CA LEU A 75 6.39 -0.99 -2.74
C LEU A 75 6.64 -1.80 -1.47
N GLY A 76 6.33 -3.10 -1.54
CA GLY A 76 6.53 -3.97 -0.39
C GLY A 76 5.23 -4.30 0.31
N PHE A 77 4.18 -4.55 -0.46
CA PHE A 77 2.87 -4.87 0.11
C PHE A 77 2.73 -6.38 0.30
N ARG A 78 3.07 -6.85 1.49
CA ARG A 78 2.97 -8.28 1.80
C ARG A 78 1.68 -8.88 1.25
N PRO A 79 1.76 -10.15 0.84
CA PRO A 79 0.60 -10.86 0.28
C PRO A 79 -0.47 -11.16 1.32
N GLU A 80 -0.09 -11.01 2.59
CA GLU A 80 -1.03 -11.25 3.69
C GLU A 80 -2.04 -10.11 3.81
N TYR A 81 -1.65 -8.94 3.35
CA TYR A 81 -2.52 -7.77 3.40
C TYR A 81 -3.52 -7.78 2.26
N SER A 82 -4.79 -7.54 2.60
CA SER A 82 -5.86 -7.53 1.60
C SER A 82 -6.69 -6.25 1.71
N ALA A 83 -7.47 -5.98 0.67
CA ALA A 83 -8.32 -4.80 0.65
C ALA A 83 -9.11 -4.65 1.95
N SER A 84 -9.77 -5.73 2.35
CA SER A 84 -10.57 -5.72 3.58
C SER A 84 -9.78 -5.11 4.73
N GLN A 85 -8.48 -5.37 4.75
CA GLN A 85 -7.62 -4.84 5.80
C GLN A 85 -7.31 -3.37 5.56
N LEU A 86 -7.12 -3.01 4.29
CA LEU A 86 -6.81 -1.63 3.93
C LEU A 86 -7.80 -0.67 4.56
N LYS A 87 -7.35 0.06 5.57
CA LYS A 87 -8.20 1.03 6.27
C LYS A 87 -9.06 1.81 5.27
N GLY A 88 -10.38 1.71 5.44
CA GLY A 88 -11.28 2.40 4.55
C GLY A 88 -12.17 1.46 3.75
N PHE A 89 -11.60 0.32 3.36
CA PHE A 89 -12.35 -0.66 2.59
C PHE A 89 -13.78 -0.79 3.10
N SER A 90 -13.93 -0.95 4.41
CA SER A 90 -15.25 -1.08 5.02
C SER A 90 -16.07 0.17 4.79
N LEU A 91 -15.43 1.33 4.84
CA LEU A 91 -16.11 2.60 4.63
C LEU A 91 -16.65 2.71 3.21
N LEU A 92 -15.82 2.34 2.24
CA LEU A 92 -16.21 2.38 0.84
C LEU A 92 -17.58 1.74 0.63
N ALA A 93 -18.25 2.12 -0.46
CA ALA A 93 -19.57 1.57 -0.77
C ALA A 93 -19.47 0.10 -1.15
N THR A 94 -20.53 -0.65 -0.86
CA THR A 94 -20.58 -2.08 -1.17
C THR A 94 -20.10 -2.34 -2.59
N GLU A 95 -20.55 -1.50 -3.52
CA GLU A 95 -20.17 -1.65 -4.92
C GLU A 95 -18.66 -1.52 -5.10
N ASP A 96 -18.11 -0.39 -4.64
CA ASP A 96 -16.68 -0.14 -4.75
C ASP A 96 -15.88 -1.26 -4.09
N LYS A 97 -16.32 -1.65 -2.88
CA LYS A 97 -15.64 -2.71 -2.13
C LYS A 97 -15.26 -3.86 -3.05
N GLU A 98 -16.24 -4.43 -3.73
CA GLU A 98 -16.01 -5.54 -4.65
C GLU A 98 -14.88 -5.21 -5.63
N ALA A 99 -14.97 -4.03 -6.24
CA ALA A 99 -13.96 -3.60 -7.20
C ALA A 99 -12.56 -3.92 -6.70
N LEU A 100 -12.22 -3.40 -5.53
CA LEU A 100 -10.91 -3.62 -4.94
C LEU A 100 -10.65 -5.11 -4.76
N LYS A 101 -11.55 -5.79 -4.05
CA LYS A 101 -11.41 -7.22 -3.80
C LYS A 101 -10.91 -7.94 -5.04
N LYS A 102 -11.57 -7.71 -6.16
CA LYS A 102 -11.18 -8.34 -7.42
C LYS A 102 -9.69 -8.17 -7.68
N GLN A 103 -9.20 -6.94 -7.51
CA GLN A 103 -7.79 -6.64 -7.72
C GLN A 103 -6.93 -7.30 -6.65
N LEU A 104 -7.31 -7.12 -5.39
CA LEU A 104 -6.57 -7.70 -4.27
C LEU A 104 -7.42 -8.73 -3.53
N PRO A 105 -7.57 -9.92 -4.14
CA PRO A 105 -8.35 -11.01 -3.56
C PRO A 105 -7.68 -11.62 -2.33
N GLY A 106 -6.36 -11.51 -2.27
CA GLY A 106 -5.61 -12.05 -1.16
C GLY A 106 -4.66 -13.15 -1.57
N VAL A 107 -4.02 -13.77 -0.59
CA VAL A 107 -3.07 -14.84 -0.84
C VAL A 107 -3.59 -15.78 -1.94
N LYS A 108 -2.74 -16.07 -2.92
CA LYS A 108 -3.12 -16.94 -4.02
C LYS A 108 -2.21 -18.18 -4.07
N SER A 109 -2.66 -19.21 -4.76
CA SER A 109 -1.90 -20.45 -4.88
C SER A 109 -0.64 -20.22 -5.73
N GLU A 110 -0.82 -19.59 -6.88
CA GLU A 110 0.29 -19.32 -7.79
C GLU A 110 1.30 -18.38 -7.14
N GLY A 111 2.30 -18.95 -6.47
CA GLY A 111 3.31 -18.14 -5.82
C GLY A 111 4.08 -18.91 -4.78
N LYS A 112 5.19 -18.34 -4.31
CA LYS A 112 6.02 -18.99 -3.30
C LYS A 112 6.46 -17.99 -2.24
N ARG A 113 6.40 -18.41 -0.98
CA ARG A 113 6.78 -17.55 0.14
C ARG A 113 7.96 -18.15 0.89
N LYS A 114 8.92 -17.30 1.24
CA LYS A 114 10.11 -17.73 1.97
C LYS A 114 9.85 -17.75 3.47
N GLY A 115 9.28 -16.67 3.98
CA GLY A 115 8.99 -16.58 5.40
C GLY A 115 10.22 -16.33 6.24
N ASP A 116 10.02 -15.78 7.44
CA ASP A 116 11.13 -15.49 8.33
C ASP A 116 10.72 -15.67 9.79
N GLU A 117 11.38 -16.59 10.48
CA GLU A 117 11.07 -16.87 11.88
C GLU A 117 12.35 -17.17 12.66
N VAL A 118 12.78 -16.20 13.47
CA VAL A 118 13.99 -16.38 14.27
C VAL A 118 13.64 -16.48 15.76
N ASP A 119 14.33 -17.37 16.46
CA ASP A 119 14.11 -17.57 17.88
C ASP A 119 15.35 -17.18 18.69
N GLY A 120 16.52 -17.46 18.13
CA GLY A 120 17.76 -17.15 18.81
C GLY A 120 18.20 -18.24 19.77
N VAL A 121 19.42 -18.73 19.58
CA VAL A 121 19.95 -19.78 20.44
C VAL A 121 20.98 -19.23 21.41
N ASP A 122 20.84 -19.60 22.68
CA ASP A 122 21.77 -19.14 23.71
C ASP A 122 22.26 -17.72 23.41
N GLU A 123 21.33 -16.86 22.99
CA GLU A 123 21.67 -15.48 22.66
C GLU A 123 21.74 -14.63 23.94
N VAL A 124 22.89 -14.68 24.61
CA VAL A 124 23.08 -13.93 25.84
C VAL A 124 23.00 -12.42 25.57
N ALA A 125 23.55 -12.00 24.44
CA ALA A 125 23.53 -10.58 24.06
C ALA A 125 22.10 -10.04 24.04
N LYS A 126 21.76 -9.26 25.04
CA LYS A 126 20.42 -8.67 25.13
C LYS A 126 20.33 -7.71 26.31
N LYS A 127 19.85 -6.50 26.06
CA LYS A 127 19.71 -5.49 27.09
C LYS A 127 18.26 -5.39 27.56
N LYS A 128 17.37 -5.03 26.65
CA LYS A 128 15.95 -4.91 26.98
C LYS A 128 15.10 -4.95 25.71
N SER A 129 13.89 -5.51 25.84
CA SER A 129 12.98 -5.62 24.70
C SER A 129 12.33 -4.27 24.40
N GLY A 130 13.02 -3.42 23.67
CA GLY A 130 12.49 -2.12 23.32
C GLY A 130 12.93 -1.65 21.94
N PRO A 131 12.81 -0.34 21.69
CA PRO A 131 13.18 0.25 20.40
C PRO A 131 14.70 0.24 20.19
N SER A 132 15.13 0.81 19.07
CA SER A 132 16.55 0.87 18.74
C SER A 132 16.84 2.03 17.79
N SER A 133 18.09 2.50 17.81
CA SER A 133 18.51 3.61 16.95
C SER A 133 19.28 3.10 15.73
N GLY A 134 19.43 3.96 14.74
CA GLY A 134 20.15 3.59 13.54
C GLY A 134 20.28 4.74 12.56
N GLY A 1 -5.70 31.84 1.63
CA GLY A 1 -5.57 30.39 1.65
C GLY A 1 -6.08 29.78 2.94
N SER A 2 -6.26 28.47 2.93
CA SER A 2 -6.75 27.76 4.11
C SER A 2 -5.71 26.77 4.63
N SER A 3 -5.85 26.38 5.89
CA SER A 3 -4.92 25.44 6.51
C SER A 3 -5.58 24.71 7.67
N GLY A 4 -4.99 23.57 8.05
CA GLY A 4 -5.54 22.79 9.14
C GLY A 4 -5.62 21.32 8.80
N SER A 5 -5.53 20.47 9.83
CA SER A 5 -5.59 19.02 9.64
C SER A 5 -6.03 18.32 10.91
N SER A 6 -6.74 17.21 10.76
CA SER A 6 -7.25 16.45 11.89
C SER A 6 -7.74 15.07 11.45
N GLY A 7 -7.54 14.08 12.31
CA GLY A 7 -7.97 12.73 11.99
C GLY A 7 -7.12 11.68 12.67
N GLY A 8 -7.53 10.41 12.56
CA GLY A 8 -6.79 9.33 13.18
C GLY A 8 -7.70 8.28 13.78
N SER A 9 -7.45 7.02 13.45
CA SER A 9 -8.26 5.92 13.97
C SER A 9 -7.37 4.74 14.38
N LYS A 10 -7.75 4.08 15.47
CA LYS A 10 -7.00 2.93 15.96
C LYS A 10 -7.80 1.65 15.81
N ALA A 11 -7.14 0.51 16.01
CA ALA A 11 -7.79 -0.79 15.89
C ALA A 11 -6.85 -1.91 16.32
N GLU A 12 -7.41 -3.09 16.53
CA GLU A 12 -6.63 -4.26 16.95
C GLU A 12 -6.08 -5.00 15.73
N LYS A 13 -6.90 -5.10 14.69
CA LYS A 13 -6.51 -5.78 13.46
C LYS A 13 -6.74 -4.90 12.25
N THR A 14 -5.76 -4.06 11.92
CA THR A 14 -5.85 -3.16 10.78
C THR A 14 -4.50 -2.60 10.40
N LEU A 15 -4.23 -2.53 9.10
CA LEU A 15 -2.96 -2.01 8.60
C LEU A 15 -2.97 -0.49 8.56
N GLY A 16 -2.10 0.13 9.35
CA GLY A 16 -2.03 1.58 9.39
C GLY A 16 -1.23 2.15 8.23
N ASP A 17 -0.11 1.51 7.92
CA ASP A 17 0.75 1.96 6.83
C ASP A 17 -0.05 2.08 5.53
N PHE A 18 -0.92 1.10 5.28
CA PHE A 18 -1.74 1.10 4.07
C PHE A 18 -3.17 1.53 4.39
N ALA A 19 -3.71 2.41 3.55
CA ALA A 19 -5.07 2.90 3.74
C ALA A 19 -5.71 3.27 2.41
N ALA A 20 -6.93 2.80 2.20
CA ALA A 20 -7.66 3.07 0.96
C ALA A 20 -8.95 3.84 1.24
N GLU A 21 -9.16 4.92 0.50
CA GLU A 21 -10.35 5.74 0.68
C GLU A 21 -10.41 6.85 -0.37
N TYR A 22 -11.53 7.56 -0.41
CA TYR A 22 -11.71 8.65 -1.36
C TYR A 22 -10.70 9.77 -1.12
N ALA A 23 -10.35 10.49 -2.17
CA ALA A 23 -9.39 11.58 -2.07
C ALA A 23 -10.02 12.79 -1.38
N LYS A 24 -9.18 13.65 -0.83
CA LYS A 24 -9.65 14.86 -0.14
C LYS A 24 -9.56 16.08 -1.06
N SER A 25 -8.41 16.25 -1.70
CA SER A 25 -8.20 17.38 -2.60
C SER A 25 -7.44 16.94 -3.86
N ASN A 26 -7.72 17.61 -4.98
CA ASN A 26 -7.07 17.29 -6.24
C ASN A 26 -5.67 17.87 -6.29
N ARG A 27 -4.85 17.53 -5.29
CA ARG A 27 -3.48 18.01 -5.22
C ARG A 27 -2.49 16.86 -5.31
N SER A 28 -2.82 15.74 -4.66
CA SER A 28 -1.96 14.57 -4.67
C SER A 28 -1.60 14.16 -6.10
N THR A 29 -0.46 13.50 -6.26
CA THR A 29 0.00 13.06 -7.57
C THR A 29 0.57 11.65 -7.50
N CYS A 30 0.08 10.77 -8.38
CA CYS A 30 0.53 9.38 -8.42
C CYS A 30 1.97 9.31 -8.91
N LYS A 31 2.85 8.77 -8.07
CA LYS A 31 4.26 8.63 -8.41
C LYS A 31 4.47 7.52 -9.43
N GLY A 32 3.65 6.49 -9.34
CA GLY A 32 3.77 5.37 -10.27
C GLY A 32 3.72 5.81 -11.72
N CYS A 33 2.67 6.54 -12.08
CA CYS A 33 2.51 7.03 -13.45
C CYS A 33 2.57 8.55 -13.48
N MET A 34 3.28 9.14 -12.53
CA MET A 34 3.41 10.59 -12.47
C MET A 34 2.11 11.28 -12.87
N GLU A 35 0.99 10.70 -12.46
CA GLU A 35 -0.32 11.25 -12.77
C GLU A 35 -0.86 12.07 -11.61
N LYS A 36 -1.94 12.81 -11.86
CA LYS A 36 -2.56 13.64 -10.84
C LYS A 36 -3.81 12.98 -10.29
N ILE A 37 -3.91 12.91 -8.96
CA ILE A 37 -5.06 12.30 -8.31
C ILE A 37 -6.17 13.32 -8.10
N GLU A 38 -7.32 13.08 -8.73
CA GLU A 38 -8.46 13.99 -8.60
C GLU A 38 -9.11 13.85 -7.23
N LYS A 39 -10.00 14.78 -6.91
CA LYS A 39 -10.70 14.76 -5.63
C LYS A 39 -11.92 13.85 -5.68
N GLY A 40 -11.91 12.81 -4.86
CA GLY A 40 -13.02 11.88 -4.83
C GLY A 40 -12.63 10.48 -5.27
N GLN A 41 -11.93 10.39 -6.40
CA GLN A 41 -11.49 9.11 -6.92
C GLN A 41 -10.74 8.31 -5.86
N VAL A 42 -11.03 7.01 -5.79
CA VAL A 42 -10.36 6.15 -4.82
C VAL A 42 -8.85 6.26 -4.92
N ARG A 43 -8.19 6.22 -3.77
CA ARG A 43 -6.73 6.31 -3.73
C ARG A 43 -6.18 5.68 -2.46
N LEU A 44 -5.02 5.03 -2.57
CA LEU A 44 -4.40 4.39 -1.43
C LEU A 44 -3.13 5.14 -1.00
N SER A 45 -2.75 4.96 0.25
CA SER A 45 -1.57 5.63 0.79
C SER A 45 -0.62 4.62 1.43
N LYS A 46 0.67 4.97 1.49
CA LYS A 46 1.67 4.10 2.08
C LYS A 46 2.69 4.90 2.87
N LYS A 47 2.71 4.71 4.18
CA LYS A 47 3.64 5.42 5.06
C LYS A 47 5.08 5.01 4.76
N MET A 48 5.88 5.98 4.31
CA MET A 48 7.27 5.71 3.99
C MET A 48 8.08 7.01 3.95
N VAL A 49 9.40 6.89 4.03
CA VAL A 49 10.28 8.05 3.99
C VAL A 49 10.74 8.35 2.57
N ASP A 50 10.67 9.62 2.19
CA ASP A 50 11.09 10.04 0.86
C ASP A 50 12.59 9.87 0.67
N PRO A 51 12.98 9.07 -0.32
CA PRO A 51 14.39 8.81 -0.62
C PRO A 51 15.11 10.03 -1.19
N GLU A 52 14.32 10.98 -1.70
CA GLU A 52 14.88 12.20 -2.27
C GLU A 52 15.02 13.29 -1.22
N LYS A 53 14.06 13.34 -0.30
CA LYS A 53 14.08 14.33 0.76
C LYS A 53 14.02 13.66 2.14
N PRO A 54 15.18 13.20 2.62
CA PRO A 54 15.28 12.54 3.92
C PRO A 54 15.05 13.49 5.09
N GLN A 55 15.13 14.79 4.81
CA GLN A 55 14.94 15.81 5.83
C GLN A 55 13.52 15.77 6.38
N LEU A 56 12.55 15.65 5.48
CA LEU A 56 11.15 15.59 5.87
C LEU A 56 10.90 14.43 6.83
N GLY A 57 11.40 13.26 6.46
CA GLY A 57 11.21 12.09 7.31
C GLY A 57 10.02 11.25 6.89
N MET A 58 9.20 10.86 7.87
CA MET A 58 8.01 10.06 7.59
C MET A 58 6.96 10.88 6.86
N ILE A 59 6.55 10.41 5.69
CA ILE A 59 5.55 11.10 4.89
C ILE A 59 4.49 10.12 4.38
N ASP A 60 3.45 10.67 3.76
CA ASP A 60 2.37 9.84 3.21
C ASP A 60 2.14 10.17 1.74
N ARG A 61 2.20 9.16 0.89
CA ARG A 61 1.99 9.35 -0.54
C ARG A 61 0.63 8.80 -0.97
N TRP A 62 0.29 9.01 -2.23
CA TRP A 62 -0.98 8.55 -2.76
C TRP A 62 -0.80 7.93 -4.15
N TYR A 63 -1.62 6.93 -4.45
CA TYR A 63 -1.54 6.24 -5.74
C TYR A 63 -2.92 5.74 -6.17
N HIS A 64 -3.04 5.38 -7.44
CA HIS A 64 -4.31 4.88 -7.97
C HIS A 64 -4.47 3.38 -7.68
N PRO A 65 -5.72 2.96 -7.46
CA PRO A 65 -6.04 1.56 -7.16
C PRO A 65 -5.37 0.60 -8.14
N GLY A 66 -5.31 1.02 -9.41
CA GLY A 66 -4.71 0.18 -10.43
C GLY A 66 -3.20 0.14 -10.32
N CYS A 67 -2.60 1.24 -9.89
CA CYS A 67 -1.15 1.33 -9.75
C CYS A 67 -0.68 0.61 -8.49
N PHE A 68 -1.56 0.55 -7.48
CA PHE A 68 -1.25 -0.11 -6.22
C PHE A 68 -1.02 -1.60 -6.43
N VAL A 69 -1.83 -2.20 -7.31
CA VAL A 69 -1.72 -3.62 -7.60
C VAL A 69 -0.47 -3.93 -8.42
N LYS A 70 -0.32 -3.23 -9.54
CA LYS A 70 0.83 -3.42 -10.41
C LYS A 70 2.13 -3.26 -9.64
N ASN A 71 2.21 -2.20 -8.84
CA ASN A 71 3.40 -1.92 -8.04
C ASN A 71 3.22 -2.39 -6.60
N ARG A 72 2.45 -3.46 -6.44
CA ARG A 72 2.18 -4.02 -5.11
C ARG A 72 3.44 -4.66 -4.53
N GLU A 73 4.06 -5.54 -5.33
CA GLU A 73 5.27 -6.22 -4.89
C GLU A 73 6.42 -5.23 -4.68
N GLU A 74 6.63 -4.37 -5.68
CA GLU A 74 7.69 -3.38 -5.60
C GLU A 74 7.59 -2.57 -4.32
N LEU A 75 6.45 -1.95 -4.10
CA LEU A 75 6.22 -1.14 -2.91
C LEU A 75 6.49 -1.95 -1.64
N GLY A 76 6.20 -3.24 -1.70
CA GLY A 76 6.42 -4.11 -0.56
C GLY A 76 5.13 -4.54 0.10
N PHE A 77 4.12 -4.81 -0.72
CA PHE A 77 2.81 -5.24 -0.20
C PHE A 77 2.73 -6.76 -0.14
N ARG A 78 2.97 -7.31 1.04
CA ARG A 78 2.92 -8.76 1.23
C ARG A 78 1.55 -9.31 0.84
N PRO A 79 1.52 -10.58 0.41
CA PRO A 79 0.29 -11.26 0.00
C PRO A 79 -0.64 -11.53 1.17
N GLU A 80 -0.16 -11.25 2.38
CA GLU A 80 -0.95 -11.48 3.59
C GLU A 80 -1.94 -10.33 3.80
N TYR A 81 -1.65 -9.18 3.21
CA TYR A 81 -2.52 -8.02 3.34
C TYR A 81 -3.57 -8.00 2.23
N SER A 82 -4.77 -7.52 2.58
CA SER A 82 -5.86 -7.46 1.62
C SER A 82 -6.55 -6.10 1.68
N ALA A 83 -7.54 -5.89 0.82
CA ALA A 83 -8.27 -4.63 0.76
C ALA A 83 -9.08 -4.42 2.03
N SER A 84 -9.69 -5.50 2.52
CA SER A 84 -10.51 -5.42 3.74
C SER A 84 -9.74 -4.76 4.87
N GLN A 85 -8.45 -5.07 4.96
CA GLN A 85 -7.59 -4.51 6.00
C GLN A 85 -7.31 -3.04 5.74
N LEU A 86 -7.15 -2.69 4.47
CA LEU A 86 -6.87 -1.31 4.08
C LEU A 86 -7.88 -0.36 4.71
N LYS A 87 -7.40 0.44 5.66
CA LYS A 87 -8.27 1.40 6.35
C LYS A 87 -9.10 2.19 5.35
N GLY A 88 -10.40 2.32 5.63
CA GLY A 88 -11.28 3.05 4.74
C GLY A 88 -12.02 2.14 3.78
N PHE A 89 -11.47 0.96 3.54
CA PHE A 89 -12.08 0.00 2.63
C PHE A 89 -13.56 -0.20 2.97
N SER A 90 -13.83 -0.65 4.20
CA SER A 90 -15.19 -0.88 4.64
C SER A 90 -16.05 0.36 4.42
N LEU A 91 -15.40 1.51 4.31
CA LEU A 91 -16.12 2.77 4.10
C LEU A 91 -16.44 2.97 2.62
N LEU A 92 -15.57 2.47 1.75
CA LEU A 92 -15.76 2.58 0.32
C LEU A 92 -17.13 2.04 -0.09
N ALA A 93 -17.68 2.60 -1.17
CA ALA A 93 -18.98 2.18 -1.68
C ALA A 93 -18.95 0.73 -2.12
N THR A 94 -19.93 -0.05 -1.68
CA THR A 94 -20.01 -1.46 -2.03
C THR A 94 -19.45 -1.71 -3.43
N GLU A 95 -20.04 -1.05 -4.43
CA GLU A 95 -19.60 -1.20 -5.81
C GLU A 95 -18.07 -1.26 -5.89
N ASP A 96 -17.42 -0.25 -5.35
CA ASP A 96 -15.95 -0.20 -5.35
C ASP A 96 -15.36 -1.34 -4.54
N LYS A 97 -15.86 -1.51 -3.32
CA LYS A 97 -15.38 -2.57 -2.44
C LYS A 97 -15.02 -3.82 -3.24
N GLU A 98 -16.02 -4.41 -3.89
CA GLU A 98 -15.81 -5.61 -4.69
C GLU A 98 -14.57 -5.47 -5.56
N ALA A 99 -14.62 -4.49 -6.48
CA ALA A 99 -13.50 -4.25 -7.39
C ALA A 99 -12.18 -4.46 -6.68
N LEU A 100 -11.99 -3.79 -5.55
CA LEU A 100 -10.76 -3.89 -4.79
C LEU A 100 -10.54 -5.33 -4.30
N LYS A 101 -11.62 -5.97 -3.88
CA LYS A 101 -11.56 -7.34 -3.39
C LYS A 101 -11.04 -8.28 -4.48
N LYS A 102 -11.52 -8.10 -5.70
CA LYS A 102 -11.11 -8.91 -6.83
C LYS A 102 -9.70 -8.56 -7.27
N GLN A 103 -9.30 -7.32 -7.01
CA GLN A 103 -7.96 -6.85 -7.39
C GLN A 103 -6.91 -7.39 -6.42
N LEU A 104 -7.17 -7.23 -5.12
CA LEU A 104 -6.23 -7.70 -4.11
C LEU A 104 -6.87 -8.79 -3.26
N PRO A 105 -6.94 -10.01 -3.83
CA PRO A 105 -7.53 -11.17 -3.14
C PRO A 105 -6.65 -11.66 -1.99
N GLY A 106 -5.34 -11.48 -2.14
CA GLY A 106 -4.42 -11.92 -1.11
C GLY A 106 -3.35 -12.86 -1.63
N VAL A 107 -3.22 -14.03 -1.00
CA VAL A 107 -2.24 -15.02 -1.41
C VAL A 107 -2.26 -15.23 -2.92
N LYS A 108 -1.09 -15.13 -3.55
CA LYS A 108 -0.99 -15.31 -4.99
C LYS A 108 0.46 -15.61 -5.39
N SER A 109 0.63 -16.58 -6.27
CA SER A 109 1.96 -16.98 -6.74
C SER A 109 2.22 -16.43 -8.14
N GLU A 110 3.50 -16.30 -8.48
CA GLU A 110 3.89 -15.80 -9.79
C GLU A 110 5.11 -16.54 -10.33
N GLY A 111 5.49 -16.23 -11.56
CA GLY A 111 6.65 -16.88 -12.15
C GLY A 111 7.44 -15.95 -13.06
N LYS A 112 8.57 -16.43 -13.57
CA LYS A 112 9.41 -15.63 -14.45
C LYS A 112 9.79 -16.41 -15.69
N ARG A 113 10.21 -15.70 -16.73
CA ARG A 113 10.60 -16.34 -17.98
C ARG A 113 11.48 -15.40 -18.82
N LYS A 114 12.64 -15.89 -19.23
CA LYS A 114 13.57 -15.11 -20.03
C LYS A 114 13.94 -15.85 -21.32
N GLY A 115 14.56 -15.12 -22.24
CA GLY A 115 14.96 -15.72 -23.51
C GLY A 115 15.89 -14.83 -24.30
N ASP A 116 15.48 -13.58 -24.50
CA ASP A 116 16.29 -12.63 -25.25
C ASP A 116 17.76 -12.71 -24.84
N GLU A 117 18.65 -12.74 -25.83
CA GLU A 117 20.08 -12.82 -25.56
C GLU A 117 20.73 -11.45 -25.72
N VAL A 118 22.03 -11.38 -25.44
CA VAL A 118 22.77 -10.14 -25.55
C VAL A 118 24.22 -10.39 -25.96
N ASP A 119 24.74 -9.56 -26.86
CA ASP A 119 26.11 -9.71 -27.32
C ASP A 119 27.02 -8.66 -26.68
N GLY A 120 28.32 -8.89 -26.74
CA GLY A 120 29.27 -7.96 -26.16
C GLY A 120 29.84 -7.00 -27.17
N VAL A 121 30.45 -5.92 -26.69
CA VAL A 121 31.04 -4.91 -27.57
C VAL A 121 32.25 -4.27 -26.93
N ASP A 122 33.23 -3.91 -27.75
CA ASP A 122 34.46 -3.28 -27.26
C ASP A 122 35.33 -2.81 -28.42
N GLU A 123 36.41 -2.11 -28.10
CA GLU A 123 37.33 -1.61 -29.10
C GLU A 123 38.76 -2.09 -28.85
N VAL A 124 39.61 -1.97 -29.86
CA VAL A 124 40.99 -2.40 -29.74
C VAL A 124 41.88 -1.25 -29.28
N ALA A 125 41.51 -0.03 -29.66
CA ALA A 125 42.27 1.16 -29.28
C ALA A 125 42.21 1.39 -27.78
N LYS A 126 43.22 0.90 -27.08
CA LYS A 126 43.29 1.05 -25.63
C LYS A 126 44.36 2.06 -25.23
N LYS A 127 43.94 3.31 -25.06
CA LYS A 127 44.87 4.38 -24.68
C LYS A 127 44.10 5.62 -24.23
N LYS A 128 44.79 6.49 -23.50
CA LYS A 128 44.18 7.72 -23.01
C LYS A 128 44.98 8.94 -23.42
N SER A 129 44.31 9.99 -23.86
CA SER A 129 44.96 11.22 -24.29
C SER A 129 45.48 12.00 -23.09
N GLY A 130 46.22 13.07 -23.36
CA GLY A 130 46.76 13.89 -22.30
C GLY A 130 46.65 15.38 -22.59
N PRO A 131 46.73 16.20 -21.54
CA PRO A 131 46.63 17.65 -21.66
C PRO A 131 47.85 18.26 -22.35
N SER A 132 47.82 19.57 -22.54
CA SER A 132 48.92 20.27 -23.20
C SER A 132 49.54 21.30 -22.25
N SER A 133 50.76 21.73 -22.57
CA SER A 133 51.46 22.72 -21.76
C SER A 133 51.39 24.10 -22.38
N GLY A 134 51.95 25.09 -21.69
CA GLY A 134 51.92 26.45 -22.19
C GLY A 134 51.83 27.48 -21.08
N GLY A 1 -1.09 34.00 18.54
CA GLY A 1 -1.79 33.13 17.61
C GLY A 1 -1.67 31.67 18.01
N SER A 2 -2.62 30.85 17.52
CA SER A 2 -2.63 29.43 17.84
C SER A 2 -3.28 28.63 16.71
N SER A 3 -2.82 27.40 16.53
CA SER A 3 -3.36 26.54 15.48
C SER A 3 -3.47 25.10 15.98
N GLY A 4 -4.27 24.30 15.28
CA GLY A 4 -4.46 22.92 15.66
C GLY A 4 -5.19 22.11 14.60
N SER A 5 -5.50 20.86 14.91
CA SER A 5 -6.20 19.98 13.97
C SER A 5 -6.75 18.75 14.68
N SER A 6 -8.01 18.44 14.40
CA SER A 6 -8.66 17.29 15.03
C SER A 6 -7.83 16.02 14.82
N GLY A 7 -8.01 15.06 15.71
CA GLY A 7 -7.28 13.80 15.62
C GLY A 7 -7.47 12.92 16.83
N GLY A 8 -6.40 12.70 17.58
CA GLY A 8 -6.47 11.87 18.76
C GLY A 8 -7.24 10.58 18.51
N SER A 9 -6.61 9.64 17.82
CA SER A 9 -7.25 8.37 17.52
C SER A 9 -6.27 7.22 17.67
N LYS A 10 -6.77 5.99 17.54
CA LYS A 10 -5.93 4.80 17.66
C LYS A 10 -6.25 3.79 16.56
N ALA A 11 -5.51 2.69 16.55
CA ALA A 11 -5.73 1.65 15.55
C ALA A 11 -7.17 1.17 15.55
N GLU A 12 -7.68 0.81 14.38
CA GLU A 12 -9.06 0.34 14.25
C GLU A 12 -9.09 -1.15 13.89
N LYS A 13 -8.11 -1.90 14.41
CA LYS A 13 -8.04 -3.33 14.15
C LYS A 13 -7.83 -3.60 12.66
N THR A 14 -7.00 -2.77 12.02
CA THR A 14 -6.72 -2.92 10.60
C THR A 14 -5.33 -2.37 10.26
N LEU A 15 -4.86 -2.67 9.05
CA LEU A 15 -3.56 -2.21 8.59
C LEU A 15 -3.48 -0.68 8.65
N GLY A 16 -2.51 -0.17 9.40
CA GLY A 16 -2.34 1.26 9.51
C GLY A 16 -1.47 1.84 8.41
N ASP A 17 -0.52 1.03 7.93
CA ASP A 17 0.38 1.46 6.87
C ASP A 17 -0.39 1.78 5.60
N PHE A 18 -1.39 0.96 5.29
CA PHE A 18 -2.20 1.14 4.10
C PHE A 18 -3.57 1.71 4.45
N ALA A 19 -4.06 2.62 3.62
CA ALA A 19 -5.36 3.24 3.85
C ALA A 19 -6.08 3.51 2.54
N ALA A 20 -7.39 3.27 2.52
CA ALA A 20 -8.19 3.50 1.32
C ALA A 20 -9.37 4.42 1.61
N GLU A 21 -9.53 5.43 0.77
CA GLU A 21 -10.62 6.39 0.94
C GLU A 21 -10.73 7.31 -0.27
N TYR A 22 -11.88 7.96 -0.41
CA TYR A 22 -12.12 8.87 -1.53
C TYR A 22 -11.22 10.09 -1.45
N ALA A 23 -10.44 10.33 -2.49
CA ALA A 23 -9.54 11.47 -2.54
C ALA A 23 -10.18 12.70 -1.91
N LYS A 24 -9.41 13.41 -1.09
CA LYS A 24 -9.91 14.61 -0.43
C LYS A 24 -9.91 15.79 -1.39
N SER A 25 -8.80 16.00 -2.08
CA SER A 25 -8.68 17.10 -3.03
C SER A 25 -7.98 16.64 -4.30
N ASN A 26 -8.26 17.34 -5.41
CA ASN A 26 -7.66 17.01 -6.69
C ASN A 26 -6.27 17.63 -6.81
N ARG A 27 -5.46 17.47 -5.78
CA ARG A 27 -4.11 18.02 -5.78
C ARG A 27 -3.06 16.90 -5.89
N SER A 28 -3.16 15.91 -5.00
CA SER A 28 -2.24 14.79 -4.99
C SER A 28 -1.88 14.37 -6.42
N THR A 29 -0.74 13.72 -6.56
CA THR A 29 -0.28 13.26 -7.87
C THR A 29 0.40 11.90 -7.77
N CYS A 30 -0.06 10.96 -8.60
CA CYS A 30 0.51 9.62 -8.60
C CYS A 30 1.97 9.63 -9.05
N LYS A 31 2.83 9.03 -8.23
CA LYS A 31 4.26 8.99 -8.53
C LYS A 31 4.57 7.83 -9.48
N GLY A 32 3.75 6.78 -9.42
CA GLY A 32 3.95 5.64 -10.28
C GLY A 32 3.91 6.00 -11.75
N CYS A 33 2.92 6.80 -12.14
CA CYS A 33 2.76 7.21 -13.52
C CYS A 33 2.69 8.73 -13.63
N MET A 34 3.36 9.42 -12.71
CA MET A 34 3.37 10.87 -12.70
C MET A 34 2.03 11.43 -13.14
N GLU A 35 0.95 10.80 -12.70
CA GLU A 35 -0.40 11.23 -13.06
C GLU A 35 -1.03 12.05 -11.94
N LYS A 36 -2.12 12.73 -12.25
CA LYS A 36 -2.81 13.55 -11.26
C LYS A 36 -4.04 12.83 -10.72
N ILE A 37 -4.18 12.82 -9.39
CA ILE A 37 -5.31 12.16 -8.75
C ILE A 37 -6.49 13.12 -8.60
N GLU A 38 -7.64 12.69 -9.09
CA GLU A 38 -8.85 13.50 -9.02
C GLU A 38 -9.54 13.34 -7.66
N LYS A 39 -10.35 14.33 -7.28
CA LYS A 39 -11.07 14.29 -6.01
C LYS A 39 -12.22 13.29 -6.08
N GLY A 40 -12.23 12.34 -5.14
CA GLY A 40 -13.28 11.35 -5.11
C GLY A 40 -12.82 10.00 -5.61
N GLN A 41 -11.93 10.01 -6.60
CA GLN A 41 -11.41 8.77 -7.16
C GLN A 41 -10.69 7.95 -6.11
N VAL A 42 -11.03 6.66 -6.04
CA VAL A 42 -10.43 5.76 -5.08
C VAL A 42 -8.91 5.88 -5.09
N ARG A 43 -8.33 6.14 -3.92
CA ARG A 43 -6.88 6.27 -3.79
C ARG A 43 -6.35 5.40 -2.67
N LEU A 44 -5.10 4.94 -2.82
CA LEU A 44 -4.48 4.08 -1.83
C LEU A 44 -3.14 4.67 -1.38
N SER A 45 -2.99 4.88 -0.08
CA SER A 45 -1.75 5.42 0.47
C SER A 45 -0.97 4.36 1.23
N LYS A 46 0.35 4.38 1.07
CA LYS A 46 1.21 3.41 1.73
C LYS A 46 2.24 4.12 2.61
N LYS A 47 2.22 3.82 3.91
CA LYS A 47 3.15 4.42 4.85
C LYS A 47 4.56 3.90 4.62
N MET A 48 5.44 4.78 4.11
CA MET A 48 6.82 4.41 3.84
C MET A 48 7.67 5.65 3.59
N VAL A 49 8.98 5.51 3.78
CA VAL A 49 9.90 6.61 3.58
C VAL A 49 10.39 6.66 2.14
N ASP A 50 10.67 7.87 1.64
CA ASP A 50 11.16 8.04 0.28
C ASP A 50 12.41 7.21 0.03
N PRO A 51 12.36 6.36 -1.01
CA PRO A 51 13.49 5.48 -1.37
C PRO A 51 14.67 6.27 -1.93
N GLU A 52 14.41 7.50 -2.36
CA GLU A 52 15.44 8.35 -2.92
C GLU A 52 16.00 9.30 -1.87
N LYS A 53 15.11 10.02 -1.20
CA LYS A 53 15.50 10.96 -0.17
C LYS A 53 15.00 10.51 1.21
N PRO A 54 15.73 9.57 1.82
CA PRO A 54 15.37 9.03 3.14
C PRO A 54 15.58 10.06 4.25
N GLN A 55 16.13 11.22 3.89
CA GLN A 55 16.37 12.27 4.86
C GLN A 55 15.07 12.74 5.51
N LEU A 56 13.96 12.47 4.84
CA LEU A 56 12.65 12.87 5.35
C LEU A 56 12.12 11.84 6.34
N GLY A 57 12.26 10.56 6.00
CA GLY A 57 11.79 9.51 6.88
C GLY A 57 10.38 9.07 6.56
N MET A 58 9.57 8.89 7.59
CA MET A 58 8.19 8.47 7.41
C MET A 58 7.39 9.54 6.67
N ILE A 59 6.81 9.14 5.53
CA ILE A 59 6.03 10.06 4.72
C ILE A 59 4.81 9.36 4.12
N ASP A 60 3.75 10.12 3.89
CA ASP A 60 2.52 9.58 3.31
C ASP A 60 2.48 9.80 1.81
N ARG A 61 2.13 8.75 1.06
CA ARG A 61 2.05 8.84 -0.39
C ARG A 61 0.71 8.30 -0.89
N TRP A 62 0.41 8.58 -2.16
CA TRP A 62 -0.84 8.12 -2.76
C TRP A 62 -0.58 7.51 -4.13
N TYR A 63 -1.46 6.58 -4.53
CA TYR A 63 -1.33 5.92 -5.81
C TYR A 63 -2.68 5.37 -6.28
N HIS A 64 -2.83 5.21 -7.59
CA HIS A 64 -4.06 4.70 -8.17
C HIS A 64 -4.22 3.21 -7.88
N PRO A 65 -5.48 2.76 -7.75
CA PRO A 65 -5.79 1.36 -7.46
C PRO A 65 -5.03 0.40 -8.38
N GLY A 66 -4.88 0.77 -9.64
CA GLY A 66 -4.17 -0.06 -10.59
C GLY A 66 -2.67 -0.01 -10.39
N CYS A 67 -2.15 1.16 -10.03
CA CYS A 67 -0.72 1.33 -9.81
C CYS A 67 -0.30 0.70 -8.48
N PHE A 68 -1.26 0.54 -7.57
CA PHE A 68 -0.97 -0.06 -6.28
C PHE A 68 -0.68 -1.56 -6.41
N VAL A 69 -1.41 -2.21 -7.31
CA VAL A 69 -1.23 -3.64 -7.53
C VAL A 69 -0.01 -3.91 -8.41
N LYS A 70 0.11 -3.17 -9.50
CA LYS A 70 1.22 -3.31 -10.42
C LYS A 70 2.55 -3.12 -9.69
N ASN A 71 2.60 -2.12 -8.84
CA ASN A 71 3.82 -1.82 -8.08
C ASN A 71 3.73 -2.40 -6.66
N ARG A 72 3.02 -3.52 -6.53
CA ARG A 72 2.86 -4.18 -5.25
C ARG A 72 4.17 -4.80 -4.79
N GLU A 73 4.83 -5.51 -5.70
CA GLU A 73 6.10 -6.16 -5.39
C GLU A 73 7.18 -5.14 -5.09
N GLU A 74 7.09 -3.99 -5.75
CA GLU A 74 8.07 -2.92 -5.56
C GLU A 74 7.82 -2.19 -4.23
N LEU A 75 6.56 -1.88 -3.96
CA LEU A 75 6.20 -1.18 -2.74
C LEU A 75 6.41 -2.07 -1.52
N GLY A 76 6.28 -3.38 -1.72
CA GLY A 76 6.47 -4.32 -0.63
C GLY A 76 5.15 -4.79 -0.04
N PHE A 77 4.15 -5.00 -0.90
CA PHE A 77 2.83 -5.44 -0.46
C PHE A 77 2.80 -6.96 -0.32
N ARG A 78 2.80 -7.43 0.93
CA ARG A 78 2.76 -8.87 1.20
C ARG A 78 1.37 -9.43 0.95
N PRO A 79 1.29 -10.75 0.69
CA PRO A 79 0.02 -11.43 0.45
C PRO A 79 -0.84 -11.55 1.70
N GLU A 80 -0.27 -11.16 2.84
CA GLU A 80 -0.98 -11.21 4.10
C GLU A 80 -1.93 -10.02 4.25
N TYR A 81 -1.77 -9.04 3.36
CA TYR A 81 -2.61 -7.84 3.39
C TYR A 81 -3.76 -7.97 2.40
N SER A 82 -4.94 -7.50 2.81
CA SER A 82 -6.12 -7.57 1.96
C SER A 82 -6.74 -6.19 1.79
N ALA A 83 -7.77 -6.10 0.94
CA ALA A 83 -8.45 -4.84 0.69
C ALA A 83 -9.39 -4.49 1.83
N SER A 84 -9.80 -5.50 2.59
CA SER A 84 -10.71 -5.30 3.71
C SER A 84 -9.96 -4.77 4.93
N GLN A 85 -8.63 -4.76 4.84
CA GLN A 85 -7.80 -4.28 5.94
C GLN A 85 -7.33 -2.85 5.68
N LEU A 86 -7.89 -2.22 4.65
CA LEU A 86 -7.52 -0.86 4.29
C LEU A 86 -8.43 0.14 5.01
N LYS A 87 -7.82 1.00 5.82
CA LYS A 87 -8.57 2.01 6.56
C LYS A 87 -9.50 2.78 5.64
N GLY A 88 -10.79 2.81 5.99
CA GLY A 88 -11.77 3.51 5.18
C GLY A 88 -12.44 2.61 4.17
N PHE A 89 -11.95 1.38 4.05
CA PHE A 89 -12.51 0.41 3.12
C PHE A 89 -13.98 0.16 3.42
N SER A 90 -14.27 -0.24 4.65
CA SER A 90 -15.63 -0.53 5.07
C SER A 90 -16.56 0.64 4.74
N LEU A 91 -16.00 1.85 4.72
CA LEU A 91 -16.78 3.04 4.42
C LEU A 91 -17.16 3.08 2.93
N LEU A 92 -16.22 2.72 2.07
CA LEU A 92 -16.46 2.71 0.63
C LEU A 92 -17.77 2.00 0.32
N ALA A 93 -18.41 2.43 -0.77
CA ALA A 93 -19.68 1.83 -1.19
C ALA A 93 -19.51 0.34 -1.48
N THR A 94 -20.50 -0.44 -1.08
CA THR A 94 -20.47 -1.89 -1.29
C THR A 94 -19.99 -2.23 -2.70
N GLU A 95 -20.43 -1.43 -3.67
CA GLU A 95 -20.05 -1.65 -5.06
C GLU A 95 -18.55 -1.48 -5.25
N ASP A 96 -18.03 -0.30 -4.91
CA ASP A 96 -16.61 -0.02 -5.04
C ASP A 96 -15.78 -1.08 -4.33
N LYS A 97 -16.24 -1.51 -3.16
CA LYS A 97 -15.53 -2.52 -2.38
C LYS A 97 -15.17 -3.71 -3.26
N GLU A 98 -16.18 -4.34 -3.84
CA GLU A 98 -15.95 -5.50 -4.71
C GLU A 98 -14.81 -5.24 -5.69
N ALA A 99 -14.82 -4.06 -6.30
CA ALA A 99 -13.78 -3.70 -7.26
C ALA A 99 -12.39 -3.95 -6.68
N LEU A 100 -12.19 -3.53 -5.44
CA LEU A 100 -10.91 -3.71 -4.77
C LEU A 100 -10.67 -5.18 -4.43
N LYS A 101 -11.60 -5.78 -3.71
CA LYS A 101 -11.49 -7.19 -3.34
C LYS A 101 -10.91 -8.02 -4.48
N LYS A 102 -11.30 -7.67 -5.71
CA LYS A 102 -10.81 -8.38 -6.88
C LYS A 102 -9.34 -8.07 -7.15
N GLN A 103 -8.99 -6.79 -7.04
CA GLN A 103 -7.62 -6.36 -7.27
C GLN A 103 -6.68 -6.96 -6.22
N LEU A 104 -7.05 -6.83 -4.95
CA LEU A 104 -6.25 -7.35 -3.85
C LEU A 104 -7.00 -8.46 -3.11
N PRO A 105 -7.00 -9.66 -3.70
CA PRO A 105 -7.67 -10.83 -3.10
C PRO A 105 -6.97 -11.33 -1.85
N GLY A 106 -5.92 -10.62 -1.45
CA GLY A 106 -5.17 -11.01 -0.27
C GLY A 106 -4.02 -11.96 -0.58
N VAL A 107 -4.20 -13.23 -0.21
CA VAL A 107 -3.17 -14.23 -0.46
C VAL A 107 -3.36 -14.87 -1.83
N LYS A 108 -2.30 -14.85 -2.64
CA LYS A 108 -2.34 -15.42 -3.98
C LYS A 108 -3.26 -16.64 -4.01
N SER A 109 -3.95 -16.83 -5.14
CA SER A 109 -4.86 -17.95 -5.30
C SER A 109 -4.29 -18.98 -6.27
N GLU A 110 -4.08 -18.56 -7.52
CA GLU A 110 -3.54 -19.44 -8.54
C GLU A 110 -2.14 -19.92 -8.16
N GLY A 111 -1.90 -21.22 -8.30
CA GLY A 111 -0.60 -21.78 -7.98
C GLY A 111 0.54 -20.92 -8.48
N LYS A 112 1.52 -20.67 -7.61
CA LYS A 112 2.67 -19.85 -7.98
C LYS A 112 3.89 -20.72 -8.21
N ARG A 113 4.50 -20.59 -9.39
CA ARG A 113 5.68 -21.36 -9.73
C ARG A 113 6.83 -21.06 -8.77
N LYS A 114 7.72 -22.04 -8.60
CA LYS A 114 8.86 -21.87 -7.70
C LYS A 114 10.10 -21.46 -8.48
N GLY A 115 10.55 -20.22 -8.25
CA GLY A 115 11.72 -19.72 -8.94
C GLY A 115 12.86 -19.40 -8.00
N ASP A 116 13.27 -20.39 -7.22
CA ASP A 116 14.36 -20.22 -6.26
C ASP A 116 15.02 -21.56 -5.93
N GLU A 117 16.29 -21.68 -6.27
CA GLU A 117 17.04 -22.91 -6.01
C GLU A 117 16.92 -23.31 -4.54
N VAL A 118 16.18 -24.39 -4.30
CA VAL A 118 16.00 -24.89 -2.93
C VAL A 118 15.91 -26.41 -2.91
N ASP A 119 16.45 -27.01 -1.87
CA ASP A 119 16.43 -28.46 -1.73
C ASP A 119 16.73 -28.88 -0.28
N GLY A 120 16.22 -30.03 0.11
CA GLY A 120 16.45 -30.52 1.46
C GLY A 120 15.24 -30.30 2.36
N VAL A 121 14.83 -31.35 3.06
CA VAL A 121 13.68 -31.26 3.96
C VAL A 121 13.93 -32.04 5.25
N ASP A 122 13.83 -31.35 6.38
CA ASP A 122 14.04 -31.97 7.68
C ASP A 122 13.38 -33.35 7.74
N GLU A 123 14.19 -34.39 7.59
CA GLU A 123 13.67 -35.76 7.62
C GLU A 123 13.73 -36.33 9.04
N VAL A 124 12.70 -36.02 9.82
CA VAL A 124 12.63 -36.50 11.21
C VAL A 124 11.19 -36.53 11.70
N ALA A 125 10.95 -37.30 12.76
CA ALA A 125 9.62 -37.42 13.33
C ALA A 125 9.31 -36.24 14.26
N LYS A 126 8.35 -35.42 13.87
CA LYS A 126 7.96 -34.27 14.66
C LYS A 126 6.45 -34.24 14.88
N LYS A 127 5.97 -33.18 15.53
CA LYS A 127 4.54 -33.03 15.80
C LYS A 127 3.85 -32.32 14.65
N LYS A 128 2.67 -32.81 14.28
CA LYS A 128 1.90 -32.23 13.19
C LYS A 128 0.43 -32.05 13.60
N SER A 129 -0.02 -30.80 13.60
CA SER A 129 -1.40 -30.49 13.98
C SER A 129 -2.37 -31.07 12.96
N GLY A 130 -3.35 -31.84 13.45
CA GLY A 130 -4.33 -32.44 12.57
C GLY A 130 -5.74 -31.95 12.85
N PRO A 131 -6.53 -31.75 11.79
CA PRO A 131 -7.91 -31.29 11.91
C PRO A 131 -8.83 -32.34 12.54
N SER A 132 -10.02 -31.91 12.97
CA SER A 132 -10.98 -32.82 13.58
C SER A 132 -11.74 -33.61 12.51
N SER A 133 -12.30 -34.73 12.92
CA SER A 133 -13.05 -35.59 12.00
C SER A 133 -14.16 -36.33 12.75
N GLY A 134 -14.95 -37.11 11.99
CA GLY A 134 -16.02 -37.86 12.59
C GLY A 134 -15.61 -39.26 12.99
N GLY A 1 9.52 21.51 19.01
CA GLY A 1 10.04 20.41 19.80
C GLY A 1 9.34 20.28 21.15
N SER A 2 10.09 19.88 22.17
CA SER A 2 9.54 19.72 23.50
C SER A 2 8.10 19.21 23.44
N SER A 3 7.86 18.25 22.54
CA SER A 3 6.53 17.68 22.37
C SER A 3 6.53 16.19 22.71
N GLY A 4 5.35 15.65 22.97
CA GLY A 4 5.24 14.24 23.31
C GLY A 4 3.82 13.84 23.68
N SER A 5 3.20 13.02 22.84
CA SER A 5 1.83 12.58 23.08
C SER A 5 1.47 11.41 22.17
N SER A 6 0.99 10.33 22.77
CA SER A 6 0.61 9.14 22.00
C SER A 6 -0.55 9.44 21.07
N GLY A 7 -0.23 9.70 19.80
CA GLY A 7 -1.26 10.01 18.82
C GLY A 7 -0.94 9.43 17.45
N GLY A 8 -1.22 8.15 17.27
CA GLY A 8 -0.95 7.52 15.99
C GLY A 8 -2.17 6.80 15.43
N SER A 9 -1.97 6.04 14.36
CA SER A 9 -3.06 5.31 13.72
C SER A 9 -3.85 4.51 14.75
N LYS A 10 -5.12 4.26 14.46
CA LYS A 10 -5.99 3.51 15.35
C LYS A 10 -6.83 2.50 14.58
N ALA A 11 -6.52 1.22 14.75
CA ALA A 11 -7.24 0.15 14.06
C ALA A 11 -6.95 -1.20 14.69
N GLU A 12 -8.00 -1.99 14.91
CA GLU A 12 -7.85 -3.31 15.51
C GLU A 12 -7.72 -4.39 14.43
N LYS A 13 -8.47 -4.22 13.35
CA LYS A 13 -8.44 -5.17 12.24
C LYS A 13 -8.21 -4.46 10.91
N THR A 14 -7.30 -3.48 10.91
CA THR A 14 -6.98 -2.73 9.72
C THR A 14 -5.54 -2.24 9.74
N LEU A 15 -4.83 -2.42 8.63
CA LEU A 15 -3.45 -1.99 8.51
C LEU A 15 -3.33 -0.47 8.56
N GLY A 16 -2.33 0.02 9.27
CA GLY A 16 -2.12 1.46 9.37
C GLY A 16 -1.25 2.00 8.27
N ASP A 17 -0.22 1.25 7.91
CA ASP A 17 0.71 1.66 6.85
C ASP A 17 -0.05 2.07 5.60
N PHE A 18 -0.98 1.22 5.16
CA PHE A 18 -1.78 1.49 3.97
C PHE A 18 -3.18 1.96 4.36
N ALA A 19 -3.84 2.65 3.42
CA ALA A 19 -5.19 3.15 3.66
C ALA A 19 -5.94 3.31 2.35
N ALA A 20 -7.27 3.26 2.43
CA ALA A 20 -8.11 3.40 1.24
C ALA A 20 -9.35 4.24 1.55
N GLU A 21 -9.46 5.39 0.89
CA GLU A 21 -10.60 6.28 1.10
C GLU A 21 -10.77 7.21 -0.10
N TYR A 22 -11.96 7.79 -0.21
CA TYR A 22 -12.27 8.71 -1.32
C TYR A 22 -11.42 9.97 -1.22
N ALA A 23 -10.77 10.33 -2.31
CA ALA A 23 -9.93 11.52 -2.36
C ALA A 23 -10.71 12.76 -1.92
N LYS A 24 -10.07 13.60 -1.10
CA LYS A 24 -10.71 14.81 -0.61
C LYS A 24 -10.52 15.96 -1.61
N SER A 25 -9.33 16.05 -2.18
CA SER A 25 -9.03 17.10 -3.15
C SER A 25 -8.25 16.55 -4.33
N ASN A 26 -8.45 17.14 -5.50
CA ASN A 26 -7.77 16.69 -6.71
C ASN A 26 -6.37 17.31 -6.80
N ARG A 27 -5.71 17.41 -5.66
CA ARG A 27 -4.36 17.97 -5.61
C ARG A 27 -3.30 16.87 -5.72
N SER A 28 -3.42 15.85 -4.88
CA SER A 28 -2.47 14.74 -4.88
C SER A 28 -2.22 14.26 -6.30
N THR A 29 -1.03 13.73 -6.53
CA THR A 29 -0.66 13.21 -7.85
C THR A 29 0.19 11.95 -7.73
N CYS A 30 -0.24 10.90 -8.43
CA CYS A 30 0.47 9.63 -8.41
C CYS A 30 1.89 9.79 -8.94
N LYS A 31 2.79 8.89 -8.53
CA LYS A 31 4.18 8.93 -8.97
C LYS A 31 4.44 7.89 -10.06
N GLY A 32 3.68 6.81 -10.02
CA GLY A 32 3.84 5.75 -11.00
C GLY A 32 3.52 6.22 -12.41
N CYS A 33 2.35 6.84 -12.57
CA CYS A 33 1.92 7.34 -13.87
C CYS A 33 2.15 8.85 -13.97
N MET A 34 2.35 9.50 -12.83
CA MET A 34 2.58 10.93 -12.80
C MET A 34 1.37 11.69 -13.33
N GLU A 35 0.18 11.26 -12.92
CA GLU A 35 -1.05 11.89 -13.35
C GLU A 35 -1.89 12.33 -12.15
N LYS A 36 -2.45 13.53 -12.24
CA LYS A 36 -3.27 14.08 -11.16
C LYS A 36 -4.30 13.05 -10.68
N ILE A 37 -4.64 13.12 -9.41
CA ILE A 37 -5.60 12.19 -8.83
C ILE A 37 -6.98 12.85 -8.70
N GLU A 38 -7.91 12.46 -9.57
CA GLU A 38 -9.26 12.99 -9.55
C GLU A 38 -9.83 12.97 -8.13
N LYS A 39 -10.70 13.93 -7.84
CA LYS A 39 -11.33 14.02 -6.53
C LYS A 39 -12.48 13.03 -6.40
N GLY A 40 -12.41 12.19 -5.37
CA GLY A 40 -13.46 11.21 -5.15
C GLY A 40 -13.02 9.81 -5.55
N GLN A 41 -12.27 9.71 -6.65
CA GLN A 41 -11.79 8.43 -7.13
C GLN A 41 -11.01 7.69 -6.04
N VAL A 42 -11.29 6.39 -5.92
CA VAL A 42 -10.61 5.56 -4.92
C VAL A 42 -9.10 5.70 -5.01
N ARG A 43 -8.45 5.92 -3.87
CA ARG A 43 -7.00 6.07 -3.84
C ARG A 43 -6.40 5.20 -2.75
N LEU A 44 -5.07 5.09 -2.75
CA LEU A 44 -4.36 4.29 -1.76
C LEU A 44 -3.03 4.93 -1.39
N SER A 45 -2.78 5.05 -0.09
CA SER A 45 -1.55 5.66 0.40
C SER A 45 -0.62 4.59 0.96
N LYS A 46 0.68 4.89 0.96
CA LYS A 46 1.68 3.95 1.46
C LYS A 46 2.73 4.68 2.29
N LYS A 47 3.15 4.05 3.39
CA LYS A 47 4.16 4.64 4.27
C LYS A 47 5.49 3.91 4.15
N MET A 48 6.47 4.56 3.53
CA MET A 48 7.78 3.97 3.35
C MET A 48 8.86 5.05 3.27
N VAL A 49 10.10 4.66 3.53
CA VAL A 49 11.22 5.59 3.49
C VAL A 49 11.81 5.69 2.09
N ASP A 50 12.15 6.90 1.67
CA ASP A 50 12.73 7.13 0.35
C ASP A 50 14.24 6.96 0.39
N PRO A 51 14.77 6.13 -0.54
CA PRO A 51 16.20 5.87 -0.63
C PRO A 51 16.99 7.09 -1.13
N GLU A 52 16.28 8.02 -1.77
CA GLU A 52 16.91 9.22 -2.30
C GLU A 52 17.08 10.26 -1.20
N LYS A 53 15.99 10.56 -0.50
CA LYS A 53 16.02 11.54 0.58
C LYS A 53 15.74 10.88 1.93
N PRO A 54 16.74 10.17 2.46
CA PRO A 54 16.62 9.48 3.74
C PRO A 54 16.56 10.44 4.92
N GLN A 55 16.92 11.69 4.66
CA GLN A 55 16.91 12.72 5.70
C GLN A 55 15.50 12.95 6.23
N LEU A 56 14.51 12.57 5.43
CA LEU A 56 13.11 12.74 5.81
C LEU A 56 12.63 11.55 6.63
N GLY A 57 12.95 10.34 6.16
CA GLY A 57 12.53 9.14 6.86
C GLY A 57 11.19 8.62 6.40
N MET A 58 10.21 8.63 7.29
CA MET A 58 8.87 8.16 6.95
C MET A 58 8.11 9.20 6.14
N ILE A 59 7.59 8.79 5.00
CA ILE A 59 6.84 9.69 4.14
C ILE A 59 5.56 9.02 3.63
N ASP A 60 4.59 9.85 3.23
CA ASP A 60 3.32 9.34 2.74
C ASP A 60 3.21 9.55 1.23
N ARG A 61 2.80 8.51 0.52
CA ARG A 61 2.65 8.59 -0.94
C ARG A 61 1.25 8.17 -1.36
N TRP A 62 0.97 8.29 -2.65
CA TRP A 62 -0.34 7.91 -3.18
C TRP A 62 -0.20 7.19 -4.52
N TYR A 63 -1.11 6.25 -4.77
CA TYR A 63 -1.08 5.48 -6.01
C TYR A 63 -2.47 4.94 -6.34
N HIS A 64 -2.92 5.21 -7.56
CA HIS A 64 -4.23 4.75 -8.01
C HIS A 64 -4.36 3.24 -7.87
N PRO A 65 -5.60 2.77 -7.71
CA PRO A 65 -5.89 1.33 -7.57
C PRO A 65 -5.17 0.48 -8.60
N GLY A 66 -5.04 1.02 -9.82
CA GLY A 66 -4.38 0.29 -10.88
C GLY A 66 -2.87 0.29 -10.73
N CYS A 67 -2.33 1.36 -10.16
CA CYS A 67 -0.90 1.49 -9.95
C CYS A 67 -0.45 0.69 -8.73
N PHE A 68 -1.33 0.63 -7.73
CA PHE A 68 -1.03 -0.10 -6.50
C PHE A 68 -0.72 -1.56 -6.80
N VAL A 69 -1.51 -2.16 -7.69
CA VAL A 69 -1.32 -3.56 -8.06
C VAL A 69 0.00 -3.76 -8.80
N LYS A 70 0.39 -2.75 -9.58
CA LYS A 70 1.63 -2.82 -10.34
C LYS A 70 2.83 -2.97 -9.41
N ASN A 71 3.02 -1.99 -8.52
CA ASN A 71 4.12 -2.02 -7.58
C ASN A 71 3.67 -2.57 -6.23
N ARG A 72 2.71 -3.49 -6.26
CA ARG A 72 2.20 -4.11 -5.04
C ARG A 72 3.33 -4.73 -4.23
N GLU A 73 4.23 -5.43 -4.91
CA GLU A 73 5.35 -6.07 -4.25
C GLU A 73 6.42 -5.05 -3.86
N GLU A 74 6.88 -4.28 -4.85
CA GLU A 74 7.90 -3.26 -4.60
C GLU A 74 7.52 -2.39 -3.43
N LEU A 75 6.28 -1.91 -3.41
CA LEU A 75 5.79 -1.06 -2.34
C LEU A 75 5.89 -1.76 -0.99
N GLY A 76 5.79 -3.08 -1.01
CA GLY A 76 5.88 -3.85 0.21
C GLY A 76 4.55 -4.44 0.63
N PHE A 77 3.81 -4.97 -0.35
CA PHE A 77 2.50 -5.56 -0.08
C PHE A 77 2.60 -7.09 -0.06
N ARG A 78 2.83 -7.65 1.13
CA ARG A 78 2.94 -9.09 1.28
C ARG A 78 1.76 -9.80 0.63
N PRO A 79 1.95 -11.07 0.26
CA PRO A 79 0.92 -11.88 -0.38
C PRO A 79 -0.21 -12.25 0.59
N GLU A 80 -0.03 -11.88 1.85
CA GLU A 80 -1.03 -12.16 2.87
C GLU A 80 -1.89 -10.93 3.17
N TYR A 81 -1.65 -9.86 2.41
CA TYR A 81 -2.39 -8.61 2.59
C TYR A 81 -3.61 -8.57 1.67
N SER A 82 -4.67 -7.91 2.14
CA SER A 82 -5.89 -7.79 1.36
C SER A 82 -6.39 -6.34 1.36
N ALA A 83 -7.35 -6.06 0.48
CA ALA A 83 -7.92 -4.72 0.38
C ALA A 83 -8.80 -4.41 1.58
N SER A 84 -9.54 -5.41 2.04
CA SER A 84 -10.43 -5.24 3.19
C SER A 84 -9.65 -4.81 4.43
N GLN A 85 -8.32 -4.91 4.34
CA GLN A 85 -7.45 -4.53 5.46
C GLN A 85 -6.91 -3.12 5.27
N LEU A 86 -7.57 -2.35 4.41
CA LEU A 86 -7.14 -0.98 4.14
C LEU A 86 -8.03 0.02 4.89
N LYS A 87 -7.42 0.79 5.78
CA LYS A 87 -8.15 1.79 6.56
C LYS A 87 -9.12 2.56 5.68
N GLY A 88 -10.41 2.27 5.85
CA GLY A 88 -11.42 2.95 5.05
C GLY A 88 -12.21 2.00 4.17
N PHE A 89 -11.51 1.03 3.60
CA PHE A 89 -12.14 0.05 2.72
C PHE A 89 -13.55 -0.29 3.21
N SER A 90 -13.65 -0.69 4.47
CA SER A 90 -14.94 -1.03 5.06
C SER A 90 -15.94 0.11 4.91
N LEU A 91 -15.47 1.33 5.14
CA LEU A 91 -16.31 2.51 5.03
C LEU A 91 -16.87 2.65 3.61
N LEU A 92 -16.03 2.43 2.62
CA LEU A 92 -16.44 2.52 1.23
C LEU A 92 -17.76 1.81 1.00
N ALA A 93 -18.32 1.97 -0.20
CA ALA A 93 -19.59 1.33 -0.54
C ALA A 93 -19.37 -0.06 -1.11
N THR A 94 -20.23 -1.00 -0.71
CA THR A 94 -20.12 -2.38 -1.18
C THR A 94 -19.64 -2.43 -2.63
N GLU A 95 -20.37 -1.76 -3.51
CA GLU A 95 -20.02 -1.74 -4.93
C GLU A 95 -18.51 -1.53 -5.11
N ASP A 96 -17.99 -0.47 -4.50
CA ASP A 96 -16.57 -0.16 -4.60
C ASP A 96 -15.73 -1.26 -3.94
N LYS A 97 -16.10 -1.62 -2.72
CA LYS A 97 -15.38 -2.65 -1.98
C LYS A 97 -14.96 -3.79 -2.91
N GLU A 98 -15.94 -4.40 -3.58
CA GLU A 98 -15.68 -5.49 -4.50
C GLU A 98 -14.62 -5.10 -5.53
N ALA A 99 -14.85 -3.97 -6.19
CA ALA A 99 -13.93 -3.48 -7.20
C ALA A 99 -12.48 -3.63 -6.75
N LEU A 100 -12.25 -3.42 -5.46
CA LEU A 100 -10.91 -3.53 -4.89
C LEU A 100 -10.55 -4.99 -4.62
N LYS A 101 -11.52 -5.74 -4.07
CA LYS A 101 -11.30 -7.15 -3.76
C LYS A 101 -10.92 -7.92 -5.02
N LYS A 102 -11.60 -7.64 -6.11
CA LYS A 102 -11.32 -8.32 -7.38
C LYS A 102 -9.90 -8.03 -7.85
N GLN A 103 -9.33 -6.92 -7.37
CA GLN A 103 -7.98 -6.54 -7.74
C GLN A 103 -6.96 -7.16 -6.79
N LEU A 104 -7.25 -7.06 -5.50
CA LEU A 104 -6.36 -7.60 -4.47
C LEU A 104 -7.01 -8.78 -3.75
N PRO A 105 -7.05 -9.94 -4.42
CA PRO A 105 -7.64 -11.16 -3.87
C PRO A 105 -6.81 -11.74 -2.72
N GLY A 106 -5.75 -11.02 -2.34
CA GLY A 106 -4.89 -11.47 -1.26
C GLY A 106 -3.64 -12.15 -1.78
N VAL A 107 -3.56 -13.47 -1.62
CA VAL A 107 -2.41 -14.22 -2.06
C VAL A 107 -2.64 -14.81 -3.45
N LYS A 108 -1.58 -14.84 -4.26
CA LYS A 108 -1.67 -15.37 -5.61
C LYS A 108 -0.67 -16.50 -5.82
N SER A 109 -0.91 -17.33 -6.83
CA SER A 109 -0.03 -18.45 -7.13
C SER A 109 1.40 -17.97 -7.37
N GLU A 110 2.34 -18.50 -6.58
CA GLU A 110 3.74 -18.12 -6.72
C GLU A 110 4.26 -18.44 -8.11
N GLY A 111 4.91 -17.47 -8.73
CA GLY A 111 5.46 -17.67 -10.07
C GLY A 111 6.86 -18.25 -10.04
N LYS A 112 7.81 -17.47 -9.54
CA LYS A 112 9.19 -17.91 -9.47
C LYS A 112 9.51 -18.46 -8.08
N ARG A 113 10.19 -19.60 -8.04
CA ARG A 113 10.56 -20.24 -6.78
C ARG A 113 11.60 -19.41 -6.05
N LYS A 114 11.25 -18.93 -4.86
CA LYS A 114 12.15 -18.11 -4.06
C LYS A 114 12.95 -18.99 -3.10
N GLY A 115 14.26 -18.74 -3.03
CA GLY A 115 15.12 -19.51 -2.14
C GLY A 115 14.40 -19.94 -0.87
N ASP A 116 13.86 -21.15 -0.88
CA ASP A 116 13.15 -21.67 0.29
C ASP A 116 13.96 -21.46 1.56
N GLU A 117 13.26 -21.19 2.66
CA GLU A 117 13.93 -20.95 3.94
C GLU A 117 13.82 -22.19 4.83
N VAL A 118 14.83 -23.05 4.75
CA VAL A 118 14.87 -24.28 5.55
C VAL A 118 15.77 -24.11 6.77
N ASP A 119 15.34 -24.68 7.89
CA ASP A 119 16.10 -24.61 9.13
C ASP A 119 15.50 -25.51 10.20
N GLY A 120 16.36 -26.23 10.91
CA GLY A 120 15.90 -27.13 11.95
C GLY A 120 16.96 -27.38 13.01
N VAL A 121 17.20 -26.38 13.86
CA VAL A 121 18.19 -26.51 14.92
C VAL A 121 17.66 -27.35 16.07
N ASP A 122 18.56 -27.81 16.93
CA ASP A 122 18.19 -28.62 18.08
C ASP A 122 17.00 -28.03 18.81
N GLU A 123 15.89 -28.75 18.82
CA GLU A 123 14.68 -28.29 19.48
C GLU A 123 14.82 -28.37 21.00
N VAL A 124 14.81 -27.21 21.65
CA VAL A 124 14.94 -27.16 23.10
C VAL A 124 13.57 -27.20 23.78
N ALA A 125 12.73 -26.23 23.46
CA ALA A 125 11.39 -26.15 24.04
C ALA A 125 10.33 -25.99 22.94
N LYS A 126 9.95 -27.10 22.33
CA LYS A 126 8.95 -27.08 21.27
C LYS A 126 7.89 -26.03 21.55
N LYS A 127 7.52 -25.26 20.52
CA LYS A 127 6.52 -24.22 20.66
C LYS A 127 5.38 -24.44 19.66
N LYS A 128 4.27 -23.73 19.87
CA LYS A 128 3.12 -23.84 19.00
C LYS A 128 3.54 -23.97 17.54
N SER A 129 3.09 -25.04 16.90
CA SER A 129 3.43 -25.29 15.49
C SER A 129 2.38 -24.68 14.57
N GLY A 130 2.71 -24.63 13.28
CA GLY A 130 1.78 -24.07 12.31
C GLY A 130 0.77 -25.09 11.84
N PRO A 131 -0.45 -24.61 11.50
CA PRO A 131 -1.53 -25.47 11.03
C PRO A 131 -1.26 -26.04 9.63
N SER A 132 -2.20 -26.85 9.14
CA SER A 132 -2.05 -27.45 7.82
C SER A 132 -3.28 -27.17 6.96
N SER A 133 -3.22 -27.58 5.69
CA SER A 133 -4.32 -27.37 4.76
C SER A 133 -4.12 -28.19 3.49
N GLY A 134 -5.12 -28.14 2.61
CA GLY A 134 -5.03 -28.89 1.37
C GLY A 134 -5.11 -28.00 0.15
N GLY A 1 7.17 29.89 16.65
CA GLY A 1 7.88 29.32 15.52
C GLY A 1 7.03 28.31 14.76
N SER A 2 7.01 27.08 15.25
CA SER A 2 6.24 26.01 14.61
C SER A 2 5.43 25.23 15.64
N SER A 3 4.39 24.55 15.16
CA SER A 3 3.53 23.76 16.05
C SER A 3 2.73 22.74 15.25
N GLY A 4 2.23 21.72 15.94
CA GLY A 4 1.46 20.69 15.27
C GLY A 4 2.32 19.55 14.76
N SER A 5 2.22 19.27 13.46
CA SER A 5 2.98 18.20 12.85
C SER A 5 3.06 16.99 13.76
N SER A 6 1.93 16.66 14.39
CA SER A 6 1.86 15.52 15.29
C SER A 6 1.03 14.39 14.69
N GLY A 7 1.70 13.27 14.39
CA GLY A 7 1.01 12.13 13.81
C GLY A 7 0.23 11.34 14.84
N GLY A 8 0.30 10.01 14.73
CA GLY A 8 -0.40 9.16 15.66
C GLY A 8 -1.42 8.25 14.98
N SER A 9 -0.95 7.11 14.50
CA SER A 9 -1.82 6.16 13.81
C SER A 9 -2.49 5.21 14.81
N LYS A 10 -3.71 5.56 15.23
CA LYS A 10 -4.45 4.75 16.17
C LYS A 10 -5.13 3.57 15.47
N ALA A 11 -4.64 2.37 15.73
CA ALA A 11 -5.20 1.16 15.13
C ALA A 11 -4.66 -0.09 15.81
N GLU A 12 -5.45 -1.15 15.76
CA GLU A 12 -5.06 -2.42 16.38
C GLU A 12 -5.23 -3.58 15.41
N LYS A 13 -6.30 -3.54 14.62
CA LYS A 13 -6.58 -4.58 13.64
C LYS A 13 -6.69 -4.00 12.23
N THR A 14 -5.77 -3.09 11.90
CA THR A 14 -5.76 -2.46 10.59
C THR A 14 -4.38 -1.90 10.26
N LEU A 15 -4.03 -1.93 8.98
CA LEU A 15 -2.73 -1.42 8.53
C LEU A 15 -2.71 0.11 8.56
N GLY A 16 -1.77 0.66 9.32
CA GLY A 16 -1.65 2.11 9.42
C GLY A 16 -0.96 2.71 8.21
N ASP A 17 0.01 2.00 7.66
CA ASP A 17 0.75 2.47 6.50
C ASP A 17 -0.14 2.49 5.26
N PHE A 18 -0.97 1.47 5.12
CA PHE A 18 -1.87 1.35 3.98
C PHE A 18 -3.29 1.76 4.38
N ALA A 19 -3.81 2.80 3.72
CA ALA A 19 -5.16 3.28 3.99
C ALA A 19 -5.94 3.49 2.70
N ALA A 20 -7.26 3.31 2.78
CA ALA A 20 -8.12 3.47 1.61
C ALA A 20 -9.28 4.41 1.93
N GLU A 21 -9.35 5.51 1.18
CA GLU A 21 -10.42 6.49 1.37
C GLU A 21 -10.55 7.40 0.15
N TYR A 22 -11.67 8.11 0.08
CA TYR A 22 -11.92 9.01 -1.04
C TYR A 22 -11.09 10.29 -0.90
N ALA A 23 -10.36 10.63 -1.95
CA ALA A 23 -9.53 11.83 -1.95
C ALA A 23 -10.36 13.07 -1.67
N LYS A 24 -9.90 13.89 -0.72
CA LYS A 24 -10.60 15.11 -0.35
C LYS A 24 -10.39 16.19 -1.40
N SER A 25 -9.16 16.33 -1.86
CA SER A 25 -8.83 17.34 -2.87
C SER A 25 -7.94 16.74 -3.96
N ASN A 26 -7.86 17.43 -5.09
CA ASN A 26 -7.05 16.97 -6.21
C ASN A 26 -5.58 17.35 -6.01
N ARG A 27 -5.10 17.21 -4.77
CA ARG A 27 -3.73 17.53 -4.45
C ARG A 27 -2.88 16.26 -4.33
N SER A 28 -3.13 15.31 -5.23
CA SER A 28 -2.39 14.04 -5.23
C SER A 28 -2.04 13.63 -6.66
N THR A 29 -0.87 13.01 -6.81
CA THR A 29 -0.41 12.56 -8.12
C THR A 29 0.23 11.18 -8.03
N CYS A 30 -0.22 10.26 -8.87
CA CYS A 30 0.32 8.91 -8.88
C CYS A 30 1.76 8.90 -9.37
N LYS A 31 2.66 8.40 -8.52
CA LYS A 31 4.07 8.33 -8.86
C LYS A 31 4.36 7.14 -9.77
N GLY A 32 3.47 6.15 -9.75
CA GLY A 32 3.64 4.97 -10.59
C GLY A 32 3.58 5.30 -12.06
N CYS A 33 2.53 6.03 -12.46
CA CYS A 33 2.35 6.41 -13.86
C CYS A 33 2.36 7.93 -14.01
N MET A 34 3.01 8.61 -13.07
CA MET A 34 3.09 10.07 -13.11
C MET A 34 1.76 10.67 -13.53
N GLU A 35 0.67 10.11 -13.02
CA GLU A 35 -0.67 10.59 -13.35
C GLU A 35 -1.23 11.44 -12.21
N LYS A 36 -2.34 12.13 -12.48
CA LYS A 36 -2.98 12.96 -11.48
C LYS A 36 -4.23 12.29 -10.91
N ILE A 37 -4.31 12.23 -9.59
CA ILE A 37 -5.44 11.61 -8.93
C ILE A 37 -6.57 12.61 -8.73
N GLU A 38 -7.76 12.26 -9.23
CA GLU A 38 -8.93 13.12 -9.11
C GLU A 38 -9.52 13.05 -7.71
N LYS A 39 -10.31 14.06 -7.35
CA LYS A 39 -10.94 14.11 -6.04
C LYS A 39 -12.12 13.15 -5.96
N GLY A 40 -12.23 12.43 -4.85
CA GLY A 40 -13.32 11.49 -4.68
C GLY A 40 -12.95 10.09 -5.13
N GLN A 41 -12.11 10.00 -6.15
CA GLN A 41 -11.67 8.71 -6.68
C GLN A 41 -10.85 7.95 -5.65
N VAL A 42 -11.23 6.71 -5.39
CA VAL A 42 -10.52 5.87 -4.43
C VAL A 42 -9.01 5.98 -4.60
N ARG A 43 -8.28 6.01 -3.48
CA ARG A 43 -6.83 6.12 -3.53
C ARG A 43 -6.20 5.33 -2.38
N LEU A 44 -5.02 4.78 -2.63
CA LEU A 44 -4.31 4.00 -1.63
C LEU A 44 -2.97 4.63 -1.29
N SER A 45 -2.82 5.06 -0.05
CA SER A 45 -1.58 5.69 0.41
C SER A 45 -0.68 4.68 1.10
N LYS A 46 0.61 4.98 1.16
CA LYS A 46 1.58 4.11 1.80
C LYS A 46 2.66 4.91 2.50
N LYS A 47 2.67 4.85 3.83
CA LYS A 47 3.66 5.57 4.63
C LYS A 47 5.06 5.03 4.36
N MET A 48 5.91 5.88 3.78
CA MET A 48 7.28 5.50 3.47
C MET A 48 8.19 6.72 3.40
N VAL A 49 9.50 6.48 3.34
CA VAL A 49 10.46 7.56 3.26
C VAL A 49 10.88 7.84 1.82
N ASP A 50 10.93 9.11 1.45
CA ASP A 50 11.32 9.51 0.10
C ASP A 50 12.82 9.48 -0.07
N PRO A 51 13.29 8.76 -1.11
CA PRO A 51 14.72 8.64 -1.40
C PRO A 51 15.33 9.95 -1.91
N GLU A 52 14.48 10.80 -2.48
CA GLU A 52 14.93 12.08 -3.00
C GLU A 52 15.20 13.07 -1.87
N LYS A 53 14.28 13.13 -0.92
CA LYS A 53 14.42 14.03 0.22
C LYS A 53 14.34 13.26 1.54
N PRO A 54 15.50 12.77 2.00
CA PRO A 54 15.59 12.01 3.25
C PRO A 54 15.35 12.89 4.48
N GLN A 55 15.72 14.16 4.38
CA GLN A 55 15.55 15.10 5.48
C GLN A 55 14.14 15.00 6.06
N LEU A 56 13.15 14.98 5.18
CA LEU A 56 11.75 14.89 5.61
C LEU A 56 11.50 13.59 6.37
N GLY A 57 11.91 12.48 5.78
CA GLY A 57 11.72 11.18 6.42
C GLY A 57 10.41 10.54 6.05
N MET A 58 9.62 10.18 7.06
CA MET A 58 8.33 9.54 6.82
C MET A 58 7.35 10.52 6.16
N ILE A 59 6.70 10.05 5.10
CA ILE A 59 5.74 10.89 4.38
C ILE A 59 4.52 10.07 3.94
N ASP A 60 3.56 10.74 3.31
CA ASP A 60 2.35 10.08 2.83
C ASP A 60 2.15 10.32 1.34
N ARG A 61 1.99 9.25 0.59
CA ARG A 61 1.79 9.35 -0.86
C ARG A 61 0.46 8.71 -1.26
N TRP A 62 0.12 8.83 -2.55
CA TRP A 62 -1.13 8.28 -3.06
C TRP A 62 -0.91 7.60 -4.40
N TYR A 63 -1.74 6.63 -4.73
CA TYR A 63 -1.64 5.90 -5.99
C TYR A 63 -2.99 5.32 -6.40
N HIS A 64 -3.09 4.90 -7.65
CA HIS A 64 -4.32 4.33 -8.17
C HIS A 64 -4.43 2.84 -7.80
N PRO A 65 -5.65 2.39 -7.51
CA PRO A 65 -5.92 1.00 -7.13
C PRO A 65 -5.26 0.01 -8.07
N GLY A 66 -5.24 0.35 -9.36
CA GLY A 66 -4.64 -0.53 -10.35
C GLY A 66 -3.11 -0.50 -10.30
N CYS A 67 -2.56 0.67 -9.99
CA CYS A 67 -1.11 0.83 -9.92
C CYS A 67 -0.57 0.29 -8.59
N PHE A 68 -1.43 0.29 -7.57
CA PHE A 68 -1.04 -0.19 -6.24
C PHE A 68 -0.87 -1.71 -6.26
N VAL A 69 -1.66 -2.39 -7.08
CA VAL A 69 -1.60 -3.84 -7.19
C VAL A 69 -0.46 -4.27 -8.10
N LYS A 70 -0.33 -3.58 -9.24
CA LYS A 70 0.72 -3.90 -10.21
C LYS A 70 2.10 -3.69 -9.59
N ASN A 71 2.27 -2.58 -8.87
CA ASN A 71 3.53 -2.29 -8.23
C ASN A 71 3.46 -2.53 -6.72
N ARG A 72 2.67 -3.51 -6.33
CA ARG A 72 2.50 -3.84 -4.91
C ARG A 72 3.77 -4.48 -4.36
N GLU A 73 4.48 -5.22 -5.20
CA GLU A 73 5.71 -5.88 -4.79
C GLU A 73 6.82 -4.86 -4.51
N GLU A 74 6.96 -3.90 -5.41
CA GLU A 74 7.97 -2.86 -5.26
C GLU A 74 7.66 -1.96 -4.08
N LEU A 75 6.37 -1.67 -3.89
CA LEU A 75 5.94 -0.81 -2.79
C LEU A 75 6.17 -1.49 -1.45
N GLY A 76 6.07 -2.82 -1.44
CA GLY A 76 6.27 -3.57 -0.22
C GLY A 76 4.97 -4.07 0.37
N PHE A 77 4.09 -4.59 -0.48
CA PHE A 77 2.80 -5.10 -0.03
C PHE A 77 2.86 -6.61 0.18
N ARG A 78 3.00 -7.02 1.43
CA ARG A 78 3.07 -8.44 1.78
C ARG A 78 1.77 -9.15 1.42
N PRO A 79 1.85 -10.48 1.26
CA PRO A 79 0.69 -11.31 0.91
C PRO A 79 -0.31 -11.41 2.06
N GLU A 80 -0.03 -10.69 3.14
CA GLU A 80 -0.91 -10.70 4.31
C GLU A 80 -1.91 -9.55 4.25
N TYR A 81 -1.53 -8.48 3.57
CA TYR A 81 -2.38 -7.31 3.44
C TYR A 81 -3.40 -7.50 2.32
N SER A 82 -4.68 -7.42 2.67
CA SER A 82 -5.75 -7.58 1.69
C SER A 82 -6.65 -6.35 1.67
N ALA A 83 -7.63 -6.36 0.75
CA ALA A 83 -8.56 -5.25 0.63
C ALA A 83 -9.32 -5.02 1.93
N SER A 84 -9.54 -6.09 2.69
CA SER A 84 -10.25 -6.00 3.96
C SER A 84 -9.36 -5.41 5.04
N GLN A 85 -8.05 -5.48 4.82
CA GLN A 85 -7.08 -4.95 5.78
C GLN A 85 -6.94 -3.43 5.64
N LEU A 86 -7.03 -2.95 4.41
CA LEU A 86 -6.91 -1.52 4.13
C LEU A 86 -7.86 -0.72 5.03
N LYS A 87 -7.36 0.39 5.56
CA LYS A 87 -8.15 1.25 6.42
C LYS A 87 -9.32 1.87 5.66
N GLY A 88 -10.31 2.35 6.39
CA GLY A 88 -11.47 2.96 5.76
C GLY A 88 -11.92 2.22 4.52
N PHE A 89 -11.73 0.90 4.53
CA PHE A 89 -12.12 0.07 3.39
C PHE A 89 -13.57 -0.35 3.49
N SER A 90 -13.97 -0.80 4.68
CA SER A 90 -15.34 -1.25 4.92
C SER A 90 -16.32 -0.09 4.70
N LEU A 91 -15.88 1.12 5.00
CA LEU A 91 -16.72 2.30 4.84
C LEU A 91 -17.07 2.53 3.37
N LEU A 92 -16.08 2.34 2.50
CA LEU A 92 -16.28 2.52 1.07
C LEU A 92 -17.56 1.83 0.61
N ALA A 93 -18.14 2.33 -0.48
CA ALA A 93 -19.36 1.76 -1.03
C ALA A 93 -19.13 0.35 -1.55
N THR A 94 -20.09 -0.54 -1.29
CA THR A 94 -19.98 -1.93 -1.73
C THR A 94 -19.33 -2.02 -3.10
N GLU A 95 -19.91 -1.32 -4.08
CA GLU A 95 -19.39 -1.33 -5.44
C GLU A 95 -17.88 -1.05 -5.44
N ASP A 96 -17.47 -0.09 -4.62
CA ASP A 96 -16.05 0.27 -4.53
C ASP A 96 -15.24 -0.85 -3.87
N LYS A 97 -15.88 -1.56 -2.95
CA LYS A 97 -15.23 -2.66 -2.25
C LYS A 97 -14.85 -3.78 -3.21
N GLU A 98 -15.74 -4.08 -4.14
CA GLU A 98 -15.50 -5.13 -5.13
C GLU A 98 -14.32 -4.77 -6.02
N ALA A 99 -14.32 -3.55 -6.54
CA ALA A 99 -13.26 -3.08 -7.42
C ALA A 99 -11.89 -3.34 -6.78
N LEU A 100 -11.85 -3.43 -5.46
CA LEU A 100 -10.60 -3.67 -4.75
C LEU A 100 -10.36 -5.17 -4.57
N LYS A 101 -11.43 -5.90 -4.28
CA LYS A 101 -11.34 -7.35 -4.09
C LYS A 101 -10.89 -8.04 -5.36
N LYS A 102 -11.44 -7.60 -6.49
CA LYS A 102 -11.10 -8.18 -7.79
C LYS A 102 -9.58 -8.19 -7.99
N GLN A 103 -8.93 -7.11 -7.60
CA GLN A 103 -7.48 -7.00 -7.74
C GLN A 103 -6.77 -7.75 -6.61
N LEU A 104 -7.39 -7.76 -5.44
CA LEU A 104 -6.82 -8.44 -4.27
C LEU A 104 -7.68 -9.63 -3.86
N PRO A 105 -7.32 -10.82 -4.36
CA PRO A 105 -8.04 -12.06 -4.06
C PRO A 105 -7.85 -12.51 -2.61
N GLY A 106 -7.13 -11.69 -1.84
CA GLY A 106 -6.88 -12.02 -0.45
C GLY A 106 -5.58 -12.76 -0.25
N VAL A 107 -4.51 -12.26 -0.86
CA VAL A 107 -3.20 -12.89 -0.75
C VAL A 107 -3.00 -13.50 0.64
N LYS A 108 -2.16 -14.52 0.71
CA LYS A 108 -1.87 -15.19 1.98
C LYS A 108 -0.37 -15.26 2.22
N SER A 109 0.36 -15.75 1.24
CA SER A 109 1.81 -15.87 1.34
C SER A 109 2.50 -15.51 0.03
N GLU A 110 3.82 -15.46 0.05
CA GLU A 110 4.59 -15.12 -1.14
C GLU A 110 5.89 -15.92 -1.20
N GLY A 111 6.28 -16.32 -2.40
CA GLY A 111 7.50 -17.09 -2.57
C GLY A 111 7.25 -18.58 -2.58
N LYS A 112 7.23 -19.19 -1.40
CA LYS A 112 7.00 -20.63 -1.28
C LYS A 112 7.96 -21.41 -2.16
N ARG A 113 9.22 -21.00 -2.17
CA ARG A 113 10.24 -21.67 -2.98
C ARG A 113 10.46 -23.10 -2.51
N LYS A 114 10.96 -23.94 -3.40
CA LYS A 114 11.22 -25.34 -3.08
C LYS A 114 12.43 -25.46 -2.16
N GLY A 115 13.57 -24.94 -2.61
CA GLY A 115 14.78 -25.01 -1.81
C GLY A 115 14.80 -23.99 -0.69
N ASP A 116 15.51 -24.30 0.38
CA ASP A 116 15.59 -23.41 1.53
C ASP A 116 16.95 -23.55 2.23
N GLU A 117 17.33 -22.53 2.99
CA GLU A 117 18.60 -22.55 3.71
C GLU A 117 18.42 -22.06 5.14
N VAL A 118 18.65 -22.97 6.09
CA VAL A 118 18.50 -22.64 7.51
C VAL A 118 19.86 -22.27 8.12
N ASP A 119 19.86 -21.23 8.95
CA ASP A 119 21.08 -20.78 9.60
C ASP A 119 21.14 -21.29 11.04
N GLY A 120 21.57 -22.54 11.20
CA GLY A 120 21.68 -23.13 12.53
C GLY A 120 22.27 -24.52 12.50
N VAL A 121 23.37 -24.70 13.22
CA VAL A 121 24.04 -25.99 13.28
C VAL A 121 24.15 -26.50 14.72
N ASP A 122 23.15 -27.26 15.14
CA ASP A 122 23.14 -27.81 16.50
C ASP A 122 24.30 -28.78 16.71
N GLU A 123 25.17 -28.45 17.66
CA GLU A 123 26.32 -29.30 17.96
C GLU A 123 26.54 -29.41 19.46
N VAL A 124 27.43 -30.31 19.86
CA VAL A 124 27.74 -30.52 21.28
C VAL A 124 28.33 -29.25 21.89
N ALA A 125 29.18 -28.58 21.14
CA ALA A 125 29.82 -27.35 21.61
C ALA A 125 29.97 -26.34 20.49
N LYS A 126 29.77 -25.06 20.81
CA LYS A 126 29.89 -23.99 19.83
C LYS A 126 30.68 -22.81 20.39
N LYS A 127 31.42 -22.14 19.53
CA LYS A 127 32.21 -20.99 19.94
C LYS A 127 31.33 -19.76 20.14
N LYS A 128 31.87 -18.76 20.83
CA LYS A 128 31.14 -17.52 21.08
C LYS A 128 31.55 -16.42 20.11
N SER A 129 30.77 -16.25 19.04
CA SER A 129 31.06 -15.25 18.04
C SER A 129 30.59 -13.87 18.51
N GLY A 130 29.36 -13.80 18.98
CA GLY A 130 28.82 -12.53 19.46
C GLY A 130 27.33 -12.60 19.73
N PRO A 131 26.97 -13.03 20.95
CA PRO A 131 25.56 -13.15 21.36
C PRO A 131 24.89 -11.80 21.52
N SER A 132 23.56 -11.81 21.68
CA SER A 132 22.80 -10.59 21.84
C SER A 132 21.35 -10.89 22.19
N SER A 133 20.58 -9.85 22.49
CA SER A 133 19.18 -10.00 22.85
C SER A 133 18.52 -11.10 22.01
N GLY A 134 18.76 -11.06 20.71
CA GLY A 134 18.18 -12.05 19.82
C GLY A 134 16.70 -11.84 19.59
N GLY A 1 14.93 24.86 16.19
CA GLY A 1 14.73 23.78 15.25
C GLY A 1 14.45 22.46 15.93
N SER A 2 13.20 22.02 15.88
CA SER A 2 12.82 20.75 16.51
C SER A 2 11.54 20.20 15.88
N SER A 3 11.48 18.89 15.71
CA SER A 3 10.32 18.24 15.11
C SER A 3 9.87 17.05 15.96
N GLY A 4 8.58 16.76 15.94
CA GLY A 4 8.04 15.64 16.69
C GLY A 4 7.75 14.43 15.82
N SER A 5 7.19 13.40 16.44
CA SER A 5 6.86 12.17 15.71
C SER A 5 5.67 11.46 16.36
N SER A 6 4.74 11.01 15.53
CA SER A 6 3.55 10.31 16.02
C SER A 6 3.47 8.90 15.44
N GLY A 7 2.94 7.97 16.23
CA GLY A 7 2.81 6.60 15.78
C GLY A 7 1.37 6.14 15.69
N GLY A 8 0.61 6.41 16.76
CA GLY A 8 -0.79 6.01 16.79
C GLY A 8 -1.01 4.72 17.56
N SER A 9 -1.97 4.73 18.47
CA SER A 9 -2.28 3.56 19.29
C SER A 9 -3.77 3.22 19.21
N LYS A 10 -4.10 2.27 18.35
CA LYS A 10 -5.48 1.85 18.17
C LYS A 10 -5.61 0.33 18.31
N ALA A 11 -6.61 -0.10 19.08
CA ALA A 11 -6.84 -1.52 19.29
C ALA A 11 -7.59 -2.14 18.11
N GLU A 12 -7.15 -1.82 16.91
CA GLU A 12 -7.77 -2.34 15.69
C GLU A 12 -6.74 -2.98 14.78
N LYS A 13 -7.14 -4.06 14.12
CA LYS A 13 -6.24 -4.77 13.21
C LYS A 13 -6.29 -4.16 11.81
N THR A 14 -5.56 -3.07 11.61
CA THR A 14 -5.51 -2.39 10.32
C THR A 14 -4.10 -1.95 9.98
N LEU A 15 -3.75 -2.06 8.70
CA LEU A 15 -2.42 -1.65 8.23
C LEU A 15 -2.31 -0.14 8.16
N GLY A 16 -1.85 0.47 9.25
CA GLY A 16 -1.70 1.92 9.28
C GLY A 16 -0.96 2.45 8.06
N ASP A 17 0.11 1.77 7.68
CA ASP A 17 0.91 2.18 6.52
C ASP A 17 0.03 2.31 5.29
N PHE A 18 -0.91 1.38 5.13
CA PHE A 18 -1.81 1.38 3.99
C PHE A 18 -3.18 1.95 4.37
N ALA A 19 -3.61 2.98 3.65
CA ALA A 19 -4.90 3.60 3.92
C ALA A 19 -5.69 3.82 2.63
N ALA A 20 -6.97 3.48 2.66
CA ALA A 20 -7.84 3.64 1.50
C ALA A 20 -9.04 4.50 1.82
N GLU A 21 -9.37 5.42 0.91
CA GLU A 21 -10.50 6.31 1.10
C GLU A 21 -10.74 7.16 -0.15
N TYR A 22 -11.81 7.93 -0.13
CA TYR A 22 -12.17 8.80 -1.26
C TYR A 22 -11.30 10.05 -1.27
N ALA A 23 -10.61 10.27 -2.39
CA ALA A 23 -9.74 11.45 -2.52
C ALA A 23 -10.47 12.71 -2.11
N LYS A 24 -9.92 13.42 -1.13
CA LYS A 24 -10.51 14.66 -0.64
C LYS A 24 -10.34 15.78 -1.65
N SER A 25 -9.13 15.89 -2.21
CA SER A 25 -8.83 16.93 -3.18
C SER A 25 -8.00 16.37 -4.33
N ASN A 26 -8.18 16.95 -5.52
CA ASN A 26 -7.45 16.51 -6.70
C ASN A 26 -6.06 17.13 -6.74
N ARG A 27 -5.40 17.18 -5.58
CA ARG A 27 -4.06 17.75 -5.49
C ARG A 27 -2.99 16.65 -5.57
N SER A 28 -3.07 15.70 -4.66
CA SER A 28 -2.11 14.60 -4.61
C SER A 28 -1.88 14.04 -6.02
N THR A 29 -0.62 13.69 -6.31
CA THR A 29 -0.27 13.15 -7.61
C THR A 29 0.51 11.85 -7.46
N CYS A 30 0.09 10.83 -8.21
CA CYS A 30 0.74 9.52 -8.16
C CYS A 30 2.17 9.61 -8.70
N LYS A 31 3.03 8.71 -8.24
CA LYS A 31 4.41 8.68 -8.67
C LYS A 31 4.64 7.58 -9.72
N GLY A 32 3.81 6.55 -9.66
CA GLY A 32 3.93 5.46 -10.61
C GLY A 32 3.62 5.88 -12.03
N CYS A 33 2.55 6.65 -12.19
CA CYS A 33 2.14 7.12 -13.51
C CYS A 33 2.44 8.61 -13.67
N MET A 34 2.70 9.27 -12.55
CA MET A 34 2.99 10.71 -12.57
C MET A 34 1.83 11.50 -13.16
N GLU A 35 0.64 11.28 -12.62
CA GLU A 35 -0.55 11.98 -13.09
C GLU A 35 -1.44 12.41 -11.93
N LYS A 36 -1.95 13.63 -12.00
CA LYS A 36 -2.81 14.16 -10.95
C LYS A 36 -3.91 13.17 -10.59
N ILE A 37 -4.28 13.14 -9.31
CA ILE A 37 -5.32 12.24 -8.84
C ILE A 37 -6.69 12.92 -8.86
N GLU A 38 -7.70 12.22 -9.37
CA GLU A 38 -9.05 12.77 -9.44
C GLU A 38 -9.69 12.79 -8.05
N LYS A 39 -10.41 13.86 -7.76
CA LYS A 39 -11.09 14.00 -6.48
C LYS A 39 -12.28 13.05 -6.38
N GLY A 40 -12.37 12.33 -5.26
CA GLY A 40 -13.47 11.40 -5.06
C GLY A 40 -13.08 9.98 -5.39
N GLN A 41 -12.28 9.81 -6.43
CA GLN A 41 -11.83 8.48 -6.85
C GLN A 41 -11.05 7.80 -5.74
N VAL A 42 -11.21 6.48 -5.63
CA VAL A 42 -10.51 5.70 -4.61
C VAL A 42 -9.00 5.89 -4.71
N ARG A 43 -8.35 5.99 -3.56
CA ARG A 43 -6.90 6.16 -3.52
C ARG A 43 -6.27 5.30 -2.43
N LEU A 44 -4.95 5.18 -2.46
CA LEU A 44 -4.23 4.39 -1.47
C LEU A 44 -2.88 5.01 -1.16
N SER A 45 -2.73 5.48 0.08
CA SER A 45 -1.47 6.10 0.51
C SER A 45 -0.61 5.11 1.28
N LYS A 46 0.70 5.30 1.21
CA LYS A 46 1.64 4.42 1.90
C LYS A 46 2.58 5.23 2.80
N LYS A 47 2.79 4.72 4.01
CA LYS A 47 3.68 5.39 4.96
C LYS A 47 5.03 4.70 5.04
N MET A 48 6.07 5.36 4.55
CA MET A 48 7.41 4.81 4.57
C MET A 48 8.46 5.92 4.54
N VAL A 49 9.71 5.54 4.78
CA VAL A 49 10.81 6.50 4.77
C VAL A 49 11.57 6.47 3.45
N ASP A 50 12.13 7.61 3.07
CA ASP A 50 12.88 7.71 1.83
C ASP A 50 14.38 7.57 2.09
N PRO A 51 15.01 6.60 1.41
CA PRO A 51 16.44 6.35 1.56
C PRO A 51 17.30 7.45 0.95
N GLU A 52 16.68 8.27 0.09
CA GLU A 52 17.38 9.37 -0.55
C GLU A 52 17.46 10.58 0.36
N LYS A 53 16.33 10.91 0.99
CA LYS A 53 16.26 12.05 1.90
C LYS A 53 15.75 11.63 3.27
N PRO A 54 16.66 11.11 4.11
CA PRO A 54 16.33 10.66 5.46
C PRO A 54 16.00 11.82 6.39
N GLN A 55 16.26 13.04 5.93
CA GLN A 55 16.00 14.23 6.73
C GLN A 55 14.50 14.36 7.02
N LEU A 56 13.69 14.11 6.01
CA LEU A 56 12.23 14.20 6.16
C LEU A 56 11.73 13.18 7.17
N GLY A 57 12.25 11.95 7.08
CA GLY A 57 11.85 10.91 8.01
C GLY A 57 10.73 10.04 7.44
N MET A 58 9.55 10.17 8.00
CA MET A 58 8.40 9.38 7.54
C MET A 58 7.54 10.19 6.57
N ILE A 59 7.42 9.69 5.34
CA ILE A 59 6.63 10.36 4.33
C ILE A 59 5.39 9.56 3.97
N ASP A 60 4.49 10.17 3.21
CA ASP A 60 3.26 9.51 2.79
C ASP A 60 2.91 9.86 1.35
N ARG A 61 2.97 8.86 0.47
CA ARG A 61 2.67 9.08 -0.94
C ARG A 61 1.28 8.52 -1.28
N TRP A 62 0.90 8.64 -2.54
CA TRP A 62 -0.40 8.17 -3.00
C TRP A 62 -0.28 7.47 -4.36
N TYR A 63 -1.12 6.48 -4.59
CA TYR A 63 -1.11 5.74 -5.84
C TYR A 63 -2.50 5.18 -6.16
N HIS A 64 -2.94 5.39 -7.40
CA HIS A 64 -4.24 4.90 -7.83
C HIS A 64 -4.34 3.39 -7.68
N PRO A 65 -5.58 2.89 -7.48
CA PRO A 65 -5.83 1.46 -7.30
C PRO A 65 -5.14 0.62 -8.38
N GLY A 66 -5.17 1.10 -9.61
CA GLY A 66 -4.54 0.39 -10.71
C GLY A 66 -3.03 0.31 -10.56
N CYS A 67 -2.43 1.38 -10.07
CA CYS A 67 -0.99 1.42 -9.88
C CYS A 67 -0.56 0.57 -8.70
N PHE A 68 -1.34 0.61 -7.63
CA PHE A 68 -1.06 -0.18 -6.43
C PHE A 68 -0.93 -1.65 -6.76
N VAL A 69 -1.84 -2.14 -7.61
CA VAL A 69 -1.84 -3.55 -8.00
C VAL A 69 -0.59 -3.89 -8.80
N LYS A 70 -0.15 -2.95 -9.64
CA LYS A 70 1.04 -3.15 -10.46
C LYS A 70 2.30 -3.12 -9.61
N ASN A 71 2.40 -2.12 -8.74
CA ASN A 71 3.56 -1.98 -7.86
C ASN A 71 3.25 -2.52 -6.47
N ARG A 72 2.42 -3.56 -6.41
CA ARG A 72 2.04 -4.17 -5.13
C ARG A 72 3.21 -4.95 -4.55
N GLU A 73 3.87 -5.74 -5.39
CA GLU A 73 5.00 -6.55 -4.96
C GLU A 73 6.20 -5.67 -4.61
N GLU A 74 6.49 -4.70 -5.47
CA GLU A 74 7.60 -3.79 -5.24
C GLU A 74 7.39 -2.97 -3.97
N LEU A 75 6.18 -2.43 -3.83
CA LEU A 75 5.85 -1.62 -2.67
C LEU A 75 6.01 -2.42 -1.38
N GLY A 76 5.68 -3.71 -1.44
CA GLY A 76 5.80 -4.57 -0.28
C GLY A 76 4.44 -4.98 0.27
N PHE A 77 3.56 -5.44 -0.62
CA PHE A 77 2.23 -5.86 -0.22
C PHE A 77 2.19 -7.37 0.00
N ARG A 78 2.41 -7.79 1.24
CA ARG A 78 2.39 -9.20 1.58
C ARG A 78 1.14 -9.89 1.06
N PRO A 79 1.23 -11.20 0.83
CA PRO A 79 0.10 -11.99 0.33
C PRO A 79 -1.00 -12.16 1.36
N GLU A 80 -0.81 -11.54 2.53
CA GLU A 80 -1.79 -11.62 3.60
C GLU A 80 -2.63 -10.34 3.66
N TYR A 81 -2.05 -9.24 3.20
CA TYR A 81 -2.75 -7.96 3.22
C TYR A 81 -3.75 -7.87 2.08
N SER A 82 -5.01 -7.63 2.42
CA SER A 82 -6.07 -7.53 1.43
C SER A 82 -6.88 -6.24 1.63
N ALA A 83 -7.76 -5.96 0.68
CA ALA A 83 -8.61 -4.77 0.75
C ALA A 83 -9.22 -4.62 2.13
N SER A 84 -9.63 -5.73 2.73
CA SER A 84 -10.24 -5.71 4.04
C SER A 84 -9.28 -5.13 5.08
N GLN A 85 -7.99 -5.37 4.88
CA GLN A 85 -6.97 -4.87 5.79
C GLN A 85 -6.82 -3.36 5.67
N LEU A 86 -7.01 -2.86 4.46
CA LEU A 86 -6.89 -1.43 4.20
C LEU A 86 -7.79 -0.62 5.14
N LYS A 87 -7.26 0.49 5.64
CA LYS A 87 -8.02 1.35 6.55
C LYS A 87 -9.09 2.14 5.79
N GLY A 88 -10.35 1.84 6.08
CA GLY A 88 -11.44 2.52 5.42
C GLY A 88 -12.01 1.74 4.25
N PHE A 89 -12.00 0.41 4.38
CA PHE A 89 -12.51 -0.46 3.33
C PHE A 89 -14.02 -0.63 3.45
N SER A 90 -14.47 -0.99 4.65
CA SER A 90 -15.90 -1.18 4.90
C SER A 90 -16.70 0.04 4.48
N LEU A 91 -16.09 1.21 4.60
CA LEU A 91 -16.74 2.46 4.23
C LEU A 91 -16.94 2.54 2.72
N LEU A 92 -15.97 2.06 1.96
CA LEU A 92 -16.03 2.07 0.51
C LEU A 92 -17.40 1.60 0.03
N ALA A 93 -17.83 2.13 -1.12
CA ALA A 93 -19.12 1.77 -1.69
C ALA A 93 -19.17 0.28 -2.04
N THR A 94 -20.19 -0.41 -1.54
CA THR A 94 -20.34 -1.83 -1.81
C THR A 94 -19.83 -2.20 -3.19
N GLU A 95 -20.31 -1.47 -4.20
CA GLU A 95 -19.89 -1.72 -5.58
C GLU A 95 -18.38 -1.65 -5.72
N ASP A 96 -17.78 -0.61 -5.17
CA ASP A 96 -16.34 -0.42 -5.23
C ASP A 96 -15.62 -1.52 -4.45
N LYS A 97 -16.06 -1.74 -3.21
CA LYS A 97 -15.46 -2.77 -2.36
C LYS A 97 -15.07 -4.00 -3.17
N GLU A 98 -16.08 -4.68 -3.71
CA GLU A 98 -15.86 -5.88 -4.52
C GLU A 98 -14.76 -5.64 -5.54
N ALA A 99 -14.85 -4.51 -6.25
CA ALA A 99 -13.87 -4.16 -7.26
C ALA A 99 -12.45 -4.35 -6.73
N LEU A 100 -12.17 -3.74 -5.58
CA LEU A 100 -10.85 -3.83 -4.98
C LEU A 100 -10.51 -5.28 -4.62
N LYS A 101 -11.31 -5.88 -3.76
CA LYS A 101 -11.11 -7.26 -3.35
C LYS A 101 -10.54 -8.09 -4.50
N LYS A 102 -11.17 -7.99 -5.66
CA LYS A 102 -10.73 -8.74 -6.83
C LYS A 102 -9.32 -8.32 -7.23
N GLN A 103 -9.09 -7.02 -7.34
CA GLN A 103 -7.78 -6.50 -7.73
C GLN A 103 -6.71 -6.97 -6.74
N LEU A 104 -6.97 -6.80 -5.46
CA LEU A 104 -6.03 -7.21 -4.42
C LEU A 104 -6.56 -8.42 -3.66
N PRO A 105 -6.44 -9.61 -4.27
CA PRO A 105 -6.89 -10.87 -3.66
C PRO A 105 -6.02 -11.28 -2.47
N GLY A 106 -4.83 -10.72 -2.40
CA GLY A 106 -3.92 -11.04 -1.31
C GLY A 106 -2.92 -12.11 -1.69
N VAL A 107 -3.27 -13.37 -1.46
CA VAL A 107 -2.40 -14.49 -1.77
C VAL A 107 -2.07 -14.53 -3.26
N LYS A 108 -1.11 -15.36 -3.63
CA LYS A 108 -0.70 -15.49 -5.03
C LYS A 108 0.01 -14.23 -5.51
N SER A 109 0.87 -13.69 -4.65
CA SER A 109 1.63 -12.49 -4.99
C SER A 109 3.10 -12.66 -4.64
N GLU A 110 3.97 -12.05 -5.45
CA GLU A 110 5.41 -12.13 -5.24
C GLU A 110 5.76 -11.77 -3.79
N GLY A 111 6.04 -12.79 -2.98
CA GLY A 111 6.39 -12.56 -1.60
C GLY A 111 6.03 -13.74 -0.71
N LYS A 112 6.78 -14.82 -0.83
CA LYS A 112 6.53 -16.02 -0.03
C LYS A 112 7.61 -17.08 -0.29
N ARG A 113 8.06 -17.71 0.78
CA ARG A 113 9.09 -18.74 0.69
C ARG A 113 8.47 -20.13 0.61
N LYS A 114 7.39 -20.26 -0.15
CA LYS A 114 6.70 -21.52 -0.31
C LYS A 114 6.62 -22.26 1.02
N GLY A 115 6.28 -21.52 2.08
CA GLY A 115 6.17 -22.12 3.40
C GLY A 115 5.03 -23.12 3.48
N ASP A 116 5.15 -24.08 4.41
CA ASP A 116 4.14 -25.10 4.59
C ASP A 116 4.10 -25.58 6.03
N GLU A 117 2.93 -25.49 6.66
CA GLU A 117 2.77 -25.93 8.04
C GLU A 117 1.62 -26.91 8.17
N VAL A 118 1.93 -28.20 8.06
CA VAL A 118 0.91 -29.24 8.16
C VAL A 118 0.07 -29.06 9.42
N ASP A 119 -1.20 -29.45 9.33
CA ASP A 119 -2.12 -29.33 10.47
C ASP A 119 -1.45 -29.81 11.75
N GLY A 120 -1.60 -29.03 12.82
CA GLY A 120 -1.00 -29.40 14.10
C GLY A 120 -1.92 -29.09 15.26
N VAL A 121 -1.33 -28.63 16.37
CA VAL A 121 -2.10 -28.31 17.57
C VAL A 121 -1.38 -27.28 18.41
N ASP A 122 -2.15 -26.46 19.14
CA ASP A 122 -1.58 -25.43 19.99
C ASP A 122 -1.66 -25.85 21.46
N GLU A 123 -0.93 -25.12 22.31
CA GLU A 123 -0.92 -25.41 23.74
C GLU A 123 -0.55 -24.17 24.55
N VAL A 124 -1.07 -24.10 25.78
CA VAL A 124 -0.79 -22.96 26.65
C VAL A 124 -0.68 -21.67 25.85
N ALA A 125 -1.69 -21.39 25.04
CA ALA A 125 -1.71 -20.18 24.23
C ALA A 125 -3.05 -19.47 24.32
N LYS A 126 -3.03 -18.23 24.81
CA LYS A 126 -4.25 -17.44 24.95
C LYS A 126 -3.94 -15.95 24.92
N LYS A 127 -4.98 -15.13 24.91
CA LYS A 127 -4.82 -13.68 24.89
C LYS A 127 -5.69 -13.02 25.96
N LYS A 128 -5.06 -12.21 26.80
CA LYS A 128 -5.76 -11.53 27.87
C LYS A 128 -5.42 -10.04 27.88
N SER A 129 -6.24 -9.23 27.23
CA SER A 129 -6.03 -7.80 27.16
C SER A 129 -7.33 -7.04 27.36
N GLY A 130 -7.22 -5.74 27.64
CA GLY A 130 -8.39 -4.92 27.85
C GLY A 130 -8.87 -4.25 26.58
N PRO A 131 -10.19 -4.23 26.37
CA PRO A 131 -10.81 -3.61 25.18
C PRO A 131 -10.69 -2.10 25.20
N SER A 132 -10.41 -1.52 24.03
CA SER A 132 -10.27 -0.07 23.90
C SER A 132 -11.13 0.46 22.76
N SER A 133 -12.24 1.11 23.11
CA SER A 133 -13.14 1.66 22.11
C SER A 133 -12.79 3.12 21.80
N GLY A 134 -12.55 3.40 20.52
CA GLY A 134 -12.20 4.74 20.12
C GLY A 134 -13.35 5.45 19.40
#